data_8SMR
#
_entry.id   8SMR
#
_cell.length_a   1.00
_cell.length_b   1.00
_cell.length_c   1.00
_cell.angle_alpha   90.00
_cell.angle_beta   90.00
_cell.angle_gamma   90.00
#
_symmetry.space_group_name_H-M   'P 1'
#
loop_
_entity.id
_entity.type
_entity.pdbx_description
1 polymer 'Ubiquinol-cytochrome c reductase iron-sulfur subunit'
2 polymer 'Cytochrome b'
3 polymer 'Cytochrome c1'
4 polymer 'Cytochrome c4'
5 polymer 'Cytochrome C5'
6 polymer 'cytochrome-c oxidase'
7 polymer 'Cbb3-type Cytochrome C oxidase subunit II'
8 polymer 'Cbb3-type cytochrome c oxidase subunit'
9 non-polymer 'FE2/S2 (INORGANIC) CLUSTER'
10 non-polymer 'PROTOPORPHYRIN IX CONTAINING FE'
11 non-polymer UBIQUINONE-10
12 non-polymer '(2R)-2-(methoxymethyl)-4-{[(25R)-spirost-5-en-3beta-yl]oxy}butyl 4-O-alpha-D-glucopyranosyl-beta-D-glucopyranoside'
13 non-polymer 'HEME C'
14 non-polymer 'COPPER (II) ION'
15 non-polymer 'CALCIUM ION'
#
loop_
_entity_poly.entity_id
_entity_poly.type
_entity_poly.pdbx_seq_one_letter_code
_entity_poly.pdbx_strand_id
1 'polypeptide(L)'
;NDGVNAGRRRFLVAATSVVGAAGAVGAAVPFVGSWFPSAKAKAAGAPVQVNVGKIDPGQQIIAEWRGKPVFIVHRTKEML
DALPSLEGQLADPDSKASEQPEYVDPKLRSIKPELAVIVGICTHLGCSPTFRPEVAPADLGPDWKGGYFCPCHGSHYDLA
GRVYKGQPAPLNLPIPPYTFDADDVITIGVDQEK
;
C,Z
2 'polypeptide(L)'
;MNKFMAWVDARFPATKMWEDHLSKYYAPKNFNFWYFFGSLALLVLVNQILTGIWLTMSFTPSAEEAFASVEYIMRDVDYG
WIIRYMHSTGASAFFIVVYLHMFRGLLYGSYQKPRELVWIFGMLIYLALMAEAFMGYLLPWGQMSYWGAQVIISLFGAIP
VVGEDLAQWIRGDFLISGITLNRFFALHVIALPIVLLGLVVLHILALHEVGSNNPDGVDIKKKKDENGVPLDGIAFHPYY
TVKDIVGVVVFLFIFCTVIFFFPEMGGYFLEKPNFEMANQFKTPEHIAPVWYFTPFYAILRAVPDKLMGVVAMGAAIAVL
FVLPWLDRSPVRSIRYKGWLSKLWLVIFAVSFVILGYYGAQAPSPLGTTLSRVCTVLYFAFFILMPFYTRMEKTKPVPER
VTG
;
I,D
3 'polypeptide(L)'
;PQLDHVDIDLTDKAAMQDGARTFANYCMGCHSAKFQRYERVATDLGIPADLMMEKLVFTGAKIGDHMDIGMKPADAKTWF
GAAPPDLTLVARVRGTDWLYSYLRSFYEDPKRPWGVNNVIFPNVGMPNVLAPLQGRQVIGCKQVQVVEDGKKQFDPLTGT
PLTHEACDQLTVVPKTGELNEAQFDEKVKNLVTFLAYSANPNKLASERIGTYVLLYLAFFFVFAYLLKREYWK
;
J,M
4 'polypeptide(L)'
;AGDAAAGQAKAAVCGACHGADGNSPAPNFPKLAGQGERYLLKQMHDIKDGKRTVLEMTGLLTNLSDQDLADIAAYFASQK
MSVGMADPNLVAQGEALFRGGKIAEGMPACTGCHSPSGVGIATAGFPHLGGQHATYVAKQLTDFREGTRTNDGDTKIMQS
IAAKLSNKDIAAISSYIQGLH
;
K,N
5 'polypeptide(L)'
;MLAAQAAVLALWAVSAQATTTDDAIAKRLEPVGKVCVQGKECEGVGAVAAAAGGGGARSGEDIVGKTCNTCHGTGLLGAP
KVGDKAEWGKRAKEQGGLDGLLAKAISGINAMPPKGTCADCSDDELKAAIKHMSGL
;
L,O
6 'polypeptide(L)'
;PAYNYKVVRQFAIMTVVWGVIGMGLGVLIASQLVWPQMNFDLPWTSFGRLRPLHTNLVIFAFGGCALFATSYYTVQRTCQ
VRLFSDTLAAFTFWGWQAVAVILLVSLPLGNTTTKEYAEIEFTGAIWLAIVWVAYAVVFFGTLIKRKVKHIYVGNWFFGS
FILTTAMLHIVNHMSLPVSWFKSYSMYSGATDAMVQWWYGHNAVGFFLTTGFLGMMYYFVPKQAGRPVYSYRLSIVHFWA
LITLYIWAGPHHLHYTALPDWAQSLGMVMSLILLAPSWGGMINGMMTLSGAWHKLRDDPILRFLVVSLAFYGMSTFEGPM
MAIKTVNALSHYTDWTIGHVHAGALGWVAMITIGSLYHLIPKVYGVEKMHSVGLINAHFWLATIGTVLYIASLWVNGITQ
GLMWRAVNEDGTLTYSFVESLVASHPGFIVRLVGGGFFLTGMLLMSYNTWRTVRQARPEGILAAARMA
;
E
7 'polypeptide(L)'
;MKNHEILEKNVGLLAIFMVIAVSIGGLTQIVPLFFQDVTNTPVEGMKPRTALELEGRDIYIREGCVGCHSQMVRPFRAET
ERYGHYSVAGESVWDHPFLWGSKRTGPDLARVGGRYSDDWHRAHLYNPRNVVPESKMPAYPWLVENKLDGKDTATKMEVL
RKLGVPYTDEDIAGAREAVKGKTEMDALVAFLQGLGTSIK
;
F
8 'polypeptide(L)'
;MTTFWSLYITALTLGTLLALTWLIFATRKGQRSSTTDETVGHSYDGIEEYDNPLPKWWFMLFVGTLVFAVGYLALYPGLG
TWKGLMPGYQSADEFADKEKGWTGVHQWEKEMAKADEKYGPIFAKFAAMPIEEVAKDPQAVKMGGRLFASNCSICHGSDA
KGAYGFPNLTDADWRWGGEPETIKTTIMAGRHAAMPAWGEVIGEEGVKNVAAFVLTQMDGRKLPEGAKADIEAGKQVFAT
TCVACHGPEGKGTPAMGAPDLTHPGAFIYGSSFAQLQQTIRYGRQGVMPAQQEHLGNDKVHLLAAYVYSLSH
;
G
#
# COMPACT_ATOMS: atom_id res chain seq x y z
N VAL A 4 -33.31 63.73 3.86
CA VAL A 4 -32.73 62.80 4.81
C VAL A 4 -31.78 63.53 5.75
N ASN A 5 -31.83 63.16 7.04
CA ASN A 5 -30.94 63.74 8.04
C ASN A 5 -29.60 63.01 7.94
N ALA A 6 -28.66 63.60 7.20
CA ALA A 6 -27.39 62.94 6.96
C ALA A 6 -26.60 62.75 8.25
N GLY A 7 -26.67 63.74 9.16
CA GLY A 7 -25.92 63.63 10.40
C GLY A 7 -26.39 62.45 11.25
N ARG A 8 -27.69 62.35 11.48
CA ARG A 8 -28.22 61.23 12.26
C ARG A 8 -27.99 59.91 11.55
N ARG A 9 -28.17 59.88 10.22
CA ARG A 9 -27.94 58.65 9.48
C ARG A 9 -26.50 58.17 9.66
N ARG A 10 -25.54 59.08 9.49
CA ARG A 10 -24.13 58.70 9.63
C ARG A 10 -23.82 58.28 11.05
N PHE A 11 -24.32 59.02 12.04
CA PHE A 11 -24.05 58.64 13.42
C PHE A 11 -24.61 57.27 13.74
N LEU A 12 -25.85 57.00 13.32
CA LEU A 12 -26.45 55.70 13.59
C LEU A 12 -25.72 54.58 12.87
N VAL A 13 -25.30 54.81 11.63
CA VAL A 13 -24.55 53.77 10.91
C VAL A 13 -23.24 53.49 11.63
N ALA A 14 -22.52 54.53 12.02
CA ALA A 14 -21.24 54.35 12.69
C ALA A 14 -21.42 53.66 14.04
N ALA A 15 -22.43 54.07 14.80
CA ALA A 15 -22.65 53.47 16.11
C ALA A 15 -23.07 52.02 16.00
N THR A 16 -23.96 51.70 15.05
CA THR A 16 -24.36 50.32 14.85
C THR A 16 -23.18 49.48 14.41
N SER A 17 -22.32 50.02 13.52
CA SER A 17 -21.15 49.28 13.08
C SER A 17 -20.19 49.03 14.25
N VAL A 18 -19.98 50.03 15.10
CA VAL A 18 -19.06 49.87 16.21
C VAL A 18 -19.60 48.86 17.21
N VAL A 19 -20.89 48.95 17.54
CA VAL A 19 -21.48 48.02 18.49
C VAL A 19 -21.47 46.60 17.91
N GLY A 20 -21.73 46.48 16.60
CA GLY A 20 -21.69 45.17 15.98
C GLY A 20 -20.28 44.59 15.94
N ALA A 21 -19.28 45.44 15.76
CA ALA A 21 -17.90 44.98 15.82
C ALA A 21 -17.54 44.50 17.22
N ALA A 22 -18.00 45.23 18.24
CA ALA A 22 -17.79 44.78 19.62
C ALA A 22 -18.46 43.44 19.85
N GLY A 23 -19.69 43.28 19.34
CA GLY A 23 -20.37 41.99 19.45
C GLY A 23 -19.66 40.89 18.70
N ALA A 24 -19.08 41.22 17.55
CA ALA A 24 -18.31 40.24 16.80
C ALA A 24 -17.09 39.78 17.58
N VAL A 25 -16.41 40.72 18.24
CA VAL A 25 -15.29 40.34 19.10
C VAL A 25 -15.76 39.46 20.24
N GLY A 26 -16.88 39.83 20.87
CA GLY A 26 -17.41 39.01 21.95
C GLY A 26 -17.79 37.62 21.51
N ALA A 27 -18.36 37.49 20.31
CA ALA A 27 -18.73 36.19 19.78
C ALA A 27 -17.52 35.40 19.30
N ALA A 28 -16.43 36.08 18.93
CA ALA A 28 -15.19 35.39 18.63
C ALA A 28 -14.50 34.91 19.91
N VAL A 29 -14.77 35.56 21.03
CA VAL A 29 -14.12 35.17 22.29
C VAL A 29 -14.25 33.67 22.56
N PRO A 30 -15.43 33.06 22.46
CA PRO A 30 -15.49 31.59 22.65
C PRO A 30 -14.59 30.84 21.68
N PHE A 31 -14.60 31.20 20.40
CA PHE A 31 -13.84 30.45 19.41
C PHE A 31 -12.34 30.59 19.62
N VAL A 32 -11.88 31.82 19.85
CA VAL A 32 -10.45 32.04 20.07
C VAL A 32 -10.03 31.41 21.40
N GLY A 33 -10.85 31.54 22.44
CA GLY A 33 -10.47 31.05 23.75
C GLY A 33 -10.47 29.54 23.85
N SER A 34 -11.30 28.86 23.05
CA SER A 34 -11.30 27.41 23.07
C SER A 34 -9.97 26.83 22.62
N TRP A 35 -9.15 27.61 21.93
CA TRP A 35 -7.87 27.12 21.42
C TRP A 35 -6.78 27.07 22.49
N PHE A 36 -6.96 27.76 23.61
CA PHE A 36 -5.99 27.70 24.68
C PHE A 36 -6.03 26.30 25.32
N PRO A 37 -4.94 25.90 25.97
CA PRO A 37 -4.89 24.54 26.53
C PRO A 37 -6.11 24.23 27.38
N SER A 38 -6.74 23.09 27.10
CA SER A 38 -7.96 22.69 27.79
C SER A 38 -7.59 22.02 29.10
N ALA A 39 -8.60 21.55 29.85
CA ALA A 39 -8.32 20.81 31.07
C ALA A 39 -7.60 19.49 30.76
N LYS A 40 -7.87 18.90 29.60
CA LYS A 40 -7.14 17.69 29.20
C LYS A 40 -5.65 17.98 29.04
N ALA A 41 -5.31 19.07 28.36
CA ALA A 41 -3.90 19.44 28.20
C ALA A 41 -3.26 19.76 29.54
N LYS A 42 -3.97 20.52 30.38
CA LYS A 42 -3.40 20.91 31.67
C LYS A 42 -3.23 19.70 32.59
N ALA A 43 -4.09 18.69 32.45
CA ALA A 43 -3.92 17.46 33.22
C ALA A 43 -2.78 16.62 32.68
N ALA A 44 -2.64 16.53 31.36
CA ALA A 44 -1.53 15.80 30.77
C ALA A 44 -0.20 16.39 31.22
N GLY A 45 -0.04 17.70 31.07
CA GLY A 45 1.12 18.39 31.59
C GLY A 45 0.78 19.16 32.86
N ALA A 46 1.09 18.59 34.02
CA ALA A 46 0.74 19.19 35.29
C ALA A 46 1.97 19.21 36.19
N PRO A 47 2.05 20.17 37.10
CA PRO A 47 3.17 20.18 38.05
C PRO A 47 3.20 18.90 38.87
N VAL A 48 4.40 18.39 39.11
CA VAL A 48 4.60 17.15 39.85
C VAL A 48 5.25 17.49 41.18
N GLN A 49 4.60 17.13 42.27
CA GLN A 49 5.10 17.37 43.61
C GLN A 49 5.91 16.16 44.06
N VAL A 50 7.21 16.35 44.24
CA VAL A 50 8.13 15.26 44.54
C VAL A 50 8.81 15.55 45.87
N ASN A 51 8.78 14.58 46.78
CA ASN A 51 9.46 14.69 48.05
C ASN A 51 10.91 14.21 47.87
N VAL A 52 11.86 15.11 48.13
CA VAL A 52 13.25 14.90 47.74
C VAL A 52 14.17 14.80 48.94
N GLY A 53 13.63 14.95 50.16
CA GLY A 53 14.46 14.85 51.34
C GLY A 53 14.87 13.45 51.72
N LYS A 54 14.32 12.44 51.05
CA LYS A 54 14.60 11.04 51.35
C LYS A 54 15.60 10.43 50.38
N ILE A 55 16.23 11.23 49.55
CA ILE A 55 17.23 10.74 48.60
C ILE A 55 18.58 10.72 49.30
N ASP A 56 19.12 9.53 49.52
CA ASP A 56 20.40 9.43 50.21
C ASP A 56 21.51 9.99 49.33
N PRO A 57 22.64 10.39 49.94
CA PRO A 57 23.74 10.94 49.14
C PRO A 57 24.12 10.02 47.99
N GLY A 58 24.25 10.61 46.81
CA GLY A 58 24.71 9.88 45.64
C GLY A 58 23.71 8.96 45.01
N GLN A 59 22.41 9.19 45.20
CA GLN A 59 21.38 8.41 44.53
C GLN A 59 20.34 9.36 43.96
N GLN A 60 19.56 8.86 43.01
CA GLN A 60 18.56 9.66 42.32
C GLN A 60 17.25 8.89 42.22
N ILE A 61 16.17 9.65 42.11
CA ILE A 61 14.85 9.10 41.84
C ILE A 61 14.41 9.63 40.48
N ILE A 62 13.40 8.97 39.92
CA ILE A 62 12.84 9.34 38.61
C ILE A 62 11.39 9.75 38.83
N ALA A 63 11.12 11.04 38.66
CA ALA A 63 9.75 11.54 38.62
C ALA A 63 9.27 11.57 37.17
N GLU A 64 7.95 11.64 37.01
CA GLU A 64 7.32 11.70 35.69
C GLU A 64 6.57 13.01 35.57
N TRP A 65 7.06 13.89 34.69
CA TRP A 65 6.45 15.21 34.49
C TRP A 65 6.25 15.44 33.00
N ARG A 66 5.00 15.72 32.60
CA ARG A 66 4.69 16.12 31.24
C ARG A 66 5.04 15.04 30.22
N GLY A 67 4.93 13.78 30.64
CA GLY A 67 5.31 12.66 29.81
C GLY A 67 6.78 12.30 29.88
N LYS A 68 7.61 13.18 30.42
CA LYS A 68 9.06 13.05 30.38
C LYS A 68 9.59 12.54 31.72
N PRO A 69 10.74 11.85 31.70
CA PRO A 69 11.37 11.42 32.96
C PRO A 69 12.31 12.47 33.51
N VAL A 70 12.11 12.88 34.75
CA VAL A 70 12.93 13.88 35.41
C VAL A 70 13.76 13.18 36.47
N PHE A 71 15.08 13.17 36.28
CA PHE A 71 16.00 12.66 37.29
C PHE A 71 16.18 13.70 38.38
N ILE A 72 15.89 13.32 39.61
CA ILE A 72 16.11 14.16 40.79
C ILE A 72 17.25 13.50 41.56
N VAL A 73 18.41 14.14 41.56
CA VAL A 73 19.64 13.56 42.10
C VAL A 73 20.06 14.36 43.33
N HIS A 74 20.39 13.65 44.40
CA HIS A 74 20.93 14.26 45.61
C HIS A 74 22.45 14.28 45.49
N ARG A 75 22.99 15.40 45.01
CA ARG A 75 24.41 15.50 44.67
C ARG A 75 25.23 15.74 45.93
N THR A 76 26.16 14.82 46.21
CA THR A 76 26.98 14.89 47.41
C THR A 76 28.07 15.93 47.23
N LYS A 77 29.01 15.98 48.18
CA LYS A 77 30.05 17.01 48.15
C LYS A 77 31.06 16.75 47.05
N GLU A 78 31.71 15.57 47.08
CA GLU A 78 32.80 15.33 46.12
C GLU A 78 32.35 15.56 44.69
N MET A 79 31.08 15.27 44.37
CA MET A 79 30.58 15.52 43.03
C MET A 79 30.62 17.00 42.69
N LEU A 80 30.07 17.84 43.57
CA LEU A 80 30.08 19.28 43.36
C LEU A 80 31.48 19.87 43.45
N ASP A 81 32.42 19.18 44.08
CA ASP A 81 33.81 19.61 44.07
C ASP A 81 34.46 19.28 42.73
N ALA A 82 34.07 18.16 42.13
CA ALA A 82 34.63 17.77 40.84
C ALA A 82 34.05 18.56 39.68
N LEU A 83 32.75 18.92 39.75
CA LEU A 83 32.11 19.59 38.62
C LEU A 83 32.86 20.85 38.20
N PRO A 84 33.31 21.72 39.12
CA PRO A 84 34.09 22.89 38.69
C PRO A 84 35.37 22.54 37.95
N SER A 85 35.82 21.28 38.02
CA SER A 85 37.01 20.83 37.32
C SER A 85 36.69 20.18 35.98
N LEU A 86 35.43 20.17 35.57
CA LEU A 86 35.01 19.51 34.34
C LEU A 86 34.76 20.47 33.19
N GLU A 87 35.05 21.76 33.37
CA GLU A 87 34.72 22.75 32.35
C GLU A 87 35.56 22.61 31.09
N GLY A 88 36.64 21.85 31.12
CA GLY A 88 37.48 21.68 29.96
C GLY A 88 37.01 20.66 28.96
N GLN A 89 35.89 20.00 29.21
CA GLN A 89 35.38 18.96 28.32
C GLN A 89 33.93 19.16 27.92
N LEU A 90 33.32 20.29 28.25
CA LEU A 90 31.92 20.56 27.96
C LEU A 90 31.78 21.55 26.80
N ALA A 91 30.83 21.26 25.92
CA ALA A 91 30.53 22.14 24.80
C ALA A 91 29.75 23.38 25.23
N ASP A 92 28.86 23.23 26.20
CA ASP A 92 28.05 24.34 26.72
C ASP A 92 28.16 24.36 28.24
N PRO A 93 29.35 24.63 28.77
CA PRO A 93 29.51 24.63 30.23
C PRO A 93 28.66 25.68 30.94
N ASP A 94 28.40 26.81 30.28
CA ASP A 94 27.58 27.87 30.86
C ASP A 94 26.11 27.77 30.43
N SER A 95 25.73 26.72 29.71
CA SER A 95 24.35 26.52 29.28
C SER A 95 23.82 27.74 28.54
N LYS A 96 24.69 28.36 27.75
CA LYS A 96 24.29 29.53 26.98
C LYS A 96 23.22 29.18 25.96
N ALA A 97 23.38 28.05 25.26
CA ALA A 97 22.45 27.62 24.23
C ALA A 97 21.45 26.59 24.71
N SER A 98 21.64 26.03 25.91
CA SER A 98 20.74 25.01 26.42
C SER A 98 19.43 25.64 26.87
N GLU A 99 18.55 24.81 27.43
CA GLU A 99 17.26 25.25 27.92
C GLU A 99 17.19 25.01 29.43
N GLN A 100 16.94 26.07 30.18
CA GLN A 100 16.90 26.02 31.63
C GLN A 100 16.24 27.30 32.14
N PRO A 101 15.77 27.29 33.38
CA PRO A 101 15.16 28.50 33.95
C PRO A 101 16.20 29.60 34.17
N GLU A 102 15.69 30.81 34.38
CA GLU A 102 16.53 31.98 34.63
C GLU A 102 16.98 32.08 36.08
N TYR A 103 16.49 31.21 36.96
CA TYR A 103 16.81 31.28 38.39
C TYR A 103 17.75 30.18 38.86
N VAL A 104 18.17 29.26 37.99
CA VAL A 104 19.13 28.24 38.36
C VAL A 104 20.53 28.75 38.08
N ASP A 105 21.50 28.24 38.83
CA ASP A 105 22.88 28.67 38.65
C ASP A 105 23.36 28.25 37.27
N PRO A 106 24.04 29.14 36.52
CA PRO A 106 24.48 28.75 35.18
C PRO A 106 25.42 27.55 35.16
N LYS A 107 26.21 27.38 36.22
CA LYS A 107 27.19 26.30 36.25
C LYS A 107 26.58 25.01 36.78
N LEU A 108 25.96 25.08 37.95
CA LEU A 108 25.34 23.89 38.53
C LEU A 108 24.02 23.56 37.83
N ARG A 109 23.35 24.56 37.25
CA ARG A 109 22.10 24.42 36.53
C ARG A 109 20.97 23.94 37.42
N SER A 110 21.10 24.06 38.73
CA SER A 110 20.05 23.71 39.68
C SER A 110 19.80 24.88 40.62
N ILE A 111 18.61 24.88 41.23
CA ILE A 111 18.26 25.95 42.17
C ILE A 111 19.23 25.96 43.33
N LYS A 112 19.56 24.78 43.85
CA LYS A 112 20.57 24.63 44.88
C LYS A 112 21.53 23.50 44.49
N PRO A 113 22.79 23.61 44.86
CA PRO A 113 23.77 22.59 44.43
C PRO A 113 23.45 21.19 44.92
N GLU A 114 22.84 21.04 46.10
CA GLU A 114 22.54 19.72 46.63
C GLU A 114 21.62 18.93 45.72
N LEU A 115 20.57 19.55 45.20
CA LEU A 115 19.59 18.88 44.37
C LEU A 115 19.84 19.20 42.91
N ALA A 116 19.68 18.18 42.06
CA ALA A 116 19.86 18.33 40.61
C ALA A 116 18.62 17.76 39.94
N VAL A 117 17.83 18.63 39.32
CA VAL A 117 16.60 18.24 38.64
C VAL A 117 16.85 18.39 37.16
N ILE A 118 17.02 17.27 36.46
CA ILE A 118 17.34 17.27 35.03
C ILE A 118 16.33 16.39 34.31
N VAL A 119 15.68 16.93 33.27
CA VAL A 119 14.81 16.11 32.44
C VAL A 119 15.69 15.10 31.71
N GLY A 120 15.55 13.82 32.09
CA GLY A 120 16.43 12.79 31.56
C GLY A 120 16.11 12.40 30.13
N ILE A 121 16.21 13.37 29.21
CA ILE A 121 15.99 13.14 27.79
C ILE A 121 17.22 13.63 27.05
N CYS A 122 18.00 12.70 26.50
CA CYS A 122 19.21 13.07 25.77
C CYS A 122 18.87 14.00 24.62
N THR A 123 19.64 15.08 24.49
CA THR A 123 19.36 16.06 23.45
C THR A 123 19.37 15.43 22.06
N HIS A 124 20.28 14.49 21.82
CA HIS A 124 20.44 13.86 20.51
C HIS A 124 19.48 12.67 20.45
N LEU A 125 18.34 12.87 19.77
CA LEU A 125 17.33 11.85 19.49
C LEU A 125 16.51 11.46 20.71
N GLY A 126 16.62 12.19 21.82
CA GLY A 126 15.67 12.06 22.92
C GLY A 126 15.66 10.73 23.64
N CYS A 127 16.82 10.12 23.82
CA CYS A 127 16.93 8.91 24.63
C CYS A 127 17.26 9.26 26.08
N SER A 128 16.87 8.36 26.98
CA SER A 128 17.04 8.61 28.41
C SER A 128 18.47 8.24 28.83
N PRO A 129 19.28 9.19 29.28
CA PRO A 129 20.65 8.85 29.69
C PRO A 129 20.67 7.93 30.90
N THR A 130 21.73 7.14 30.99
CA THR A 130 21.96 6.27 32.14
C THR A 130 22.75 7.04 33.20
N PHE A 131 22.28 6.96 34.44
CA PHE A 131 22.93 7.63 35.56
C PHE A 131 24.14 6.82 36.00
N ARG A 132 25.33 7.42 35.94
CA ARG A 132 26.58 6.76 36.29
C ARG A 132 27.33 7.65 37.28
N PRO A 133 26.99 7.55 38.57
CA PRO A 133 27.69 8.35 39.58
C PRO A 133 29.07 7.81 39.95
N GLU A 134 29.51 6.71 39.36
CA GLU A 134 30.78 6.12 39.73
C GLU A 134 31.93 7.03 39.28
N VAL A 135 33.04 6.97 40.01
CA VAL A 135 34.11 7.93 39.80
C VAL A 135 34.79 7.70 38.46
N ALA A 136 35.41 6.53 38.29
CA ALA A 136 36.18 6.22 37.09
C ALA A 136 35.79 4.83 36.58
N PRO A 137 34.62 4.71 35.96
CA PRO A 137 34.23 3.42 35.38
C PRO A 137 35.20 2.98 34.30
N ALA A 138 35.40 1.67 34.20
CA ALA A 138 36.31 1.14 33.20
C ALA A 138 35.88 1.52 31.78
N ASP A 139 34.57 1.60 31.54
CA ASP A 139 34.07 1.87 30.20
C ASP A 139 33.70 3.34 29.98
N LEU A 140 33.75 4.18 31.03
CA LEU A 140 33.65 5.62 30.87
C LEU A 140 35.01 6.30 30.80
N GLY A 141 36.09 5.56 30.97
CA GLY A 141 37.42 6.13 30.95
C GLY A 141 37.86 6.60 32.33
N PRO A 142 39.12 7.01 32.46
CA PRO A 142 39.63 7.46 33.76
C PRO A 142 39.25 8.88 34.12
N ASP A 143 38.94 9.73 33.14
CA ASP A 143 38.60 11.12 33.40
C ASP A 143 37.17 11.29 33.89
N TRP A 144 36.38 10.23 33.91
CA TRP A 144 35.00 10.33 34.38
C TRP A 144 34.96 10.84 35.82
N LYS A 145 33.95 11.64 36.12
CA LYS A 145 33.71 12.13 37.49
C LYS A 145 32.22 12.08 37.79
N GLY A 146 31.56 11.02 37.36
CA GLY A 146 30.12 10.90 37.55
C GLY A 146 29.35 11.69 36.51
N GLY A 147 28.13 11.25 36.20
CA GLY A 147 27.30 11.96 35.24
C GLY A 147 26.27 11.10 34.55
N TYR A 148 26.03 11.39 33.27
CA TYR A 148 25.02 10.68 32.49
C TYR A 148 25.61 10.22 31.17
N PHE A 149 25.44 8.94 30.88
CA PHE A 149 25.96 8.31 29.68
C PHE A 149 24.80 7.84 28.82
N CYS A 150 24.66 8.43 27.64
CA CYS A 150 23.61 8.03 26.71
C CYS A 150 24.00 6.71 26.05
N PRO A 151 23.18 5.66 26.15
CA PRO A 151 23.60 4.35 25.64
C PRO A 151 23.37 4.17 24.14
N CYS A 152 22.43 4.93 23.58
CA CYS A 152 22.05 4.72 22.18
C CYS A 152 23.17 5.10 21.24
N HIS A 153 23.77 6.28 21.43
CA HIS A 153 24.82 6.75 20.53
C HIS A 153 26.03 7.31 21.29
N GLY A 154 26.17 6.97 22.56
CA GLY A 154 27.36 7.38 23.31
C GLY A 154 27.50 8.87 23.52
N SER A 155 26.43 9.55 23.88
CA SER A 155 26.49 10.93 24.31
C SER A 155 26.70 11.00 25.82
N HIS A 156 27.57 11.92 26.26
CA HIS A 156 27.95 12.03 27.66
C HIS A 156 27.57 13.39 28.21
N TYR A 157 27.14 13.40 29.47
CA TYR A 157 26.84 14.62 30.19
C TYR A 157 27.42 14.50 31.59
N ASP A 158 27.72 15.65 32.21
CA ASP A 158 28.20 15.67 33.58
C ASP A 158 27.00 15.54 34.52
N LEU A 159 27.26 15.61 35.82
CA LEU A 159 26.20 15.50 36.81
C LEU A 159 25.30 16.73 36.84
N ALA A 160 25.74 17.84 36.24
CA ALA A 160 24.90 19.03 36.10
C ALA A 160 24.08 19.00 34.82
N GLY A 161 24.13 17.91 34.06
CA GLY A 161 23.42 17.82 32.80
C GLY A 161 24.11 18.52 31.65
N ARG A 162 25.31 19.05 31.86
CA ARG A 162 26.02 19.78 30.82
C ARG A 162 26.71 18.79 29.89
N VAL A 163 26.37 18.85 28.60
CA VAL A 163 26.89 17.89 27.64
C VAL A 163 28.39 18.03 27.50
N TYR A 164 29.06 16.91 27.25
CA TYR A 164 30.49 16.90 26.97
C TYR A 164 30.75 17.42 25.57
N LYS A 165 32.02 17.69 25.26
CA LYS A 165 32.40 18.25 23.97
C LYS A 165 32.54 17.13 22.94
N GLY A 166 32.09 17.41 21.72
CA GLY A 166 32.22 16.46 20.63
C GLY A 166 31.44 15.19 20.80
N GLN A 167 30.17 15.28 21.19
CA GLN A 167 29.28 14.14 21.33
C GLN A 167 28.03 14.37 20.51
N PRO A 168 27.29 13.30 20.20
CA PRO A 168 26.06 13.48 19.40
C PRO A 168 25.10 14.49 20.01
N ALA A 169 24.99 14.52 21.33
CA ALA A 169 24.13 15.50 21.98
C ALA A 169 24.67 16.89 21.74
N PRO A 170 23.93 17.79 21.08
CA PRO A 170 24.47 19.13 20.80
C PRO A 170 24.30 20.11 21.95
N LEU A 171 23.28 19.91 22.77
CA LEU A 171 22.97 20.80 23.88
C LEU A 171 23.00 20.03 25.19
N ASN A 172 22.98 20.77 26.29
CA ASN A 172 22.90 20.16 27.61
C ASN A 172 21.52 19.56 27.85
N LEU A 173 21.44 18.69 28.84
CA LEU A 173 20.16 18.10 29.20
C LEU A 173 19.23 19.20 29.72
N PRO A 174 17.94 19.16 29.37
CA PRO A 174 17.05 20.24 29.82
C PRO A 174 16.93 20.31 31.33
N ILE A 175 16.77 21.54 31.83
CA ILE A 175 16.43 21.78 33.23
C ILE A 175 14.97 22.18 33.27
N PRO A 176 14.07 21.36 33.82
CA PRO A 176 12.65 21.70 33.79
C PRO A 176 12.36 22.86 34.73
N PRO A 177 11.29 23.61 34.48
CA PRO A 177 10.91 24.67 35.43
C PRO A 177 10.34 24.10 36.72
N TYR A 178 11.13 24.15 37.80
CA TYR A 178 10.70 23.63 39.09
C TYR A 178 11.04 24.64 40.18
N THR A 179 10.50 24.41 41.37
CA THR A 179 10.70 25.31 42.49
C THR A 179 10.78 24.48 43.77
N PHE A 180 11.13 25.15 44.87
CA PHE A 180 11.24 24.53 46.18
C PHE A 180 10.09 25.02 47.05
N ASP A 181 9.02 24.23 47.14
CA ASP A 181 7.96 24.55 48.08
C ASP A 181 8.45 24.44 49.51
N ALA A 182 9.26 23.42 49.80
CA ALA A 182 9.87 23.25 51.11
C ALA A 182 11.23 22.61 50.90
N ASP A 183 12.01 22.54 52.00
CA ASP A 183 13.36 22.00 51.90
C ASP A 183 13.39 20.55 51.44
N ASP A 184 12.29 19.81 51.61
CA ASP A 184 12.23 18.40 51.28
C ASP A 184 11.31 18.08 50.11
N VAL A 185 10.61 19.07 49.57
CA VAL A 185 9.66 18.84 48.48
C VAL A 185 9.85 19.92 47.42
N ILE A 186 9.73 19.52 46.15
CA ILE A 186 9.83 20.43 45.02
C ILE A 186 8.64 20.19 44.10
N THR A 187 8.33 21.20 43.29
CA THR A 187 7.27 21.13 42.30
C THR A 187 7.89 21.33 40.91
N ILE A 188 7.76 20.31 40.07
CA ILE A 188 8.28 20.35 38.71
C ILE A 188 7.13 20.78 37.80
N GLY A 189 7.15 22.03 37.36
CA GLY A 189 6.12 22.53 36.47
C GLY A 189 5.73 23.98 36.73
N VAL A 190 6.11 24.51 37.88
CA VAL A 190 5.83 25.90 38.23
C VAL A 190 7.15 26.60 38.55
N ASP A 191 7.36 27.76 37.93
CA ASP A 191 8.62 28.48 38.08
C ASP A 191 8.81 28.94 39.52
N GLN A 192 10.07 29.02 39.94
CA GLN A 192 10.40 29.60 41.23
C GLN A 192 10.09 31.08 41.23
N GLU A 193 9.52 31.55 42.34
CA GLU A 193 9.14 32.95 42.47
C GLU A 193 10.38 33.84 42.40
N MET B 1 -32.97 19.13 -23.76
CA MET B 1 -34.26 19.41 -24.45
C MET B 1 -34.44 20.91 -24.63
N ASN B 2 -35.08 21.29 -25.74
CA ASN B 2 -35.27 22.72 -26.03
C ASN B 2 -36.28 23.34 -25.08
N LYS B 3 -37.42 22.68 -24.87
CA LYS B 3 -38.44 23.25 -24.01
C LYS B 3 -37.96 23.30 -22.56
N PHE B 4 -37.26 22.25 -22.10
CA PHE B 4 -36.74 22.25 -20.74
C PHE B 4 -35.74 23.37 -20.52
N MET B 5 -34.84 23.59 -21.50
CA MET B 5 -33.87 24.66 -21.37
C MET B 5 -34.53 26.02 -21.45
N ALA B 6 -35.59 26.17 -22.25
CA ALA B 6 -36.33 27.42 -22.26
C ALA B 6 -36.98 27.67 -20.91
N TRP B 7 -37.55 26.64 -20.30
CA TRP B 7 -38.15 26.78 -18.98
C TRP B 7 -37.09 27.17 -17.94
N VAL B 8 -35.93 26.52 -17.99
CA VAL B 8 -34.87 26.84 -17.03
C VAL B 8 -34.35 28.26 -17.23
N ASP B 9 -34.16 28.66 -18.49
CA ASP B 9 -33.54 29.96 -18.76
C ASP B 9 -34.42 31.11 -18.28
N ALA B 10 -35.74 30.95 -18.33
CA ALA B 10 -36.63 31.95 -17.77
C ALA B 10 -36.47 32.07 -16.26
N ARG B 11 -35.99 31.02 -15.60
CA ARG B 11 -35.90 30.99 -14.14
C ARG B 11 -34.47 30.90 -13.61
N PHE B 12 -33.49 30.52 -14.43
CA PHE B 12 -32.11 30.42 -14.01
C PHE B 12 -31.22 30.80 -15.18
N PRO B 13 -30.22 31.65 -14.97
CA PRO B 13 -29.31 32.02 -16.07
C PRO B 13 -28.33 30.89 -16.43
N ALA B 14 -28.89 29.71 -16.73
CA ALA B 14 -28.05 28.56 -17.07
C ALA B 14 -27.37 28.76 -18.41
N THR B 15 -28.16 29.02 -19.46
CA THR B 15 -27.58 29.26 -20.77
C THR B 15 -26.70 30.50 -20.76
N LYS B 16 -27.09 31.52 -20.01
CA LYS B 16 -26.30 32.74 -19.96
C LYS B 16 -24.93 32.49 -19.34
N MET B 17 -24.89 31.77 -18.22
CA MET B 17 -23.60 31.43 -17.63
C MET B 17 -22.79 30.54 -18.55
N TRP B 18 -23.44 29.56 -19.19
CA TRP B 18 -22.72 28.65 -20.06
C TRP B 18 -22.08 29.40 -21.24
N GLU B 19 -22.80 30.36 -21.81
CA GLU B 19 -22.29 31.17 -22.90
C GLU B 19 -21.37 32.30 -22.44
N ASP B 20 -21.35 32.62 -21.15
CA ASP B 20 -20.45 33.65 -20.65
C ASP B 20 -19.12 33.09 -20.20
N HIS B 21 -19.09 31.85 -19.72
CA HIS B 21 -17.90 31.29 -19.08
C HIS B 21 -17.21 30.21 -19.90
N LEU B 22 -17.95 29.32 -20.56
CA LEU B 22 -17.35 28.22 -21.30
C LEU B 22 -17.56 28.34 -22.80
N SER B 23 -18.82 28.37 -23.25
CA SER B 23 -19.10 28.63 -24.65
C SER B 23 -19.19 30.14 -24.86
N LYS B 24 -18.89 30.58 -26.08
CA LYS B 24 -18.86 32.00 -26.41
C LYS B 24 -17.89 32.77 -25.50
N TYR B 25 -17.02 32.05 -24.78
CA TYR B 25 -15.93 32.65 -24.02
C TYR B 25 -14.66 32.34 -24.77
N TYR B 26 -14.09 33.37 -25.39
CA TYR B 26 -13.04 33.19 -26.39
C TYR B 26 -11.68 33.38 -25.71
N ALA B 27 -10.99 32.26 -25.51
CA ALA B 27 -9.63 32.26 -24.98
C ALA B 27 -8.62 32.26 -26.12
N PRO B 28 -7.40 32.70 -25.86
CA PRO B 28 -6.38 32.66 -26.92
C PRO B 28 -6.21 31.25 -27.45
N LYS B 29 -6.04 31.14 -28.76
CA LYS B 29 -5.98 29.85 -29.43
C LYS B 29 -4.61 29.19 -29.35
N ASN B 30 -3.62 29.85 -28.74
CA ASN B 30 -2.25 29.37 -28.71
C ASN B 30 -1.83 28.90 -27.32
N PHE B 31 -2.77 28.40 -26.52
CA PHE B 31 -2.40 27.75 -25.28
C PHE B 31 -1.53 26.53 -25.57
N ASN B 32 -0.59 26.27 -24.68
CA ASN B 32 0.33 25.15 -24.84
C ASN B 32 0.36 24.28 -23.58
N PHE B 33 1.29 23.35 -23.52
CA PHE B 33 1.44 22.44 -22.40
C PHE B 33 1.25 23.12 -21.06
N TRP B 34 1.67 24.39 -20.96
CA TRP B 34 1.67 25.09 -19.69
C TRP B 34 0.28 25.55 -19.26
N TYR B 35 -0.73 25.47 -20.12
CA TYR B 35 -2.09 25.89 -19.79
C TYR B 35 -3.00 24.73 -19.43
N PHE B 36 -2.45 23.51 -19.31
CA PHE B 36 -3.21 22.37 -18.84
C PHE B 36 -3.41 22.36 -17.34
N PHE B 37 -2.66 23.16 -16.59
CA PHE B 37 -2.50 22.96 -15.16
C PHE B 37 -3.56 23.64 -14.32
N GLY B 38 -4.31 24.59 -14.86
CA GLY B 38 -5.46 25.10 -14.12
C GLY B 38 -6.56 24.06 -14.03
N SER B 39 -6.89 23.43 -15.16
CA SER B 39 -7.89 22.37 -15.14
C SER B 39 -7.40 21.17 -14.34
N LEU B 40 -6.10 20.86 -14.45
CA LEU B 40 -5.56 19.77 -13.64
C LEU B 40 -5.57 20.11 -12.16
N ALA B 41 -5.34 21.38 -11.80
CA ALA B 41 -5.47 21.79 -10.41
C ALA B 41 -6.90 21.62 -9.93
N LEU B 42 -7.88 21.97 -10.77
CA LEU B 42 -9.28 21.74 -10.41
C LEU B 42 -9.56 20.25 -10.22
N LEU B 43 -9.04 19.41 -11.12
CA LEU B 43 -9.24 17.97 -11.00
C LEU B 43 -8.63 17.45 -9.71
N VAL B 44 -7.42 17.90 -9.38
CA VAL B 44 -6.76 17.42 -8.17
C VAL B 44 -7.49 17.93 -6.93
N LEU B 45 -8.04 19.14 -6.98
CA LEU B 45 -8.83 19.63 -5.86
C LEU B 45 -10.09 18.79 -5.65
N VAL B 46 -10.77 18.43 -6.75
CA VAL B 46 -11.93 17.57 -6.65
C VAL B 46 -11.53 16.20 -6.10
N ASN B 47 -10.41 15.65 -6.59
CA ASN B 47 -9.92 14.37 -6.09
C ASN B 47 -9.62 14.44 -4.61
N GLN B 48 -8.95 15.50 -4.16
CA GLN B 48 -8.66 15.65 -2.75
C GLN B 48 -9.94 15.74 -1.94
N ILE B 49 -10.93 16.50 -2.42
CA ILE B 49 -12.16 16.65 -1.66
C ILE B 49 -12.87 15.32 -1.53
N LEU B 50 -13.01 14.59 -2.64
CA LEU B 50 -13.72 13.31 -2.60
C LEU B 50 -12.99 12.29 -1.75
N THR B 51 -11.69 12.09 -2.01
CA THR B 51 -10.94 11.08 -1.28
C THR B 51 -10.81 11.46 0.19
N GLY B 52 -10.73 12.75 0.50
CA GLY B 52 -10.69 13.17 1.89
C GLY B 52 -12.01 12.94 2.60
N ILE B 53 -13.13 13.21 1.92
CA ILE B 53 -14.42 12.90 2.51
C ILE B 53 -14.50 11.41 2.82
N TRP B 54 -14.01 10.56 1.91
CA TRP B 54 -14.08 9.12 2.16
C TRP B 54 -13.09 8.66 3.23
N LEU B 55 -11.89 9.25 3.29
CA LEU B 55 -10.97 8.93 4.37
C LEU B 55 -11.56 9.34 5.72
N THR B 56 -12.23 10.49 5.76
CA THR B 56 -12.87 10.96 6.97
C THR B 56 -13.93 9.99 7.46
N MET B 57 -14.55 9.23 6.56
CA MET B 57 -15.51 8.21 6.97
C MET B 57 -14.87 7.15 7.85
N SER B 58 -13.56 6.99 7.78
CA SER B 58 -12.85 5.95 8.53
C SER B 58 -11.73 6.48 9.41
N PHE B 59 -11.29 7.72 9.22
CA PHE B 59 -10.18 8.27 9.99
C PHE B 59 -10.65 8.68 11.38
N THR B 60 -9.76 8.50 12.37
CA THR B 60 -10.02 8.90 13.74
C THR B 60 -9.03 9.97 14.14
N PRO B 61 -9.46 11.22 14.32
CA PRO B 61 -8.51 12.31 14.63
C PRO B 61 -8.16 12.39 16.12
N SER B 62 -7.59 11.30 16.63
CA SER B 62 -7.08 11.25 17.99
C SER B 62 -5.68 10.67 17.99
N ALA B 63 -4.84 11.15 18.89
CA ALA B 63 -3.46 10.68 18.93
C ALA B 63 -3.39 9.19 19.22
N GLU B 64 -4.42 8.63 19.85
CA GLU B 64 -4.42 7.22 20.18
C GLU B 64 -4.81 6.34 19.00
N GLU B 65 -5.55 6.88 18.03
CA GLU B 65 -6.13 6.07 16.97
C GLU B 65 -5.88 6.58 15.56
N ALA B 66 -5.26 7.76 15.41
CA ALA B 66 -5.06 8.31 14.07
C ALA B 66 -4.25 7.36 13.20
N PHE B 67 -3.08 6.94 13.69
CA PHE B 67 -2.25 6.03 12.92
C PHE B 67 -2.94 4.69 12.71
N ALA B 68 -3.57 4.18 13.77
CA ALA B 68 -4.32 2.94 13.65
C ALA B 68 -5.49 3.07 12.69
N SER B 69 -6.16 4.24 12.69
CA SER B 69 -7.25 4.46 11.75
C SER B 69 -6.75 4.52 10.31
N VAL B 70 -5.57 5.11 10.10
CA VAL B 70 -4.99 5.13 8.76
C VAL B 70 -4.69 3.71 8.29
N GLU B 71 -4.14 2.88 9.18
CA GLU B 71 -3.89 1.49 8.80
C GLU B 71 -5.20 0.73 8.61
N TYR B 72 -6.24 1.07 9.36
CA TYR B 72 -7.56 0.49 9.15
C TYR B 72 -8.07 0.82 7.74
N ILE B 73 -7.87 2.06 7.31
CA ILE B 73 -8.21 2.43 5.94
C ILE B 73 -7.39 1.62 4.96
N MET B 74 -6.08 1.48 5.23
CA MET B 74 -5.17 0.83 4.31
C MET B 74 -5.44 -0.67 4.17
N ARG B 75 -6.00 -1.30 5.19
CA ARG B 75 -6.12 -2.76 5.19
C ARG B 75 -7.55 -3.27 5.34
N ASP B 76 -8.35 -2.66 6.20
CA ASP B 76 -9.67 -3.20 6.54
C ASP B 76 -10.76 -2.66 5.62
N VAL B 77 -10.68 -1.38 5.26
CA VAL B 77 -11.71 -0.78 4.42
C VAL B 77 -11.54 -1.28 2.99
N ASP B 78 -12.64 -1.71 2.39
CA ASP B 78 -12.60 -2.21 1.01
C ASP B 78 -12.16 -1.08 0.08
N TYR B 79 -11.07 -1.29 -0.64
CA TYR B 79 -10.46 -0.29 -1.52
C TYR B 79 -10.03 0.95 -0.77
N GLY B 80 -9.97 0.91 0.55
CA GLY B 80 -9.53 2.07 1.31
C GLY B 80 -8.10 2.45 1.01
N TRP B 81 -7.25 1.47 0.73
CA TRP B 81 -5.87 1.77 0.34
C TRP B 81 -5.85 2.58 -0.95
N ILE B 82 -6.75 2.26 -1.89
CA ILE B 82 -6.83 3.05 -3.12
C ILE B 82 -7.16 4.49 -2.80
N ILE B 83 -8.16 4.72 -1.95
CA ILE B 83 -8.55 6.08 -1.63
C ILE B 83 -7.43 6.82 -0.92
N ARG B 84 -6.75 6.15 0.01
CA ARG B 84 -5.65 6.81 0.71
C ARG B 84 -4.52 7.18 -0.23
N TYR B 85 -4.15 6.26 -1.14
CA TYR B 85 -3.08 6.58 -2.09
C TYR B 85 -3.54 7.67 -3.05
N MET B 86 -4.80 7.65 -3.46
CA MET B 86 -5.31 8.75 -4.27
C MET B 86 -5.14 10.07 -3.53
N HIS B 87 -5.40 10.09 -2.22
CA HIS B 87 -5.29 11.34 -1.47
C HIS B 87 -3.84 11.79 -1.34
N SER B 88 -2.93 10.88 -0.99
CA SER B 88 -1.53 11.28 -0.81
C SER B 88 -0.90 11.68 -2.14
N THR B 89 -1.04 10.81 -3.15
CA THR B 89 -0.56 11.15 -4.49
C THR B 89 -1.25 12.40 -5.01
N GLY B 90 -2.48 12.66 -4.58
CA GLY B 90 -3.17 13.84 -5.05
C GLY B 90 -2.68 15.10 -4.39
N ALA B 91 -2.26 15.02 -3.13
CA ALA B 91 -1.59 16.15 -2.51
C ALA B 91 -0.27 16.47 -3.22
N SER B 92 0.53 15.42 -3.46
CA SER B 92 1.79 15.64 -4.15
C SER B 92 1.56 16.17 -5.57
N ALA B 93 0.57 15.62 -6.27
CA ALA B 93 0.26 16.08 -7.62
C ALA B 93 -0.37 17.47 -7.61
N PHE B 94 -1.12 17.80 -6.57
CA PHE B 94 -1.62 19.15 -6.41
C PHE B 94 -0.48 20.14 -6.37
N PHE B 95 0.55 19.83 -5.59
CA PHE B 95 1.69 20.74 -5.53
C PHE B 95 2.49 20.73 -6.82
N ILE B 96 2.65 19.58 -7.47
CA ILE B 96 3.33 19.55 -8.77
C ILE B 96 2.59 20.44 -9.77
N VAL B 97 1.28 20.24 -9.90
CA VAL B 97 0.48 20.97 -10.87
C VAL B 97 0.46 22.44 -10.54
N VAL B 98 0.37 22.79 -9.25
CA VAL B 98 0.30 24.19 -8.84
C VAL B 98 1.64 24.88 -9.08
N TYR B 99 2.75 24.17 -8.83
CA TYR B 99 4.06 24.76 -9.10
C TYR B 99 4.25 24.98 -10.59
N LEU B 100 3.82 24.03 -11.42
CA LEU B 100 3.91 24.24 -12.86
C LEU B 100 2.98 25.36 -13.31
N HIS B 101 1.83 25.50 -12.65
CA HIS B 101 0.89 26.58 -12.93
C HIS B 101 1.52 27.94 -12.63
N MET B 102 2.12 28.06 -11.45
CA MET B 102 2.82 29.28 -11.06
C MET B 102 4.00 29.56 -11.98
N PHE B 103 4.71 28.50 -12.41
CA PHE B 103 5.83 28.72 -13.31
C PHE B 103 5.36 29.15 -14.70
N ARG B 104 4.19 28.68 -15.13
CA ARG B 104 3.59 29.26 -16.34
C ARG B 104 3.33 30.74 -16.15
N GLY B 105 2.76 31.10 -15.01
CA GLY B 105 2.54 32.51 -14.73
C GLY B 105 3.83 33.32 -14.79
N LEU B 106 4.91 32.75 -14.26
CA LEU B 106 6.22 33.41 -14.36
C LEU B 106 6.70 33.49 -15.80
N LEU B 107 6.55 32.40 -16.55
CA LEU B 107 7.08 32.33 -17.91
C LEU B 107 6.43 33.37 -18.81
N TYR B 108 5.10 33.44 -18.79
CA TYR B 108 4.37 34.25 -19.75
C TYR B 108 3.90 35.58 -19.16
N GLY B 109 4.46 35.98 -18.02
CA GLY B 109 4.09 37.25 -17.43
C GLY B 109 2.61 37.33 -17.13
N SER B 110 1.99 36.21 -16.77
CA SER B 110 0.55 36.15 -16.60
C SER B 110 0.07 36.87 -15.36
N TYR B 111 0.99 37.25 -14.47
CA TYR B 111 0.65 38.04 -13.29
C TYR B 111 0.53 39.52 -13.59
N GLN B 112 1.04 39.98 -14.73
CA GLN B 112 1.05 41.40 -15.03
C GLN B 112 -0.37 41.89 -15.33
N LYS B 113 -0.51 43.21 -15.35
CA LYS B 113 -1.76 43.87 -15.70
C LYS B 113 -2.38 43.21 -16.92
N PRO B 114 -3.69 42.90 -16.92
CA PRO B 114 -4.70 43.16 -15.89
C PRO B 114 -4.86 42.03 -14.88
N ARG B 115 -3.98 41.02 -14.90
CA ARG B 115 -4.17 39.80 -14.13
C ARG B 115 -3.51 39.87 -12.74
N GLU B 116 -3.32 41.08 -12.21
CA GLU B 116 -2.74 41.20 -10.88
C GLU B 116 -3.63 40.55 -9.83
N LEU B 117 -4.94 40.79 -9.91
CA LEU B 117 -5.86 40.18 -8.96
C LEU B 117 -5.96 38.68 -9.15
N VAL B 118 -5.86 38.21 -10.40
CA VAL B 118 -5.80 36.77 -10.64
C VAL B 118 -4.60 36.19 -9.91
N TRP B 119 -3.44 36.83 -10.04
CA TRP B 119 -2.23 36.33 -9.39
C TRP B 119 -2.36 36.38 -7.87
N ILE B 120 -2.99 37.43 -7.34
CA ILE B 120 -3.11 37.53 -5.88
C ILE B 120 -4.06 36.47 -5.35
N PHE B 121 -5.18 36.22 -6.04
CA PHE B 121 -6.05 35.14 -5.63
C PHE B 121 -5.34 33.79 -5.75
N GLY B 122 -4.54 33.61 -6.79
CA GLY B 122 -3.77 32.39 -6.92
C GLY B 122 -2.78 32.20 -5.79
N MET B 123 -2.14 33.28 -5.35
CA MET B 123 -1.22 33.18 -4.22
C MET B 123 -1.96 32.93 -2.92
N LEU B 124 -3.15 33.50 -2.74
CA LEU B 124 -3.96 33.13 -1.59
C LEU B 124 -4.31 31.66 -1.63
N ILE B 125 -4.62 31.16 -2.82
CA ILE B 125 -4.86 29.73 -2.99
C ILE B 125 -3.63 28.92 -2.59
N TYR B 126 -2.44 29.40 -2.98
CA TYR B 126 -1.22 28.70 -2.63
C TYR B 126 -1.00 28.68 -1.13
N LEU B 127 -1.25 29.81 -0.46
CA LEU B 127 -1.12 29.85 0.99
C LEU B 127 -2.09 28.87 1.64
N ALA B 128 -3.33 28.86 1.18
CA ALA B 128 -4.32 27.94 1.71
C ALA B 128 -3.90 26.49 1.47
N LEU B 129 -3.35 26.22 0.29
CA LEU B 129 -2.89 24.86 -0.03
C LEU B 129 -1.74 24.44 0.87
N MET B 130 -0.80 25.35 1.12
CA MET B 130 0.32 25.01 2.01
C MET B 130 -0.19 24.72 3.41
N ALA B 131 -1.11 25.55 3.92
CA ALA B 131 -1.67 25.29 5.23
C ALA B 131 -2.41 23.96 5.25
N GLU B 132 -3.18 23.67 4.19
CA GLU B 132 -3.95 22.44 4.13
C GLU B 132 -3.04 21.23 4.12
N ALA B 133 -2.01 21.24 3.28
CA ALA B 133 -1.10 20.10 3.20
C ALA B 133 -0.33 19.92 4.50
N PHE B 134 0.11 21.02 5.12
CA PHE B 134 0.81 20.92 6.38
C PHE B 134 -0.07 20.30 7.45
N MET B 135 -1.34 20.72 7.52
CA MET B 135 -2.21 20.20 8.56
C MET B 135 -2.65 18.77 8.25
N GLY B 136 -2.73 18.42 6.96
CA GLY B 136 -3.02 17.05 6.59
C GLY B 136 -1.89 16.10 6.94
N TYR B 137 -0.65 16.53 6.72
CA TYR B 137 0.49 15.66 7.01
C TYR B 137 0.58 15.31 8.48
N LEU B 138 0.00 16.11 9.36
CA LEU B 138 -0.06 15.76 10.78
C LEU B 138 -1.07 14.66 11.05
N LEU B 139 -2.10 14.55 10.21
CA LEU B 139 -3.19 13.61 10.50
C LEU B 139 -2.73 12.17 10.59
N PRO B 140 -1.87 11.64 9.71
CA PRO B 140 -1.44 10.25 9.87
C PRO B 140 -0.84 9.96 11.23
N TRP B 141 -0.26 10.97 11.89
CA TRP B 141 0.32 10.82 13.22
C TRP B 141 1.49 9.84 13.22
N GLY B 142 2.29 9.87 12.14
CA GLY B 142 3.55 9.16 12.13
C GLY B 142 4.66 10.01 12.72
N GLN B 143 5.87 9.45 12.69
CA GLN B 143 7.02 10.18 13.23
C GLN B 143 7.25 11.47 12.47
N MET B 144 7.26 11.39 11.14
CA MET B 144 7.43 12.59 10.33
C MET B 144 6.30 13.58 10.59
N SER B 145 5.07 13.10 10.59
CA SER B 145 3.93 13.96 10.89
C SER B 145 4.18 14.74 12.18
N TYR B 146 4.35 14.02 13.28
CA TYR B 146 4.44 14.66 14.59
C TYR B 146 5.62 15.63 14.66
N TRP B 147 6.79 15.20 14.20
CA TRP B 147 7.98 16.03 14.41
C TRP B 147 8.04 17.21 13.45
N GLY B 148 7.57 17.05 12.21
CA GLY B 148 7.44 18.19 11.33
C GLY B 148 6.46 19.21 11.87
N ALA B 149 5.32 18.75 12.40
CA ALA B 149 4.41 19.68 13.03
C ALA B 149 5.06 20.38 14.22
N GLN B 150 5.83 19.62 15.02
CA GLN B 150 6.52 20.20 16.16
C GLN B 150 7.43 21.33 15.73
N VAL B 151 8.29 21.09 14.74
CA VAL B 151 9.24 22.11 14.31
C VAL B 151 8.50 23.30 13.67
N ILE B 152 7.51 23.02 12.83
CA ILE B 152 6.83 24.09 12.12
C ILE B 152 6.08 24.99 13.10
N ILE B 153 5.50 24.41 14.15
CA ILE B 153 4.81 25.23 15.14
C ILE B 153 5.79 25.87 16.12
N SER B 154 6.97 25.28 16.32
CA SER B 154 8.00 25.95 17.10
C SER B 154 8.52 27.18 16.37
N LEU B 155 8.44 27.19 15.04
CA LEU B 155 8.75 28.41 14.29
C LEU B 155 7.99 29.60 14.85
N PHE B 156 6.70 29.40 15.19
CA PHE B 156 5.93 30.47 15.82
C PHE B 156 6.49 30.86 17.17
N GLY B 157 7.35 30.03 17.76
CA GLY B 157 8.06 30.43 18.95
C GLY B 157 9.22 31.38 18.69
N ALA B 158 9.54 31.63 17.42
CA ALA B 158 10.63 32.54 17.08
C ALA B 158 10.19 33.99 17.09
N ILE B 159 8.88 34.25 17.09
CA ILE B 159 8.43 35.65 17.19
C ILE B 159 8.93 36.23 18.50
N PRO B 160 9.56 37.41 18.50
CA PRO B 160 10.36 37.80 19.68
C PRO B 160 9.58 37.83 20.99
N VAL B 161 8.34 38.30 20.99
CA VAL B 161 7.61 38.58 22.23
C VAL B 161 6.46 37.59 22.44
N VAL B 162 5.54 37.52 21.49
CA VAL B 162 4.33 36.72 21.65
C VAL B 162 4.54 35.33 21.05
N GLY B 163 5.78 35.01 20.68
CA GLY B 163 6.03 33.79 19.93
C GLY B 163 5.62 32.53 20.70
N GLU B 164 6.06 32.42 21.95
CA GLU B 164 5.79 31.20 22.71
C GLU B 164 4.29 31.06 23.02
N ASP B 165 3.66 32.17 23.42
CA ASP B 165 2.22 32.12 23.68
C ASP B 165 1.44 31.79 22.42
N LEU B 166 1.83 32.37 21.29
CA LEU B 166 1.16 32.08 20.04
C LEU B 166 1.33 30.61 19.66
N ALA B 167 2.53 30.07 19.83
CA ALA B 167 2.77 28.66 19.51
C ALA B 167 1.92 27.75 20.40
N GLN B 168 1.86 28.06 21.70
CA GLN B 168 1.04 27.25 22.59
C GLN B 168 -0.43 27.34 22.22
N TRP B 169 -0.91 28.54 21.88
CA TRP B 169 -2.30 28.70 21.49
C TRP B 169 -2.61 27.93 20.22
N ILE B 170 -1.69 27.93 19.25
CA ILE B 170 -1.89 27.16 18.04
C ILE B 170 -1.93 25.67 18.35
N ARG B 171 -1.00 25.20 19.19
CA ARG B 171 -0.96 23.78 19.52
C ARG B 171 -2.20 23.35 20.30
N GLY B 172 -2.72 24.24 21.14
CA GLY B 172 -3.77 23.84 22.06
C GLY B 172 -3.29 23.02 23.22
N ASP B 173 -1.98 22.92 23.40
CA ASP B 173 -1.36 22.10 24.42
C ASP B 173 0.06 22.58 24.60
N PHE B 174 0.72 22.07 25.64
CA PHE B 174 2.11 22.41 25.91
C PHE B 174 3.07 21.70 24.96
N LEU B 175 2.57 20.81 24.13
CA LEU B 175 3.34 20.13 23.11
C LEU B 175 2.37 19.71 22.01
N ILE B 176 2.92 19.13 20.94
CA ILE B 176 2.06 18.54 19.90
C ILE B 176 1.44 17.29 20.49
N SER B 177 0.11 17.20 20.43
CA SER B 177 -0.61 16.11 21.07
C SER B 177 -1.87 15.82 20.25
N GLY B 178 -2.76 15.01 20.82
CA GLY B 178 -4.02 14.72 20.17
C GLY B 178 -4.92 15.94 20.04
N ILE B 179 -4.76 16.93 20.91
CA ILE B 179 -5.50 18.18 20.76
C ILE B 179 -5.11 18.87 19.47
N THR B 180 -3.80 19.00 19.23
CA THR B 180 -3.33 19.57 17.97
C THR B 180 -3.79 18.73 16.79
N LEU B 181 -3.77 17.41 16.94
CA LEU B 181 -4.20 16.53 15.87
C LEU B 181 -5.66 16.78 15.51
N ASN B 182 -6.54 16.80 16.51
CA ASN B 182 -7.96 17.02 16.25
C ASN B 182 -8.22 18.41 15.69
N ARG B 183 -7.52 19.42 16.20
CA ARG B 183 -7.69 20.78 15.72
C ARG B 183 -7.27 20.90 14.25
N PHE B 184 -6.09 20.38 13.92
CA PHE B 184 -5.63 20.42 12.54
C PHE B 184 -6.52 19.57 11.64
N PHE B 185 -7.10 18.49 12.16
CA PHE B 185 -8.03 17.69 11.38
C PHE B 185 -9.27 18.51 11.03
N ALA B 186 -9.82 19.22 12.01
CA ALA B 186 -10.99 20.05 11.75
C ALA B 186 -10.67 21.15 10.75
N LEU B 187 -9.52 21.80 10.91
CA LEU B 187 -9.15 22.85 9.95
C LEU B 187 -8.96 22.28 8.55
N HIS B 188 -8.31 21.12 8.46
CA HIS B 188 -7.96 20.50 7.20
C HIS B 188 -9.15 19.89 6.48
N VAL B 189 -10.18 19.51 7.21
CA VAL B 189 -11.27 18.72 6.64
C VAL B 189 -12.42 19.63 6.21
N ILE B 190 -12.59 20.77 6.89
CA ILE B 190 -13.69 21.68 6.56
C ILE B 190 -13.19 23.09 6.26
N ALA B 191 -12.56 23.72 7.25
CA ALA B 191 -12.32 25.15 7.17
C ALA B 191 -11.45 25.50 5.96
N LEU B 192 -10.31 24.85 5.83
CA LEU B 192 -9.42 25.19 4.73
C LEU B 192 -9.99 24.71 3.40
N PRO B 193 -10.65 23.55 3.33
CA PRO B 193 -11.34 23.21 2.08
C PRO B 193 -12.37 24.26 1.65
N ILE B 194 -13.13 24.81 2.59
CA ILE B 194 -14.08 25.86 2.25
C ILE B 194 -13.34 27.10 1.78
N VAL B 195 -12.28 27.49 2.48
CA VAL B 195 -11.51 28.67 2.09
C VAL B 195 -10.92 28.47 0.70
N LEU B 196 -10.39 27.27 0.43
CA LEU B 196 -9.80 26.98 -0.86
C LEU B 196 -10.84 27.02 -1.97
N LEU B 197 -12.02 26.46 -1.73
CA LEU B 197 -13.07 26.48 -2.75
C LEU B 197 -13.48 27.92 -3.05
N GLY B 198 -13.67 28.72 -2.00
CA GLY B 198 -13.99 30.13 -2.22
C GLY B 198 -12.90 30.87 -2.96
N LEU B 199 -11.65 30.59 -2.61
CA LEU B 199 -10.53 31.27 -3.26
C LEU B 199 -10.40 30.85 -4.72
N VAL B 200 -10.66 29.58 -5.02
CA VAL B 200 -10.64 29.12 -6.40
C VAL B 200 -11.77 29.78 -7.19
N VAL B 201 -12.95 29.91 -6.58
CA VAL B 201 -14.05 30.60 -7.24
C VAL B 201 -13.66 32.04 -7.56
N LEU B 202 -13.09 32.74 -6.58
CA LEU B 202 -12.68 34.12 -6.79
C LEU B 202 -11.59 34.20 -7.86
N HIS B 203 -10.67 33.25 -7.85
CA HIS B 203 -9.57 33.24 -8.81
C HIS B 203 -10.09 33.08 -10.23
N ILE B 204 -10.97 32.10 -10.45
CA ILE B 204 -11.51 31.88 -11.79
C ILE B 204 -12.39 33.06 -12.21
N LEU B 205 -13.14 33.63 -11.26
CA LEU B 205 -13.98 34.79 -11.59
C LEU B 205 -13.12 35.97 -12.03
N ALA B 206 -12.04 36.24 -11.31
CA ALA B 206 -11.15 37.33 -11.70
C ALA B 206 -10.54 37.06 -13.07
N LEU B 207 -10.08 35.84 -13.31
CA LEU B 207 -9.52 35.51 -14.61
C LEU B 207 -10.54 35.78 -15.71
N HIS B 208 -11.76 35.26 -15.56
CA HIS B 208 -12.78 35.45 -16.58
C HIS B 208 -13.16 36.90 -16.72
N GLU B 209 -12.98 37.70 -15.66
CA GLU B 209 -13.19 39.13 -15.76
C GLU B 209 -12.14 39.77 -16.68
N VAL B 210 -10.87 39.40 -16.51
CA VAL B 210 -9.80 40.04 -17.27
C VAL B 210 -9.36 39.23 -18.49
N GLY B 211 -9.73 37.96 -18.58
CA GLY B 211 -9.34 37.13 -19.69
C GLY B 211 -7.95 36.52 -19.51
N SER B 212 -7.73 35.43 -20.22
CA SER B 212 -6.50 34.67 -20.08
C SER B 212 -5.35 35.34 -20.82
N ASN B 213 -4.15 35.16 -20.28
CA ASN B 213 -2.92 35.45 -20.99
C ASN B 213 -2.66 34.33 -21.99
N ASN B 214 -1.58 34.44 -22.76
CA ASN B 214 -1.19 33.40 -23.69
C ASN B 214 0.32 33.34 -23.77
N PRO B 215 0.88 32.27 -24.31
CA PRO B 215 2.35 32.15 -24.33
C PRO B 215 3.06 33.29 -25.02
N ASP B 216 2.44 33.92 -26.01
CA ASP B 216 3.07 35.04 -26.70
C ASP B 216 2.87 36.37 -25.97
N GLY B 217 2.06 36.40 -24.92
CA GLY B 217 1.75 37.66 -24.27
C GLY B 217 0.93 38.60 -25.10
N VAL B 218 0.38 38.14 -26.23
CA VAL B 218 -0.38 39.01 -27.12
C VAL B 218 -1.76 39.24 -26.52
N ASP B 219 -2.15 40.51 -26.43
CA ASP B 219 -3.50 40.88 -26.00
C ASP B 219 -4.44 40.64 -27.17
N ILE B 220 -5.01 39.43 -27.24
CA ILE B 220 -5.84 39.06 -28.37
C ILE B 220 -7.09 39.92 -28.49
N LYS B 221 -7.52 40.53 -27.38
CA LYS B 221 -8.73 41.34 -27.42
C LYS B 221 -8.58 42.58 -28.29
N LYS B 222 -7.35 42.97 -28.61
CA LYS B 222 -7.14 44.17 -29.41
C LYS B 222 -7.67 44.00 -30.82
N LYS B 223 -7.54 42.81 -31.39
CA LYS B 223 -7.97 42.53 -32.76
C LYS B 223 -9.20 41.64 -32.71
N LYS B 224 -10.32 42.16 -33.20
CA LYS B 224 -11.59 41.44 -33.19
C LYS B 224 -12.22 41.48 -34.57
N ASP B 225 -12.99 40.44 -34.89
CA ASP B 225 -13.68 40.36 -36.17
C ASP B 225 -14.97 41.15 -36.12
N GLU B 226 -15.73 41.10 -37.22
CA GLU B 226 -16.98 41.85 -37.30
C GLU B 226 -18.00 41.38 -36.28
N ASN B 227 -17.89 40.14 -35.80
CA ASN B 227 -18.79 39.61 -34.78
C ASN B 227 -18.34 39.92 -33.36
N GLY B 228 -17.21 40.60 -33.19
CA GLY B 228 -16.69 40.92 -31.88
C GLY B 228 -15.82 39.85 -31.26
N VAL B 229 -15.59 38.73 -31.96
CA VAL B 229 -14.75 37.65 -31.45
C VAL B 229 -13.30 37.96 -31.78
N PRO B 230 -12.37 37.83 -30.82
CA PRO B 230 -10.96 38.05 -31.16
C PRO B 230 -10.50 37.14 -32.28
N LEU B 231 -9.64 37.68 -33.15
CA LEU B 231 -9.14 36.90 -34.27
C LEU B 231 -8.33 35.71 -33.78
N ASP B 232 -7.54 35.90 -32.73
CA ASP B 232 -6.76 34.83 -32.13
C ASP B 232 -7.49 34.13 -31.00
N GLY B 233 -8.82 34.29 -30.93
CA GLY B 233 -9.60 33.69 -29.86
C GLY B 233 -10.50 32.57 -30.38
N ILE B 234 -10.62 31.52 -29.58
CA ILE B 234 -11.52 30.42 -29.86
C ILE B 234 -12.33 30.13 -28.60
N ALA B 235 -13.55 29.64 -28.80
CA ALA B 235 -14.42 29.36 -27.67
C ALA B 235 -13.78 28.35 -26.74
N PHE B 236 -13.77 28.66 -25.43
CA PHE B 236 -13.20 27.72 -24.48
C PHE B 236 -13.89 26.37 -24.57
N HIS B 237 -15.19 26.35 -24.40
CA HIS B 237 -15.91 25.17 -24.83
C HIS B 237 -16.23 25.31 -26.31
N PRO B 238 -15.98 24.30 -27.14
CA PRO B 238 -15.55 22.92 -26.84
C PRO B 238 -14.04 22.67 -27.01
N TYR B 239 -13.31 23.61 -27.62
CA TYR B 239 -11.95 23.32 -28.05
C TYR B 239 -11.02 23.07 -26.87
N TYR B 240 -10.99 24.01 -25.92
CA TYR B 240 -10.14 23.82 -24.76
C TYR B 240 -10.74 22.86 -23.76
N THR B 241 -12.05 22.60 -23.80
CA THR B 241 -12.60 21.54 -22.98
C THR B 241 -12.07 20.18 -23.43
N VAL B 242 -12.03 19.93 -24.75
CA VAL B 242 -11.49 18.66 -25.22
C VAL B 242 -9.98 18.60 -25.02
N LYS B 243 -9.29 19.73 -25.22
CA LYS B 243 -7.86 19.75 -24.94
C LYS B 243 -7.58 19.41 -23.48
N ASP B 244 -8.36 20.00 -22.57
CA ASP B 244 -8.20 19.72 -21.15
C ASP B 244 -8.62 18.30 -20.81
N ILE B 245 -9.56 17.73 -21.56
CA ILE B 245 -9.90 16.32 -21.36
C ILE B 245 -8.70 15.44 -21.69
N VAL B 246 -8.01 15.73 -22.80
CA VAL B 246 -6.82 14.97 -23.15
C VAL B 246 -5.76 15.14 -22.05
N GLY B 247 -5.55 16.38 -21.60
CA GLY B 247 -4.60 16.62 -20.55
C GLY B 247 -4.96 15.89 -19.26
N VAL B 248 -6.26 15.84 -18.95
CA VAL B 248 -6.72 15.15 -17.76
C VAL B 248 -6.48 13.67 -17.88
N VAL B 249 -6.67 13.10 -19.07
CA VAL B 249 -6.41 11.67 -19.26
C VAL B 249 -4.93 11.38 -19.07
N VAL B 250 -4.06 12.22 -19.62
CA VAL B 250 -2.61 12.01 -19.45
C VAL B 250 -2.24 12.11 -17.98
N PHE B 251 -2.77 13.14 -17.30
CA PHE B 251 -2.48 13.30 -15.88
C PHE B 251 -2.98 12.11 -15.09
N LEU B 252 -4.17 11.59 -15.45
CA LEU B 252 -4.71 10.43 -14.74
C LEU B 252 -3.86 9.19 -15.01
N PHE B 253 -3.31 9.05 -16.20
CA PHE B 253 -2.39 7.95 -16.46
C PHE B 253 -1.21 8.01 -15.50
N ILE B 254 -0.57 9.18 -15.40
CA ILE B 254 0.56 9.31 -14.49
C ILE B 254 0.12 9.09 -13.04
N PHE B 255 -1.02 9.68 -12.68
CA PHE B 255 -1.53 9.65 -11.31
C PHE B 255 -1.84 8.22 -10.88
N CYS B 256 -2.49 7.45 -11.74
CA CYS B 256 -2.81 6.06 -11.42
C CYS B 256 -1.57 5.18 -11.46
N THR B 257 -0.63 5.45 -12.35
CA THR B 257 0.65 4.74 -12.31
C THR B 257 1.29 4.89 -10.94
N VAL B 258 1.37 6.13 -10.44
CA VAL B 258 1.93 6.37 -9.12
C VAL B 258 1.10 5.65 -8.06
N ILE B 259 -0.22 5.74 -8.15
CA ILE B 259 -1.09 5.19 -7.11
C ILE B 259 -0.88 3.68 -7.00
N PHE B 260 -0.87 2.99 -8.12
CA PHE B 260 -0.96 1.54 -8.12
C PHE B 260 0.40 0.85 -8.25
N PHE B 261 1.47 1.57 -8.53
CA PHE B 261 2.77 0.92 -8.72
C PHE B 261 3.85 1.55 -7.85
N PHE B 262 3.81 2.87 -7.66
CA PHE B 262 4.81 3.56 -6.87
C PHE B 262 4.16 4.58 -5.94
N PRO B 263 3.23 4.16 -5.09
CA PRO B 263 2.54 5.15 -4.24
C PRO B 263 3.48 5.92 -3.33
N GLU B 264 4.56 5.30 -2.87
CA GLU B 264 5.53 6.02 -2.03
C GLU B 264 6.40 6.96 -2.86
N MET B 265 6.62 6.65 -4.13
CA MET B 265 7.46 7.48 -5.00
C MET B 265 8.85 7.64 -4.39
N GLY B 266 9.48 6.52 -4.06
CA GLY B 266 10.81 6.56 -3.48
C GLY B 266 10.84 7.25 -2.12
N GLY B 267 9.73 7.22 -1.40
CA GLY B 267 9.68 7.84 -0.09
C GLY B 267 9.42 9.33 -0.09
N TYR B 268 9.05 9.90 -1.23
CA TYR B 268 8.76 11.33 -1.33
C TYR B 268 7.28 11.65 -1.27
N PHE B 269 6.42 10.83 -1.87
CA PHE B 269 4.98 11.00 -1.74
C PHE B 269 4.47 10.43 -0.41
N LEU B 270 5.02 9.31 0.04
CA LEU B 270 4.74 8.76 1.36
C LEU B 270 6.08 8.49 2.02
N GLU B 271 6.48 9.35 2.95
CA GLU B 271 7.79 9.24 3.56
C GLU B 271 7.90 7.99 4.42
N LYS B 272 9.04 7.30 4.30
CA LYS B 272 9.23 6.06 5.05
C LYS B 272 9.10 6.24 6.55
N PRO B 273 9.75 7.22 7.17
CA PRO B 273 9.62 7.35 8.64
C PRO B 273 8.21 7.65 9.09
N ASN B 274 7.35 8.15 8.20
CA ASN B 274 5.97 8.40 8.56
C ASN B 274 5.16 7.11 8.70
N PHE B 275 5.71 5.98 8.30
CA PHE B 275 5.08 4.69 8.53
C PHE B 275 5.35 4.14 9.93
N GLU B 276 6.11 4.86 10.73
CA GLU B 276 6.30 4.55 12.14
C GLU B 276 5.44 5.50 12.96
N MET B 277 4.81 4.97 14.00
CA MET B 277 3.91 5.79 14.81
C MET B 277 4.66 6.93 15.47
N ALA B 278 3.98 8.05 15.65
CA ALA B 278 4.58 9.21 16.27
C ALA B 278 5.10 8.86 17.66
N ASN B 279 6.34 9.27 17.93
CA ASN B 279 6.98 9.05 19.22
C ASN B 279 7.44 10.39 19.77
N GLN B 280 6.78 10.87 20.81
CA GLN B 280 7.09 12.16 21.40
C GLN B 280 8.49 12.22 21.98
N PHE B 281 9.12 11.08 22.24
CA PHE B 281 10.39 11.04 22.96
C PHE B 281 11.57 10.62 22.09
N LYS B 282 11.33 10.05 20.91
CA LYS B 282 12.39 9.72 19.96
C LYS B 282 12.12 10.48 18.67
N THR B 283 13.07 11.32 18.26
CA THR B 283 12.91 12.04 17.00
C THR B 283 13.73 11.35 15.91
N PRO B 284 13.29 11.41 14.66
CA PRO B 284 14.04 10.74 13.59
C PRO B 284 15.46 11.31 13.48
N GLU B 285 16.38 10.45 13.04
CA GLU B 285 17.76 10.89 12.87
C GLU B 285 17.84 12.16 12.04
N HIS B 286 17.11 12.20 10.93
CA HIS B 286 17.01 13.40 10.09
C HIS B 286 15.54 13.63 9.79
N ILE B 287 15.02 14.77 10.23
CA ILE B 287 13.63 15.15 9.97
C ILE B 287 13.64 16.19 8.86
N ALA B 288 12.88 15.91 7.80
CA ALA B 288 12.77 16.79 6.64
C ALA B 288 11.31 16.97 6.28
N PRO B 289 10.98 18.08 5.63
CA PRO B 289 9.60 18.30 5.21
C PRO B 289 9.25 17.47 3.98
N VAL B 290 7.94 17.38 3.72
CA VAL B 290 7.48 16.87 2.44
C VAL B 290 8.16 17.68 1.34
N TRP B 291 8.37 17.04 0.18
CA TRP B 291 9.18 17.65 -0.85
C TRP B 291 8.67 19.03 -1.26
N TYR B 292 7.36 19.22 -1.34
CA TYR B 292 6.82 20.48 -1.84
C TYR B 292 6.97 21.63 -0.86
N PHE B 293 7.40 21.36 0.37
CA PHE B 293 7.80 22.41 1.30
C PHE B 293 9.32 22.55 1.41
N THR B 294 10.08 21.65 0.82
CA THR B 294 11.53 21.61 1.01
C THR B 294 12.22 22.91 0.61
N PRO B 295 11.87 23.54 -0.51
CA PRO B 295 12.60 24.76 -0.89
C PRO B 295 12.60 25.82 0.21
N PHE B 296 11.42 26.20 0.68
CA PHE B 296 11.34 27.19 1.74
C PHE B 296 12.08 26.73 2.99
N TYR B 297 11.94 25.45 3.34
CA TYR B 297 12.74 24.90 4.43
C TYR B 297 14.21 25.22 4.23
N ALA B 298 14.75 24.93 3.05
CA ALA B 298 16.15 25.22 2.79
C ALA B 298 16.44 26.68 3.09
N ILE B 299 15.58 27.58 2.62
CA ILE B 299 15.78 29.01 2.89
C ILE B 299 15.85 29.23 4.38
N LEU B 300 14.89 28.69 5.13
CA LEU B 300 14.91 28.84 6.58
C LEU B 300 16.17 28.23 7.17
N ARG B 301 16.63 27.10 6.61
CA ARG B 301 17.85 26.49 7.12
C ARG B 301 19.08 27.25 6.67
N ALA B 302 18.97 28.03 5.59
CA ALA B 302 20.14 28.76 5.09
C ALA B 302 20.48 29.95 5.97
N VAL B 303 19.51 30.46 6.72
CA VAL B 303 19.72 31.64 7.57
C VAL B 303 20.21 31.17 8.94
N PRO B 304 21.41 31.57 9.37
CA PRO B 304 21.88 31.11 10.69
C PRO B 304 20.98 31.53 11.84
N ASP B 305 20.37 32.71 11.76
CA ASP B 305 19.50 33.18 12.83
C ASP B 305 18.11 32.54 12.71
N LYS B 306 17.48 32.33 13.86
CA LYS B 306 16.19 31.65 13.90
C LYS B 306 15.07 32.58 13.46
N LEU B 307 14.92 33.73 14.13
CA LEU B 307 13.88 34.68 13.75
C LEU B 307 14.10 35.19 12.33
N MET B 308 15.35 35.49 11.98
CA MET B 308 15.64 35.93 10.61
C MET B 308 15.33 34.81 9.62
N GLY B 309 15.60 33.57 9.98
CA GLY B 309 15.25 32.46 9.11
C GLY B 309 13.75 32.34 8.88
N VAL B 310 12.97 32.48 9.95
CA VAL B 310 11.52 32.43 9.82
C VAL B 310 11.03 33.58 8.95
N VAL B 311 11.57 34.78 9.17
CA VAL B 311 11.17 35.94 8.37
C VAL B 311 11.51 35.73 6.91
N ALA B 312 12.70 35.17 6.63
CA ALA B 312 13.11 34.94 5.26
C ALA B 312 12.22 33.88 4.60
N MET B 313 11.87 32.83 5.34
CA MET B 313 10.98 31.82 4.77
C MET B 313 9.62 32.42 4.45
N GLY B 314 9.08 33.25 5.35
CA GLY B 314 7.82 33.90 5.07
C GLY B 314 7.90 34.85 3.88
N ALA B 315 9.00 35.60 3.78
CA ALA B 315 9.15 36.53 2.67
C ALA B 315 9.34 35.79 1.35
N ALA B 316 9.94 34.61 1.38
CA ALA B 316 10.08 33.83 0.16
C ALA B 316 8.74 33.58 -0.51
N ILE B 317 7.67 33.47 0.28
CA ILE B 317 6.33 33.30 -0.25
C ILE B 317 5.63 34.65 -0.45
N ALA B 318 5.89 35.60 0.44
CA ALA B 318 5.21 36.89 0.36
C ALA B 318 5.65 37.71 -0.84
N VAL B 319 6.90 37.52 -1.30
CA VAL B 319 7.40 38.30 -2.43
C VAL B 319 6.65 37.95 -3.71
N LEU B 320 6.21 36.69 -3.83
CA LEU B 320 5.41 36.31 -4.99
C LEU B 320 4.11 37.10 -5.05
N PHE B 321 3.60 37.54 -3.90
CA PHE B 321 2.41 38.39 -3.90
C PHE B 321 2.67 39.70 -4.62
N VAL B 322 3.81 40.35 -4.34
CA VAL B 322 4.14 41.63 -4.96
C VAL B 322 4.75 41.47 -6.34
N LEU B 323 5.06 40.24 -6.75
CA LEU B 323 5.56 40.00 -8.11
C LEU B 323 4.89 40.85 -9.19
N PRO B 324 3.56 41.02 -9.21
CA PRO B 324 2.97 41.82 -10.30
C PRO B 324 3.49 43.24 -10.37
N TRP B 325 3.90 43.81 -9.25
CA TRP B 325 4.47 45.16 -9.22
C TRP B 325 5.99 45.16 -9.31
N LEU B 326 6.64 44.02 -9.12
CA LEU B 326 8.07 43.94 -9.33
C LEU B 326 8.44 43.89 -10.80
N ASP B 327 7.59 43.29 -11.63
CA ASP B 327 7.85 43.16 -13.06
C ASP B 327 7.52 44.47 -13.75
N ARG B 328 8.54 45.11 -14.30
CA ARG B 328 8.38 46.36 -15.04
C ARG B 328 8.65 46.18 -16.52
N SER B 329 8.58 44.96 -17.03
CA SER B 329 8.82 44.70 -18.43
C SER B 329 7.69 45.29 -19.28
N PRO B 330 8.01 45.88 -20.43
CA PRO B 330 6.93 46.30 -21.34
C PRO B 330 6.21 45.15 -22.01
N VAL B 331 6.77 43.93 -21.95
CA VAL B 331 6.16 42.75 -22.56
C VAL B 331 5.89 41.74 -21.46
N ARG B 332 4.93 40.85 -21.72
CA ARG B 332 4.54 39.83 -20.76
C ARG B 332 5.34 38.54 -20.95
N SER B 333 5.31 37.97 -22.15
CA SER B 333 5.89 36.66 -22.36
C SER B 333 7.42 36.70 -22.28
N ILE B 334 8.00 35.65 -21.70
CA ILE B 334 9.45 35.49 -21.70
C ILE B 334 9.99 35.37 -23.11
N ARG B 335 9.14 34.97 -24.07
CA ARG B 335 9.60 34.83 -25.45
C ARG B 335 10.11 36.16 -26.01
N TYR B 336 9.57 37.28 -25.53
CA TYR B 336 9.93 38.59 -26.04
C TYR B 336 10.58 39.47 -24.99
N LYS B 337 10.90 38.93 -23.82
CA LYS B 337 11.69 39.67 -22.85
C LYS B 337 13.17 39.57 -23.20
N GLY B 338 13.96 40.49 -22.64
CA GLY B 338 15.37 40.54 -22.91
C GLY B 338 16.11 39.35 -22.31
N TRP B 339 17.38 39.24 -22.67
CA TRP B 339 18.20 38.15 -22.18
C TRP B 339 18.26 38.11 -20.66
N LEU B 340 18.22 39.27 -20.02
CA LEU B 340 18.31 39.31 -18.56
C LEU B 340 17.13 38.60 -17.92
N SER B 341 15.92 38.83 -18.43
CA SER B 341 14.75 38.18 -17.86
C SER B 341 14.80 36.67 -18.04
N LYS B 342 15.21 36.22 -19.23
CA LYS B 342 15.33 34.78 -19.46
C LYS B 342 16.36 34.17 -18.52
N LEU B 343 17.51 34.83 -18.39
CA LEU B 343 18.56 34.33 -17.50
C LEU B 343 18.07 34.26 -16.06
N TRP B 344 17.36 35.29 -15.61
CA TRP B 344 16.92 35.30 -14.22
C TRP B 344 15.78 34.32 -13.97
N LEU B 345 14.92 34.07 -14.96
CA LEU B 345 13.92 33.01 -14.80
C LEU B 345 14.60 31.64 -14.71
N VAL B 346 15.61 31.41 -15.55
CA VAL B 346 16.36 30.16 -15.45
C VAL B 346 17.01 30.05 -14.07
N ILE B 347 17.61 31.13 -13.59
CA ILE B 347 18.27 31.11 -12.29
C ILE B 347 17.26 30.84 -11.19
N PHE B 348 16.08 31.47 -11.26
CA PHE B 348 15.07 31.26 -10.23
C PHE B 348 14.58 29.82 -10.22
N ALA B 349 14.32 29.25 -11.39
CA ALA B 349 13.87 27.86 -11.44
C ALA B 349 14.93 26.92 -10.89
N VAL B 350 16.18 27.14 -11.29
CA VAL B 350 17.27 26.28 -10.82
C VAL B 350 17.44 26.42 -9.32
N SER B 351 17.38 27.65 -8.81
CA SER B 351 17.54 27.88 -7.38
C SER B 351 16.40 27.26 -6.59
N PHE B 352 15.17 27.36 -7.09
CA PHE B 352 14.04 26.73 -6.42
C PHE B 352 14.22 25.21 -6.38
N VAL B 353 14.62 24.61 -7.49
CA VAL B 353 14.79 23.17 -7.52
C VAL B 353 15.93 22.74 -6.59
N ILE B 354 17.03 23.50 -6.59
CA ILE B 354 18.16 23.15 -5.74
C ILE B 354 17.81 23.33 -4.26
N LEU B 355 17.06 24.38 -3.94
CA LEU B 355 16.62 24.57 -2.56
C LEU B 355 15.74 23.42 -2.11
N GLY B 356 14.81 22.99 -2.96
CA GLY B 356 14.00 21.83 -2.63
C GLY B 356 14.83 20.57 -2.47
N TYR B 357 15.81 20.38 -3.35
CA TYR B 357 16.62 19.16 -3.32
C TYR B 357 17.51 19.11 -2.08
N TYR B 358 18.06 20.24 -1.66
CA TYR B 358 18.94 20.27 -0.50
C TYR B 358 18.19 20.47 0.81
N GLY B 359 16.93 20.89 0.77
CA GLY B 359 16.10 20.90 1.96
C GLY B 359 15.50 19.56 2.31
N ALA B 360 15.60 18.59 1.41
CA ALA B 360 15.09 17.25 1.62
C ALA B 360 16.12 16.33 2.27
N GLN B 361 17.34 16.80 2.51
CA GLN B 361 18.41 15.99 3.07
C GLN B 361 18.93 16.62 4.35
N ALA B 362 19.71 15.84 5.08
CA ALA B 362 20.38 16.36 6.26
C ALA B 362 21.42 17.40 5.85
N PRO B 363 21.72 18.36 6.73
CA PRO B 363 22.64 19.45 6.34
C PRO B 363 24.01 18.91 5.99
N SER B 364 24.62 19.52 4.98
CA SER B 364 25.94 19.15 4.49
C SER B 364 26.68 20.43 4.12
N PRO B 365 28.02 20.38 4.08
CA PRO B 365 28.76 21.61 3.74
C PRO B 365 28.43 22.14 2.36
N LEU B 366 28.59 21.32 1.32
CA LEU B 366 28.20 21.74 -0.01
C LEU B 366 26.71 22.05 -0.06
N GLY B 367 25.89 21.23 0.60
CA GLY B 367 24.47 21.49 0.64
C GLY B 367 24.15 22.84 1.26
N THR B 368 24.78 23.16 2.39
CA THR B 368 24.52 24.44 3.04
C THR B 368 24.99 25.60 2.17
N THR B 369 26.18 25.49 1.58
CA THR B 369 26.69 26.57 0.73
C THR B 369 25.77 26.81 -0.45
N LEU B 370 25.35 25.74 -1.14
CA LEU B 370 24.46 25.90 -2.28
C LEU B 370 23.09 26.40 -1.85
N SER B 371 22.62 25.98 -0.67
CA SER B 371 21.34 26.47 -0.18
C SER B 371 21.39 27.97 0.08
N ARG B 372 22.48 28.46 0.67
CA ARG B 372 22.62 29.89 0.89
C ARG B 372 22.72 30.64 -0.43
N VAL B 373 23.51 30.13 -1.37
CA VAL B 373 23.61 30.77 -2.68
C VAL B 373 22.26 30.82 -3.35
N CYS B 374 21.50 29.73 -3.30
CA CYS B 374 20.21 29.67 -3.96
C CYS B 374 19.17 30.52 -3.25
N THR B 375 19.28 30.68 -1.93
CA THR B 375 18.41 31.65 -1.25
C THR B 375 18.69 33.06 -1.75
N VAL B 376 19.97 33.42 -1.86
CA VAL B 376 20.32 34.73 -2.39
C VAL B 376 19.75 34.91 -3.79
N LEU B 377 19.92 33.90 -4.66
CA LEU B 377 19.43 34.00 -6.03
C LEU B 377 17.90 34.05 -6.08
N TYR B 378 17.23 33.26 -5.23
CA TYR B 378 15.78 33.25 -5.19
C TYR B 378 15.24 34.63 -4.82
N PHE B 379 15.84 35.27 -3.83
CA PHE B 379 15.38 36.59 -3.45
C PHE B 379 15.82 37.65 -4.46
N ALA B 380 16.95 37.46 -5.13
CA ALA B 380 17.40 38.42 -6.13
C ALA B 380 16.53 38.39 -7.38
N PHE B 381 15.97 37.22 -7.71
CA PHE B 381 15.07 37.14 -8.86
C PHE B 381 13.91 38.12 -8.72
N PHE B 382 13.45 38.34 -7.49
CA PHE B 382 12.35 39.27 -7.22
C PHE B 382 12.87 40.68 -6.95
N ILE B 383 13.92 40.80 -6.13
CA ILE B 383 14.39 42.13 -5.72
C ILE B 383 14.96 42.88 -6.92
N LEU B 384 15.66 42.18 -7.81
CA LEU B 384 16.25 42.80 -8.99
C LEU B 384 15.29 42.88 -10.17
N MET B 385 14.12 42.24 -10.08
CA MET B 385 13.19 42.28 -11.19
C MET B 385 12.86 43.70 -11.64
N PRO B 386 12.55 44.64 -10.73
CA PRO B 386 12.22 45.99 -11.19
C PRO B 386 13.35 46.67 -11.94
N PHE B 387 14.58 46.19 -11.78
CA PHE B 387 15.73 46.79 -12.46
C PHE B 387 16.04 46.05 -13.77
N TYR B 388 16.25 44.74 -13.69
CA TYR B 388 16.62 44.02 -14.90
C TYR B 388 15.47 43.87 -15.89
N THR B 389 14.23 44.13 -15.47
CA THR B 389 13.14 44.21 -16.44
C THR B 389 13.17 45.51 -17.24
N ARG B 390 13.84 46.54 -16.72
CA ARG B 390 13.98 47.81 -17.44
C ARG B 390 15.30 47.88 -18.21
N MET B 391 16.38 47.32 -17.65
CA MET B 391 17.68 47.40 -18.32
C MET B 391 17.68 46.61 -19.62
N GLU B 392 16.99 45.48 -19.65
CA GLU B 392 17.01 44.62 -20.82
C GLU B 392 16.28 45.27 -22.01
N LYS B 393 16.59 44.77 -23.20
CA LYS B 393 15.89 45.16 -24.42
C LYS B 393 14.94 44.05 -24.82
N THR B 394 13.67 44.39 -24.99
CA THR B 394 12.63 43.41 -25.28
C THR B 394 12.30 43.40 -26.77
N LYS B 395 11.94 42.22 -27.26
CA LYS B 395 11.52 42.07 -28.64
C LYS B 395 10.11 42.64 -28.84
N PRO B 396 9.78 43.05 -30.07
CA PRO B 396 8.42 43.54 -30.32
C PRO B 396 7.41 42.41 -30.28
N VAL B 397 6.36 42.60 -29.51
CA VAL B 397 5.32 41.57 -29.38
C VAL B 397 4.50 41.53 -30.67
N PRO B 398 4.30 40.37 -31.28
CA PRO B 398 3.52 40.31 -32.52
C PRO B 398 2.07 40.71 -32.27
N GLU B 399 1.46 41.27 -33.32
CA GLU B 399 0.04 41.62 -33.24
C GLU B 399 -0.85 40.39 -33.16
N ARG B 400 -0.43 39.28 -33.78
CA ARG B 400 -1.20 38.04 -33.77
C ARG B 400 -0.36 36.94 -33.14
N VAL B 401 -1.03 36.04 -32.41
CA VAL B 401 -0.33 34.94 -31.76
C VAL B 401 0.36 34.08 -32.81
N THR B 402 1.51 33.54 -32.44
CA THR B 402 2.27 32.66 -33.32
C THR B 402 1.82 31.22 -33.16
N GLY B 403 2.14 30.40 -34.16
CA GLY B 403 1.77 29.01 -34.15
C GLY B 403 1.49 28.46 -35.54
N GLN C 2 26.50 -0.60 4.94
CA GLN C 2 26.40 -1.38 3.72
C GLN C 2 25.37 -2.50 3.89
N LEU C 3 24.27 -2.40 3.15
CA LEU C 3 23.22 -3.39 3.23
C LEU C 3 23.43 -4.49 2.20
N ASP C 4 22.78 -5.63 2.45
CA ASP C 4 22.81 -6.77 1.55
C ASP C 4 21.47 -6.87 0.85
N HIS C 5 21.51 -7.03 -0.47
CA HIS C 5 20.28 -7.11 -1.25
C HIS C 5 19.62 -8.48 -1.09
N VAL C 6 18.29 -8.48 -1.03
CA VAL C 6 17.50 -9.70 -0.96
C VAL C 6 16.38 -9.58 -1.98
N ASP C 7 16.23 -10.62 -2.80
CA ASP C 7 15.19 -10.65 -3.83
C ASP C 7 13.96 -11.30 -3.23
N ILE C 8 12.97 -10.47 -2.86
CA ILE C 8 11.81 -10.92 -2.11
C ILE C 8 10.65 -11.12 -3.06
N ASP C 9 10.11 -12.34 -3.09
CA ASP C 9 9.01 -12.72 -3.96
C ASP C 9 7.73 -12.78 -3.13
N LEU C 10 6.88 -11.77 -3.31
CA LEU C 10 5.62 -11.73 -2.57
C LEU C 10 4.59 -12.71 -3.11
N THR C 11 4.83 -13.29 -4.29
CA THR C 11 3.93 -14.32 -4.81
C THR C 11 4.27 -15.71 -4.29
N ASP C 12 5.32 -15.85 -3.50
CA ASP C 12 5.73 -17.14 -2.95
C ASP C 12 4.96 -17.37 -1.65
N LYS C 13 3.91 -18.18 -1.73
CA LYS C 13 3.09 -18.43 -0.54
C LYS C 13 3.86 -19.25 0.49
N ALA C 14 4.66 -20.21 0.05
CA ALA C 14 5.41 -21.03 1.00
C ALA C 14 6.42 -20.20 1.78
N ALA C 15 7.13 -19.31 1.09
CA ALA C 15 8.10 -18.46 1.77
C ALA C 15 7.41 -17.54 2.78
N MET C 16 6.28 -16.95 2.38
CA MET C 16 5.55 -16.08 3.30
C MET C 16 5.00 -16.88 4.48
N GLN C 17 4.59 -18.13 4.25
CA GLN C 17 4.11 -18.96 5.35
C GLN C 17 5.23 -19.26 6.34
N ASP C 18 6.42 -19.61 5.83
CA ASP C 18 7.54 -19.83 6.74
C ASP C 18 7.90 -18.56 7.49
N GLY C 19 7.86 -17.42 6.80
CA GLY C 19 8.12 -16.15 7.48
C GLY C 19 7.10 -15.85 8.55
N ALA C 20 5.83 -16.15 8.28
CA ALA C 20 4.79 -15.94 9.28
C ALA C 20 4.98 -16.85 10.48
N ARG C 21 5.37 -18.09 10.24
CA ARG C 21 5.68 -19.00 11.36
C ARG C 21 6.83 -18.47 12.19
N THR C 22 7.91 -18.02 11.52
CA THR C 22 9.03 -17.43 12.23
C THR C 22 8.60 -16.21 13.04
N PHE C 23 7.77 -15.36 12.46
CA PHE C 23 7.31 -14.17 13.15
C PHE C 23 6.46 -14.54 14.36
N ALA C 24 5.55 -15.51 14.20
CA ALA C 24 4.66 -15.88 15.29
C ALA C 24 5.42 -16.52 16.44
N ASN C 25 6.53 -17.22 16.14
CA ASN C 25 7.24 -17.95 17.18
C ASN C 25 8.35 -17.11 17.80
N TYR C 26 9.28 -16.62 16.99
CA TYR C 26 10.46 -15.93 17.48
C TYR C 26 10.30 -14.43 17.64
N CYS C 27 9.19 -13.86 17.19
CA CYS C 27 9.10 -12.40 17.08
C CYS C 27 7.96 -11.82 17.88
N MET C 28 6.80 -12.48 17.89
CA MET C 28 5.64 -11.92 18.56
C MET C 28 5.76 -11.99 20.08
N GLY C 29 6.85 -12.56 20.60
CA GLY C 29 7.09 -12.46 22.03
C GLY C 29 7.26 -11.02 22.49
N CYS C 30 7.94 -10.21 21.68
CA CYS C 30 8.14 -8.80 21.99
C CYS C 30 7.47 -7.85 21.00
N HIS C 31 7.38 -8.22 19.73
CA HIS C 31 6.89 -7.34 18.69
C HIS C 31 5.45 -7.66 18.34
N SER C 32 4.63 -6.62 18.22
CA SER C 32 3.28 -6.78 17.73
C SER C 32 3.23 -6.55 16.22
N ALA C 33 2.16 -7.03 15.61
CA ALA C 33 1.78 -6.70 14.25
C ALA C 33 0.34 -6.22 14.25
N LYS C 34 0.06 -5.31 15.17
CA LYS C 34 -1.31 -4.99 15.58
C LYS C 34 -2.13 -4.31 14.50
N PHE C 35 -1.51 -3.81 13.44
CA PHE C 35 -2.24 -3.21 12.33
C PHE C 35 -2.65 -4.26 11.30
N GLN C 36 -2.50 -5.53 11.63
CA GLN C 36 -2.71 -6.62 10.69
C GLN C 36 -3.47 -7.72 11.40
N ARG C 37 -4.48 -8.28 10.74
CA ARG C 37 -5.35 -9.28 11.33
C ARG C 37 -4.92 -10.68 10.92
N TYR C 38 -5.11 -11.64 11.83
CA TYR C 38 -4.80 -13.03 11.51
C TYR C 38 -5.63 -13.51 10.32
N GLU C 39 -6.89 -13.06 10.24
CA GLU C 39 -7.76 -13.50 9.15
C GLU C 39 -7.20 -13.07 7.80
N ARG C 40 -6.79 -11.81 7.67
CA ARG C 40 -6.26 -11.34 6.40
C ARG C 40 -4.93 -12.00 6.09
N VAL C 41 -4.09 -12.22 7.10
CA VAL C 41 -2.82 -12.90 6.87
C VAL C 41 -3.06 -14.30 6.33
N ALA C 42 -4.01 -15.03 6.94
CA ALA C 42 -4.34 -16.37 6.45
C ALA C 42 -4.90 -16.33 5.04
N THR C 43 -5.79 -15.38 4.76
CA THR C 43 -6.38 -15.29 3.43
C THR C 43 -5.32 -15.02 2.37
N ASP C 44 -4.41 -14.10 2.66
CA ASP C 44 -3.42 -13.70 1.66
C ASP C 44 -2.31 -14.74 1.51
N LEU C 45 -1.93 -15.41 2.60
CA LEU C 45 -0.91 -16.44 2.54
C LEU C 45 -1.47 -17.80 2.13
N GLY C 46 -2.78 -17.91 1.94
CA GLY C 46 -3.38 -19.18 1.58
C GLY C 46 -3.45 -20.18 2.70
N ILE C 47 -3.36 -19.74 3.95
CA ILE C 47 -3.42 -20.63 5.10
C ILE C 47 -4.89 -20.85 5.46
N PRO C 48 -5.35 -22.11 5.61
CA PRO C 48 -6.72 -22.32 6.06
C PRO C 48 -6.95 -21.71 7.44
N ALA C 49 -8.17 -21.21 7.65
CA ALA C 49 -8.46 -20.49 8.88
C ALA C 49 -8.23 -21.36 10.11
N ASP C 50 -8.65 -22.62 10.06
CA ASP C 50 -8.39 -23.52 11.18
C ASP C 50 -6.89 -23.72 11.37
N LEU C 51 -6.14 -23.86 10.28
CA LEU C 51 -4.69 -24.01 10.38
C LEU C 51 -4.05 -22.75 10.96
N MET C 52 -4.50 -21.58 10.52
CA MET C 52 -3.99 -20.34 11.09
C MET C 52 -4.27 -20.27 12.58
N MET C 53 -5.48 -20.64 12.99
CA MET C 53 -5.82 -20.64 14.41
C MET C 53 -4.93 -21.58 15.20
N GLU C 54 -4.69 -22.77 14.66
CA GLU C 54 -3.96 -23.79 15.42
C GLU C 54 -2.46 -23.50 15.47
N LYS C 55 -1.90 -22.91 14.41
CA LYS C 55 -0.46 -22.87 14.23
C LYS C 55 0.17 -21.51 14.48
N LEU C 56 -0.54 -20.41 14.22
CA LEU C 56 0.05 -19.08 14.30
C LEU C 56 -0.56 -18.17 15.35
N VAL C 57 -1.79 -18.45 15.81
CA VAL C 57 -2.43 -17.64 16.84
C VAL C 57 -2.13 -18.29 18.19
N PHE C 58 -1.20 -17.70 18.94
CA PHE C 58 -0.82 -18.20 20.24
C PHE C 58 -1.43 -17.42 21.39
N THR C 59 -2.03 -16.26 21.13
CA THR C 59 -2.45 -15.34 22.17
C THR C 59 -3.91 -15.51 22.56
N GLY C 60 -4.59 -16.53 22.04
CA GLY C 60 -5.99 -16.70 22.32
C GLY C 60 -6.90 -15.74 21.59
N ALA C 61 -6.36 -14.95 20.66
CA ALA C 61 -7.15 -14.02 19.88
C ALA C 61 -7.99 -14.79 18.86
N LYS C 62 -9.00 -14.12 18.33
CA LYS C 62 -9.82 -14.69 17.27
C LYS C 62 -9.12 -14.54 15.92
N ILE C 63 -9.68 -15.19 14.90
CA ILE C 63 -9.08 -15.12 13.57
C ILE C 63 -9.12 -13.69 13.04
N GLY C 64 -10.21 -12.97 13.30
CA GLY C 64 -10.36 -11.61 12.84
C GLY C 64 -9.68 -10.58 13.71
N ASP C 65 -9.05 -11.00 14.81
CA ASP C 65 -8.40 -10.07 15.71
C ASP C 65 -7.06 -9.61 15.13
N HIS C 66 -6.60 -8.45 15.61
CA HIS C 66 -5.29 -7.95 15.24
C HIS C 66 -4.20 -8.76 15.92
N MET C 67 -3.03 -8.78 15.29
CA MET C 67 -1.88 -9.51 15.83
C MET C 67 -1.27 -8.74 17.01
N ASP C 68 -2.06 -8.62 18.07
CA ASP C 68 -1.60 -8.01 19.30
C ASP C 68 -0.84 -9.02 20.14
N ILE C 69 -0.02 -8.51 21.06
CA ILE C 69 0.76 -9.33 21.96
C ILE C 69 0.57 -8.81 23.38
N GLY C 70 0.95 -9.65 24.34
CA GLY C 70 0.80 -9.28 25.74
C GLY C 70 1.81 -8.27 26.25
N MET C 71 2.95 -8.16 25.58
CA MET C 71 4.00 -7.26 26.03
C MET C 71 3.62 -5.82 25.70
N LYS C 72 3.41 -5.01 26.73
CA LYS C 72 3.04 -3.61 26.53
C LYS C 72 4.27 -2.79 26.12
N PRO C 73 4.09 -1.78 25.27
CA PRO C 73 5.25 -0.98 24.85
C PRO C 73 6.00 -0.33 26.01
N ALA C 74 5.28 0.16 27.03
CA ALA C 74 5.96 0.80 28.15
C ALA C 74 6.77 -0.21 28.96
N ASP C 75 6.18 -1.37 29.24
CA ASP C 75 6.90 -2.42 29.95
C ASP C 75 8.16 -2.82 29.20
N ALA C 76 8.04 -3.04 27.89
CA ALA C 76 9.18 -3.47 27.09
C ALA C 76 10.23 -2.36 27.00
N LYS C 77 9.81 -1.11 26.94
CA LYS C 77 10.77 0.00 26.95
C LYS C 77 11.54 0.02 28.26
N THR C 78 10.85 -0.19 29.38
CA THR C 78 11.54 -0.27 30.65
C THR C 78 12.52 -1.43 30.69
N TRP C 79 12.10 -2.59 30.16
CA TRP C 79 12.92 -3.80 30.28
C TRP C 79 14.13 -3.78 29.35
N PHE C 80 13.95 -3.34 28.11
CA PHE C 80 15.00 -3.42 27.09
C PHE C 80 15.75 -2.11 26.89
N GLY C 81 15.26 -1.02 27.46
CA GLY C 81 15.80 0.30 27.17
C GLY C 81 15.22 0.96 25.95
N ALA C 82 14.49 0.22 25.12
CA ALA C 82 13.81 0.79 23.96
C ALA C 82 12.60 -0.08 23.66
N ALA C 83 11.50 0.56 23.31
CA ALA C 83 10.26 -0.16 23.04
C ALA C 83 10.40 -0.94 21.73
N PRO C 84 10.13 -2.24 21.72
CA PRO C 84 10.11 -2.97 20.44
C PRO C 84 9.00 -2.45 19.54
N PRO C 85 9.34 -1.80 18.43
CA PRO C 85 8.30 -1.20 17.59
C PRO C 85 7.39 -2.25 16.97
N ASP C 86 6.16 -1.83 16.70
CA ASP C 86 5.26 -2.65 15.91
C ASP C 86 5.89 -2.95 14.55
N LEU C 87 5.81 -4.21 14.12
CA LEU C 87 6.53 -4.68 12.95
C LEU C 87 5.63 -4.85 11.73
N THR C 88 4.38 -4.39 11.79
CA THR C 88 3.51 -4.51 10.62
C THR C 88 4.07 -3.73 9.45
N LEU C 89 4.56 -2.51 9.70
CA LEU C 89 5.03 -1.62 8.65
C LEU C 89 6.54 -1.47 8.64
N VAL C 90 7.26 -2.30 9.40
CA VAL C 90 8.70 -2.12 9.51
C VAL C 90 9.37 -2.30 8.16
N ALA C 91 8.82 -3.15 7.29
CA ALA C 91 9.37 -3.28 5.95
C ALA C 91 9.29 -1.98 5.17
N ARG C 92 8.21 -1.22 5.36
CA ARG C 92 8.11 0.09 4.72
C ARG C 92 8.97 1.14 5.42
N VAL C 93 9.08 1.06 6.75
CA VAL C 93 9.86 2.05 7.49
C VAL C 93 11.35 1.92 7.15
N ARG C 94 11.86 0.69 7.12
CA ARG C 94 13.28 0.44 6.93
C ARG C 94 13.64 -0.13 5.57
N GLY C 95 12.69 -0.75 4.88
CA GLY C 95 13.00 -1.47 3.65
C GLY C 95 13.40 -2.91 3.91
N THR C 96 13.24 -3.74 2.88
CA THR C 96 13.51 -5.16 3.03
C THR C 96 15.01 -5.43 3.11
N ASP C 97 15.82 -4.68 2.36
CA ASP C 97 17.26 -4.87 2.44
C ASP C 97 17.80 -4.55 3.83
N TRP C 98 17.32 -3.46 4.42
CA TRP C 98 17.75 -3.13 5.77
C TRP C 98 17.38 -4.22 6.77
N LEU C 99 16.16 -4.74 6.68
CA LEU C 99 15.74 -5.81 7.59
C LEU C 99 16.59 -7.06 7.38
N TYR C 100 16.83 -7.42 6.11
CA TYR C 100 17.62 -8.61 5.81
C TYR C 100 19.03 -8.49 6.39
N SER C 101 19.65 -7.31 6.23
CA SER C 101 20.98 -7.11 6.77
C SER C 101 20.98 -7.02 8.29
N TYR C 102 19.92 -6.47 8.87
CA TYR C 102 19.86 -6.26 10.31
C TYR C 102 19.68 -7.58 11.05
N LEU C 103 18.81 -8.45 10.54
CA LEU C 103 18.55 -9.71 11.22
C LEU C 103 19.69 -10.71 11.05
N ARG C 104 20.66 -10.42 10.18
CA ARG C 104 21.82 -11.28 10.00
C ARG C 104 23.12 -10.62 10.47
N SER C 105 23.03 -9.45 11.11
CA SER C 105 24.19 -8.68 11.49
C SER C 105 24.42 -8.66 13.00
N PHE C 106 23.67 -9.45 13.76
CA PHE C 106 23.90 -9.55 15.20
C PHE C 106 25.18 -10.31 15.48
N TYR C 107 26.04 -9.73 16.33
CA TYR C 107 27.28 -10.37 16.72
C TYR C 107 27.53 -10.13 18.20
N GLU C 108 28.18 -11.10 18.85
CA GLU C 108 28.40 -11.01 20.28
C GLU C 108 29.22 -9.78 20.63
N ASP C 109 28.79 -9.06 21.66
CA ASP C 109 29.45 -7.84 22.09
C ASP C 109 29.27 -7.71 23.59
N PRO C 110 30.22 -8.21 24.39
CA PRO C 110 30.03 -8.21 25.84
C PRO C 110 29.82 -6.83 26.44
N LYS C 111 30.30 -5.78 25.77
CA LYS C 111 30.13 -4.43 26.29
C LYS C 111 28.66 -3.99 26.30
N ARG C 112 27.78 -4.71 25.61
CA ARG C 112 26.41 -4.27 25.43
C ARG C 112 25.49 -4.90 26.47
N PRO C 113 24.34 -4.27 26.75
CA PRO C 113 23.46 -4.80 27.80
C PRO C 113 23.04 -6.24 27.57
N TRP C 114 22.77 -6.64 26.33
CA TRP C 114 22.34 -7.99 26.01
C TRP C 114 23.45 -8.82 25.39
N GLY C 115 24.69 -8.36 25.49
CA GLY C 115 25.82 -9.14 25.02
C GLY C 115 25.97 -9.19 23.52
N VAL C 116 25.19 -8.42 22.77
CA VAL C 116 25.25 -8.43 21.32
C VAL C 116 25.14 -6.99 20.81
N ASN C 117 25.67 -6.79 19.60
CA ASN C 117 25.53 -5.55 18.87
C ASN C 117 25.14 -5.90 17.43
N ASN C 118 24.83 -4.88 16.65
CA ASN C 118 24.39 -5.06 15.27
C ASN C 118 25.16 -4.13 14.36
N VAL C 119 25.68 -4.68 13.26
CA VAL C 119 26.39 -3.85 12.29
C VAL C 119 25.44 -2.83 11.67
N ILE C 120 24.24 -3.26 11.29
CA ILE C 120 23.29 -2.36 10.64
C ILE C 120 22.73 -1.36 11.64
N PHE C 121 22.46 -1.80 12.85
CA PHE C 121 21.81 -0.98 13.88
C PHE C 121 22.72 -0.98 15.09
N PRO C 122 23.80 -0.19 15.06
CA PRO C 122 24.74 -0.20 16.19
C PRO C 122 24.06 0.16 17.50
N ASN C 123 24.46 -0.52 18.57
CA ASN C 123 23.94 -0.27 19.90
C ASN C 123 22.42 -0.45 19.96
N VAL C 124 21.90 -1.38 19.14
CA VAL C 124 20.48 -1.67 19.17
C VAL C 124 20.13 -2.31 20.51
N GLY C 125 18.93 -2.03 21.00
CA GLY C 125 18.46 -2.59 22.26
C GLY C 125 17.84 -3.96 22.14
N MET C 126 17.86 -4.56 20.95
CA MET C 126 17.21 -5.84 20.70
C MET C 126 18.16 -6.98 21.06
N PRO C 127 17.74 -7.95 21.86
CA PRO C 127 18.55 -9.16 22.05
C PRO C 127 18.57 -10.01 20.79
N ASN C 128 19.66 -10.77 20.63
CA ASN C 128 19.78 -11.66 19.49
C ASN C 128 18.90 -12.88 19.68
N VAL C 129 17.63 -12.78 19.27
CA VAL C 129 16.67 -13.84 19.55
C VAL C 129 16.76 -14.98 18.55
N LEU C 130 17.45 -14.80 17.43
CA LEU C 130 17.66 -15.85 16.46
C LEU C 130 19.03 -16.51 16.60
N ALA C 131 19.73 -16.25 17.70
CA ALA C 131 21.00 -16.93 17.95
C ALA C 131 20.88 -18.44 17.93
N PRO C 132 19.84 -19.06 18.50
CA PRO C 132 19.73 -20.53 18.40
C PRO C 132 19.74 -21.03 16.98
N LEU C 133 19.16 -20.28 16.04
CA LEU C 133 19.14 -20.69 14.65
C LEU C 133 20.46 -20.36 13.95
N GLN C 134 20.84 -19.08 13.95
CA GLN C 134 22.08 -18.68 13.30
C GLN C 134 23.29 -19.30 13.98
N GLY C 135 23.29 -19.35 15.30
CA GLY C 135 24.47 -19.69 16.07
C GLY C 135 25.24 -18.46 16.49
N ARG C 136 26.32 -18.70 17.22
CA ARG C 136 27.13 -17.60 17.74
C ARG C 136 27.84 -16.90 16.59
N GLN C 137 27.56 -15.61 16.42
CA GLN C 137 28.20 -14.78 15.40
C GLN C 137 29.08 -13.75 16.09
N VAL C 138 30.29 -13.59 15.59
CA VAL C 138 31.31 -12.75 16.23
C VAL C 138 32.01 -11.91 15.17
N ILE C 139 32.64 -10.84 15.64
CA ILE C 139 33.47 -9.98 14.77
C ILE C 139 34.87 -10.58 14.81
N GLY C 140 35.11 -11.52 13.90
CA GLY C 140 36.37 -12.24 13.87
C GLY C 140 37.01 -12.23 12.50
N CYS C 141 37.87 -13.22 12.25
CA CYS C 141 38.60 -13.34 11.00
C CYS C 141 38.08 -14.51 10.19
N LYS C 142 37.71 -14.25 8.94
CA LYS C 142 37.19 -15.28 8.06
C LYS C 142 37.56 -14.94 6.63
N GLN C 143 37.28 -15.88 5.73
CA GLN C 143 37.63 -15.74 4.32
C GLN C 143 36.57 -14.92 3.59
N VAL C 144 37.01 -13.85 2.93
CA VAL C 144 36.13 -12.98 2.16
C VAL C 144 36.68 -12.86 0.75
N GLN C 145 35.77 -12.80 -0.22
CA GLN C 145 36.17 -12.71 -1.61
C GLN C 145 37.06 -11.49 -1.83
N VAL C 146 38.13 -11.67 -2.60
CA VAL C 146 39.06 -10.58 -2.85
C VAL C 146 38.47 -9.64 -3.89
N VAL C 147 38.54 -8.34 -3.62
CA VAL C 147 38.01 -7.31 -4.51
C VAL C 147 39.04 -6.19 -4.63
N GLU C 148 39.34 -5.77 -5.85
CA GLU C 148 40.29 -4.70 -6.11
C GLU C 148 39.62 -3.71 -7.07
N ASP C 149 39.10 -2.61 -6.52
CA ASP C 149 38.44 -1.58 -7.32
C ASP C 149 37.28 -2.17 -8.13
N GLY C 150 36.50 -3.03 -7.47
CA GLY C 150 35.41 -3.72 -8.14
C GLY C 150 35.83 -4.93 -8.94
N LYS C 151 37.13 -5.23 -8.99
CA LYS C 151 37.64 -6.42 -9.68
C LYS C 151 37.41 -7.61 -8.76
N LYS C 152 36.24 -8.23 -8.92
CA LYS C 152 35.81 -9.35 -8.07
C LYS C 152 36.28 -10.65 -8.69
N GLN C 153 37.02 -11.45 -7.93
CA GLN C 153 37.59 -12.69 -8.43
C GLN C 153 36.76 -13.88 -7.99
N PHE C 154 36.21 -14.61 -8.96
CA PHE C 154 35.64 -15.92 -8.75
C PHE C 154 36.60 -16.97 -9.30
N ASP C 155 36.36 -18.22 -8.94
CA ASP C 155 37.16 -19.30 -9.49
C ASP C 155 36.65 -19.63 -10.89
N PRO C 156 37.45 -19.43 -11.94
CA PRO C 156 36.94 -19.73 -13.30
C PRO C 156 36.40 -21.16 -13.43
N LEU C 157 37.06 -22.13 -12.79
CA LEU C 157 36.67 -23.53 -12.97
C LEU C 157 35.49 -23.90 -12.07
N THR C 158 35.65 -23.75 -10.75
CA THR C 158 34.60 -24.14 -9.82
C THR C 158 33.52 -23.08 -9.69
N GLY C 159 33.74 -21.86 -10.16
CA GLY C 159 32.74 -20.83 -10.05
C GLY C 159 32.55 -20.30 -8.65
N THR C 160 33.39 -20.73 -7.69
CA THR C 160 33.32 -20.26 -6.32
C THR C 160 34.31 -19.11 -6.11
N PRO C 161 34.10 -18.28 -5.09
CA PRO C 161 34.93 -17.08 -4.94
C PRO C 161 36.37 -17.39 -4.59
N LEU C 162 37.28 -16.53 -5.01
CA LEU C 162 38.66 -16.53 -4.54
C LEU C 162 38.75 -15.58 -3.36
N THR C 163 39.23 -16.10 -2.23
CA THR C 163 39.07 -15.45 -0.94
C THR C 163 40.43 -15.20 -0.29
N HIS C 164 40.46 -14.14 0.52
CA HIS C 164 41.57 -13.84 1.40
C HIS C 164 41.01 -13.56 2.78
N GLU C 165 41.85 -13.73 3.80
CA GLU C 165 41.40 -13.58 5.17
C GLU C 165 41.21 -12.10 5.50
N ALA C 166 40.09 -11.79 6.15
CA ALA C 166 39.82 -10.46 6.68
C ALA C 166 39.40 -10.61 8.14
N CYS C 167 39.88 -9.71 8.99
CA CYS C 167 39.81 -9.88 10.44
C CYS C 167 38.80 -8.97 11.11
N ASP C 168 37.81 -8.48 10.36
CA ASP C 168 36.75 -7.64 10.92
C ASP C 168 35.41 -8.05 10.32
N GLN C 169 35.16 -9.35 10.25
CA GLN C 169 34.01 -9.88 9.53
C GLN C 169 33.10 -10.66 10.47
N LEU C 170 31.82 -10.72 10.12
CA LEU C 170 30.85 -11.52 10.86
C LEU C 170 31.09 -12.99 10.55
N THR C 171 31.53 -13.74 11.54
CA THR C 171 31.78 -15.17 11.41
C THR C 171 30.91 -15.92 12.40
N VAL C 172 30.22 -16.95 11.91
CA VAL C 172 29.40 -17.79 12.77
C VAL C 172 30.28 -18.90 13.33
N VAL C 173 30.32 -19.02 14.66
CA VAL C 173 31.13 -20.07 15.28
C VAL C 173 30.59 -21.44 14.85
N PRO C 174 31.42 -22.37 14.38
CA PRO C 174 30.89 -23.63 13.85
C PRO C 174 30.14 -24.43 14.91
N LYS C 175 29.12 -25.15 14.45
CA LYS C 175 28.35 -26.06 15.29
C LYS C 175 27.79 -25.35 16.52
N THR C 176 27.25 -24.15 16.30
CA THR C 176 26.62 -23.39 17.37
C THR C 176 25.16 -23.05 17.10
N GLY C 177 24.65 -23.31 15.89
CA GLY C 177 23.27 -23.03 15.57
C GLY C 177 22.67 -24.14 14.74
N GLU C 178 21.34 -24.20 14.78
CA GLU C 178 20.63 -25.25 14.05
C GLU C 178 20.86 -25.13 12.54
N LEU C 179 20.85 -23.90 12.03
CA LEU C 179 20.91 -23.65 10.59
C LEU C 179 22.30 -23.19 10.19
N ASN C 180 22.74 -23.63 9.01
CA ASN C 180 23.98 -23.12 8.44
C ASN C 180 23.73 -21.73 7.84
N GLU C 181 24.76 -21.18 7.20
CA GLU C 181 24.63 -19.83 6.67
C GLU C 181 23.52 -19.74 5.63
N ALA C 182 23.45 -20.71 4.72
CA ALA C 182 22.41 -20.68 3.68
C ALA C 182 21.03 -20.90 4.28
N GLN C 183 20.90 -21.83 5.22
CA GLN C 183 19.59 -22.10 5.81
C GLN C 183 19.11 -20.91 6.63
N PHE C 184 20.00 -20.27 7.40
CA PHE C 184 19.60 -19.07 8.12
C PHE C 184 19.30 -17.93 7.15
N ASP C 185 20.04 -17.85 6.05
CA ASP C 185 19.74 -16.85 5.02
C ASP C 185 18.32 -17.03 4.50
N GLU C 186 17.94 -18.29 4.21
CA GLU C 186 16.59 -18.55 3.72
C GLU C 186 15.55 -18.26 4.80
N LYS C 187 15.85 -18.58 6.06
CA LYS C 187 14.92 -18.28 7.15
C LYS C 187 14.68 -16.77 7.25
N VAL C 188 15.75 -16.00 7.24
CA VAL C 188 15.63 -14.55 7.33
C VAL C 188 14.95 -14.00 6.08
N LYS C 189 15.21 -14.60 4.92
CA LYS C 189 14.55 -14.15 3.70
C LYS C 189 13.05 -14.38 3.78
N ASN C 190 12.63 -15.54 4.27
CA ASN C 190 11.20 -15.80 4.42
C ASN C 190 10.57 -14.86 5.44
N LEU C 191 11.26 -14.60 6.54
CA LEU C 191 10.75 -13.67 7.55
C LEU C 191 10.60 -12.27 6.98
N VAL C 192 11.60 -11.81 6.22
CA VAL C 192 11.53 -10.47 5.65
C VAL C 192 10.50 -10.43 4.53
N THR C 193 10.28 -11.54 3.83
CA THR C 193 9.20 -11.60 2.84
C THR C 193 7.85 -11.45 3.51
N PHE C 194 7.65 -12.13 4.64
CA PHE C 194 6.39 -11.98 5.36
C PHE C 194 6.24 -10.55 5.88
N LEU C 195 7.31 -9.95 6.36
CA LEU C 195 7.23 -8.56 6.84
C LEU C 195 6.92 -7.61 5.69
N ALA C 196 7.51 -7.86 4.51
CA ALA C 196 7.21 -7.05 3.35
C ALA C 196 5.75 -7.17 2.94
N TYR C 197 5.21 -8.39 2.99
CA TYR C 197 3.77 -8.55 2.75
C TYR C 197 2.95 -7.78 3.78
N SER C 198 3.34 -7.87 5.05
CA SER C 198 2.56 -7.23 6.11
C SER C 198 2.55 -5.72 5.94
N ALA C 199 3.70 -5.15 5.56
CA ALA C 199 3.77 -3.70 5.38
C ALA C 199 2.87 -3.24 4.22
N ASN C 200 2.84 -4.02 3.14
CA ASN C 200 2.08 -3.65 1.93
C ASN C 200 1.28 -4.85 1.47
N PRO C 201 0.18 -5.18 2.17
CA PRO C 201 -0.61 -6.35 1.79
C PRO C 201 -1.41 -6.17 0.51
N ASN C 202 -1.49 -4.96 -0.04
CA ASN C 202 -2.25 -4.69 -1.25
C ASN C 202 -1.38 -4.65 -2.50
N LYS C 203 -0.11 -5.08 -2.40
CA LYS C 203 0.83 -4.88 -3.48
C LYS C 203 0.40 -5.63 -4.75
N LEU C 204 0.11 -6.92 -4.63
CA LEU C 204 -0.22 -7.71 -5.82
C LEU C 204 -1.54 -7.25 -6.42
N ALA C 205 -2.56 -7.08 -5.58
CA ALA C 205 -3.83 -6.55 -6.07
C ALA C 205 -3.64 -5.15 -6.65
N SER C 206 -2.76 -4.36 -6.03
CA SER C 206 -2.50 -3.02 -6.55
C SER C 206 -1.92 -3.10 -7.96
N GLU C 207 -0.97 -4.00 -8.19
CA GLU C 207 -0.39 -4.13 -9.52
C GLU C 207 -1.43 -4.58 -10.53
N ARG C 208 -2.26 -5.55 -10.17
CA ARG C 208 -3.29 -6.03 -11.10
C ARG C 208 -4.27 -4.91 -11.45
N ILE C 209 -4.82 -4.24 -10.43
CA ILE C 209 -5.79 -3.19 -10.65
C ILE C 209 -5.16 -2.05 -11.44
N GLY C 210 -3.90 -1.72 -11.14
CA GLY C 210 -3.23 -0.65 -11.85
C GLY C 210 -2.98 -0.99 -13.30
N THR C 211 -2.65 -2.26 -13.59
CA THR C 211 -2.52 -2.67 -14.99
C THR C 211 -3.82 -2.46 -15.74
N TYR C 212 -4.93 -2.91 -15.14
CA TYR C 212 -6.22 -2.72 -15.82
C TYR C 212 -6.56 -1.24 -15.96
N VAL C 213 -6.27 -0.44 -14.93
CA VAL C 213 -6.55 0.99 -14.98
C VAL C 213 -5.74 1.66 -16.07
N LEU C 214 -4.47 1.28 -16.21
CA LEU C 214 -3.61 1.89 -17.22
C LEU C 214 -4.06 1.48 -18.63
N LEU C 215 -4.49 0.23 -18.79
CA LEU C 215 -5.05 -0.17 -20.09
C LEU C 215 -6.27 0.66 -20.43
N TYR C 216 -7.19 0.81 -19.48
CA TYR C 216 -8.36 1.62 -19.73
C TYR C 216 -7.99 3.06 -20.05
N LEU C 217 -7.00 3.61 -19.33
CA LEU C 217 -6.62 4.99 -19.55
C LEU C 217 -5.94 5.17 -20.90
N ALA C 218 -5.20 4.18 -21.38
CA ALA C 218 -4.65 4.25 -22.73
C ALA C 218 -5.78 4.26 -23.77
N PHE C 219 -6.77 3.38 -23.58
CA PHE C 219 -7.93 3.37 -24.47
C PHE C 219 -8.62 4.74 -24.49
N PHE C 220 -8.92 5.26 -23.29
CA PHE C 220 -9.59 6.54 -23.18
C PHE C 220 -8.73 7.66 -23.73
N PHE C 221 -7.41 7.57 -23.59
CA PHE C 221 -6.53 8.58 -24.18
C PHE C 221 -6.60 8.55 -25.68
N VAL C 222 -6.64 7.35 -26.28
CA VAL C 222 -6.79 7.28 -27.73
C VAL C 222 -8.05 8.02 -28.16
N PHE C 223 -9.16 7.72 -27.48
CA PHE C 223 -10.42 8.36 -27.86
C PHE C 223 -10.40 9.88 -27.62
N ALA C 224 -9.86 10.32 -26.48
CA ALA C 224 -9.81 11.74 -26.19
C ALA C 224 -8.89 12.48 -27.14
N TYR C 225 -7.75 11.87 -27.49
CA TYR C 225 -6.83 12.47 -28.44
C TYR C 225 -7.49 12.60 -29.81
N LEU C 226 -8.22 11.58 -30.24
CA LEU C 226 -8.93 11.71 -31.52
C LEU C 226 -10.00 12.79 -31.45
N LEU C 227 -10.75 12.84 -30.35
CA LEU C 227 -11.77 13.87 -30.19
C LEU C 227 -11.17 15.27 -30.10
N LYS C 228 -9.91 15.38 -29.68
CA LYS C 228 -9.25 16.67 -29.61
C LYS C 228 -8.65 17.09 -30.95
N ARG C 229 -7.78 16.26 -31.53
CA ARG C 229 -7.12 16.64 -32.77
C ARG C 229 -8.17 16.87 -33.86
N GLU C 230 -9.11 15.95 -34.00
CA GLU C 230 -10.38 16.27 -34.62
C GLU C 230 -11.13 17.22 -33.69
N TYR C 231 -11.88 18.13 -34.27
CA TYR C 231 -12.57 19.21 -33.57
C TYR C 231 -11.58 20.35 -33.31
N TRP C 232 -10.30 20.18 -33.65
CA TRP C 232 -9.31 21.26 -33.66
C TRP C 232 -8.86 21.55 -35.09
N LYS C 233 -9.62 21.08 -36.07
CA LYS C 233 -9.32 21.34 -37.48
C LYS C 233 -10.07 22.60 -37.94
N ALA D 1 36.32 -15.29 30.00
CA ALA D 1 35.45 -16.45 29.91
C ALA D 1 35.99 -17.59 30.78
N GLY D 2 35.10 -18.47 31.23
CA GLY D 2 35.49 -19.58 32.05
C GLY D 2 35.96 -20.78 31.25
N ASP D 3 36.57 -21.73 31.95
CA ASP D 3 37.07 -22.95 31.34
C ASP D 3 36.20 -24.11 31.79
N ALA D 4 35.48 -24.71 30.84
CA ALA D 4 34.60 -25.83 31.18
C ALA D 4 35.39 -27.02 31.70
N ALA D 5 36.57 -27.26 31.15
CA ALA D 5 37.37 -28.42 31.56
C ALA D 5 37.72 -28.34 33.05
N ALA D 6 38.16 -27.16 33.50
CA ALA D 6 38.45 -26.99 34.92
C ALA D 6 37.17 -26.84 35.74
N GLY D 7 36.13 -26.25 35.15
CA GLY D 7 34.87 -26.12 35.86
C GLY D 7 34.29 -27.47 36.25
N GLN D 8 34.46 -28.48 35.40
CA GLN D 8 33.98 -29.81 35.73
C GLN D 8 34.54 -30.28 37.07
N ALA D 9 35.87 -30.15 37.24
CA ALA D 9 36.47 -30.50 38.51
C ALA D 9 35.97 -29.58 39.63
N LYS D 10 35.85 -28.28 39.34
CA LYS D 10 35.40 -27.34 40.36
C LYS D 10 33.92 -27.49 40.68
N ALA D 11 33.13 -28.11 39.79
CA ALA D 11 31.70 -28.24 39.97
C ALA D 11 31.30 -29.54 40.64
N ALA D 12 32.26 -30.34 41.09
CA ALA D 12 31.93 -31.61 41.72
C ALA D 12 31.13 -31.40 43.01
N VAL D 13 31.51 -30.41 43.80
CA VAL D 13 30.78 -30.12 45.04
C VAL D 13 29.32 -29.79 44.73
N CYS D 14 29.08 -29.06 43.64
CA CYS D 14 27.73 -28.69 43.27
C CYS D 14 26.89 -29.91 42.86
N GLY D 15 27.52 -30.89 42.21
CA GLY D 15 26.79 -32.02 41.70
C GLY D 15 26.04 -32.80 42.76
N ALA D 16 26.35 -32.57 44.03
CA ALA D 16 25.59 -33.21 45.09
C ALA D 16 24.12 -32.85 45.00
N CYS D 17 23.81 -31.59 44.73
CA CYS D 17 22.44 -31.11 44.63
C CYS D 17 21.96 -30.95 43.20
N HIS D 18 22.80 -30.44 42.31
CA HIS D 18 22.42 -30.18 40.92
C HIS D 18 22.73 -31.34 39.99
N GLY D 19 23.33 -32.41 40.49
CA GLY D 19 23.73 -33.48 39.61
C GLY D 19 25.11 -33.26 39.02
N ALA D 20 25.77 -34.37 38.69
CA ALA D 20 27.15 -34.29 38.22
C ALA D 20 27.26 -33.43 36.97
N ASP D 21 26.35 -33.63 36.02
CA ASP D 21 26.35 -32.86 34.78
C ASP D 21 25.45 -31.63 34.86
N GLY D 22 24.86 -31.35 36.01
CA GLY D 22 23.94 -30.24 36.17
C GLY D 22 22.48 -30.57 35.99
N ASN D 23 22.15 -31.83 35.67
CA ASN D 23 20.77 -32.27 35.55
C ASN D 23 20.34 -32.83 36.90
N SER D 24 19.79 -31.97 37.76
CA SER D 24 19.43 -32.39 39.10
C SER D 24 18.33 -33.45 39.04
N PRO D 25 18.39 -34.47 39.91
CA PRO D 25 17.31 -35.46 39.94
C PRO D 25 16.12 -35.02 40.77
N ALA D 26 16.36 -34.18 41.79
CA ALA D 26 15.29 -33.74 42.67
C ALA D 26 14.62 -32.48 42.11
N PRO D 27 13.29 -32.42 42.13
CA PRO D 27 12.62 -31.25 41.52
C PRO D 27 13.00 -29.92 42.15
N ASN D 28 13.29 -29.88 43.45
CA ASN D 28 13.50 -28.59 44.10
C ASN D 28 14.87 -28.00 43.75
N PHE D 29 15.78 -28.81 43.26
CA PHE D 29 17.08 -28.29 42.82
C PHE D 29 17.03 -27.97 41.33
N PRO D 30 17.35 -26.74 40.92
CA PRO D 30 17.32 -26.42 39.49
C PRO D 30 18.39 -27.17 38.71
N LYS D 31 18.09 -27.45 37.45
CA LYS D 31 19.08 -28.00 36.54
C LYS D 31 19.99 -26.88 36.06
N LEU D 32 21.29 -27.04 36.25
CA LEU D 32 22.27 -26.09 35.75
C LEU D 32 22.81 -26.48 34.38
N ALA D 33 22.58 -27.72 33.95
CA ALA D 33 23.06 -28.16 32.65
C ALA D 33 22.41 -27.37 31.54
N GLY D 34 23.23 -26.88 30.60
CA GLY D 34 22.74 -26.16 29.46
C GLY D 34 22.27 -24.75 29.75
N GLN D 35 22.35 -24.30 31.00
CA GLN D 35 21.95 -22.94 31.33
C GLN D 35 22.98 -21.94 30.80
N GLY D 36 22.50 -20.77 30.42
CA GLY D 36 23.38 -19.74 29.89
C GLY D 36 24.51 -19.42 30.84
N GLU D 37 25.73 -19.36 30.30
CA GLU D 37 26.89 -19.10 31.15
C GLU D 37 26.78 -17.72 31.82
N ARG D 38 26.32 -16.72 31.07
CA ARG D 38 26.13 -15.40 31.66
C ARG D 38 25.12 -15.45 32.79
N TYR D 39 23.98 -16.11 32.57
CA TYR D 39 22.96 -16.19 33.62
C TYR D 39 23.47 -16.98 34.82
N LEU D 40 24.16 -18.10 34.58
CA LEU D 40 24.69 -18.88 35.69
C LEU D 40 25.68 -18.05 36.52
N LEU D 41 26.58 -17.33 35.84
CA LEU D 41 27.54 -16.52 36.56
C LEU D 41 26.85 -15.40 37.33
N LYS D 42 25.84 -14.77 36.73
CA LYS D 42 25.10 -13.73 37.44
C LYS D 42 24.42 -14.28 38.68
N GLN D 43 23.79 -15.45 38.56
CA GLN D 43 23.12 -16.04 39.72
C GLN D 43 24.11 -16.40 40.81
N MET D 44 25.25 -16.97 40.43
CA MET D 44 26.25 -17.34 41.43
C MET D 44 26.80 -16.10 42.13
N HIS D 45 27.07 -15.04 41.37
CA HIS D 45 27.52 -13.80 42.00
C HIS D 45 26.46 -13.20 42.91
N ASP D 46 25.19 -13.25 42.48
CA ASP D 46 24.11 -12.72 43.31
C ASP D 46 24.01 -13.49 44.62
N ILE D 47 24.15 -14.81 44.55
CA ILE D 47 24.06 -15.63 45.76
C ILE D 47 25.26 -15.38 46.66
N LYS D 48 26.45 -15.18 46.07
CA LYS D 48 27.61 -14.80 46.86
C LYS D 48 27.37 -13.48 47.59
N ASP D 49 26.81 -12.50 46.88
CA ASP D 49 26.66 -11.16 47.42
C ASP D 49 25.34 -10.96 48.16
N GLY D 50 24.51 -11.99 48.26
CA GLY D 50 23.23 -11.88 48.93
C GLY D 50 22.13 -11.24 48.12
N LYS D 51 22.39 -10.87 46.86
CA LYS D 51 21.34 -10.32 46.02
C LYS D 51 20.26 -11.36 45.76
N ARG D 52 20.62 -12.64 45.74
CA ARG D 52 19.66 -13.74 45.70
C ARG D 52 19.96 -14.65 46.87
N THR D 53 18.91 -15.02 47.62
CA THR D 53 19.05 -15.78 48.84
C THR D 53 18.72 -17.25 48.59
N VAL D 54 19.74 -18.10 48.63
CA VAL D 54 19.58 -19.54 48.57
C VAL D 54 20.17 -20.11 49.84
N LEU D 55 19.31 -20.48 50.80
CA LEU D 55 19.79 -20.95 52.09
C LEU D 55 20.59 -22.24 51.94
N GLU D 56 20.24 -23.07 50.96
CA GLU D 56 20.95 -24.33 50.78
C GLU D 56 22.38 -24.11 50.31
N MET D 57 22.73 -22.90 49.89
CA MET D 57 24.06 -22.59 49.38
C MET D 57 24.83 -21.66 50.31
N THR D 58 24.40 -21.57 51.58
CA THR D 58 25.04 -20.67 52.53
C THR D 58 26.52 -21.03 52.66
N GLY D 59 27.39 -20.15 52.20
CA GLY D 59 28.82 -20.33 52.34
C GLY D 59 29.48 -21.24 51.32
N LEU D 60 28.73 -21.78 50.37
CA LEU D 60 29.32 -22.65 49.36
C LEU D 60 30.10 -21.89 48.30
N LEU D 61 29.71 -20.65 48.00
CA LEU D 61 30.39 -19.85 46.99
C LEU D 61 31.36 -18.84 47.57
N THR D 62 31.40 -18.66 48.89
CA THR D 62 32.26 -17.64 49.46
C THR D 62 33.72 -17.91 49.18
N ASN D 63 34.12 -19.19 49.20
CA ASN D 63 35.52 -19.56 48.99
C ASN D 63 35.90 -19.67 47.52
N LEU D 64 34.94 -19.61 46.60
CA LEU D 64 35.21 -19.72 45.17
C LEU D 64 35.46 -18.33 44.59
N SER D 65 36.58 -18.18 43.89
CA SER D 65 36.94 -16.90 43.30
C SER D 65 36.10 -16.64 42.05
N ASP D 66 36.31 -15.46 41.46
CA ASP D 66 35.56 -15.11 40.25
C ASP D 66 35.89 -16.07 39.11
N GLN D 67 37.16 -16.44 38.95
CA GLN D 67 37.54 -17.35 37.88
C GLN D 67 36.97 -18.75 38.12
N ASP D 68 36.94 -19.19 39.38
CA ASP D 68 36.34 -20.48 39.68
C ASP D 68 34.85 -20.49 39.32
N LEU D 69 34.14 -19.40 39.67
CA LEU D 69 32.74 -19.31 39.31
C LEU D 69 32.56 -19.30 37.81
N ALA D 70 33.42 -18.57 37.09
CA ALA D 70 33.33 -18.55 35.63
C ALA D 70 33.55 -19.93 35.06
N ASP D 71 34.53 -20.68 35.59
CA ASP D 71 34.79 -22.02 35.10
C ASP D 71 33.59 -22.93 35.36
N ILE D 72 33.00 -22.84 36.55
CA ILE D 72 31.84 -23.69 36.86
C ILE D 72 30.67 -23.34 35.95
N ALA D 73 30.44 -22.04 35.72
CA ALA D 73 29.36 -21.62 34.85
C ALA D 73 29.59 -22.11 33.42
N ALA D 74 30.84 -22.04 32.94
CA ALA D 74 31.15 -22.54 31.61
C ALA D 74 30.92 -24.05 31.53
N TYR D 75 31.32 -24.79 32.57
CA TYR D 75 31.12 -26.23 32.56
C TYR D 75 29.64 -26.58 32.50
N PHE D 76 28.82 -25.90 33.31
CA PHE D 76 27.40 -26.19 33.32
C PHE D 76 26.74 -25.76 32.01
N ALA D 77 27.17 -24.63 31.45
CA ALA D 77 26.64 -24.16 30.18
C ALA D 77 27.05 -25.08 29.02
N SER D 78 28.09 -25.88 29.20
CA SER D 78 28.53 -26.81 28.17
C SER D 78 27.74 -28.10 28.15
N GLN D 79 26.82 -28.28 29.10
CA GLN D 79 26.02 -29.50 29.17
C GLN D 79 24.67 -29.25 28.49
N LYS D 80 23.80 -30.26 28.54
CA LYS D 80 22.47 -30.20 27.93
C LYS D 80 21.43 -30.49 28.99
N MET D 81 20.50 -29.56 29.19
CA MET D 81 19.43 -29.75 30.15
C MET D 81 18.49 -30.84 29.68
N SER D 82 18.28 -31.85 30.52
CA SER D 82 17.30 -32.88 30.21
C SER D 82 15.91 -32.29 30.23
N VAL D 83 15.03 -32.86 29.42
CA VAL D 83 13.66 -32.38 29.27
C VAL D 83 12.74 -33.26 30.09
N GLY D 84 11.93 -32.65 30.93
CA GLY D 84 10.95 -33.37 31.72
C GLY D 84 9.68 -33.60 30.93
N MET D 85 8.60 -33.83 31.66
CA MET D 85 7.29 -34.11 31.08
C MET D 85 6.25 -33.18 31.67
N ALA D 86 5.37 -32.66 30.82
CA ALA D 86 4.32 -31.75 31.24
C ALA D 86 3.07 -32.53 31.62
N ASP D 87 2.33 -31.99 32.58
CA ASP D 87 1.08 -32.62 33.00
C ASP D 87 0.03 -32.43 31.91
N PRO D 88 -0.58 -33.50 31.39
CA PRO D 88 -1.55 -33.32 30.30
C PRO D 88 -2.70 -32.40 30.67
N ASN D 89 -3.15 -32.43 31.93
CA ASN D 89 -4.25 -31.58 32.34
C ASN D 89 -3.86 -30.11 32.43
N LEU D 90 -2.57 -29.82 32.45
CA LEU D 90 -2.08 -28.45 32.57
C LEU D 90 -1.34 -27.97 31.32
N VAL D 91 -1.00 -28.85 30.39
CA VAL D 91 -0.13 -28.46 29.29
C VAL D 91 -0.79 -27.42 28.40
N ALA D 92 -2.12 -27.52 28.22
CA ALA D 92 -2.81 -26.57 27.34
C ALA D 92 -2.72 -25.15 27.88
N GLN D 93 -3.11 -24.95 29.14
CA GLN D 93 -3.08 -23.62 29.72
C GLN D 93 -1.66 -23.09 29.82
N GLY D 94 -0.71 -23.94 30.23
CA GLY D 94 0.67 -23.51 30.32
C GLY D 94 1.23 -23.11 28.97
N GLU D 95 0.92 -23.88 27.93
CA GLU D 95 1.38 -23.55 26.58
C GLU D 95 0.76 -22.24 26.11
N ALA D 96 -0.53 -22.04 26.37
CA ALA D 96 -1.18 -20.80 25.97
C ALA D 96 -0.51 -19.61 26.65
N LEU D 97 -0.25 -19.72 27.96
CA LEU D 97 0.39 -18.62 28.67
C LEU D 97 1.80 -18.37 28.16
N PHE D 98 2.56 -19.44 27.94
CA PHE D 98 3.95 -19.30 27.52
C PHE D 98 4.06 -18.67 26.14
N ARG D 99 3.26 -19.15 25.19
CA ARG D 99 3.39 -18.68 23.81
C ARG D 99 2.66 -17.37 23.57
N GLY D 100 1.58 -17.10 24.28
CA GLY D 100 0.77 -15.94 23.99
C GLY D 100 0.77 -14.88 25.08
N GLY D 101 1.00 -15.28 26.31
CA GLY D 101 0.93 -14.33 27.42
C GLY D 101 -0.52 -14.00 27.71
N LYS D 102 -0.77 -12.74 28.06
CA LYS D 102 -2.14 -12.27 28.31
C LYS D 102 -2.29 -10.89 27.68
N ILE D 103 -3.01 -10.81 26.55
CA ILE D 103 -3.23 -9.52 25.92
C ILE D 103 -4.05 -8.61 26.83
N ALA D 104 -5.09 -9.16 27.45
CA ALA D 104 -5.98 -8.34 28.28
C ALA D 104 -5.25 -7.82 29.50
N GLU D 105 -4.53 -8.70 30.21
CA GLU D 105 -3.79 -8.30 31.39
C GLU D 105 -2.44 -7.66 31.06
N GLY D 106 -2.04 -7.65 29.79
CA GLY D 106 -0.76 -7.09 29.41
C GLY D 106 0.43 -7.86 29.93
N MET D 107 0.32 -9.19 30.02
CA MET D 107 1.46 -10.00 30.41
C MET D 107 2.18 -10.51 29.17
N PRO D 108 3.49 -10.31 29.05
CA PRO D 108 4.18 -10.78 27.84
C PRO D 108 4.18 -12.29 27.75
N ALA D 109 4.26 -12.78 26.51
CA ALA D 109 4.58 -14.18 26.30
C ALA D 109 6.02 -14.45 26.72
N CYS D 110 6.28 -15.66 27.18
CA CYS D 110 7.63 -16.02 27.59
C CYS D 110 8.53 -16.33 26.40
N THR D 111 7.96 -16.47 25.20
CA THR D 111 8.72 -16.88 24.03
C THR D 111 9.63 -15.78 23.50
N GLY D 112 9.44 -14.54 23.91
CA GLY D 112 10.30 -13.46 23.45
C GLY D 112 11.67 -13.50 24.09
N CYS D 113 11.71 -13.26 25.41
CA CYS D 113 12.98 -13.26 26.12
C CYS D 113 13.54 -14.66 26.30
N HIS D 114 12.70 -15.62 26.67
CA HIS D 114 13.04 -17.03 26.62
C HIS D 114 12.54 -17.57 25.29
N SER D 115 13.38 -18.31 24.58
CA SER D 115 13.06 -18.68 23.22
C SER D 115 11.71 -19.41 23.14
N PRO D 116 11.13 -19.53 21.95
CA PRO D 116 9.93 -20.37 21.83
C PRO D 116 10.16 -21.79 22.30
N SER D 117 11.38 -22.29 22.15
CA SER D 117 11.77 -23.61 22.67
C SER D 117 12.25 -23.55 24.11
N GLY D 118 12.26 -22.38 24.73
CA GLY D 118 12.65 -22.25 26.12
C GLY D 118 14.13 -22.27 26.38
N VAL D 119 14.97 -22.13 25.36
CA VAL D 119 16.41 -22.17 25.56
C VAL D 119 16.98 -20.86 26.09
N GLY D 120 16.17 -19.83 26.19
CA GLY D 120 16.67 -18.54 26.63
C GLY D 120 17.56 -17.89 25.59
N ILE D 121 18.18 -16.79 26.00
CA ILE D 121 19.17 -16.09 25.19
C ILE D 121 20.44 -16.01 26.04
N ALA D 122 21.42 -16.83 25.70
CA ALA D 122 22.62 -16.94 26.53
C ALA D 122 23.36 -15.61 26.62
N THR D 123 23.53 -14.93 25.48
CA THR D 123 24.26 -13.67 25.49
C THR D 123 23.54 -12.61 26.30
N ALA D 124 22.20 -12.54 26.19
CA ALA D 124 21.43 -11.54 26.90
C ALA D 124 21.25 -11.88 28.38
N GLY D 125 21.61 -13.08 28.80
CA GLY D 125 21.40 -13.49 30.17
C GLY D 125 20.01 -13.98 30.47
N PHE D 126 19.15 -14.13 29.48
CA PHE D 126 17.82 -14.68 29.70
C PHE D 126 17.94 -16.18 29.93
N PRO D 127 17.52 -16.70 31.08
CA PRO D 127 17.84 -18.09 31.41
C PRO D 127 17.14 -19.10 30.52
N HIS D 128 17.83 -20.21 30.27
CA HIS D 128 17.18 -21.39 29.73
C HIS D 128 16.08 -21.85 30.68
N LEU D 129 14.91 -22.13 30.12
CA LEU D 129 13.75 -22.57 30.89
C LEU D 129 13.30 -23.97 30.53
N GLY D 130 13.29 -24.31 29.24
CA GLY D 130 12.78 -25.60 28.79
C GLY D 130 13.47 -26.76 29.47
N GLY D 131 12.68 -27.68 30.02
CA GLY D 131 13.21 -28.82 30.74
C GLY D 131 13.46 -28.57 32.22
N GLN D 132 13.44 -27.32 32.67
CA GLN D 132 13.65 -27.02 34.07
C GLN D 132 12.52 -27.63 34.90
N HIS D 133 12.87 -28.07 36.10
CA HIS D 133 11.90 -28.73 36.97
C HIS D 133 10.69 -27.84 37.20
N ALA D 134 9.50 -28.45 37.10
CA ALA D 134 8.27 -27.68 37.30
C ALA D 134 8.22 -27.08 38.70
N THR D 135 8.66 -27.84 39.70
CA THR D 135 8.65 -27.33 41.07
C THR D 135 9.55 -26.09 41.19
N TYR D 136 10.77 -26.17 40.66
CA TYR D 136 11.67 -25.03 40.76
C TYR D 136 11.14 -23.83 39.98
N VAL D 137 10.60 -24.06 38.78
CA VAL D 137 10.09 -22.96 37.98
C VAL D 137 8.92 -22.29 38.69
N ALA D 138 8.02 -23.09 39.27
CA ALA D 138 6.91 -22.53 40.02
C ALA D 138 7.40 -21.75 41.22
N LYS D 139 8.40 -22.27 41.93
CA LYS D 139 8.94 -21.55 43.08
C LYS D 139 9.54 -20.22 42.65
N GLN D 140 10.30 -20.21 41.55
CA GLN D 140 10.89 -18.95 41.10
C GLN D 140 9.84 -17.96 40.65
N LEU D 141 8.79 -18.43 39.96
CA LEU D 141 7.73 -17.53 39.55
C LEU D 141 7.01 -16.95 40.76
N THR D 142 6.74 -17.79 41.77
CA THR D 142 6.12 -17.29 42.99
C THR D 142 7.02 -16.28 43.70
N ASP D 143 8.32 -16.56 43.76
CA ASP D 143 9.24 -15.65 44.42
C ASP D 143 9.30 -14.31 43.70
N PHE D 144 9.32 -14.34 42.36
CA PHE D 144 9.28 -13.10 41.60
C PHE D 144 7.98 -12.35 41.86
N ARG D 145 6.85 -13.08 41.90
CA ARG D 145 5.56 -12.45 42.12
C ARG D 145 5.51 -11.76 43.48
N GLU D 146 6.00 -12.42 44.52
CA GLU D 146 5.95 -11.91 45.88
C GLU D 146 7.14 -11.01 46.21
N GLY D 147 8.07 -10.82 45.29
CA GLY D 147 9.24 -10.01 45.56
C GLY D 147 10.30 -10.70 46.37
N THR D 148 10.15 -12.00 46.65
CA THR D 148 11.19 -12.72 47.39
C THR D 148 12.50 -12.73 46.61
N ARG D 149 12.43 -12.97 45.30
CA ARG D 149 13.58 -12.88 44.41
C ARG D 149 13.53 -11.56 43.68
N THR D 150 14.58 -10.74 43.85
CA THR D 150 14.63 -9.41 43.25
C THR D 150 15.91 -9.17 42.48
N ASN D 151 16.72 -10.20 42.25
CA ASN D 151 17.99 -10.04 41.55
C ASN D 151 17.82 -9.94 40.04
N ASP D 152 16.60 -9.76 39.55
CA ASP D 152 16.37 -9.53 38.13
C ASP D 152 16.67 -8.10 37.72
N GLY D 153 17.16 -7.27 38.64
CA GLY D 153 17.60 -5.93 38.33
C GLY D 153 16.58 -4.88 38.76
N ASP D 154 16.96 -3.62 38.55
CA ASP D 154 16.07 -2.52 38.87
C ASP D 154 14.84 -2.49 37.96
N THR D 155 14.98 -2.92 36.70
CA THR D 155 13.84 -2.94 35.79
C THR D 155 12.74 -3.88 36.27
N LYS D 156 13.06 -4.82 37.15
CA LYS D 156 12.07 -5.73 37.72
C LYS D 156 11.30 -6.45 36.62
N ILE D 157 12.05 -6.95 35.63
CA ILE D 157 11.42 -7.65 34.52
C ILE D 157 10.52 -8.77 35.03
N MET D 158 11.11 -9.74 35.71
CA MET D 158 10.34 -10.92 36.10
C MET D 158 9.43 -10.66 37.28
N GLN D 159 9.77 -9.72 38.17
CA GLN D 159 8.83 -9.36 39.21
C GLN D 159 7.53 -8.83 38.58
N SER D 160 7.67 -7.91 37.62
CA SER D 160 6.50 -7.37 36.95
C SER D 160 5.75 -8.46 36.18
N ILE D 161 6.48 -9.33 35.49
CA ILE D 161 5.83 -10.36 34.69
C ILE D 161 5.08 -11.34 35.58
N ALA D 162 5.70 -11.78 36.67
CA ALA D 162 5.08 -12.75 37.57
C ALA D 162 3.97 -12.13 38.40
N ALA D 163 3.96 -10.81 38.56
CA ALA D 163 2.84 -10.16 39.24
C ALA D 163 1.52 -10.46 38.54
N LYS D 164 1.55 -10.78 37.25
CA LYS D 164 0.35 -11.01 36.46
C LYS D 164 -0.03 -12.48 36.37
N LEU D 165 0.71 -13.36 37.03
CA LEU D 165 0.44 -14.80 36.99
C LEU D 165 -0.24 -15.24 38.27
N SER D 166 -1.36 -15.94 38.12
CA SER D 166 -2.03 -16.55 39.26
C SER D 166 -1.33 -17.85 39.65
N ASN D 167 -1.74 -18.42 40.78
CA ASN D 167 -1.16 -19.68 41.20
C ASN D 167 -1.44 -20.78 40.20
N LYS D 168 -2.68 -20.85 39.69
CA LYS D 168 -2.98 -21.83 38.65
C LYS D 168 -2.17 -21.57 37.39
N ASP D 169 -2.03 -20.30 37.00
CA ASP D 169 -1.18 -19.96 35.86
C ASP D 169 0.26 -20.38 36.11
N ILE D 170 0.77 -20.13 37.31
CA ILE D 170 2.15 -20.50 37.62
C ILE D 170 2.33 -22.00 37.51
N ALA D 171 1.41 -22.77 38.08
CA ALA D 171 1.53 -24.22 38.04
C ALA D 171 1.46 -24.72 36.60
N ALA D 172 0.50 -24.21 35.82
CA ALA D 172 0.36 -24.68 34.44
C ALA D 172 1.58 -24.35 33.61
N ILE D 173 2.09 -23.12 33.73
CA ILE D 173 3.23 -22.72 32.92
C ILE D 173 4.49 -23.45 33.35
N SER D 174 4.65 -23.71 34.65
CA SER D 174 5.79 -24.51 35.10
C SER D 174 5.71 -25.92 34.55
N SER D 175 4.52 -26.52 34.57
CA SER D 175 4.37 -27.86 34.00
C SER D 175 4.69 -27.87 32.52
N TYR D 176 4.22 -26.86 31.78
CA TYR D 176 4.53 -26.78 30.35
C TYR D 176 6.03 -26.61 30.13
N ILE D 177 6.69 -25.78 30.94
CA ILE D 177 8.11 -25.53 30.77
C ILE D 177 8.90 -26.81 31.06
N GLN D 178 8.43 -27.60 32.02
CA GLN D 178 9.12 -28.83 32.37
C GLN D 178 9.27 -29.75 31.16
N GLY D 179 8.29 -29.77 30.27
CA GLY D 179 8.34 -30.56 29.05
C GLY D 179 8.73 -29.79 27.81
N LEU D 180 9.01 -28.50 27.92
CA LEU D 180 9.33 -27.70 26.74
C LEU D 180 10.71 -28.01 26.22
N HIS D 181 10.83 -28.14 24.90
CA HIS D 181 12.13 -28.30 24.25
C HIS D 181 12.07 -27.78 22.82
N ALA E 24 1.14 -29.83 3.93
CA ALA E 24 2.27 -29.03 3.44
C ALA E 24 2.32 -27.70 4.19
N ILE E 25 1.21 -26.98 4.23
CA ILE E 25 1.15 -25.74 4.99
C ILE E 25 1.28 -26.04 6.47
N ALA E 26 0.63 -27.10 6.96
CA ALA E 26 0.69 -27.42 8.38
C ALA E 26 2.12 -27.70 8.82
N LYS E 27 2.86 -28.47 8.04
CA LYS E 27 4.26 -28.71 8.35
C LYS E 27 5.05 -27.42 8.32
N ARG E 28 4.77 -26.58 7.32
CA ARG E 28 5.44 -25.29 7.21
C ARG E 28 5.17 -24.39 8.41
N LEU E 29 4.01 -24.53 9.04
CA LEU E 29 3.56 -23.62 10.09
C LEU E 29 3.73 -24.21 11.49
N GLU E 30 4.45 -25.31 11.63
CA GLU E 30 4.55 -25.99 12.92
C GLU E 30 5.14 -25.03 13.96
N PRO E 31 4.56 -24.91 15.15
CA PRO E 31 5.17 -24.06 16.17
C PRO E 31 6.56 -24.54 16.56
N VAL E 32 7.43 -23.59 16.89
CA VAL E 32 8.80 -23.91 17.24
C VAL E 32 8.85 -24.71 18.54
N GLY E 33 8.13 -24.25 19.56
CA GLY E 33 8.20 -24.87 20.86
C GLY E 33 7.52 -26.23 20.88
N LYS E 34 8.27 -27.28 21.18
CA LYS E 34 7.72 -28.62 21.33
C LYS E 34 7.70 -28.98 22.81
N VAL E 35 6.55 -29.49 23.27
CA VAL E 35 6.34 -29.83 24.67
C VAL E 35 6.17 -31.34 24.77
N CYS E 36 6.94 -31.97 25.66
CA CYS E 36 6.83 -33.40 25.93
C CYS E 36 5.87 -33.60 27.08
N VAL E 37 4.82 -34.39 26.85
CA VAL E 37 3.71 -34.53 27.79
C VAL E 37 3.66 -35.96 28.30
N GLN E 38 3.23 -36.12 29.55
CA GLN E 38 3.06 -37.46 30.11
C GLN E 38 2.03 -38.24 29.32
N GLY E 39 2.37 -39.47 28.97
CA GLY E 39 1.49 -40.32 28.18
C GLY E 39 1.29 -39.80 26.77
N ASN F 1 -11.45 26.80 -40.14
CA ASN F 1 -12.28 25.60 -40.21
C ASN F 1 -12.97 25.52 -41.57
N ASP F 2 -12.84 24.37 -42.23
CA ASP F 2 -13.42 24.14 -43.55
C ASP F 2 -14.13 22.79 -43.55
N GLY F 3 -15.46 22.81 -43.58
CA GLY F 3 -16.23 21.59 -43.70
C GLY F 3 -15.99 20.59 -42.59
N VAL F 4 -16.42 20.92 -41.37
CA VAL F 4 -16.26 19.99 -40.26
C VAL F 4 -16.96 18.68 -40.59
N ASN F 5 -16.29 17.57 -40.30
CA ASN F 5 -16.84 16.24 -40.59
C ASN F 5 -17.77 15.86 -39.45
N ALA F 6 -19.06 16.13 -39.62
CA ALA F 6 -20.05 15.65 -38.67
C ALA F 6 -20.18 14.14 -38.78
N GLY F 7 -20.79 13.55 -37.75
CA GLY F 7 -20.83 12.11 -37.66
C GLY F 7 -19.54 11.58 -37.07
N ARG F 8 -18.42 11.91 -37.72
CA ARG F 8 -17.12 11.64 -37.09
C ARG F 8 -16.98 12.43 -35.79
N ARG F 9 -17.36 13.71 -35.80
CA ARG F 9 -17.38 14.47 -34.56
C ARG F 9 -18.40 13.89 -33.59
N ARG F 10 -19.60 13.57 -34.09
CA ARG F 10 -20.61 12.98 -33.23
C ARG F 10 -20.16 11.63 -32.69
N PHE F 11 -19.58 10.79 -33.55
CA PHE F 11 -19.12 9.49 -33.10
C PHE F 11 -18.02 9.63 -32.06
N LEU F 12 -17.07 10.52 -32.29
CA LEU F 12 -15.97 10.68 -31.34
C LEU F 12 -16.49 11.23 -30.02
N VAL F 13 -17.41 12.19 -30.06
CA VAL F 13 -17.98 12.72 -28.82
C VAL F 13 -18.70 11.62 -28.06
N ALA F 14 -19.51 10.83 -28.76
CA ALA F 14 -20.26 9.76 -28.09
C ALA F 14 -19.33 8.70 -27.52
N ALA F 15 -18.32 8.29 -28.28
CA ALA F 15 -17.40 7.26 -27.81
C ALA F 15 -16.59 7.75 -26.62
N THR F 16 -16.07 8.99 -26.70
CA THR F 16 -15.34 9.54 -25.57
C THR F 16 -16.23 9.67 -24.35
N SER F 17 -17.49 10.08 -24.54
CA SER F 17 -18.41 10.18 -23.41
C SER F 17 -18.68 8.83 -22.79
N VAL F 18 -18.88 7.79 -23.61
CA VAL F 18 -19.17 6.46 -23.08
C VAL F 18 -17.95 5.92 -22.33
N VAL F 19 -16.75 6.09 -22.91
CA VAL F 19 -15.55 5.60 -22.25
C VAL F 19 -15.31 6.37 -20.95
N GLY F 20 -15.55 7.68 -20.96
CA GLY F 20 -15.42 8.45 -19.75
C GLY F 20 -16.42 8.06 -18.68
N ALA F 21 -17.64 7.71 -19.10
CA ALA F 21 -18.63 7.23 -18.14
C ALA F 21 -18.20 5.89 -17.54
N ALA F 22 -17.64 5.01 -18.36
CA ALA F 22 -17.10 3.76 -17.83
C ALA F 22 -15.99 4.03 -16.82
N GLY F 23 -15.09 4.97 -17.15
CA GLY F 23 -14.06 5.34 -16.21
C GLY F 23 -14.60 5.95 -14.94
N ALA F 24 -15.69 6.73 -15.05
CA ALA F 24 -16.33 7.31 -13.88
C ALA F 24 -16.90 6.21 -13.00
N VAL F 25 -17.51 5.20 -13.60
CA VAL F 25 -18.03 4.07 -12.82
C VAL F 25 -16.87 3.35 -12.13
N GLY F 26 -15.77 3.13 -12.86
CA GLY F 26 -14.61 2.48 -12.26
C GLY F 26 -14.04 3.28 -11.10
N ALA F 27 -13.90 4.59 -11.27
CA ALA F 27 -13.39 5.45 -10.20
C ALA F 27 -14.37 5.56 -9.04
N ALA F 28 -15.66 5.32 -9.30
CA ALA F 28 -16.64 5.26 -8.23
C ALA F 28 -16.55 3.94 -7.48
N VAL F 29 -16.07 2.88 -8.14
CA VAL F 29 -16.01 1.57 -7.50
C VAL F 29 -15.29 1.62 -6.15
N PRO F 30 -14.13 2.25 -6.02
CA PRO F 30 -13.52 2.34 -4.68
C PRO F 30 -14.43 2.99 -3.64
N PHE F 31 -15.10 4.09 -4.01
CA PHE F 31 -15.89 4.84 -3.04
C PHE F 31 -17.15 4.07 -2.63
N VAL F 32 -17.83 3.46 -3.59
CA VAL F 32 -19.02 2.68 -3.26
C VAL F 32 -18.62 1.40 -2.51
N GLY F 33 -17.52 0.77 -2.93
CA GLY F 33 -17.09 -0.46 -2.30
C GLY F 33 -16.62 -0.27 -0.87
N SER F 34 -16.00 0.86 -0.57
CA SER F 34 -15.51 1.10 0.78
C SER F 34 -16.65 1.21 1.79
N TRP F 35 -17.90 1.35 1.31
CA TRP F 35 -19.03 1.46 2.20
C TRP F 35 -19.61 0.12 2.61
N PHE F 36 -19.19 -0.97 1.97
CA PHE F 36 -19.62 -2.29 2.41
C PHE F 36 -18.91 -2.65 3.72
N PRO F 37 -19.47 -3.58 4.49
CA PRO F 37 -18.86 -3.93 5.78
C PRO F 37 -17.38 -4.27 5.65
N SER F 38 -16.55 -3.63 6.48
CA SER F 38 -15.10 -3.80 6.41
C SER F 38 -14.69 -5.01 7.24
N ALA F 39 -13.39 -5.23 7.36
CA ALA F 39 -12.90 -6.32 8.20
C ALA F 39 -13.21 -6.06 9.67
N LYS F 40 -13.27 -4.79 10.08
CA LYS F 40 -13.72 -4.47 11.43
C LYS F 40 -15.14 -4.95 11.66
N ALA F 41 -16.03 -4.69 10.69
CA ALA F 41 -17.43 -5.08 10.85
C ALA F 41 -17.60 -6.59 10.82
N LYS F 42 -16.80 -7.28 10.01
CA LYS F 42 -16.96 -8.70 9.78
C LYS F 42 -16.42 -9.56 10.92
N ALA F 43 -16.12 -8.98 12.07
CA ALA F 43 -15.62 -9.76 13.20
C ALA F 43 -16.62 -10.82 13.65
N ALA F 44 -17.91 -10.63 13.37
CA ALA F 44 -18.92 -11.61 13.72
C ALA F 44 -19.01 -11.81 15.23
N GLY F 45 -19.68 -12.86 15.66
CA GLY F 45 -19.84 -13.13 17.08
C GLY F 45 -20.02 -14.60 17.34
N ALA F 46 -19.66 -15.02 18.54
CA ALA F 46 -19.73 -16.41 18.96
C ALA F 46 -20.96 -16.64 19.82
N PRO F 47 -21.41 -17.89 19.93
CA PRO F 47 -22.60 -18.16 20.76
C PRO F 47 -22.36 -17.80 22.21
N VAL F 48 -23.44 -17.37 22.87
CA VAL F 48 -23.39 -16.88 24.24
C VAL F 48 -24.16 -17.87 25.12
N GLN F 49 -23.52 -18.30 26.21
CA GLN F 49 -24.12 -19.23 27.15
C GLN F 49 -24.74 -18.44 28.29
N VAL F 50 -26.05 -18.64 28.52
CA VAL F 50 -26.82 -17.85 29.48
C VAL F 50 -27.44 -18.81 30.49
N ASN F 51 -27.26 -18.50 31.77
CA ASN F 51 -27.87 -19.27 32.85
C ASN F 51 -29.26 -18.71 33.12
N VAL F 52 -30.30 -19.52 32.86
CA VAL F 52 -31.69 -19.06 32.89
C VAL F 52 -32.43 -19.60 34.10
N GLY F 53 -31.74 -20.28 35.02
CA GLY F 53 -32.41 -20.81 36.19
C GLY F 53 -32.76 -19.77 37.24
N LYS F 54 -32.13 -18.61 37.19
CA LYS F 54 -32.32 -17.57 38.19
C LYS F 54 -33.35 -16.53 37.78
N ILE F 55 -34.00 -16.69 36.63
CA ILE F 55 -35.01 -15.74 36.18
C ILE F 55 -36.28 -15.98 36.99
N ASP F 56 -36.74 -14.96 37.69
CA ASP F 56 -37.93 -15.08 38.51
C ASP F 56 -39.17 -15.17 37.63
N PRO F 57 -40.27 -15.68 38.16
CA PRO F 57 -41.48 -15.81 37.33
C PRO F 57 -41.91 -14.48 36.73
N GLY F 58 -42.30 -14.52 35.46
CA GLY F 58 -42.80 -13.33 34.79
C GLY F 58 -41.75 -12.28 34.56
N GLN F 59 -40.47 -12.64 34.56
CA GLN F 59 -39.38 -11.70 34.39
C GLN F 59 -38.57 -12.07 33.15
N GLN F 60 -37.69 -11.16 32.77
CA GLN F 60 -36.91 -11.29 31.55
C GLN F 60 -35.51 -10.75 31.78
N ILE F 61 -34.54 -11.33 31.06
CA ILE F 61 -33.16 -10.88 31.07
C ILE F 61 -32.71 -10.64 29.64
N ILE F 62 -31.71 -9.79 29.49
CA ILE F 62 -31.14 -9.43 28.19
C ILE F 62 -29.82 -10.18 28.04
N ALA F 63 -29.68 -10.93 26.96
CA ALA F 63 -28.43 -11.56 26.59
C ALA F 63 -27.86 -10.90 25.36
N GLU F 64 -26.57 -10.56 25.40
CA GLU F 64 -25.90 -9.91 24.28
C GLU F 64 -25.44 -11.00 23.32
N TRP F 65 -26.11 -11.13 22.18
CA TRP F 65 -25.79 -12.14 21.18
C TRP F 65 -25.54 -11.46 19.85
N ARG F 66 -24.30 -11.51 19.37
CA ARG F 66 -23.94 -10.97 18.06
C ARG F 66 -24.34 -9.50 17.94
N GLY F 67 -24.16 -8.76 19.03
CA GLY F 67 -24.47 -7.35 19.04
C GLY F 67 -25.94 -7.02 19.21
N LYS F 68 -26.80 -8.01 19.38
CA LYS F 68 -28.22 -7.81 19.51
C LYS F 68 -28.69 -8.22 20.89
N PRO F 69 -29.78 -7.62 21.39
CA PRO F 69 -30.35 -8.06 22.66
C PRO F 69 -31.32 -9.21 22.45
N VAL F 70 -31.16 -10.24 23.27
CA VAL F 70 -32.04 -11.41 23.26
C VAL F 70 -32.83 -11.39 24.56
N PHE F 71 -34.15 -11.30 24.43
CA PHE F 71 -35.05 -11.39 25.58
C PHE F 71 -35.18 -12.86 25.96
N ILE F 72 -34.70 -13.21 27.14
CA ILE F 72 -34.92 -14.53 27.72
C ILE F 72 -35.89 -14.32 28.87
N VAL F 73 -37.15 -14.71 28.66
CA VAL F 73 -38.22 -14.44 29.60
C VAL F 73 -38.71 -15.76 30.17
N HIS F 74 -38.76 -15.86 31.49
CA HIS F 74 -39.27 -17.04 32.19
C HIS F 74 -40.78 -16.88 32.30
N ARG F 75 -41.51 -17.57 31.43
CA ARG F 75 -42.95 -17.37 31.34
C ARG F 75 -43.68 -18.16 32.42
N THR F 76 -44.52 -17.45 33.18
CA THR F 76 -45.37 -18.07 34.16
C THR F 76 -46.54 -18.76 33.46
N LYS F 77 -47.36 -19.47 34.23
CA LYS F 77 -48.46 -20.21 33.64
C LYS F 77 -49.50 -19.26 33.05
N GLU F 78 -49.96 -18.28 33.84
CA GLU F 78 -51.10 -17.47 33.42
C GLU F 78 -50.90 -16.88 32.03
N MET F 79 -49.68 -16.41 31.73
CA MET F 79 -49.45 -15.83 30.42
C MET F 79 -49.40 -16.90 29.34
N LEU F 80 -48.97 -18.12 29.70
CA LEU F 80 -49.02 -19.23 28.74
C LEU F 80 -50.46 -19.57 28.39
N ASP F 81 -51.36 -19.58 29.37
CA ASP F 81 -52.77 -19.81 29.06
C ASP F 81 -53.35 -18.64 28.27
N ALA F 82 -52.92 -17.41 28.58
CA ALA F 82 -53.43 -16.24 27.86
C ALA F 82 -52.96 -16.21 26.41
N LEU F 83 -51.77 -16.74 26.12
CA LEU F 83 -51.23 -16.63 24.77
C LEU F 83 -52.17 -17.22 23.72
N PRO F 84 -52.71 -18.43 23.87
CA PRO F 84 -53.66 -18.93 22.88
C PRO F 84 -54.89 -18.05 22.73
N SER F 85 -55.25 -17.29 23.77
CA SER F 85 -56.42 -16.41 23.69
C SER F 85 -56.17 -15.19 22.81
N LEU F 86 -54.93 -14.94 22.40
CA LEU F 86 -54.58 -13.77 21.60
C LEU F 86 -54.51 -14.06 20.11
N GLU F 87 -54.74 -15.30 19.68
CA GLU F 87 -54.49 -15.67 18.29
C GLU F 87 -55.31 -14.84 17.31
N GLY F 88 -56.45 -14.30 17.74
CA GLY F 88 -57.27 -13.49 16.86
C GLY F 88 -56.74 -12.09 16.62
N GLN F 89 -55.72 -11.68 17.38
CA GLN F 89 -55.13 -10.34 17.34
C GLN F 89 -53.75 -10.36 16.68
N LEU F 90 -53.27 -11.52 16.22
CA LEU F 90 -51.89 -11.70 15.79
C LEU F 90 -51.85 -11.92 14.28
N ALA F 91 -50.94 -11.20 13.61
CA ALA F 91 -50.83 -11.34 12.15
C ALA F 91 -50.39 -12.73 11.75
N ASP F 92 -49.43 -13.30 12.46
CA ASP F 92 -48.86 -14.62 12.14
C ASP F 92 -48.84 -15.47 13.40
N PRO F 93 -50.00 -15.91 13.88
CA PRO F 93 -50.03 -16.72 15.12
C PRO F 93 -49.24 -18.00 15.01
N ASP F 94 -49.18 -18.63 13.84
CA ASP F 94 -48.46 -19.88 13.65
C ASP F 94 -47.03 -19.66 13.18
N SER F 95 -46.57 -18.42 13.09
CA SER F 95 -45.20 -18.12 12.72
C SER F 95 -44.85 -18.68 11.34
N LYS F 96 -45.81 -18.63 10.43
CA LYS F 96 -45.59 -19.13 9.08
C LYS F 96 -44.62 -18.25 8.31
N ALA F 97 -44.64 -16.95 8.57
CA ALA F 97 -43.84 -15.98 7.82
C ALA F 97 -42.67 -15.40 8.61
N SER F 98 -42.51 -15.78 9.87
CA SER F 98 -41.45 -15.23 10.70
C SER F 98 -40.20 -16.09 10.60
N GLU F 99 -39.13 -15.64 11.25
CA GLU F 99 -37.85 -16.35 11.27
C GLU F 99 -37.66 -16.98 12.65
N GLN F 100 -37.55 -18.31 12.68
CA GLN F 100 -37.37 -19.03 13.93
C GLN F 100 -36.77 -20.40 13.66
N PRO F 101 -36.15 -21.03 14.65
CA PRO F 101 -35.62 -22.39 14.42
C PRO F 101 -36.74 -23.37 14.10
N GLU F 102 -36.42 -24.35 13.26
CA GLU F 102 -37.39 -25.34 12.85
C GLU F 102 -37.88 -26.19 14.01
N TYR F 103 -37.19 -26.20 15.14
CA TYR F 103 -37.48 -27.10 16.25
C TYR F 103 -38.25 -26.42 17.39
N VAL F 104 -38.59 -25.14 17.27
CA VAL F 104 -39.34 -24.46 18.32
C VAL F 104 -40.83 -24.61 18.03
N ASP F 105 -41.63 -24.45 19.07
CA ASP F 105 -43.07 -24.59 18.93
C ASP F 105 -43.60 -23.50 18.01
N PRO F 106 -44.40 -23.84 16.99
CA PRO F 106 -44.87 -22.79 16.07
C PRO F 106 -45.62 -21.67 16.78
N LYS F 107 -46.36 -21.99 17.84
CA LYS F 107 -47.16 -20.99 18.53
C LYS F 107 -46.40 -20.33 19.67
N LEU F 108 -45.83 -21.11 20.58
CA LEU F 108 -45.03 -20.55 21.66
C LEU F 108 -43.67 -20.05 21.20
N ARG F 109 -43.17 -20.54 20.06
CA ARG F 109 -41.92 -20.07 19.49
C ARG F 109 -40.76 -20.23 20.47
N SER F 110 -40.75 -21.36 21.17
CA SER F 110 -39.67 -21.67 22.10
C SER F 110 -39.54 -23.18 22.22
N ILE F 111 -38.36 -23.63 22.64
CA ILE F 111 -38.13 -25.06 22.84
C ILE F 111 -39.01 -25.58 23.97
N LYS F 112 -39.08 -24.83 25.08
CA LYS F 112 -39.91 -25.20 26.21
C LYS F 112 -40.88 -24.06 26.51
N PRO F 113 -42.16 -24.35 26.80
CA PRO F 113 -43.12 -23.25 26.99
C PRO F 113 -42.75 -22.27 28.09
N GLU F 114 -42.19 -22.74 29.19
CA GLU F 114 -41.98 -21.86 30.35
C GLU F 114 -40.88 -20.85 30.12
N LEU F 115 -40.06 -21.00 29.09
CA LEU F 115 -39.00 -20.05 28.77
C LEU F 115 -39.10 -19.66 27.30
N ALA F 116 -39.01 -18.36 27.02
CA ALA F 116 -39.04 -17.85 25.65
C ALA F 116 -37.75 -17.08 25.39
N VAL F 117 -37.05 -17.47 24.33
CA VAL F 117 -35.82 -16.80 23.90
C VAL F 117 -36.14 -16.14 22.56
N ILE F 118 -36.13 -14.81 22.54
CA ILE F 118 -36.58 -14.03 21.38
C ILE F 118 -35.48 -13.03 21.03
N VAL F 119 -35.16 -12.93 19.75
CA VAL F 119 -34.24 -11.88 19.31
C VAL F 119 -34.96 -10.54 19.51
N GLY F 120 -34.53 -9.79 20.52
CA GLY F 120 -35.23 -8.59 20.92
C GLY F 120 -34.98 -7.40 20.02
N ILE F 121 -35.36 -7.53 18.75
CA ILE F 121 -35.27 -6.43 17.79
C ILE F 121 -36.59 -6.37 17.04
N CYS F 122 -37.25 -5.21 17.10
CA CYS F 122 -38.54 -5.07 16.42
C CYS F 122 -38.39 -5.28 14.92
N THR F 123 -39.34 -5.98 14.33
CA THR F 123 -39.30 -6.32 12.91
C THR F 123 -39.65 -5.14 12.02
N HIS F 124 -40.01 -3.99 12.58
CA HIS F 124 -40.24 -2.76 11.83
C HIS F 124 -39.21 -1.73 12.28
N LEU F 125 -38.18 -1.55 11.46
CA LEU F 125 -37.12 -0.56 11.64
C LEU F 125 -36.16 -0.93 12.76
N GLY F 126 -36.33 -2.08 13.41
CA GLY F 126 -35.27 -2.67 14.21
C GLY F 126 -34.88 -1.98 15.50
N CYS F 127 -35.76 -1.98 16.50
CA CYS F 127 -35.41 -1.56 17.85
C CYS F 127 -35.98 -2.54 18.85
N SER F 128 -35.27 -2.70 19.97
CA SER F 128 -35.67 -3.65 20.98
C SER F 128 -36.96 -3.17 21.65
N PRO F 129 -38.06 -3.92 21.57
CA PRO F 129 -39.29 -3.49 22.23
C PRO F 129 -39.18 -3.52 23.75
N THR F 130 -39.96 -2.67 24.39
CA THR F 130 -40.02 -2.64 25.85
C THR F 130 -40.84 -3.81 26.36
N PHE F 131 -40.33 -4.51 27.36
CA PHE F 131 -41.02 -5.66 27.94
C PHE F 131 -42.11 -5.18 28.89
N ARG F 132 -43.35 -5.55 28.60
CA ARG F 132 -44.51 -5.10 29.37
C ARG F 132 -45.31 -6.34 29.77
N PRO F 133 -44.86 -7.05 30.81
CA PRO F 133 -45.59 -8.26 31.25
C PRO F 133 -46.89 -7.98 31.97
N GLU F 134 -47.14 -6.74 32.38
CA GLU F 134 -48.36 -6.40 33.12
C GLU F 134 -49.59 -6.84 32.32
N VAL F 135 -50.71 -7.04 33.00
CA VAL F 135 -51.89 -7.58 32.34
C VAL F 135 -52.61 -6.50 31.55
N ALA F 136 -53.13 -5.48 32.23
CA ALA F 136 -53.94 -4.44 31.60
C ALA F 136 -53.44 -3.06 32.01
N PRO F 137 -52.31 -2.62 31.44
CA PRO F 137 -51.88 -1.24 31.67
C PRO F 137 -52.85 -0.24 31.08
N ALA F 138 -52.90 0.95 31.69
CA ALA F 138 -53.77 2.01 31.19
C ALA F 138 -53.36 2.42 29.78
N ASP F 139 -52.05 2.56 29.55
CA ASP F 139 -51.57 3.00 28.24
C ASP F 139 -51.72 1.92 27.18
N LEU F 140 -51.55 0.65 27.54
CA LEU F 140 -51.58 -0.44 26.57
C LEU F 140 -52.98 -1.02 26.38
N GLY F 141 -53.99 -0.47 27.05
CA GLY F 141 -55.36 -0.88 26.84
C GLY F 141 -55.79 -2.02 27.72
N PRO F 142 -57.11 -2.23 27.84
CA PRO F 142 -57.61 -3.32 28.68
C PRO F 142 -57.46 -4.70 28.06
N ASP F 143 -57.37 -4.80 26.74
CA ASP F 143 -57.21 -6.09 26.07
C ASP F 143 -55.78 -6.61 26.15
N TRP F 144 -54.84 -5.82 26.67
CA TRP F 144 -53.43 -6.26 26.79
C TRP F 144 -53.41 -7.47 27.70
N LYS F 145 -52.49 -8.41 27.46
CA LYS F 145 -52.29 -9.58 28.30
C LYS F 145 -50.80 -9.81 28.57
N GLY F 146 -49.98 -8.78 28.48
CA GLY F 146 -48.54 -8.94 28.59
C GLY F 146 -47.89 -9.20 27.25
N GLY F 147 -46.68 -8.73 27.10
CA GLY F 147 -45.94 -8.92 25.88
C GLY F 147 -44.86 -7.86 25.72
N TYR F 148 -44.80 -7.29 24.52
CA TYR F 148 -43.78 -6.31 24.19
C TYR F 148 -44.42 -5.14 23.45
N PHE F 149 -43.87 -3.95 23.70
CA PHE F 149 -44.38 -2.71 23.13
C PHE F 149 -43.19 -1.90 22.64
N CYS F 150 -43.06 -1.77 21.33
CA CYS F 150 -41.93 -1.03 20.77
C CYS F 150 -42.10 0.45 21.08
N PRO F 151 -41.09 1.09 21.69
CA PRO F 151 -41.25 2.52 22.04
C PRO F 151 -41.05 3.46 20.87
N CYS F 152 -40.68 2.96 19.69
CA CYS F 152 -40.49 3.82 18.52
C CYS F 152 -41.81 4.18 17.88
N HIS F 153 -42.56 3.18 17.44
CA HIS F 153 -43.83 3.39 16.75
C HIS F 153 -44.94 2.51 17.32
N GLY F 154 -44.75 1.98 18.52
CA GLY F 154 -45.86 1.39 19.24
C GLY F 154 -46.26 0.09 18.60
N SER F 155 -45.36 -0.87 18.56
CA SER F 155 -45.58 -2.17 17.90
C SER F 155 -45.87 -3.20 18.99
N HIS F 156 -47.06 -3.76 19.01
CA HIS F 156 -47.48 -4.74 20.03
C HIS F 156 -47.03 -6.13 19.62
N TYR F 157 -46.26 -6.82 20.46
CA TYR F 157 -46.04 -8.26 20.35
C TYR F 157 -46.54 -8.92 21.62
N ASP F 158 -47.01 -10.16 21.48
CA ASP F 158 -47.34 -10.97 22.65
C ASP F 158 -46.06 -11.57 23.23
N LEU F 159 -46.20 -12.28 24.35
CA LEU F 159 -45.03 -12.81 25.05
C LEU F 159 -44.35 -13.93 24.29
N ALA F 160 -44.95 -14.46 23.24
CA ALA F 160 -44.30 -15.41 22.35
C ALA F 160 -43.47 -14.72 21.27
N GLY F 161 -43.45 -13.39 21.26
CA GLY F 161 -42.77 -12.65 20.22
C GLY F 161 -43.59 -12.45 18.96
N ARG F 162 -44.85 -12.87 18.95
CA ARG F 162 -45.69 -12.75 17.77
C ARG F 162 -46.28 -11.35 17.71
N VAL F 163 -46.20 -10.75 16.53
CA VAL F 163 -46.68 -9.38 16.26
C VAL F 163 -48.19 -9.38 16.27
N TYR F 164 -48.83 -8.32 16.77
CA TYR F 164 -50.29 -8.12 16.68
C TYR F 164 -50.58 -7.65 15.25
N LYS F 165 -51.84 -7.67 14.83
CA LYS F 165 -52.24 -7.19 13.49
C LYS F 165 -52.22 -5.66 13.46
N GLY F 166 -52.29 -5.03 12.29
CA GLY F 166 -52.38 -3.57 12.16
C GLY F 166 -51.27 -2.87 12.88
N GLN F 167 -50.06 -3.37 12.73
CA GLN F 167 -48.90 -2.90 13.50
C GLN F 167 -47.77 -2.51 12.57
N PRO F 168 -47.00 -1.44 12.82
CA PRO F 168 -45.81 -1.16 12.00
C PRO F 168 -44.97 -2.43 11.72
N ALA F 169 -44.71 -3.29 12.72
CA ALA F 169 -43.98 -4.54 12.63
C ALA F 169 -44.77 -5.55 11.80
N PRO F 170 -44.22 -6.08 10.70
CA PRO F 170 -44.99 -7.04 9.89
C PRO F 170 -44.77 -8.48 10.32
N LEU F 171 -43.69 -8.74 11.06
CA LEU F 171 -43.27 -10.10 11.37
C LEU F 171 -43.13 -10.27 12.88
N ASN F 172 -43.23 -11.53 13.31
CA ASN F 172 -42.95 -11.87 14.69
C ASN F 172 -41.46 -11.66 15.00
N LEU F 173 -41.17 -11.36 16.25
CA LEU F 173 -39.79 -11.14 16.65
C LEU F 173 -38.98 -12.40 16.37
N PRO F 174 -37.80 -12.29 15.74
CA PRO F 174 -37.05 -13.50 15.41
C PRO F 174 -36.66 -14.29 16.64
N ILE F 175 -36.71 -15.61 16.51
CA ILE F 175 -36.24 -16.53 17.54
C ILE F 175 -34.83 -16.96 17.19
N PRO F 176 -33.83 -16.72 18.05
CA PRO F 176 -32.47 -17.07 17.68
C PRO F 176 -32.28 -18.58 17.74
N PRO F 177 -31.30 -19.12 17.00
CA PRO F 177 -30.97 -20.54 17.17
C PRO F 177 -30.31 -20.81 18.50
N TYR F 178 -31.01 -21.50 19.40
CA TYR F 178 -30.52 -21.74 20.75
C TYR F 178 -30.90 -23.14 21.20
N THR F 179 -30.16 -23.64 22.19
CA THR F 179 -30.42 -24.96 22.75
C THR F 179 -30.40 -24.84 24.27
N PHE F 180 -30.78 -25.94 24.92
CA PHE F 180 -30.69 -26.04 26.38
C PHE F 180 -29.53 -26.98 26.72
N ASP F 181 -28.37 -26.39 26.99
CA ASP F 181 -27.23 -27.19 27.43
C ASP F 181 -27.55 -27.90 28.74
N ALA F 182 -28.38 -27.30 29.58
CA ALA F 182 -28.82 -27.89 30.83
C ALA F 182 -30.18 -27.33 31.18
N ASP F 183 -30.86 -28.01 32.10
CA ASP F 183 -32.22 -27.61 32.47
C ASP F 183 -32.31 -26.12 32.77
N ASP F 184 -31.21 -25.50 33.20
CA ASP F 184 -31.20 -24.10 33.58
C ASP F 184 -30.19 -23.27 32.80
N VAL F 185 -29.56 -23.83 31.77
CA VAL F 185 -28.54 -23.14 30.99
C VAL F 185 -28.82 -23.34 29.51
N ILE F 186 -28.92 -22.24 28.78
CA ILE F 186 -29.12 -22.27 27.33
C ILE F 186 -27.88 -21.69 26.66
N THR F 187 -27.78 -21.93 25.35
CA THR F 187 -26.75 -21.31 24.52
C THR F 187 -27.42 -20.75 23.29
N ILE F 188 -27.17 -19.47 23.01
CA ILE F 188 -27.73 -18.78 21.86
C ILE F 188 -26.65 -18.70 20.78
N GLY F 189 -26.96 -19.25 19.60
CA GLY F 189 -26.04 -19.22 18.49
C GLY F 189 -25.81 -20.57 17.85
N VAL F 190 -26.21 -21.64 18.53
CA VAL F 190 -26.03 -23.00 18.05
C VAL F 190 -27.39 -23.69 18.01
N ASP F 191 -27.65 -24.41 16.93
CA ASP F 191 -28.92 -25.11 16.77
C ASP F 191 -29.01 -26.28 17.74
N GLN F 192 -30.25 -26.68 18.02
CA GLN F 192 -30.49 -27.82 18.89
C GLN F 192 -30.46 -29.11 18.08
N GLU F 193 -29.98 -30.18 18.71
CA GLU F 193 -29.87 -31.46 18.04
C GLU F 193 -31.25 -32.00 17.69
N LYS F 194 -31.32 -32.69 16.56
CA LYS F 194 -32.58 -33.26 16.07
C LYS F 194 -32.87 -34.57 16.78
N MET G 1 -12.09 53.08 -0.80
CA MET G 1 -11.40 54.18 -1.52
C MET G 1 -11.83 54.24 -2.98
N ASN G 2 -11.86 55.43 -3.54
CA ASN G 2 -12.27 55.59 -4.94
C ASN G 2 -11.25 54.96 -5.88
N LYS G 3 -9.96 55.28 -5.69
CA LYS G 3 -8.94 54.73 -6.56
C LYS G 3 -8.83 53.22 -6.38
N PHE G 4 -8.89 52.74 -5.14
CA PHE G 4 -8.81 51.30 -4.89
C PHE G 4 -9.98 50.56 -5.53
N MET G 5 -11.19 51.12 -5.41
CA MET G 5 -12.34 50.48 -6.02
C MET G 5 -12.28 50.54 -7.55
N ALA G 6 -11.73 51.62 -8.10
CA ALA G 6 -11.53 51.67 -9.54
C ALA G 6 -10.54 50.59 -9.99
N TRP G 7 -9.47 50.40 -9.23
CA TRP G 7 -8.51 49.34 -9.53
C TRP G 7 -9.16 47.97 -9.46
N VAL G 8 -9.96 47.72 -8.42
CA VAL G 8 -10.60 46.43 -8.27
C VAL G 8 -11.61 46.19 -9.39
N ASP G 9 -12.39 47.21 -9.73
CA ASP G 9 -13.49 47.02 -10.67
C ASP G 9 -13.00 46.71 -12.07
N ALA G 10 -11.83 47.22 -12.44
CA ALA G 10 -11.23 46.86 -13.71
C ALA G 10 -10.73 45.42 -13.72
N ARG G 11 -10.58 44.80 -12.55
CA ARG G 11 -10.07 43.45 -12.45
C ARG G 11 -11.05 42.47 -11.82
N PHE G 12 -12.06 42.95 -11.11
CA PHE G 12 -13.03 42.09 -10.46
C PHE G 12 -14.42 42.67 -10.69
N PRO G 13 -15.45 41.82 -10.76
CA PRO G 13 -16.84 42.31 -10.79
C PRO G 13 -17.35 42.69 -9.41
N ALA G 14 -16.59 43.53 -8.71
CA ALA G 14 -16.97 43.89 -7.35
C ALA G 14 -18.18 44.81 -7.33
N THR G 15 -18.05 46.01 -7.92
CA THR G 15 -19.15 46.96 -7.88
C THR G 15 -20.34 46.47 -8.69
N LYS G 16 -20.10 45.80 -9.82
CA LYS G 16 -21.21 45.33 -10.63
C LYS G 16 -22.03 44.29 -9.86
N MET G 17 -21.36 43.36 -9.19
CA MET G 17 -22.08 42.37 -8.38
C MET G 17 -22.80 43.05 -7.23
N TRP G 18 -22.14 44.01 -6.56
CA TRP G 18 -22.78 44.70 -5.45
C TRP G 18 -24.04 45.43 -5.90
N GLU G 19 -24.01 46.03 -7.09
CA GLU G 19 -25.14 46.80 -7.61
C GLU G 19 -26.16 45.92 -8.33
N ASP G 20 -25.82 44.68 -8.63
CA ASP G 20 -26.80 43.75 -9.22
C ASP G 20 -27.52 42.94 -8.16
N HIS G 21 -26.87 42.63 -7.05
CA HIS G 21 -27.42 41.73 -6.04
C HIS G 21 -27.93 42.44 -4.79
N LEU G 22 -27.17 43.40 -4.26
CA LEU G 22 -27.51 44.03 -2.99
C LEU G 22 -27.97 45.47 -3.16
N SER G 23 -27.13 46.32 -3.74
CA SER G 23 -27.53 47.67 -4.09
C SER G 23 -28.12 47.68 -5.49
N LYS G 24 -28.97 48.67 -5.75
CA LYS G 24 -29.63 48.80 -7.05
C LYS G 24 -30.42 47.54 -7.41
N TYR G 25 -30.66 46.66 -6.44
CA TYR G 25 -31.51 45.49 -6.61
C TYR G 25 -32.80 45.79 -5.85
N TYR G 26 -33.87 46.03 -6.59
CA TYR G 26 -35.09 46.64 -6.05
C TYR G 26 -36.07 45.55 -5.68
N ALA G 27 -36.18 45.28 -4.39
CA ALA G 27 -37.12 44.33 -3.85
C ALA G 27 -38.42 45.03 -3.47
N PRO G 28 -39.53 44.30 -3.40
CA PRO G 28 -40.78 44.92 -2.96
C PRO G 28 -40.61 45.56 -1.58
N LYS G 29 -41.23 46.73 -1.40
CA LYS G 29 -41.06 47.50 -0.18
C LYS G 29 -41.96 47.03 0.95
N ASN G 30 -42.85 46.08 0.71
CA ASN G 30 -43.85 45.66 1.69
C ASN G 30 -43.50 44.32 2.33
N PHE G 31 -42.22 43.95 2.36
CA PHE G 31 -41.80 42.78 3.12
C PHE G 31 -42.19 42.96 4.58
N ASN G 32 -42.73 41.90 5.17
CA ASN G 32 -43.17 41.92 6.55
C ASN G 32 -42.39 40.88 7.36
N PHE G 33 -42.85 40.64 8.58
CA PHE G 33 -42.23 39.69 9.50
C PHE G 33 -41.78 38.41 8.80
N TRP G 34 -42.58 37.91 7.86
CA TRP G 34 -42.30 36.62 7.25
C TRP G 34 -41.11 36.63 6.29
N TYR G 35 -40.58 37.81 5.95
CA TYR G 35 -39.46 37.90 5.02
C TYR G 35 -38.12 38.09 5.74
N PHE G 36 -38.10 37.97 7.07
CA PHE G 36 -36.85 38.00 7.82
C PHE G 36 -36.09 36.70 7.74
N PHE G 37 -36.74 35.61 7.36
CA PHE G 37 -36.24 34.28 7.65
C PHE G 37 -35.26 33.74 6.62
N GLY G 38 -35.17 34.34 5.44
CA GLY G 38 -34.08 33.96 4.54
C GLY G 38 -32.73 34.41 5.05
N SER G 39 -32.64 35.67 5.48
CA SER G 39 -31.42 36.16 6.08
C SER G 39 -31.11 35.43 7.38
N LEU G 40 -32.14 35.14 8.18
CA LEU G 40 -31.92 34.41 9.42
C LEU G 40 -31.45 32.98 9.14
N ALA G 41 -31.99 32.35 8.09
CA ALA G 41 -31.50 31.03 7.70
C ALA G 41 -30.05 31.11 7.27
N LEU G 42 -29.67 32.15 6.53
CA LEU G 42 -28.27 32.34 6.17
C LEU G 42 -27.39 32.47 7.41
N LEU G 43 -27.85 33.28 8.38
CA LEU G 43 -27.08 33.47 9.61
C LEU G 43 -26.96 32.17 10.38
N VAL G 44 -28.04 31.39 10.47
CA VAL G 44 -27.98 30.13 11.20
C VAL G 44 -27.09 29.14 10.48
N LEU G 45 -27.07 29.15 9.15
CA LEU G 45 -26.15 28.29 8.43
C LEU G 45 -24.70 28.66 8.72
N VAL G 46 -24.41 29.97 8.74
CA VAL G 46 -23.06 30.41 9.07
C VAL G 46 -22.69 29.99 10.48
N ASN G 47 -23.63 30.16 11.43
CA ASN G 47 -23.38 29.76 12.81
C ASN G 47 -23.13 28.26 12.90
N GLN G 48 -23.93 27.46 12.19
CA GLN G 48 -23.73 26.02 12.21
C GLN G 48 -22.36 25.67 11.66
N ILE G 49 -21.95 26.30 10.56
CA ILE G 49 -20.65 25.97 9.98
C ILE G 49 -19.54 26.32 10.95
N LEU G 50 -19.59 27.51 11.53
CA LEU G 50 -18.50 27.94 12.42
C LEU G 50 -18.45 27.10 13.69
N THR G 51 -19.60 26.95 14.37
CA THR G 51 -19.63 26.17 15.59
C THR G 51 -19.28 24.71 15.33
N GLY G 52 -19.71 24.15 14.20
CA GLY G 52 -19.36 22.78 13.87
C GLY G 52 -17.89 22.62 13.56
N ILE G 53 -17.29 23.62 12.92
CA ILE G 53 -15.84 23.57 12.71
C ILE G 53 -15.12 23.56 14.05
N TRP G 54 -15.57 24.38 14.99
CA TRP G 54 -14.91 24.40 16.29
C TRP G 54 -15.18 23.14 17.10
N LEU G 55 -16.36 22.55 16.95
CA LEU G 55 -16.65 21.27 17.60
C LEU G 55 -15.81 20.15 17.02
N THR G 56 -15.58 20.17 15.72
CA THR G 56 -14.78 19.14 15.06
C THR G 56 -13.34 19.15 15.55
N MET G 57 -12.85 20.29 16.07
CA MET G 57 -11.50 20.35 16.64
C MET G 57 -11.39 19.57 17.94
N SER G 58 -12.51 19.19 18.55
CA SER G 58 -12.51 18.46 19.81
C SER G 58 -13.38 17.22 19.79
N PHE G 59 -14.12 16.96 18.72
CA PHE G 59 -14.97 15.78 18.64
C PHE G 59 -14.16 14.59 18.14
N THR G 60 -14.48 13.41 18.67
CA THR G 60 -13.85 12.17 18.26
C THR G 60 -14.91 11.26 17.64
N PRO G 61 -14.98 11.18 16.31
CA PRO G 61 -16.03 10.36 15.68
C PRO G 61 -15.76 8.86 15.77
N SER G 62 -15.67 8.35 17.00
CA SER G 62 -15.56 6.92 17.25
C SER G 62 -16.59 6.55 18.30
N ALA G 63 -17.15 5.35 18.18
CA ALA G 63 -18.14 4.90 19.15
C ALA G 63 -17.58 4.89 20.56
N GLU G 64 -16.27 4.73 20.70
CA GLU G 64 -15.64 4.69 22.02
C GLU G 64 -15.51 6.08 22.63
N GLU G 65 -15.38 7.12 21.81
CA GLU G 65 -15.00 8.44 22.30
C GLU G 65 -15.95 9.57 21.89
N ALA G 66 -16.97 9.29 21.09
CA ALA G 66 -17.85 10.37 20.63
C ALA G 66 -18.55 11.04 21.80
N PHE G 67 -19.22 10.24 22.64
CA PHE G 67 -19.88 10.79 23.81
C PHE G 67 -18.87 11.44 24.75
N ALA G 68 -17.75 10.76 24.98
CA ALA G 68 -16.71 11.31 25.84
C ALA G 68 -16.14 12.59 25.25
N SER G 69 -15.96 12.66 23.93
CA SER G 69 -15.45 13.89 23.32
C SER G 69 -16.46 15.03 23.43
N VAL G 70 -17.75 14.71 23.33
CA VAL G 70 -18.77 15.75 23.52
C VAL G 70 -18.69 16.30 24.94
N GLU G 71 -18.57 15.40 25.94
CA GLU G 71 -18.43 15.88 27.31
C GLU G 71 -17.13 16.64 27.50
N TYR G 72 -16.07 16.24 26.80
CA TYR G 72 -14.81 16.97 26.83
C TYR G 72 -15.01 18.40 26.32
N ILE G 73 -15.80 18.55 25.26
CA ILE G 73 -16.15 19.88 24.78
C ILE G 73 -16.92 20.66 25.84
N MET G 74 -17.89 20.00 26.47
CA MET G 74 -18.73 20.66 27.46
C MET G 74 -17.96 21.08 28.71
N ARG G 75 -16.89 20.38 29.05
CA ARG G 75 -16.28 20.55 30.37
C ARG G 75 -14.84 20.98 30.35
N ASP G 76 -14.02 20.43 29.46
CA ASP G 76 -12.59 20.69 29.45
C ASP G 76 -12.19 21.81 28.50
N VAL G 77 -12.86 21.91 27.34
CA VAL G 77 -12.53 22.94 26.38
C VAL G 77 -13.06 24.28 26.88
N ASP G 78 -12.20 25.29 26.93
CA ASP G 78 -12.62 26.62 27.35
C ASP G 78 -13.71 27.14 26.42
N TYR G 79 -14.86 27.49 27.00
CA TYR G 79 -16.03 27.95 26.26
C TYR G 79 -16.55 26.91 25.27
N GLY G 80 -16.06 25.67 25.34
CA GLY G 80 -16.56 24.63 24.45
C GLY G 80 -18.03 24.37 24.67
N TRP G 81 -18.50 24.51 25.91
CA TRP G 81 -19.92 24.37 26.18
C TRP G 81 -20.72 25.42 25.42
N ILE G 82 -20.21 26.66 25.38
CA ILE G 82 -20.87 27.70 24.62
C ILE G 82 -21.00 27.28 23.16
N ILE G 83 -19.91 26.80 22.57
CA ILE G 83 -19.93 26.46 21.14
C ILE G 83 -20.90 25.32 20.88
N ARG G 84 -20.89 24.30 21.74
CA ARG G 84 -21.80 23.17 21.53
C ARG G 84 -23.25 23.59 21.67
N TYR G 85 -23.55 24.47 22.64
CA TYR G 85 -24.92 24.95 22.77
C TYR G 85 -25.32 25.82 21.58
N MET G 86 -24.44 26.70 21.12
CA MET G 86 -24.70 27.40 19.88
C MET G 86 -25.02 26.44 18.76
N HIS G 87 -24.29 25.33 18.67
CA HIS G 87 -24.51 24.40 17.57
C HIS G 87 -25.85 23.70 17.68
N SER G 88 -26.20 23.17 18.86
CA SER G 88 -27.45 22.42 18.99
C SER G 88 -28.65 23.35 18.89
N THR G 89 -28.64 24.44 19.65
CA THR G 89 -29.70 25.43 19.53
C THR G 89 -29.74 26.02 18.13
N GLY G 90 -28.61 26.04 17.41
CA GLY G 90 -28.62 26.55 16.06
C GLY G 90 -29.23 25.59 15.08
N ALA G 91 -29.08 24.29 15.33
CA ALA G 91 -29.83 23.31 14.53
C ALA G 91 -31.33 23.47 14.75
N SER G 92 -31.73 23.59 16.01
CA SER G 92 -33.15 23.78 16.30
C SER G 92 -33.66 25.08 15.69
N ALA G 93 -32.89 26.16 15.81
CA ALA G 93 -33.28 27.44 15.24
C ALA G 93 -33.24 27.41 13.72
N PHE G 94 -32.34 26.62 13.13
CA PHE G 94 -32.32 26.45 11.69
C PHE G 94 -33.63 25.86 11.21
N PHE G 95 -34.11 24.84 11.91
CA PHE G 95 -35.38 24.26 11.48
C PHE G 95 -36.56 25.18 11.80
N ILE G 96 -36.52 25.92 12.92
CA ILE G 96 -37.57 26.90 13.19
C ILE G 96 -37.64 27.91 12.05
N VAL G 97 -36.49 28.50 11.72
CA VAL G 97 -36.44 29.56 10.72
C VAL G 97 -36.80 29.02 9.35
N VAL G 98 -36.34 27.81 9.01
CA VAL G 98 -36.63 27.23 7.72
C VAL G 98 -38.11 26.90 7.60
N TYR G 99 -38.72 26.39 8.67
CA TYR G 99 -40.15 26.12 8.63
C TYR G 99 -40.95 27.39 8.46
N LEU G 100 -40.56 28.46 9.17
CA LEU G 100 -41.26 29.73 8.97
C LEU G 100 -41.03 30.28 7.56
N HIS G 101 -39.85 30.02 6.99
CA HIS G 101 -39.56 30.44 5.63
C HIS G 101 -40.46 29.71 4.63
N MET G 102 -40.55 28.39 4.77
CA MET G 102 -41.43 27.59 3.92
C MET G 102 -42.88 28.01 4.09
N PHE G 103 -43.28 28.34 5.32
CA PHE G 103 -44.66 28.76 5.54
C PHE G 103 -44.93 30.13 4.93
N ARG G 104 -43.94 31.03 4.93
CA ARG G 104 -44.07 32.26 4.17
C ARG G 104 -44.31 31.95 2.69
N GLY G 105 -43.52 31.02 2.15
CA GLY G 105 -43.72 30.61 0.77
C GLY G 105 -45.14 30.11 0.53
N LEU G 106 -45.66 29.31 1.47
CA LEU G 106 -47.03 28.82 1.34
C LEU G 106 -48.03 29.97 1.40
N LEU G 107 -47.83 30.90 2.33
CA LEU G 107 -48.78 32.00 2.53
C LEU G 107 -48.87 32.86 1.29
N TYR G 108 -47.73 33.25 0.73
CA TYR G 108 -47.70 34.25 -0.32
C TYR G 108 -47.45 33.66 -1.70
N GLY G 109 -47.57 32.35 -1.84
CA GLY G 109 -47.41 31.73 -3.15
C GLY G 109 -46.07 32.00 -3.77
N SER G 110 -45.01 32.11 -2.97
CA SER G 110 -43.69 32.37 -3.49
C SER G 110 -43.12 31.20 -4.28
N TYR G 111 -43.76 30.04 -4.22
CA TYR G 111 -43.40 28.91 -5.06
C TYR G 111 -43.97 29.01 -6.46
N GLN G 112 -45.01 29.82 -6.66
CA GLN G 112 -45.66 29.90 -7.95
C GLN G 112 -44.72 30.51 -8.99
N LYS G 113 -45.17 30.47 -10.25
CA LYS G 113 -44.40 31.06 -11.33
C LYS G 113 -44.11 32.53 -11.02
N PRO G 114 -42.90 33.03 -11.30
CA PRO G 114 -41.74 32.38 -11.92
C PRO G 114 -40.79 31.71 -10.93
N ARG G 115 -41.19 31.53 -9.67
CA ARG G 115 -40.28 31.10 -8.62
C ARG G 115 -40.33 29.60 -8.37
N GLU G 116 -40.66 28.79 -9.39
CA GLU G 116 -40.67 27.34 -9.20
C GLU G 116 -39.27 26.81 -8.91
N LEU G 117 -38.26 27.33 -9.62
CA LEU G 117 -36.89 26.90 -9.35
C LEU G 117 -36.43 27.33 -7.98
N VAL G 118 -36.81 28.54 -7.55
CA VAL G 118 -36.48 28.97 -6.20
C VAL G 118 -37.04 27.97 -5.19
N TRP G 119 -38.30 27.59 -5.36
CA TRP G 119 -38.92 26.65 -4.44
C TRP G 119 -38.25 25.28 -4.49
N ILE G 120 -37.89 24.82 -5.69
CA ILE G 120 -37.28 23.50 -5.81
C ILE G 120 -35.90 23.48 -5.18
N PHE G 121 -35.11 24.54 -5.38
CA PHE G 121 -33.83 24.63 -4.70
C PHE G 121 -34.01 24.74 -3.20
N GLY G 122 -35.06 25.43 -2.75
CA GLY G 122 -35.36 25.46 -1.34
C GLY G 122 -35.70 24.09 -0.78
N MET G 123 -36.46 23.29 -1.52
CA MET G 123 -36.78 21.94 -1.09
C MET G 123 -35.54 21.04 -1.09
N LEU G 124 -34.66 21.22 -2.06
CA LEU G 124 -33.40 20.48 -2.03
C LEU G 124 -32.58 20.89 -0.81
N ILE G 125 -32.59 22.18 -0.48
CA ILE G 125 -31.93 22.65 0.74
C ILE G 125 -32.56 22.00 1.96
N TYR G 126 -33.89 21.87 1.98
CA TYR G 126 -34.57 21.28 3.12
C TYR G 126 -34.23 19.80 3.26
N LEU G 127 -34.16 19.08 2.14
CA LEU G 127 -33.74 17.68 2.19
C LEU G 127 -32.32 17.56 2.71
N ALA G 128 -31.41 18.42 2.22
CA ALA G 128 -30.04 18.40 2.70
C ALA G 128 -29.98 18.75 4.19
N LEU G 129 -30.85 19.66 4.64
CA LEU G 129 -30.88 20.00 6.06
C LEU G 129 -31.39 18.85 6.91
N MET G 130 -32.43 18.16 6.44
CA MET G 130 -32.92 16.99 7.15
C MET G 130 -31.81 15.96 7.30
N ALA G 131 -31.13 15.65 6.19
CA ALA G 131 -30.05 14.68 6.25
C ALA G 131 -28.93 15.15 7.17
N GLU G 132 -28.56 16.43 7.05
CA GLU G 132 -27.49 16.99 7.86
C GLU G 132 -27.81 16.91 9.34
N ALA G 133 -29.03 17.32 9.72
CA ALA G 133 -29.42 17.30 11.12
C ALA G 133 -29.51 15.88 11.64
N PHE G 134 -30.05 14.95 10.85
CA PHE G 134 -30.10 13.56 11.29
C PHE G 134 -28.70 13.02 11.55
N MET G 135 -27.78 13.26 10.61
CA MET G 135 -26.43 12.72 10.74
C MET G 135 -25.67 13.41 11.87
N GLY G 136 -25.93 14.70 12.09
CA GLY G 136 -25.36 15.37 13.25
C GLY G 136 -25.88 14.82 14.56
N TYR G 137 -27.17 14.45 14.58
CA TYR G 137 -27.76 13.96 15.82
C TYR G 137 -27.21 12.60 16.20
N LEU G 138 -26.68 11.84 15.23
CA LEU G 138 -26.03 10.58 15.55
C LEU G 138 -24.69 10.80 16.23
N LEU G 139 -24.03 11.93 15.93
CA LEU G 139 -22.66 12.13 16.37
C LEU G 139 -22.49 12.10 17.88
N PRO G 140 -23.36 12.71 18.69
CA PRO G 140 -23.17 12.62 20.15
C PRO G 140 -23.13 11.19 20.65
N TRP G 141 -23.74 10.26 19.91
CA TRP G 141 -23.70 8.84 20.25
C TRP G 141 -24.39 8.56 21.58
N GLY G 142 -25.43 9.33 21.86
CA GLY G 142 -26.32 9.03 22.96
C GLY G 142 -27.32 7.96 22.58
N GLN G 143 -28.23 7.68 23.53
CA GLN G 143 -29.27 6.68 23.28
C GLN G 143 -30.21 7.16 22.18
N MET G 144 -30.69 8.41 22.30
CA MET G 144 -31.42 9.04 21.21
C MET G 144 -30.67 8.89 19.90
N SER G 145 -29.39 9.26 19.89
CA SER G 145 -28.61 9.23 18.66
C SER G 145 -28.59 7.85 18.05
N TYR G 146 -28.17 6.84 18.84
CA TYR G 146 -28.00 5.50 18.32
C TYR G 146 -29.32 4.94 17.81
N TRP G 147 -30.38 5.08 18.59
CA TRP G 147 -31.62 4.41 18.22
C TRP G 147 -32.35 5.15 17.09
N GLY G 148 -32.23 6.48 17.03
CA GLY G 148 -32.73 7.18 15.87
C GLY G 148 -31.99 6.79 14.60
N ALA G 149 -30.66 6.68 14.68
CA ALA G 149 -29.91 6.20 13.53
C ALA G 149 -30.37 4.81 13.13
N GLN G 150 -30.57 3.93 14.11
CA GLN G 150 -31.01 2.57 13.83
C GLN G 150 -32.33 2.58 13.08
N VAL G 151 -33.32 3.31 13.61
CA VAL G 151 -34.64 3.35 12.98
C VAL G 151 -34.55 3.91 11.56
N ILE G 152 -33.86 5.04 11.41
CA ILE G 152 -33.89 5.74 10.13
C ILE G 152 -33.12 4.95 9.08
N ILE G 153 -32.02 4.30 9.47
CA ILE G 153 -31.30 3.49 8.49
C ILE G 153 -32.08 2.23 8.15
N SER G 154 -32.78 1.66 9.13
CA SER G 154 -33.65 0.53 8.83
C SER G 154 -34.82 0.90 7.95
N LEU G 155 -35.18 2.19 7.90
CA LEU G 155 -36.19 2.62 6.94
C LEU G 155 -35.87 2.10 5.54
N PHE G 156 -34.60 2.18 5.14
CA PHE G 156 -34.19 1.63 3.85
C PHE G 156 -34.39 0.13 3.78
N GLY G 157 -34.42 -0.56 4.93
CA GLY G 157 -34.75 -1.96 4.95
C GLY G 157 -36.18 -2.28 4.53
N ALA G 158 -37.04 -1.26 4.47
CA ALA G 158 -38.43 -1.48 4.07
C ALA G 158 -38.56 -1.74 2.57
N ILE G 159 -37.58 -1.33 1.77
CA ILE G 159 -37.67 -1.57 0.33
C ILE G 159 -37.76 -3.07 0.09
N PRO G 160 -38.72 -3.55 -0.73
CA PRO G 160 -39.02 -4.99 -0.71
C PRO G 160 -37.85 -5.90 -1.04
N VAL G 161 -36.99 -5.51 -1.97
CA VAL G 161 -35.94 -6.39 -2.48
C VAL G 161 -34.56 -5.95 -2.00
N VAL G 162 -34.12 -4.76 -2.39
CA VAL G 162 -32.76 -4.30 -2.13
C VAL G 162 -32.72 -3.55 -0.80
N GLY G 163 -33.80 -3.63 -0.03
CA GLY G 163 -33.88 -2.83 1.20
C GLY G 163 -32.84 -3.23 2.22
N GLU G 164 -32.75 -4.52 2.54
CA GLU G 164 -31.83 -4.96 3.58
C GLU G 164 -30.37 -4.75 3.14
N ASP G 165 -30.05 -5.08 1.90
CA ASP G 165 -28.70 -4.86 1.40
C ASP G 165 -28.35 -3.38 1.39
N LEU G 166 -29.30 -2.54 0.98
CA LEU G 166 -29.06 -1.10 0.97
C LEU G 166 -28.83 -0.58 2.39
N ALA G 167 -29.63 -1.04 3.36
CA ALA G 167 -29.45 -0.60 4.73
C ALA G 167 -28.10 -1.05 5.28
N GLN G 168 -27.69 -2.28 4.96
CA GLN G 168 -26.38 -2.75 5.40
C GLN G 168 -25.26 -1.93 4.78
N TRP G 169 -25.41 -1.59 3.49
CA TRP G 169 -24.39 -0.79 2.81
C TRP G 169 -24.31 0.62 3.37
N ILE G 170 -25.46 1.19 3.74
CA ILE G 170 -25.47 2.52 4.35
C ILE G 170 -24.84 2.48 5.73
N ARG G 171 -25.15 1.43 6.50
CA ARG G 171 -24.54 1.28 7.82
C ARG G 171 -23.03 1.13 7.72
N GLY G 172 -22.57 0.38 6.73
CA GLY G 172 -21.19 -0.07 6.73
C GLY G 172 -20.93 -1.19 7.71
N ASP G 173 -21.97 -1.77 8.29
CA ASP G 173 -21.84 -2.80 9.31
C ASP G 173 -23.19 -3.50 9.42
N PHE G 174 -23.18 -4.62 10.13
CA PHE G 174 -24.40 -5.38 10.35
C PHE G 174 -25.31 -4.73 11.39
N LEU G 175 -24.83 -3.71 12.08
CA LEU G 175 -25.66 -2.91 12.99
C LEU G 175 -25.05 -1.53 13.09
N ILE G 176 -25.80 -0.60 13.68
CA ILE G 176 -25.26 0.73 13.90
C ILE G 176 -24.07 0.62 14.83
N SER G 177 -22.92 1.11 14.39
CA SER G 177 -21.67 0.96 15.13
C SER G 177 -20.80 2.19 14.88
N GLY G 178 -19.55 2.11 15.33
CA GLY G 178 -18.61 3.18 15.08
C GLY G 178 -18.36 3.43 13.61
N ILE G 179 -18.54 2.41 12.77
CA ILE G 179 -18.43 2.61 11.33
C ILE G 179 -19.50 3.58 10.86
N THR G 180 -20.75 3.34 11.26
CA THR G 180 -21.84 4.24 10.90
C THR G 180 -21.61 5.62 11.48
N LEU G 181 -21.16 5.69 12.74
CA LEU G 181 -20.90 6.98 13.37
C LEU G 181 -19.87 7.77 12.59
N ASN G 182 -18.74 7.15 12.26
CA ASN G 182 -17.67 7.83 11.55
C ASN G 182 -18.10 8.24 10.15
N ARG G 183 -18.81 7.36 9.44
CA ARG G 183 -19.28 7.67 8.10
C ARG G 183 -20.23 8.85 8.11
N PHE G 184 -21.19 8.83 9.04
CA PHE G 184 -22.13 9.93 9.18
C PHE G 184 -21.43 11.20 9.62
N PHE G 185 -20.38 11.10 10.43
CA PHE G 185 -19.60 12.27 10.78
C PHE G 185 -18.96 12.89 9.54
N ALA G 186 -18.35 12.06 8.70
CA ALA G 186 -17.76 12.57 7.47
C ALA G 186 -18.80 13.25 6.60
N LEU G 187 -19.95 12.60 6.40
CA LEU G 187 -20.98 13.21 5.56
C LEU G 187 -21.49 14.50 6.17
N HIS G 188 -21.64 14.54 7.50
CA HIS G 188 -22.21 15.69 8.18
C HIS G 188 -21.27 16.88 8.18
N VAL G 189 -19.96 16.63 8.22
CA VAL G 189 -19.00 17.66 8.52
C VAL G 189 -18.46 18.31 7.25
N ILE G 190 -18.45 17.56 6.14
CA ILE G 190 -17.94 18.09 4.88
C ILE G 190 -18.96 17.99 3.76
N ALA G 191 -19.36 16.76 3.43
CA ALA G 191 -20.08 16.53 2.19
C ALA G 191 -21.37 17.35 2.14
N LEU G 192 -22.18 17.26 3.19
CA LEU G 192 -23.47 17.92 3.18
C LEU G 192 -23.33 19.40 3.46
N PRO G 193 -22.39 19.86 4.29
CA PRO G 193 -22.14 21.31 4.34
C PRO G 193 -21.78 21.89 2.99
N ILE G 194 -20.96 21.19 2.20
CA ILE G 194 -20.65 21.66 0.85
C ILE G 194 -21.89 21.66 -0.02
N VAL G 195 -22.67 20.57 0.03
CA VAL G 195 -23.88 20.49 -0.78
C VAL G 195 -24.85 21.59 -0.39
N LEU G 196 -24.99 21.85 0.92
CA LEU G 196 -25.89 22.88 1.40
C LEU G 196 -25.43 24.26 0.96
N LEU G 197 -24.12 24.53 1.02
CA LEU G 197 -23.62 25.82 0.55
C LEU G 197 -23.92 25.99 -0.94
N GLY G 198 -23.66 24.95 -1.74
CA GLY G 198 -23.98 25.03 -3.15
C GLY G 198 -25.45 25.24 -3.42
N LEU G 199 -26.31 24.53 -2.68
CA LEU G 199 -27.74 24.63 -2.90
C LEU G 199 -28.26 25.99 -2.45
N VAL G 200 -27.70 26.55 -1.38
CA VAL G 200 -28.08 27.90 -0.97
C VAL G 200 -27.66 28.92 -2.02
N VAL G 201 -26.47 28.76 -2.59
CA VAL G 201 -26.03 29.65 -3.65
C VAL G 201 -26.97 29.57 -4.85
N LEU G 202 -27.32 28.35 -5.26
CA LEU G 202 -28.25 28.17 -6.38
C LEU G 202 -29.62 28.77 -6.05
N HIS G 203 -30.08 28.57 -4.83
CA HIS G 203 -31.37 29.08 -4.39
C HIS G 203 -31.41 30.61 -4.50
N ILE G 204 -30.39 31.27 -3.95
CA ILE G 204 -30.35 32.73 -3.97
C ILE G 204 -30.16 33.23 -5.40
N LEU G 205 -29.37 32.52 -6.21
CA LEU G 205 -29.18 32.93 -7.60
C LEU G 205 -30.50 32.86 -8.37
N ALA G 206 -31.26 31.78 -8.18
CA ALA G 206 -32.56 31.68 -8.82
C ALA G 206 -33.49 32.79 -8.36
N LEU G 207 -33.50 33.07 -7.05
CA LEU G 207 -34.34 34.14 -6.54
C LEU G 207 -33.99 35.48 -7.17
N HIS G 208 -32.69 35.77 -7.29
CA HIS G 208 -32.27 37.03 -7.88
C HIS G 208 -32.53 37.07 -9.37
N GLU G 209 -32.57 35.90 -10.02
CA GLU G 209 -32.92 35.87 -11.44
C GLU G 209 -34.39 36.20 -11.65
N VAL G 210 -35.27 35.61 -10.83
CA VAL G 210 -36.70 35.80 -11.04
C VAL G 210 -37.27 36.94 -10.19
N GLY G 211 -36.58 37.36 -9.15
CA GLY G 211 -37.06 38.41 -8.27
C GLY G 211 -37.92 37.86 -7.13
N SER G 212 -38.04 38.68 -6.10
CA SER G 212 -38.69 38.29 -4.86
C SER G 212 -40.19 38.57 -4.91
N ASN G 213 -40.98 37.63 -4.40
CA ASN G 213 -42.39 37.85 -4.15
C ASN G 213 -42.57 38.79 -2.96
N ASN G 214 -43.81 39.17 -2.71
CA ASN G 214 -44.15 40.04 -1.59
C ASN G 214 -45.46 39.57 -0.98
N PRO G 215 -45.78 40.03 0.24
CA PRO G 215 -46.99 39.54 0.91
C PRO G 215 -48.26 39.72 0.11
N ASP G 216 -48.38 40.82 -0.63
CA ASP G 216 -49.57 41.05 -1.45
C ASP G 216 -49.57 40.21 -2.73
N GLY G 217 -48.47 39.56 -3.06
CA GLY G 217 -48.39 38.81 -4.30
C GLY G 217 -48.39 39.68 -5.54
N VAL G 218 -48.13 40.98 -5.40
CA VAL G 218 -48.14 41.90 -6.52
C VAL G 218 -46.81 41.80 -7.25
N ASP G 219 -46.86 41.60 -8.56
CA ASP G 219 -45.66 41.61 -9.40
C ASP G 219 -45.25 43.06 -9.59
N ILE G 220 -44.33 43.52 -8.74
CA ILE G 220 -43.93 44.92 -8.76
C ILE G 220 -43.20 45.30 -10.04
N LYS G 221 -42.71 44.32 -10.80
CA LYS G 221 -42.01 44.63 -12.04
C LYS G 221 -42.94 45.18 -13.11
N LYS G 222 -44.24 44.94 -13.01
CA LYS G 222 -45.17 45.42 -14.03
C LYS G 222 -45.17 46.94 -14.09
N LYS G 223 -45.13 47.61 -12.93
CA LYS G 223 -45.15 49.05 -12.85
C LYS G 223 -43.76 49.55 -12.49
N LYS G 224 -43.18 50.38 -13.34
CA LYS G 224 -41.84 50.91 -13.15
C LYS G 224 -41.84 52.41 -13.41
N ASP G 225 -40.91 53.10 -12.75
CA ASP G 225 -40.73 54.54 -12.97
C ASP G 225 -39.95 54.77 -14.27
N GLU G 226 -39.75 56.04 -14.60
CA GLU G 226 -39.01 56.38 -15.81
C GLU G 226 -37.58 55.87 -15.76
N ASN G 227 -37.03 55.62 -14.58
CA ASN G 227 -35.67 55.12 -14.42
C ASN G 227 -35.59 53.59 -14.50
N GLY G 228 -36.72 52.91 -14.70
CA GLY G 228 -36.75 51.47 -14.72
C GLY G 228 -36.84 50.82 -13.35
N VAL G 229 -36.90 51.63 -12.28
CA VAL G 229 -37.00 51.11 -10.92
C VAL G 229 -38.49 50.87 -10.62
N PRO G 230 -38.88 49.71 -10.10
CA PRO G 230 -40.29 49.49 -9.79
C PRO G 230 -40.82 50.53 -8.83
N LEU G 231 -42.08 50.92 -9.03
CA LEU G 231 -42.70 51.92 -8.17
C LEU G 231 -42.75 51.44 -6.73
N ASP G 232 -43.08 50.17 -6.51
CA ASP G 232 -43.12 49.59 -5.18
C ASP G 232 -41.79 48.97 -4.78
N GLY G 233 -40.72 49.23 -5.54
CA GLY G 233 -39.42 48.63 -5.27
C GLY G 233 -38.51 49.59 -4.52
N ILE G 234 -37.73 49.03 -3.61
CA ILE G 234 -36.68 49.75 -2.89
C ILE G 234 -35.41 48.94 -2.96
N ALA G 235 -34.28 49.63 -3.04
CA ALA G 235 -32.99 48.96 -3.08
C ALA G 235 -32.84 48.07 -1.86
N PHE G 236 -32.45 46.82 -2.08
CA PHE G 236 -32.30 45.90 -0.96
C PHE G 236 -31.28 46.41 0.04
N HIS G 237 -30.15 46.89 -0.44
CA HIS G 237 -29.25 47.68 0.40
C HIS G 237 -29.55 49.15 0.19
N PRO G 238 -29.68 49.96 1.25
CA PRO G 238 -29.48 49.66 2.67
C PRO G 238 -30.75 49.29 3.44
N TYR G 239 -31.93 49.44 2.85
CA TYR G 239 -33.17 49.38 3.64
C TYR G 239 -33.41 47.98 4.19
N TYR G 240 -33.41 46.97 3.32
CA TYR G 240 -33.62 45.62 3.81
C TYR G 240 -32.39 45.05 4.49
N THR G 241 -31.20 45.56 4.20
CA THR G 241 -30.05 45.15 4.98
C THR G 241 -30.19 45.59 6.43
N VAL G 242 -30.65 46.82 6.67
CA VAL G 242 -30.83 47.27 8.05
C VAL G 242 -32.02 46.57 8.69
N LYS G 243 -33.09 46.33 7.93
CA LYS G 243 -34.21 45.58 8.47
C LYS G 243 -33.77 44.17 8.88
N ASP G 244 -32.96 43.52 8.04
CA ASP G 244 -32.45 42.21 8.36
C ASP G 244 -31.46 42.25 9.52
N ILE G 245 -30.75 43.37 9.69
CA ILE G 245 -29.90 43.52 10.86
C ILE G 245 -30.73 43.53 12.13
N VAL G 246 -31.85 44.26 12.10
CA VAL G 246 -32.74 44.27 13.26
C VAL G 246 -33.30 42.87 13.52
N GLY G 247 -33.74 42.19 12.46
CA GLY G 247 -34.22 40.84 12.62
C GLY G 247 -33.16 39.90 13.17
N VAL G 248 -31.92 40.07 12.71
CA VAL G 248 -30.81 39.26 13.18
C VAL G 248 -30.55 39.51 14.65
N VAL G 249 -30.65 40.77 15.08
CA VAL G 249 -30.43 41.08 16.49
C VAL G 249 -31.51 40.44 17.35
N VAL G 250 -32.77 40.52 16.91
CA VAL G 250 -33.85 39.89 17.67
C VAL G 250 -33.64 38.38 17.73
N PHE G 251 -33.31 37.77 16.59
CA PHE G 251 -33.04 36.34 16.57
C PHE G 251 -31.89 35.99 17.50
N LEU G 252 -30.84 36.81 17.51
CA LEU G 252 -29.69 36.55 18.38
C LEU G 252 -30.08 36.67 19.84
N PHE G 253 -30.96 37.62 20.17
CA PHE G 253 -31.43 37.73 21.55
C PHE G 253 -32.13 36.44 21.98
N ILE G 254 -33.05 35.95 21.15
CA ILE G 254 -33.74 34.70 21.49
C ILE G 254 -32.75 33.54 21.54
N PHE G 255 -31.85 33.49 20.56
CA PHE G 255 -30.89 32.41 20.44
C PHE G 255 -29.98 32.33 21.66
N CYS G 256 -29.47 33.48 22.10
CA CYS G 256 -28.59 33.51 23.25
C CYS G 256 -29.34 33.28 24.55
N THR G 257 -30.59 33.74 24.64
CA THR G 257 -31.40 33.37 25.80
C THR G 257 -31.51 31.86 25.92
N VAL G 258 -31.82 31.19 24.81
CA VAL G 258 -31.90 29.72 24.83
C VAL G 258 -30.54 29.12 25.18
N ILE G 259 -29.47 29.64 24.58
CA ILE G 259 -28.14 29.05 24.79
C ILE G 259 -27.76 29.13 26.25
N PHE G 260 -27.92 30.29 26.88
CA PHE G 260 -27.35 30.55 28.19
C PHE G 260 -28.32 30.33 29.34
N PHE G 261 -29.60 30.06 29.06
CA PHE G 261 -30.56 29.86 30.14
C PHE G 261 -31.38 28.59 29.95
N PHE G 262 -31.64 28.21 28.70
CA PHE G 262 -32.49 27.05 28.43
C PHE G 262 -31.92 26.24 27.27
N PRO G 263 -30.64 25.85 27.31
CA PRO G 263 -30.09 25.12 26.16
C PRO G 263 -30.83 23.84 25.82
N GLU G 264 -31.39 23.16 26.83
CA GLU G 264 -32.17 21.96 26.56
C GLU G 264 -33.57 22.28 26.03
N MET G 265 -34.14 23.41 26.44
CA MET G 265 -35.51 23.77 26.09
C MET G 265 -36.48 22.65 26.50
N GLY G 266 -36.43 22.28 27.78
CA GLY G 266 -37.30 21.24 28.27
C GLY G 266 -37.04 19.89 27.66
N GLY G 267 -35.85 19.64 27.14
CA GLY G 267 -35.54 18.38 26.51
C GLY G 267 -35.91 18.28 25.05
N TYR G 268 -36.24 19.41 24.41
CA TYR G 268 -36.62 19.43 23.01
C TYR G 268 -35.49 19.88 22.09
N PHE G 269 -34.55 20.68 22.60
CA PHE G 269 -33.37 21.03 21.82
C PHE G 269 -32.23 20.05 22.09
N LEU G 270 -32.00 19.72 23.36
CA LEU G 270 -31.08 18.67 23.77
C LEU G 270 -31.90 17.62 24.53
N GLU G 271 -32.10 16.47 23.92
CA GLU G 271 -33.01 15.47 24.48
C GLU G 271 -32.38 14.81 25.70
N LYS G 272 -33.20 14.56 26.72
CA LYS G 272 -32.69 14.01 27.97
C LYS G 272 -32.05 12.64 27.79
N PRO G 273 -32.67 11.68 27.09
CA PRO G 273 -32.03 10.37 26.96
C PRO G 273 -30.77 10.38 26.11
N ASN G 274 -30.52 11.43 25.33
CA ASN G 274 -29.28 11.55 24.59
C ASN G 274 -28.10 11.92 25.49
N PHE G 275 -28.36 12.24 26.76
CA PHE G 275 -27.31 12.41 27.74
C PHE G 275 -26.84 11.08 28.32
N GLU G 276 -27.46 9.97 27.91
CA GLU G 276 -26.99 8.63 28.23
C GLU G 276 -26.23 8.08 27.03
N MET G 277 -25.09 7.44 27.30
CA MET G 277 -24.29 6.88 26.22
C MET G 277 -25.08 5.79 25.49
N ALA G 278 -24.85 5.70 24.18
CA ALA G 278 -25.59 4.76 23.35
C ALA G 278 -25.43 3.34 23.87
N ASN G 279 -26.55 2.62 23.93
CA ASN G 279 -26.58 1.23 24.39
C ASN G 279 -27.24 0.39 23.31
N GLN G 280 -26.48 -0.53 22.72
CA GLN G 280 -27.02 -1.37 21.65
C GLN G 280 -28.11 -2.30 22.15
N PHE G 281 -28.17 -2.57 23.44
CA PHE G 281 -29.07 -3.59 23.98
C PHE G 281 -30.22 -3.03 24.80
N LYS G 282 -30.17 -1.74 25.17
CA LYS G 282 -31.22 -1.10 25.92
C LYS G 282 -31.80 0.04 25.09
N THR G 283 -33.04 -0.13 24.63
CA THR G 283 -33.74 0.90 23.86
C THR G 283 -34.51 1.79 24.81
N PRO G 284 -34.36 3.11 24.76
CA PRO G 284 -35.10 3.98 25.68
C PRO G 284 -36.60 3.75 25.58
N GLU G 285 -37.27 3.80 26.72
CA GLU G 285 -38.71 3.57 26.77
C GLU G 285 -39.48 4.63 25.98
N HIS G 286 -38.90 5.80 25.77
CA HIS G 286 -39.50 6.83 24.93
C HIS G 286 -38.45 7.26 23.90
N ILE G 287 -38.41 6.54 22.79
CA ILE G 287 -37.48 6.80 21.70
C ILE G 287 -38.25 7.63 20.67
N ALA G 288 -38.16 8.98 20.81
CA ALA G 288 -38.84 9.92 19.94
C ALA G 288 -37.84 10.80 19.20
N PRO G 289 -38.17 11.25 17.99
CA PRO G 289 -37.23 12.07 17.22
C PRO G 289 -37.08 13.47 17.78
N VAL G 290 -36.08 14.18 17.26
CA VAL G 290 -35.99 15.60 17.53
C VAL G 290 -37.26 16.26 17.03
N TRP G 291 -37.64 17.37 17.67
CA TRP G 291 -38.95 17.95 17.44
C TRP G 291 -39.18 18.23 15.95
N TYR G 292 -38.18 18.77 15.25
CA TYR G 292 -38.39 19.17 13.87
C TYR G 292 -38.53 17.99 12.93
N PHE G 293 -38.26 16.77 13.38
CA PHE G 293 -38.54 15.57 12.61
C PHE G 293 -39.80 14.85 13.06
N THR G 294 -40.47 15.35 14.10
CA THR G 294 -41.63 14.65 14.65
C THR G 294 -42.80 14.60 13.67
N PRO G 295 -43.11 15.70 12.95
CA PRO G 295 -44.30 15.65 12.07
C PRO G 295 -44.26 14.51 11.07
N PHE G 296 -43.08 14.23 10.50
CA PHE G 296 -42.97 13.13 9.55
C PHE G 296 -42.96 11.78 10.25
N TYR G 297 -42.25 11.68 11.37
CA TYR G 297 -42.29 10.47 12.19
C TYR G 297 -43.74 10.09 12.50
N ALA G 298 -44.53 11.05 12.95
CA ALA G 298 -45.93 10.79 13.21
C ALA G 298 -46.60 10.17 11.99
N ILE G 299 -46.38 10.77 10.83
CA ILE G 299 -46.95 10.27 9.55
C ILE G 299 -46.55 8.81 9.43
N LEU G 300 -45.29 8.44 9.65
CA LEU G 300 -44.85 7.05 9.53
C LEU G 300 -45.51 6.18 10.59
N ARG G 301 -45.68 6.73 11.79
CA ARG G 301 -46.32 5.97 12.87
C ARG G 301 -47.82 5.81 12.65
N ALA G 302 -48.45 6.64 11.85
CA ALA G 302 -49.90 6.64 11.63
C ALA G 302 -50.27 5.53 10.67
N VAL G 303 -49.32 5.04 9.86
CA VAL G 303 -49.59 4.02 8.83
C VAL G 303 -49.31 2.66 9.43
N PRO G 304 -50.29 1.74 9.44
CA PRO G 304 -50.07 0.44 10.03
C PRO G 304 -48.98 -0.39 9.32
N ASP G 305 -48.87 -0.39 7.99
CA ASP G 305 -47.85 -1.12 7.20
C ASP G 305 -46.49 -0.42 7.29
N LYS G 306 -45.38 -1.18 7.26
CA LYS G 306 -44.01 -0.71 7.31
C LYS G 306 -43.63 0.02 6.01
N LEU G 307 -43.71 -0.68 4.88
CA LEU G 307 -43.32 -0.06 3.62
C LEU G 307 -44.25 1.11 3.27
N MET G 308 -45.53 1.01 3.58
CA MET G 308 -46.45 2.09 3.22
C MET G 308 -46.18 3.27 4.14
N GLY G 309 -45.83 3.00 5.40
CA GLY G 309 -45.47 4.11 6.25
C GLY G 309 -44.22 4.83 5.77
N VAL G 310 -43.21 4.08 5.35
CA VAL G 310 -41.99 4.70 4.82
C VAL G 310 -42.33 5.53 3.58
N VAL G 311 -43.15 5.01 2.67
CA VAL G 311 -43.56 5.72 1.44
C VAL G 311 -44.33 6.97 1.80
N ALA G 312 -45.28 6.89 2.73
CA ALA G 312 -46.06 8.05 3.19
C ALA G 312 -45.15 9.11 3.76
N MET G 313 -44.15 8.75 4.55
CA MET G 313 -43.21 9.78 5.01
C MET G 313 -42.46 10.39 3.83
N GLY G 314 -41.96 9.54 2.93
CA GLY G 314 -41.21 10.06 1.79
C GLY G 314 -42.05 11.01 0.96
N ALA G 315 -43.31 10.68 0.83
CA ALA G 315 -44.28 11.37 -0.01
C ALA G 315 -44.74 12.63 0.70
N ALA G 316 -44.52 12.74 1.97
CA ALA G 316 -44.93 13.92 2.74
C ALA G 316 -43.95 15.02 2.38
N ILE G 317 -42.70 14.69 2.17
CA ILE G 317 -41.67 15.66 1.82
C ILE G 317 -41.67 15.87 0.32
N ALA G 318 -41.79 14.78 -0.43
CA ALA G 318 -41.74 14.88 -1.89
C ALA G 318 -42.92 15.68 -2.44
N VAL G 319 -44.06 15.66 -1.76
CA VAL G 319 -45.21 16.43 -2.24
C VAL G 319 -44.91 17.92 -2.25
N LEU G 320 -44.09 18.39 -1.32
CA LEU G 320 -43.74 19.81 -1.30
C LEU G 320 -42.95 20.21 -2.54
N PHE G 321 -42.23 19.26 -3.16
CA PHE G 321 -41.51 19.59 -4.38
C PHE G 321 -42.46 19.99 -5.51
N VAL G 322 -43.56 19.25 -5.67
CA VAL G 322 -44.49 19.50 -6.76
C VAL G 322 -45.51 20.58 -6.42
N LEU G 323 -45.36 21.24 -5.28
CA LEU G 323 -46.30 22.30 -4.91
C LEU G 323 -46.43 23.39 -5.96
N PRO G 324 -45.36 23.84 -6.63
CA PRO G 324 -45.54 24.90 -7.64
C PRO G 324 -46.53 24.53 -8.72
N TRP G 325 -46.77 23.25 -8.96
CA TRP G 325 -47.71 22.80 -9.97
C TRP G 325 -49.04 22.34 -9.40
N LEU G 326 -49.12 22.12 -8.09
CA LEU G 326 -50.41 21.80 -7.47
C LEU G 326 -51.27 23.04 -7.31
N ASP G 327 -50.64 24.20 -7.08
CA ASP G 327 -51.38 25.44 -6.86
C ASP G 327 -51.75 26.04 -8.20
N ARG G 328 -53.04 25.97 -8.55
CA ARG G 328 -53.56 26.52 -9.79
C ARG G 328 -54.30 27.83 -9.56
N SER G 329 -54.08 28.47 -8.41
CA SER G 329 -54.77 29.72 -8.11
C SER G 329 -54.32 30.81 -9.08
N PRO G 330 -55.23 31.71 -9.47
CA PRO G 330 -54.84 32.84 -10.31
C PRO G 330 -54.08 33.92 -9.56
N VAL G 331 -54.01 33.86 -8.24
CA VAL G 331 -53.31 34.84 -7.43
C VAL G 331 -52.29 34.12 -6.56
N ARG G 332 -51.22 34.84 -6.22
CA ARG G 332 -50.16 34.25 -5.41
C ARG G 332 -50.51 34.26 -3.92
N SER G 333 -50.86 35.43 -3.39
CA SER G 333 -50.94 35.61 -1.96
C SER G 333 -52.23 35.04 -1.38
N ILE G 334 -52.12 34.51 -0.17
CA ILE G 334 -53.29 34.03 0.56
C ILE G 334 -54.24 35.18 0.90
N ARG G 335 -53.74 36.42 0.88
CA ARG G 335 -54.59 37.56 1.17
C ARG G 335 -55.70 37.73 0.14
N TYR G 336 -55.46 37.30 -1.10
CA TYR G 336 -56.42 37.46 -2.18
C TYR G 336 -56.92 36.13 -2.73
N LYS G 337 -56.61 35.03 -2.06
CA LYS G 337 -57.17 33.73 -2.43
C LYS G 337 -58.54 33.56 -1.78
N GLY G 338 -59.27 32.56 -2.26
CA GLY G 338 -60.61 32.31 -1.76
C GLY G 338 -60.60 31.70 -0.36
N TRP G 339 -61.81 31.62 0.21
CA TRP G 339 -61.94 31.06 1.55
C TRP G 339 -61.41 29.63 1.62
N LEU G 340 -61.54 28.86 0.54
CA LEU G 340 -61.06 27.49 0.56
C LEU G 340 -59.55 27.43 0.77
N SER G 341 -58.80 28.30 0.09
CA SER G 341 -57.35 28.30 0.25
C SER G 341 -56.94 28.68 1.66
N LYS G 342 -57.59 29.70 2.24
CA LYS G 342 -57.27 30.11 3.60
C LYS G 342 -57.58 28.99 4.59
N LEU G 343 -58.76 28.37 4.44
CA LEU G 343 -59.15 27.28 5.33
C LEU G 343 -58.17 26.13 5.22
N TRP G 344 -57.76 25.79 4.00
CA TRP G 344 -56.87 24.64 3.82
C TRP G 344 -55.46 24.95 4.28
N LEU G 345 -55.01 26.20 4.17
CA LEU G 345 -53.71 26.55 4.74
C LEU G 345 -53.74 26.47 6.27
N VAL G 346 -54.84 26.94 6.88
CA VAL G 346 -54.99 26.78 8.32
C VAL G 346 -55.00 25.30 8.69
N ILE G 347 -55.71 24.49 7.90
CA ILE G 347 -55.77 23.06 8.16
C ILE G 347 -54.38 22.44 8.07
N PHE G 348 -53.62 22.82 7.04
CA PHE G 348 -52.28 22.27 6.88
C PHE G 348 -51.37 22.66 8.05
N ALA G 349 -51.42 23.92 8.46
CA ALA G 349 -50.59 24.36 9.58
C ALA G 349 -50.97 23.59 10.85
N VAL G 350 -52.27 23.49 11.13
CA VAL G 350 -52.71 22.80 12.33
C VAL G 350 -52.33 21.33 12.27
N SER G 351 -52.48 20.70 11.10
CA SER G 351 -52.14 19.30 10.97
C SER G 351 -50.65 19.07 11.16
N PHE G 352 -49.82 19.93 10.57
CA PHE G 352 -48.37 19.80 10.76
C PHE G 352 -48.00 19.93 12.23
N VAL G 353 -48.57 20.93 12.91
CA VAL G 353 -48.24 21.16 14.31
C VAL G 353 -48.72 19.99 15.17
N ILE G 354 -49.91 19.46 14.87
CA ILE G 354 -50.46 18.35 15.64
C ILE G 354 -49.64 17.09 15.41
N LEU G 355 -49.22 16.84 14.17
CA LEU G 355 -48.36 15.71 13.89
C LEU G 355 -47.06 15.82 14.65
N GLY G 356 -46.45 17.01 14.64
CA GLY G 356 -45.22 17.20 15.40
C GLY G 356 -45.41 17.03 16.89
N TYR G 357 -46.55 17.49 17.42
CA TYR G 357 -46.80 17.39 18.86
C TYR G 357 -47.02 15.94 19.28
N TYR G 358 -47.81 15.19 18.52
CA TYR G 358 -48.05 13.79 18.84
C TYR G 358 -46.91 12.88 18.40
N GLY G 359 -46.16 13.27 17.37
CA GLY G 359 -44.93 12.57 17.06
C GLY G 359 -43.84 12.77 18.09
N ALA G 360 -44.02 13.70 19.01
CA ALA G 360 -43.06 13.99 20.07
C ALA G 360 -43.34 13.24 21.36
N GLN G 361 -44.32 12.34 21.38
CA GLN G 361 -44.69 11.60 22.58
C GLN G 361 -45.01 10.16 22.21
N ALA G 362 -45.09 9.31 23.24
CA ALA G 362 -45.31 7.89 23.02
C ALA G 362 -46.70 7.66 22.42
N PRO G 363 -46.91 6.54 21.73
CA PRO G 363 -48.21 6.29 21.11
C PRO G 363 -49.33 6.29 22.13
N SER G 364 -50.46 6.84 21.74
CA SER G 364 -51.66 6.90 22.56
C SER G 364 -52.87 6.74 21.65
N PRO G 365 -54.02 6.37 22.22
CA PRO G 365 -55.21 6.15 21.37
C PRO G 365 -55.68 7.43 20.71
N LEU G 366 -55.91 8.47 21.51
CA LEU G 366 -56.22 9.78 20.93
C LEU G 366 -55.06 10.30 20.10
N GLY G 367 -53.84 10.10 20.58
CA GLY G 367 -52.68 10.48 19.80
C GLY G 367 -52.64 9.80 18.46
N THR G 368 -52.90 8.49 18.43
CA THR G 368 -52.90 7.75 17.17
C THR G 368 -54.00 8.26 16.24
N THR G 369 -55.21 8.44 16.78
CA THR G 369 -56.32 8.87 15.95
C THR G 369 -56.07 10.24 15.35
N LEU G 370 -55.58 11.19 16.16
CA LEU G 370 -55.28 12.51 15.64
C LEU G 370 -54.10 12.49 14.69
N SER G 371 -53.10 11.63 14.93
CA SER G 371 -52.00 11.50 13.98
C SER G 371 -52.51 11.03 12.63
N ARG G 372 -53.46 10.12 12.63
CA ARG G 372 -54.01 9.49 11.42
C ARG G 372 -54.88 10.51 10.69
N VAL G 373 -55.65 11.32 11.41
CA VAL G 373 -56.48 12.36 10.82
C VAL G 373 -55.61 13.47 10.24
N CYS G 374 -54.59 13.90 10.99
CA CYS G 374 -53.72 14.96 10.50
C CYS G 374 -52.84 14.49 9.36
N THR G 375 -52.54 13.20 9.26
CA THR G 375 -51.76 12.63 8.13
C THR G 375 -52.59 12.73 6.86
N VAL G 376 -53.88 12.48 6.93
CA VAL G 376 -54.78 12.58 5.77
C VAL G 376 -55.01 14.05 5.48
N LEU G 377 -55.09 14.93 6.47
CA LEU G 377 -55.30 16.33 6.16
C LEU G 377 -54.05 16.96 5.52
N TYR G 378 -52.87 16.59 6.01
CA TYR G 378 -51.63 17.10 5.45
C TYR G 378 -51.53 16.76 3.97
N PHE G 379 -51.90 15.55 3.60
CA PHE G 379 -51.80 15.10 2.21
C PHE G 379 -52.92 15.71 1.41
N ALA G 380 -54.12 15.85 1.99
CA ALA G 380 -55.24 16.45 1.27
C ALA G 380 -54.96 17.91 0.94
N PHE G 381 -54.21 18.61 1.81
CA PHE G 381 -53.83 19.98 1.50
C PHE G 381 -53.15 20.08 0.14
N PHE G 382 -52.38 19.06 -0.24
CA PHE G 382 -51.66 19.06 -1.51
C PHE G 382 -52.49 18.43 -2.63
N ILE G 383 -53.11 17.31 -2.33
CA ILE G 383 -53.82 16.50 -3.35
C ILE G 383 -55.05 17.26 -3.82
N LEU G 384 -55.68 18.02 -2.94
CA LEU G 384 -56.86 18.79 -3.28
C LEU G 384 -56.55 20.21 -3.74
N MET G 385 -55.29 20.65 -3.62
CA MET G 385 -54.95 22.00 -4.04
C MET G 385 -55.31 22.26 -5.50
N PRO G 386 -54.97 21.39 -6.45
CA PRO G 386 -55.31 21.66 -7.85
C PRO G 386 -56.80 21.82 -8.07
N PHE G 387 -57.63 21.32 -7.17
CA PHE G 387 -59.08 21.46 -7.27
C PHE G 387 -59.59 22.69 -6.53
N TYR G 388 -59.32 22.79 -5.23
CA TYR G 388 -59.90 23.89 -4.47
C TYR G 388 -59.25 25.23 -4.78
N THR G 389 -58.10 25.25 -5.46
CA THR G 389 -57.59 26.52 -5.96
C THR G 389 -58.33 27.01 -7.20
N ARG G 390 -59.10 26.12 -7.85
CA ARG G 390 -59.94 26.50 -8.97
C ARG G 390 -61.39 26.71 -8.54
N MET G 391 -61.89 25.90 -7.61
CA MET G 391 -63.26 26.06 -7.14
C MET G 391 -63.46 27.40 -6.44
N GLU G 392 -62.46 27.83 -5.67
CA GLU G 392 -62.59 29.04 -4.89
C GLU G 392 -62.65 30.27 -5.79
N LYS G 393 -63.18 31.36 -5.23
CA LYS G 393 -63.23 32.66 -5.90
C LYS G 393 -62.21 33.57 -5.24
N THR G 394 -61.32 34.14 -6.06
CA THR G 394 -60.20 34.93 -5.56
C THR G 394 -60.50 36.42 -5.70
N LYS G 395 -60.05 37.19 -4.71
CA LYS G 395 -60.18 38.63 -4.77
C LYS G 395 -59.20 39.21 -5.79
N PRO G 396 -59.51 40.37 -6.36
CA PRO G 396 -58.58 40.97 -7.32
C PRO G 396 -57.29 41.42 -6.67
N VAL G 397 -56.17 41.16 -7.34
CA VAL G 397 -54.86 41.54 -6.81
C VAL G 397 -54.62 43.01 -7.12
N PRO G 398 -54.28 43.84 -6.12
CA PRO G 398 -54.07 45.26 -6.39
C PRO G 398 -52.88 45.50 -7.30
N GLU G 399 -52.94 46.60 -8.04
CA GLU G 399 -51.83 46.96 -8.92
C GLU G 399 -50.63 47.50 -8.16
N ARG G 400 -50.80 47.87 -6.89
CA ARG G 400 -49.72 48.37 -6.06
C ARG G 400 -49.75 47.65 -4.71
N VAL G 401 -48.57 47.52 -4.11
CA VAL G 401 -48.47 46.83 -2.83
C VAL G 401 -49.18 47.65 -1.76
N THR G 402 -49.98 46.99 -0.94
CA THR G 402 -50.70 47.66 0.13
C THR G 402 -49.81 47.85 1.34
N GLY G 403 -50.11 48.88 2.13
CA GLY G 403 -49.35 49.17 3.32
C GLY G 403 -49.46 50.61 3.77
N PRO H 1 -44.25 7.23 37.90
CA PRO H 1 -44.61 7.42 39.31
C PRO H 1 -44.58 8.88 39.75
N GLN H 2 -45.17 9.17 40.90
CA GLN H 2 -45.20 10.53 41.40
C GLN H 2 -43.89 10.88 42.08
N LEU H 3 -43.28 11.98 41.66
CA LEU H 3 -41.98 12.41 42.16
C LEU H 3 -42.14 13.48 43.23
N ASP H 4 -41.15 13.57 44.11
CA ASP H 4 -41.08 14.58 45.14
C ASP H 4 -40.22 15.73 44.65
N HIS H 5 -40.75 16.95 44.74
CA HIS H 5 -40.01 18.11 44.29
C HIS H 5 -38.92 18.47 45.31
N VAL H 6 -37.74 18.83 44.79
CA VAL H 6 -36.62 19.28 45.62
C VAL H 6 -36.06 20.55 44.99
N ASP H 7 -35.86 21.57 45.80
CA ASP H 7 -35.29 22.84 45.35
C ASP H 7 -33.77 22.74 45.44
N ILE H 8 -33.12 22.60 44.30
CA ILE H 8 -31.67 22.44 44.23
C ILE H 8 -31.03 23.80 44.08
N ASP H 9 -30.08 24.10 44.96
CA ASP H 9 -29.35 25.37 44.95
C ASP H 9 -27.91 25.06 44.57
N LEU H 10 -27.51 25.47 43.36
CA LEU H 10 -26.17 25.21 42.87
C LEU H 10 -25.15 26.24 43.35
N THR H 11 -25.59 27.28 44.06
CA THR H 11 -24.67 28.22 44.68
C THR H 11 -24.26 27.80 46.09
N ASP H 12 -24.90 26.78 46.65
CA ASP H 12 -24.61 26.31 48.00
C ASP H 12 -23.36 25.44 47.94
N LYS H 13 -22.20 26.06 48.19
CA LYS H 13 -20.95 25.32 48.15
C LYS H 13 -20.90 24.23 49.22
N ALA H 14 -21.42 24.53 50.42
CA ALA H 14 -21.41 23.53 51.48
C ALA H 14 -22.26 22.32 51.12
N ALA H 15 -23.46 22.56 50.56
CA ALA H 15 -24.32 21.46 50.17
C ALA H 15 -23.68 20.63 49.08
N MET H 16 -23.08 21.27 48.09
CA MET H 16 -22.41 20.54 47.02
C MET H 16 -21.20 19.77 47.54
N GLN H 17 -20.49 20.33 48.52
CA GLN H 17 -19.37 19.60 49.11
C GLN H 17 -19.84 18.36 49.85
N ASP H 18 -20.93 18.48 50.62
CA ASP H 18 -21.48 17.31 51.29
C ASP H 18 -21.95 16.28 50.26
N GLY H 19 -22.58 16.73 49.18
CA GLY H 19 -23.00 15.81 48.14
C GLY H 19 -21.84 15.12 47.46
N ALA H 20 -20.75 15.86 47.24
CA ALA H 20 -19.55 15.25 46.66
C ALA H 20 -18.96 14.21 47.61
N ARG H 21 -18.95 14.51 48.91
CA ARG H 21 -18.48 13.53 49.89
C ARG H 21 -19.34 12.27 49.83
N THR H 22 -20.66 12.43 49.81
CA THR H 22 -21.55 11.27 49.75
C THR H 22 -21.35 10.49 48.46
N PHE H 23 -21.17 11.19 47.34
CA PHE H 23 -20.95 10.52 46.06
C PHE H 23 -19.63 9.75 46.07
N ALA H 24 -18.58 10.34 46.63
CA ALA H 24 -17.28 9.68 46.64
C ALA H 24 -17.28 8.45 47.55
N ASN H 25 -18.02 8.52 48.66
CA ASN H 25 -17.99 7.43 49.62
C ASN H 25 -18.98 6.32 49.31
N TYR H 26 -20.21 6.68 48.96
CA TYR H 26 -21.29 5.70 48.81
C TYR H 26 -21.63 5.36 47.37
N CYS H 27 -21.20 6.18 46.41
CA CYS H 27 -21.65 6.02 45.03
C CYS H 27 -20.54 5.64 44.07
N MET H 28 -19.32 6.09 44.32
CA MET H 28 -18.22 5.79 43.40
C MET H 28 -17.75 4.34 43.52
N GLY H 29 -18.28 3.58 44.49
CA GLY H 29 -17.95 2.16 44.54
C GLY H 29 -18.40 1.43 43.28
N CYS H 30 -19.58 1.76 42.76
CA CYS H 30 -20.10 1.15 41.55
C CYS H 30 -20.27 2.10 40.38
N HIS H 31 -20.47 3.40 40.65
CA HIS H 31 -20.74 4.38 39.60
C HIS H 31 -19.50 5.23 39.34
N SER H 32 -19.20 5.45 38.07
CA SER H 32 -18.20 6.42 37.68
C SER H 32 -18.84 7.78 37.49
N ALA H 33 -18.02 8.83 37.62
CA ALA H 33 -18.37 10.16 37.17
C ALA H 33 -17.33 10.57 36.16
N LYS H 34 -17.04 9.66 35.22
CA LYS H 34 -15.84 9.70 34.41
C LYS H 34 -15.79 10.89 33.45
N PHE H 35 -16.88 11.62 33.28
CA PHE H 35 -16.90 12.75 32.37
C PHE H 35 -16.56 14.06 33.04
N GLN H 36 -16.29 14.06 34.35
CA GLN H 36 -15.81 15.24 35.05
C GLN H 36 -14.52 14.90 35.77
N ARG H 37 -13.72 15.93 36.03
CA ARG H 37 -12.41 15.78 36.64
C ARG H 37 -12.46 16.21 38.10
N TYR H 38 -11.62 15.58 38.93
CA TYR H 38 -11.55 15.97 40.33
C TYR H 38 -11.15 17.44 40.47
N GLU H 39 -10.25 17.90 39.59
CA GLU H 39 -9.78 19.28 39.66
C GLU H 39 -10.94 20.27 39.47
N ARG H 40 -11.78 20.03 38.47
CA ARG H 40 -12.87 20.94 38.20
C ARG H 40 -13.92 20.88 39.29
N VAL H 41 -14.20 19.69 39.82
CA VAL H 41 -15.14 19.58 40.93
C VAL H 41 -14.62 20.37 42.12
N ALA H 42 -13.33 20.25 42.43
CA ALA H 42 -12.75 21.01 43.52
C ALA H 42 -12.86 22.50 43.27
N THR H 43 -12.55 22.95 42.06
CA THR H 43 -12.60 24.37 41.75
C THR H 43 -14.01 24.93 41.88
N ASP H 44 -15.00 24.20 41.36
CA ASP H 44 -16.37 24.70 41.35
C ASP H 44 -17.01 24.61 42.74
N LEU H 45 -16.59 23.63 43.54
CA LEU H 45 -17.14 23.47 44.88
C LEU H 45 -16.35 24.24 45.94
N GLY H 46 -15.30 24.94 45.55
CA GLY H 46 -14.49 25.66 46.50
C GLY H 46 -13.62 24.78 47.37
N ILE H 47 -13.29 23.58 46.92
CA ILE H 47 -12.49 22.64 47.70
C ILE H 47 -11.02 22.82 47.32
N PRO H 48 -10.12 23.04 48.28
CA PRO H 48 -8.70 23.11 47.92
C PRO H 48 -8.21 21.82 47.29
N ALA H 49 -7.24 21.95 46.39
CA ALA H 49 -6.76 20.79 45.64
C ALA H 49 -6.20 19.73 46.57
N ASP H 50 -5.40 20.12 47.55
CA ASP H 50 -4.87 19.16 48.51
C ASP H 50 -6.00 18.51 49.30
N LEU H 51 -6.97 19.31 49.74
CA LEU H 51 -8.12 18.77 50.47
C LEU H 51 -8.92 17.82 49.59
N MET H 52 -9.12 18.18 48.31
CA MET H 52 -9.82 17.29 47.40
C MET H 52 -9.10 15.97 47.24
N MET H 53 -7.77 16.02 47.08
CA MET H 53 -7.00 14.80 46.92
C MET H 53 -7.07 13.93 48.17
N GLU H 54 -7.02 14.56 49.35
CA GLU H 54 -7.01 13.80 50.60
C GLU H 54 -8.37 13.21 50.92
N LYS H 55 -9.45 13.95 50.63
CA LYS H 55 -10.77 13.62 51.16
C LYS H 55 -11.69 12.96 50.15
N LEU H 56 -11.50 13.19 48.85
CA LEU H 56 -12.44 12.71 47.84
C LEU H 56 -11.82 11.84 46.77
N VAL H 57 -10.50 11.85 46.60
CA VAL H 57 -9.83 11.00 45.63
C VAL H 57 -9.34 9.75 46.35
N PHE H 58 -10.05 8.64 46.16
CA PHE H 58 -9.71 7.38 46.80
C PHE H 58 -9.08 6.38 45.85
N THR H 59 -9.13 6.62 44.54
CA THR H 59 -8.65 5.68 43.55
C THR H 59 -7.16 5.80 43.27
N GLY H 60 -6.48 6.74 43.92
CA GLY H 60 -5.08 6.99 43.63
C GLY H 60 -4.86 7.85 42.40
N ALA H 61 -5.92 8.40 41.82
CA ALA H 61 -5.82 9.22 40.63
C ALA H 61 -5.30 10.61 40.98
N LYS H 62 -4.86 11.33 39.96
CA LYS H 62 -4.40 12.70 40.11
C LYS H 62 -5.60 13.65 40.17
N ILE H 63 -5.33 14.88 40.61
CA ILE H 63 -6.39 15.87 40.73
C ILE H 63 -7.03 16.14 39.38
N GLY H 64 -6.24 16.15 38.31
CA GLY H 64 -6.74 16.44 36.98
C GLY H 64 -7.34 15.26 36.26
N ASP H 65 -7.48 14.12 36.92
CA ASP H 65 -8.01 12.92 36.29
C ASP H 65 -9.53 12.88 36.36
N HIS H 66 -10.12 12.14 35.43
CA HIS H 66 -11.54 11.87 35.49
C HIS H 66 -11.87 10.99 36.68
N MET H 67 -13.06 11.18 37.23
CA MET H 67 -13.50 10.43 38.42
C MET H 67 -13.91 9.01 38.02
N ASP H 68 -12.91 8.26 37.54
CA ASP H 68 -13.09 6.88 37.15
C ASP H 68 -13.10 5.96 38.37
N ILE H 69 -13.59 4.75 38.17
CA ILE H 69 -13.68 3.76 39.24
C ILE H 69 -13.16 2.43 38.72
N GLY H 70 -12.81 1.54 39.66
CA GLY H 70 -12.28 0.24 39.28
C GLY H 70 -13.32 -0.69 38.71
N MET H 71 -14.56 -0.59 39.18
CA MET H 71 -15.61 -1.49 38.72
C MET H 71 -15.91 -1.25 37.24
N LYS H 72 -15.52 -2.20 36.40
CA LYS H 72 -15.75 -2.07 34.97
C LYS H 72 -17.22 -2.30 34.64
N PRO H 73 -17.75 -1.60 33.62
CA PRO H 73 -19.18 -1.76 33.31
C PRO H 73 -19.59 -3.19 33.01
N ALA H 74 -18.76 -3.96 32.31
CA ALA H 74 -19.13 -5.34 31.99
C ALA H 74 -19.22 -6.20 33.25
N ASP H 75 -18.23 -6.08 34.13
CA ASP H 75 -18.25 -6.84 35.37
C ASP H 75 -19.46 -6.46 36.22
N ALA H 76 -19.76 -5.16 36.32
CA ALA H 76 -20.90 -4.72 37.11
C ALA H 76 -22.21 -5.21 36.49
N LYS H 77 -22.31 -5.18 35.16
CA LYS H 77 -23.53 -5.69 34.52
C LYS H 77 -23.71 -7.16 34.81
N THR H 78 -22.62 -7.94 34.77
CA THR H 78 -22.71 -9.34 35.13
C THR H 78 -23.15 -9.51 36.58
N TRP H 79 -22.55 -8.76 37.49
CA TRP H 79 -22.77 -8.97 38.92
C TRP H 79 -24.18 -8.56 39.34
N PHE H 80 -24.60 -7.36 38.95
CA PHE H 80 -25.87 -6.81 39.38
C PHE H 80 -27.03 -7.14 38.44
N GLY H 81 -26.75 -7.67 37.26
CA GLY H 81 -27.77 -7.83 36.24
C GLY H 81 -27.99 -6.58 35.41
N ALA H 82 -27.44 -5.44 35.81
CA ALA H 82 -27.53 -4.21 35.07
C ALA H 82 -26.29 -3.39 35.37
N ALA H 83 -25.79 -2.70 34.37
CA ALA H 83 -24.59 -1.88 34.56
C ALA H 83 -24.94 -0.61 35.33
N PRO H 84 -24.24 -0.29 36.40
CA PRO H 84 -24.44 1.01 37.04
C PRO H 84 -24.01 2.13 36.12
N PRO H 85 -24.95 2.92 35.59
CA PRO H 85 -24.57 3.93 34.61
C PRO H 85 -23.71 5.02 35.21
N ASP H 86 -22.88 5.63 34.36
CA ASP H 86 -22.13 6.80 34.78
C ASP H 86 -23.10 7.88 35.23
N LEU H 87 -22.81 8.48 36.38
CA LEU H 87 -23.74 9.41 37.02
C LEU H 87 -23.37 10.86 36.79
N THR H 88 -22.39 11.14 35.92
CA THR H 88 -22.02 12.52 35.65
C THR H 88 -23.21 13.30 35.08
N LEU H 89 -23.94 12.70 34.15
CA LEU H 89 -25.05 13.35 33.47
C LEU H 89 -26.41 12.83 33.91
N VAL H 90 -26.47 12.06 35.00
CA VAL H 90 -27.74 11.45 35.40
C VAL H 90 -28.74 12.52 35.82
N ALA H 91 -28.27 13.64 36.38
CA ALA H 91 -29.18 14.72 36.75
C ALA H 91 -29.82 15.35 35.53
N ARG H 92 -29.22 15.22 34.35
CA ARG H 92 -29.84 15.66 33.11
C ARG H 92 -30.65 14.56 32.45
N VAL H 93 -30.24 13.30 32.61
CA VAL H 93 -30.99 12.20 32.04
C VAL H 93 -32.31 12.00 32.77
N ARG H 94 -32.31 12.13 34.09
CA ARG H 94 -33.49 11.87 34.91
C ARG H 94 -34.09 13.12 35.53
N GLY H 95 -33.29 14.14 35.80
CA GLY H 95 -33.76 15.31 36.53
C GLY H 95 -33.53 15.16 38.03
N THR H 96 -33.43 16.31 38.70
CA THR H 96 -33.13 16.30 40.12
C THR H 96 -34.31 15.77 40.93
N ASP H 97 -35.54 16.07 40.51
CA ASP H 97 -36.70 15.56 41.22
C ASP H 97 -36.75 14.03 41.16
N TRP H 98 -36.50 13.47 39.97
CA TRP H 98 -36.49 12.02 39.84
C TRP H 98 -35.41 11.39 40.71
N LEU H 99 -34.21 11.96 40.71
CA LEU H 99 -33.15 11.43 41.56
C LEU H 99 -33.51 11.51 43.03
N TYR H 100 -34.06 12.65 43.45
CA TYR H 100 -34.43 12.84 44.85
C TYR H 100 -35.47 11.83 45.28
N SER H 101 -36.48 11.59 44.44
CA SER H 101 -37.51 10.61 44.77
C SER H 101 -36.97 9.19 44.70
N TYR H 102 -36.02 8.92 43.80
CA TYR H 102 -35.49 7.57 43.61
C TYR H 102 -34.60 7.15 44.77
N LEU H 103 -33.70 8.03 45.20
CA LEU H 103 -32.78 7.69 46.27
C LEU H 103 -33.47 7.59 47.63
N ARG H 104 -34.71 8.05 47.74
CA ARG H 104 -35.48 7.96 48.97
C ARG H 104 -36.61 6.94 48.89
N SER H 105 -36.72 6.24 47.76
CA SER H 105 -37.84 5.32 47.53
C SER H 105 -37.45 3.85 47.61
N PHE H 106 -36.26 3.55 48.10
CA PHE H 106 -35.87 2.15 48.28
C PHE H 106 -36.60 1.55 49.46
N TYR H 107 -37.25 0.41 49.25
CA TYR H 107 -37.90 -0.32 50.33
C TYR H 107 -37.54 -1.79 50.21
N GLU H 108 -37.80 -2.54 51.28
CA GLU H 108 -37.41 -3.94 51.33
C GLU H 108 -38.42 -4.80 50.60
N ASP H 109 -37.92 -5.60 49.65
CA ASP H 109 -38.76 -6.49 48.85
C ASP H 109 -38.01 -7.82 48.72
N PRO H 110 -38.32 -8.82 49.54
CA PRO H 110 -37.54 -10.06 49.52
C PRO H 110 -37.55 -10.77 48.18
N LYS H 111 -38.58 -10.57 47.36
CA LYS H 111 -38.62 -11.24 46.06
C LYS H 111 -37.56 -10.74 45.10
N ARG H 112 -36.89 -9.63 45.40
CA ARG H 112 -35.90 -9.05 44.52
C ARG H 112 -34.51 -9.62 44.79
N PRO H 113 -33.64 -9.65 43.78
CA PRO H 113 -32.31 -10.24 44.00
C PRO H 113 -31.53 -9.61 45.13
N TRP H 114 -31.64 -8.30 45.33
CA TRP H 114 -30.92 -7.59 46.37
C TRP H 114 -31.83 -7.27 47.56
N GLY H 115 -33.00 -7.89 47.63
CA GLY H 115 -33.86 -7.71 48.78
C GLY H 115 -34.53 -6.37 48.86
N VAL H 116 -34.48 -5.58 47.79
CA VAL H 116 -35.07 -4.24 47.79
C VAL H 116 -35.73 -3.98 46.43
N ASN H 117 -36.71 -3.09 46.47
CA ASN H 117 -37.32 -2.55 45.26
C ASN H 117 -37.39 -1.04 45.42
N ASN H 118 -37.75 -0.36 44.34
CA ASN H 118 -37.84 1.09 44.34
C ASN H 118 -39.19 1.52 43.76
N VAL H 119 -39.84 2.48 44.43
CA VAL H 119 -41.10 2.99 43.93
C VAL H 119 -40.89 3.75 42.62
N ILE H 120 -39.86 4.59 42.56
CA ILE H 120 -39.58 5.37 41.37
C ILE H 120 -39.08 4.47 40.24
N PHE H 121 -38.25 3.49 40.58
CA PHE H 121 -37.58 2.63 39.61
C PHE H 121 -37.90 1.19 39.97
N PRO H 122 -39.08 0.70 39.62
CA PRO H 122 -39.45 -0.67 40.01
C PRO H 122 -38.48 -1.69 39.43
N ASN H 123 -38.18 -2.72 40.23
CA ASN H 123 -37.31 -3.81 39.81
C ASN H 123 -35.92 -3.30 39.42
N VAL H 124 -35.48 -2.23 40.07
CA VAL H 124 -34.16 -1.69 39.81
C VAL H 124 -33.10 -2.64 40.35
N GLY H 125 -31.96 -2.70 39.67
CA GLY H 125 -30.86 -3.53 40.08
C GLY H 125 -29.95 -2.93 41.13
N MET H 126 -30.24 -1.71 41.60
CA MET H 126 -29.44 -1.10 42.65
C MET H 126 -29.70 -1.79 43.98
N PRO H 127 -28.66 -2.25 44.68
CA PRO H 127 -28.83 -2.51 46.12
C PRO H 127 -29.08 -1.19 46.85
N ASN H 128 -29.81 -1.29 47.95
CA ASN H 128 -30.06 -0.11 48.77
C ASN H 128 -28.80 0.25 49.55
N VAL H 129 -27.93 1.04 48.94
CA VAL H 129 -26.61 1.32 49.51
C VAL H 129 -26.66 2.38 50.61
N LEU H 130 -27.73 3.16 50.68
CA LEU H 130 -27.88 4.17 51.73
C LEU H 130 -28.74 3.66 52.88
N ALA H 131 -29.02 2.36 52.93
CA ALA H 131 -29.76 1.80 54.04
C ALA H 131 -29.14 2.12 55.40
N PRO H 132 -27.82 2.10 55.58
CA PRO H 132 -27.26 2.47 56.88
C PRO H 132 -27.70 3.86 57.34
N LEU H 133 -27.86 4.79 56.41
CA LEU H 133 -28.22 6.16 56.78
C LEU H 133 -29.72 6.30 56.96
N GLN H 134 -30.49 5.98 55.92
CA GLN H 134 -31.95 6.07 56.03
C GLN H 134 -32.49 5.10 57.07
N GLY H 135 -31.93 3.90 57.12
CA GLY H 135 -32.48 2.83 57.92
C GLY H 135 -33.30 1.88 57.08
N ARG H 136 -34.01 1.00 57.77
CA ARG H 136 -34.84 -0.01 57.12
C ARG H 136 -36.15 0.65 56.71
N GLN H 137 -36.36 0.83 55.41
CA GLN H 137 -37.58 1.41 54.86
C GLN H 137 -38.44 0.32 54.26
N VAL H 138 -39.71 0.28 54.66
CA VAL H 138 -40.63 -0.76 54.24
C VAL H 138 -41.92 -0.12 53.75
N ILE H 139 -42.68 -0.86 52.96
CA ILE H 139 -43.98 -0.42 52.50
C ILE H 139 -45.02 -0.71 53.57
N GLN H 169 -47.26 2.96 50.91
CA GLN H 169 -46.59 4.07 51.59
C GLN H 169 -45.28 3.61 52.21
N LEU H 170 -44.22 4.38 52.02
CA LEU H 170 -42.91 4.04 52.54
C LEU H 170 -42.76 4.56 53.97
N THR H 171 -42.33 3.68 54.86
CA THR H 171 -42.08 4.03 56.25
C THR H 171 -40.74 3.43 56.69
N VAL H 172 -39.97 4.22 57.44
CA VAL H 172 -38.67 3.78 57.94
C VAL H 172 -38.86 3.15 59.31
N VAL H 173 -38.34 1.92 59.46
CA VAL H 173 -38.43 1.25 60.75
C VAL H 173 -37.67 2.08 61.79
N PRO H 174 -38.25 2.37 62.96
CA PRO H 174 -37.55 3.23 63.91
C PRO H 174 -36.25 2.61 64.40
N LYS H 175 -35.26 3.48 64.64
CA LYS H 175 -33.97 3.07 65.20
C LYS H 175 -33.30 2.01 64.33
N THR H 176 -33.23 2.29 63.02
CA THR H 176 -32.56 1.41 62.08
C THR H 176 -31.55 2.13 61.19
N GLY H 177 -31.50 3.47 61.23
CA GLY H 177 -30.54 4.20 60.43
C GLY H 177 -29.89 5.30 61.26
N GLU H 178 -28.73 5.74 60.78
CA GLU H 178 -28.01 6.81 61.48
C GLU H 178 -28.80 8.10 61.47
N LEU H 179 -29.48 8.40 60.35
CA LEU H 179 -30.15 9.67 60.15
C LEU H 179 -31.66 9.48 60.23
N ASN H 180 -32.35 10.54 60.65
CA ASN H 180 -33.81 10.56 60.61
C ASN H 180 -34.27 10.97 59.22
N GLU H 181 -35.59 11.13 59.06
CA GLU H 181 -36.14 11.46 57.74
C GLU H 181 -35.61 12.80 57.25
N ALA H 182 -35.62 13.82 58.14
CA ALA H 182 -35.14 15.13 57.74
C ALA H 182 -33.64 15.11 57.45
N GLN H 183 -32.86 14.45 58.30
CA GLN H 183 -31.41 14.40 58.09
C GLN H 183 -31.06 13.61 56.84
N PHE H 184 -31.80 12.54 56.55
CA PHE H 184 -31.54 11.78 55.32
C PHE H 184 -31.97 12.56 54.09
N ASP H 185 -33.07 13.31 54.16
CA ASP H 185 -33.50 14.11 53.03
C ASP H 185 -32.45 15.17 52.68
N GLU H 186 -31.86 15.80 53.71
CA GLU H 186 -30.78 16.74 53.46
C GLU H 186 -29.59 16.05 52.81
N LYS H 187 -29.26 14.85 53.27
CA LYS H 187 -28.17 14.09 52.66
C LYS H 187 -28.46 13.79 51.21
N VAL H 188 -29.67 13.34 50.89
CA VAL H 188 -30.03 13.08 49.51
C VAL H 188 -30.08 14.38 48.73
N LYS H 189 -30.62 15.45 49.33
CA LYS H 189 -30.69 16.73 48.65
C LYS H 189 -29.30 17.24 48.30
N ASN H 190 -28.36 17.15 49.25
CA ASN H 190 -26.99 17.57 48.97
C ASN H 190 -26.37 16.70 47.88
N LEU H 191 -26.59 15.38 47.95
CA LEU H 191 -26.07 14.49 46.92
C LEU H 191 -26.69 14.81 45.57
N VAL H 192 -28.01 15.00 45.52
CA VAL H 192 -28.65 15.35 44.26
C VAL H 192 -28.16 16.70 43.78
N THR H 193 -27.91 17.64 44.70
CA THR H 193 -27.37 18.94 44.30
C THR H 193 -26.00 18.78 43.64
N PHE H 194 -25.14 17.93 44.21
CA PHE H 194 -23.85 17.67 43.58
C PHE H 194 -24.04 17.00 42.22
N LEU H 195 -24.97 16.04 42.13
CA LEU H 195 -25.27 15.43 40.84
C LEU H 195 -25.81 16.47 39.87
N ALA H 196 -26.67 17.38 40.35
CA ALA H 196 -27.16 18.45 39.50
C ALA H 196 -26.01 19.30 38.97
N TYR H 197 -25.07 19.66 39.83
CA TYR H 197 -23.89 20.39 39.38
C TYR H 197 -23.07 19.57 38.40
N SER H 198 -22.89 18.28 38.69
CA SER H 198 -22.05 17.44 37.84
C SER H 198 -22.60 17.38 36.42
N ALA H 199 -23.91 17.24 36.28
CA ALA H 199 -24.52 17.19 34.95
C ALA H 199 -24.30 18.50 34.19
N ASN H 200 -24.44 19.62 34.89
CA ASN H 200 -24.32 20.96 34.28
C ASN H 200 -23.36 21.80 35.11
N PRO H 201 -22.05 21.62 34.92
CA PRO H 201 -21.07 22.44 35.64
C PRO H 201 -20.98 23.88 35.14
N ASN H 202 -21.58 24.21 33.99
CA ASN H 202 -21.49 25.53 33.40
C ASN H 202 -22.70 26.41 33.71
N LYS H 203 -23.66 25.91 34.51
CA LYS H 203 -24.91 26.63 34.67
C LYS H 203 -24.70 28.01 35.28
N LEU H 204 -23.91 28.09 36.36
CA LEU H 204 -23.68 29.39 36.99
C LEU H 204 -22.91 30.32 36.07
N ALA H 205 -21.85 29.82 35.43
CA ALA H 205 -21.13 30.65 34.48
C ALA H 205 -21.98 30.98 33.27
N SER H 206 -22.93 30.11 32.92
CA SER H 206 -23.80 30.37 31.79
C SER H 206 -24.77 31.51 32.10
N GLU H 207 -25.38 31.48 33.29
CA GLU H 207 -26.32 32.53 33.65
C GLU H 207 -25.61 33.88 33.80
N ARG H 208 -24.36 33.86 34.24
CA ARG H 208 -23.60 35.10 34.35
C ARG H 208 -23.26 35.66 32.97
N ILE H 209 -22.77 34.81 32.07
CA ILE H 209 -22.43 35.27 30.73
C ILE H 209 -23.68 35.65 29.96
N GLY H 210 -24.75 34.86 30.09
CA GLY H 210 -25.97 35.14 29.36
C GLY H 210 -26.55 36.50 29.71
N THR H 211 -26.43 36.91 30.97
CA THR H 211 -26.94 38.22 31.37
C THR H 211 -26.25 39.34 30.61
N TYR H 212 -24.93 39.24 30.45
CA TYR H 212 -24.20 40.28 29.74
C TYR H 212 -24.45 40.21 28.24
N VAL H 213 -24.54 39.01 27.69
CA VAL H 213 -24.83 38.86 26.26
C VAL H 213 -26.19 39.46 25.95
N LEU H 214 -27.19 39.18 26.78
CA LEU H 214 -28.52 39.73 26.56
C LEU H 214 -28.54 41.24 26.76
N LEU H 215 -27.78 41.75 27.73
CA LEU H 215 -27.68 43.18 27.91
C LEU H 215 -27.07 43.85 26.69
N TYR H 216 -25.99 43.26 26.15
CA TYR H 216 -25.38 43.82 24.95
C TYR H 216 -26.35 43.76 23.78
N LEU H 217 -27.08 42.66 23.63
CA LEU H 217 -27.99 42.53 22.49
C LEU H 217 -29.16 43.50 22.60
N ALA H 218 -29.66 43.71 23.82
CA ALA H 218 -30.65 44.77 24.02
C ALA H 218 -30.05 46.13 23.70
N PHE H 219 -28.81 46.36 24.11
CA PHE H 219 -28.12 47.59 23.75
C PHE H 219 -27.93 47.69 22.24
N PHE H 220 -27.53 46.59 21.60
CA PHE H 220 -27.33 46.61 20.15
C PHE H 220 -28.65 46.71 19.41
N PHE H 221 -29.73 46.15 19.96
CA PHE H 221 -31.02 46.21 19.29
C PHE H 221 -31.49 47.64 19.13
N VAL H 222 -31.33 48.46 20.16
CA VAL H 222 -31.79 49.85 20.08
C VAL H 222 -31.10 50.59 18.96
N PHE H 223 -29.79 50.45 18.83
CA PHE H 223 -29.05 51.07 17.74
C PHE H 223 -29.47 50.50 16.38
N ALA H 224 -29.63 49.18 16.29
CA ALA H 224 -30.10 48.60 15.04
C ALA H 224 -31.52 49.05 14.73
N TYR H 225 -32.39 49.08 15.75
CA TYR H 225 -33.76 49.52 15.52
C TYR H 225 -33.81 50.98 15.09
N LEU H 226 -33.04 51.84 15.76
CA LEU H 226 -33.00 53.24 15.38
C LEU H 226 -32.42 53.42 13.98
N LEU H 227 -31.36 52.68 13.66
CA LEU H 227 -30.78 52.77 12.32
C LEU H 227 -31.80 52.37 11.26
N LYS H 228 -32.54 51.29 11.50
CA LYS H 228 -33.57 50.88 10.56
C LYS H 228 -34.66 51.96 10.46
N ARG H 229 -35.07 52.51 11.60
CA ARG H 229 -36.11 53.55 11.58
C ARG H 229 -35.64 54.78 10.81
N GLU H 230 -34.37 55.16 10.98
CA GLU H 230 -33.85 56.32 10.27
C GLU H 230 -33.88 56.11 8.76
N TYR H 231 -33.47 54.93 8.29
CA TYR H 231 -33.38 54.69 6.86
C TYR H 231 -34.75 54.54 6.22
N TRP H 232 -35.72 53.96 6.93
CA TRP H 232 -37.01 53.65 6.36
C TRP H 232 -37.97 54.85 6.40
N LYS H 233 -37.45 56.06 6.54
CA LYS H 233 -38.27 57.27 6.42
C LYS H 233 -38.51 57.61 4.96
N ALA I 1 -38.85 -15.17 58.67
CA ALA I 1 -37.68 -14.59 59.33
C ALA I 1 -37.39 -15.32 60.63
N GLY I 2 -36.15 -15.21 61.10
CA GLY I 2 -35.75 -15.87 62.33
C GLY I 2 -36.06 -15.06 63.57
N ASP I 3 -35.97 -15.74 64.71
CA ASP I 3 -36.22 -15.13 66.02
C ASP I 3 -34.89 -15.07 66.78
N ALA I 4 -34.44 -13.85 67.07
CA ALA I 4 -33.16 -13.69 67.77
C ALA I 4 -33.21 -14.29 69.17
N ALA I 5 -34.34 -14.17 69.85
CA ALA I 5 -34.45 -14.67 71.21
C ALA I 5 -34.19 -16.17 71.27
N ALA I 6 -34.88 -16.94 70.42
CA ALA I 6 -34.62 -18.38 70.36
C ALA I 6 -33.25 -18.67 69.76
N GLY I 7 -32.81 -17.84 68.81
CA GLY I 7 -31.51 -18.06 68.20
C GLY I 7 -30.39 -18.02 69.20
N GLN I 8 -30.49 -17.14 70.20
CA GLN I 8 -29.46 -17.07 71.22
C GLN I 8 -29.26 -18.42 71.90
N ALA I 9 -30.36 -19.07 72.29
CA ALA I 9 -30.27 -20.40 72.86
C ALA I 9 -29.75 -21.40 71.83
N LYS I 10 -30.25 -21.31 70.60
CA LYS I 10 -29.81 -22.24 69.56
C LYS I 10 -28.36 -22.00 69.15
N ALA I 11 -27.84 -20.79 69.33
CA ALA I 11 -26.50 -20.43 68.89
C ALA I 11 -25.44 -20.64 69.96
N ALA I 12 -25.81 -21.23 71.11
CA ALA I 12 -24.84 -21.44 72.17
C ALA I 12 -23.70 -22.36 71.73
N VAL I 13 -24.04 -23.43 71.00
CA VAL I 13 -23.01 -24.36 70.56
C VAL I 13 -22.00 -23.66 69.66
N CYS I 14 -22.49 -22.74 68.81
CA CYS I 14 -21.60 -22.00 67.93
C CYS I 14 -20.63 -21.12 68.72
N GLY I 15 -21.09 -20.58 69.85
CA GLY I 15 -20.27 -19.67 70.62
C GLY I 15 -18.95 -20.27 71.07
N ALA I 16 -18.82 -21.59 71.02
CA ALA I 16 -17.54 -22.20 71.36
C ALA I 16 -16.43 -21.68 70.45
N CYS I 17 -16.72 -21.54 69.15
CA CYS I 17 -15.75 -21.04 68.18
C CYS I 17 -15.94 -19.57 67.84
N HIS I 18 -17.19 -19.15 67.64
CA HIS I 18 -17.48 -17.79 67.19
C HIS I 18 -17.75 -16.83 68.34
N GLY I 19 -17.70 -17.29 69.58
CA GLY I 19 -18.00 -16.42 70.70
C GLY I 19 -19.48 -16.40 71.04
N ALA I 20 -19.77 -16.15 72.32
CA ALA I 20 -21.16 -16.19 72.77
C ALA I 20 -22.01 -15.17 72.03
N ASP I 21 -21.49 -13.96 71.84
CA ASP I 21 -22.20 -12.90 71.12
C ASP I 21 -21.86 -12.87 69.63
N GLY I 22 -21.06 -13.83 69.15
CA GLY I 22 -20.65 -13.85 67.76
C GLY I 22 -19.36 -13.12 67.48
N ASN I 23 -18.73 -12.52 68.49
CA ASN I 23 -17.44 -11.87 68.32
C ASN I 23 -16.36 -12.87 68.72
N SER I 24 -15.86 -13.62 67.74
CA SER I 24 -14.92 -14.69 68.02
C SER I 24 -13.62 -14.12 68.59
N PRO I 25 -12.99 -14.81 69.55
CA PRO I 25 -11.70 -14.34 70.06
C PRO I 25 -10.55 -14.73 69.15
N ALA I 26 -10.63 -15.89 68.52
CA ALA I 26 -9.54 -16.40 67.70
C ALA I 26 -9.62 -15.80 66.30
N PRO I 27 -8.50 -15.35 65.72
CA PRO I 27 -8.57 -14.75 64.38
C PRO I 27 -9.10 -15.70 63.30
N ASN I 28 -8.83 -16.99 63.40
CA ASN I 28 -9.20 -17.90 62.32
C ASN I 28 -10.71 -18.12 62.27
N PHE I 29 -11.41 -17.89 63.38
CA PHE I 29 -12.87 -18.04 63.38
C PHE I 29 -13.51 -16.70 63.03
N PRO I 30 -14.38 -16.64 62.02
CA PRO I 30 -15.03 -15.37 61.70
C PRO I 30 -15.96 -14.90 62.81
N LYS I 31 -16.07 -13.58 62.94
CA LYS I 31 -17.08 -12.99 63.81
C LYS I 31 -18.43 -13.05 63.11
N LEU I 32 -19.45 -13.51 63.84
CA LEU I 32 -20.80 -13.54 63.31
C LEU I 32 -21.66 -12.41 63.86
N ALA I 33 -21.17 -11.70 64.88
CA ALA I 33 -21.94 -10.60 65.45
C ALA I 33 -22.13 -9.48 64.43
N GLY I 34 -23.35 -8.98 64.33
CA GLY I 34 -23.65 -7.88 63.43
C GLY I 34 -23.58 -8.23 61.96
N GLN I 35 -23.37 -9.49 61.62
CA GLN I 35 -23.36 -9.89 60.22
C GLN I 35 -24.78 -9.88 59.66
N GLY I 36 -24.88 -9.59 58.36
CA GLY I 36 -26.18 -9.55 57.71
C GLY I 36 -26.93 -10.85 57.87
N GLU I 37 -28.21 -10.77 58.25
CA GLU I 37 -29.00 -11.98 58.44
C GLU I 37 -29.06 -12.80 57.16
N ARG I 38 -29.32 -12.16 56.03
CA ARG I 38 -29.40 -12.88 54.76
C ARG I 38 -28.08 -13.58 54.45
N TYR I 39 -26.96 -12.87 54.63
CA TYR I 39 -25.66 -13.47 54.36
C TYR I 39 -25.37 -14.62 55.31
N LEU I 40 -25.69 -14.45 56.61
CA LEU I 40 -25.45 -15.52 57.56
C LEU I 40 -26.25 -16.77 57.20
N LEU I 41 -27.53 -16.58 56.85
CA LEU I 41 -28.36 -17.71 56.48
C LEU I 41 -27.85 -18.37 55.20
N LYS I 42 -27.41 -17.57 54.22
CA LYS I 42 -26.88 -18.14 52.99
C LYS I 42 -25.63 -18.96 53.28
N GLN I 43 -24.73 -18.45 54.12
CA GLN I 43 -23.53 -19.20 54.45
C GLN I 43 -23.86 -20.47 55.21
N MET I 44 -24.83 -20.40 56.13
CA MET I 44 -25.23 -21.58 56.86
C MET I 44 -25.76 -22.66 55.93
N HIS I 45 -26.62 -22.26 54.99
CA HIS I 45 -27.17 -23.23 54.04
C HIS I 45 -26.11 -23.76 53.09
N ASP I 46 -25.17 -22.91 52.68
CA ASP I 46 -24.09 -23.36 51.81
C ASP I 46 -23.21 -24.37 52.51
N ILE I 47 -22.93 -24.15 53.79
CA ILE I 47 -22.14 -25.10 54.56
C ILE I 47 -22.92 -26.40 54.76
N LYS I 48 -24.23 -26.30 54.97
CA LYS I 48 -25.06 -27.49 55.10
C LYS I 48 -25.02 -28.33 53.82
N ASP I 49 -25.25 -27.69 52.67
CA ASP I 49 -25.36 -28.40 51.40
C ASP I 49 -24.03 -28.66 50.74
N GLY I 50 -22.92 -28.23 51.33
CA GLY I 50 -21.62 -28.43 50.75
C GLY I 50 -21.20 -27.39 49.74
N LYS I 51 -22.03 -26.38 49.48
CA LYS I 51 -21.61 -25.31 48.57
C LYS I 51 -20.41 -24.56 49.12
N ARG I 52 -20.27 -24.50 50.44
CA ARG I 52 -19.08 -23.97 51.10
C ARG I 52 -18.54 -25.02 52.05
N THR I 53 -17.25 -25.28 51.98
CA THR I 53 -16.62 -26.33 52.79
C THR I 53 -15.96 -25.70 54.01
N VAL I 54 -16.45 -26.05 55.19
CA VAL I 54 -15.86 -25.66 56.46
C VAL I 54 -15.65 -26.95 57.24
N LEU I 55 -14.42 -27.46 57.25
CA LEU I 55 -14.16 -28.74 57.89
C LEU I 55 -14.48 -28.69 59.38
N GLU I 56 -14.14 -27.57 60.03
CA GLU I 56 -14.42 -27.43 61.46
C GLU I 56 -15.91 -27.46 61.76
N MET I 57 -16.76 -27.21 60.76
CA MET I 57 -18.21 -27.21 60.94
C MET I 57 -18.86 -28.51 60.47
N THR I 58 -18.06 -29.53 60.18
CA THR I 58 -18.59 -30.76 59.61
C THR I 58 -19.67 -31.35 60.51
N GLY I 59 -20.89 -31.39 60.00
CA GLY I 59 -21.99 -32.01 60.71
C GLY I 59 -22.66 -31.16 61.77
N LEU I 60 -22.18 -29.94 61.99
CA LEU I 60 -22.76 -29.09 63.03
C LEU I 60 -24.12 -28.54 62.62
N LEU I 61 -24.37 -28.37 61.32
CA LEU I 61 -25.62 -27.81 60.83
C LEU I 61 -26.56 -28.84 60.25
N THR I 62 -26.15 -30.12 60.18
CA THR I 62 -27.00 -31.14 59.57
C THR I 62 -28.30 -31.31 60.35
N ASN I 63 -28.23 -31.29 61.68
CA ASN I 63 -29.40 -31.49 62.51
C ASN I 63 -30.26 -30.24 62.68
N LEU I 64 -29.74 -29.07 62.30
CA LEU I 64 -30.48 -27.82 62.44
C LEU I 64 -31.36 -27.60 61.22
N SER I 65 -32.64 -27.34 61.47
CA SER I 65 -33.59 -27.14 60.39
C SER I 65 -33.48 -25.71 59.85
N ASP I 66 -34.30 -25.40 58.86
CA ASP I 66 -34.28 -24.06 58.28
C ASP I 66 -34.64 -23.01 59.31
N GLN I 67 -35.64 -23.28 60.16
CA GLN I 67 -36.04 -22.30 61.16
C GLN I 67 -34.96 -22.12 62.22
N ASP I 68 -34.28 -23.19 62.61
CA ASP I 68 -33.20 -23.05 63.58
C ASP I 68 -32.05 -22.22 63.01
N LEU I 69 -31.69 -22.46 61.75
CA LEU I 69 -30.65 -21.65 61.12
C LEU I 69 -31.09 -20.19 61.02
N ALA I 70 -32.35 -19.95 60.67
CA ALA I 70 -32.86 -18.59 60.60
C ALA I 70 -32.79 -17.91 61.96
N ASP I 71 -33.14 -18.63 63.02
CA ASP I 71 -33.07 -18.07 64.36
C ASP I 71 -31.65 -17.74 64.75
N ILE I 72 -30.69 -18.63 64.45
CA ILE I 72 -29.30 -18.36 64.78
C ILE I 72 -28.80 -17.15 64.01
N ALA I 73 -29.13 -17.08 62.72
CA ALA I 73 -28.71 -15.93 61.91
C ALA I 73 -29.31 -14.63 62.44
N ALA I 74 -30.59 -14.66 62.81
CA ALA I 74 -31.22 -13.46 63.35
C ALA I 74 -30.57 -13.05 64.66
N TYR I 75 -30.24 -14.01 65.52
CA TYR I 75 -29.59 -13.69 66.78
C TYR I 75 -28.23 -13.04 66.54
N PHE I 76 -27.44 -13.62 65.63
CA PHE I 76 -26.10 -13.07 65.40
C PHE I 76 -26.19 -11.71 64.72
N ALA I 77 -27.17 -11.51 63.84
CA ALA I 77 -27.34 -10.22 63.17
C ALA I 77 -27.71 -9.12 64.15
N SER I 78 -28.44 -9.45 65.22
CA SER I 78 -28.82 -8.45 66.22
C SER I 78 -27.63 -7.97 67.04
N GLN I 79 -26.50 -8.66 67.00
CA GLN I 79 -25.32 -8.27 67.76
C GLN I 79 -24.54 -7.21 67.00
N LYS I 80 -23.44 -6.74 67.61
CA LYS I 80 -22.59 -5.72 67.02
C LYS I 80 -21.18 -6.28 66.88
N MET I 81 -20.68 -6.33 65.65
CA MET I 81 -19.33 -6.81 65.42
C MET I 81 -18.32 -5.91 66.13
N SER I 82 -17.38 -6.53 66.84
CA SER I 82 -16.30 -5.77 67.44
C SER I 82 -15.30 -5.35 66.38
N VAL I 83 -14.55 -4.28 66.68
CA VAL I 83 -13.61 -3.70 65.73
C VAL I 83 -12.20 -3.93 66.26
N GLY I 84 -11.34 -4.50 65.42
CA GLY I 84 -9.95 -4.68 65.74
C GLY I 84 -9.13 -3.48 65.34
N MET I 85 -7.82 -3.71 65.18
CA MET I 85 -6.89 -2.66 64.81
C MET I 85 -6.16 -3.06 63.53
N ALA I 86 -5.89 -2.07 62.69
CA ALA I 86 -5.14 -2.28 61.45
C ALA I 86 -3.65 -2.08 61.70
N ASP I 87 -2.84 -2.83 60.97
CA ASP I 87 -1.40 -2.69 61.07
C ASP I 87 -0.98 -1.35 60.50
N PRO I 88 -0.26 -0.51 61.25
CA PRO I 88 0.13 0.81 60.70
C PRO I 88 0.89 0.72 59.39
N ASN I 89 1.74 -0.30 59.23
CA ASN I 89 2.52 -0.43 58.01
C ASN I 89 1.68 -0.90 56.84
N LEU I 90 0.45 -1.35 57.07
CA LEU I 90 -0.42 -1.86 56.02
C LEU I 90 -1.68 -1.04 55.83
N VAL I 91 -2.01 -0.13 56.74
CA VAL I 91 -3.31 0.53 56.71
C VAL I 91 -3.43 1.42 55.47
N ALA I 92 -2.34 2.05 55.05
CA ALA I 92 -2.42 2.95 53.89
C ALA I 92 -2.78 2.17 52.63
N GLN I 93 -2.03 1.10 52.33
CA GLN I 93 -2.30 0.32 51.13
C GLN I 93 -3.67 -0.35 51.18
N GLY I 94 -4.02 -0.92 52.34
CA GLY I 94 -5.32 -1.55 52.47
C GLY I 94 -6.46 -0.57 52.30
N GLU I 95 -6.33 0.62 52.89
CA GLU I 95 -7.33 1.65 52.72
C GLU I 95 -7.46 2.07 51.26
N ALA I 96 -6.33 2.26 50.59
CA ALA I 96 -6.36 2.63 49.18
C ALA I 96 -7.10 1.57 48.37
N LEU I 97 -6.79 0.30 48.58
CA LEU I 97 -7.46 -0.76 47.83
C LEU I 97 -8.94 -0.82 48.16
N PHE I 98 -9.28 -0.71 49.45
CA PHE I 98 -10.68 -0.84 49.86
C PHE I 98 -11.53 0.29 49.30
N ARG I 99 -11.02 1.52 49.32
CA ARG I 99 -11.82 2.66 48.90
C ARG I 99 -11.76 2.93 47.41
N GLY I 100 -10.69 2.54 46.73
CA GLY I 100 -10.52 2.91 45.34
C GLY I 100 -10.34 1.74 44.39
N GLY I 101 -10.14 0.54 44.94
CA GLY I 101 -9.90 -0.60 44.08
C GLY I 101 -8.66 -0.38 43.24
N LYS I 102 -8.72 -0.80 41.97
CA LYS I 102 -7.62 -0.59 41.04
C LYS I 102 -8.20 -0.11 39.72
N ILE I 103 -7.94 1.15 39.36
CA ILE I 103 -8.42 1.67 38.08
C ILE I 103 -7.77 0.92 36.93
N ALA I 104 -6.44 0.79 36.97
CA ALA I 104 -5.73 0.19 35.84
C ALA I 104 -6.09 -1.28 35.68
N GLU I 105 -6.09 -2.03 36.78
CA GLU I 105 -6.40 -3.45 36.72
C GLU I 105 -7.88 -3.75 36.64
N GLY I 106 -8.74 -2.74 36.78
CA GLY I 106 -10.17 -2.95 36.70
C GLY I 106 -10.76 -3.64 37.91
N MET I 107 -10.08 -3.59 39.06
CA MET I 107 -10.60 -4.21 40.27
C MET I 107 -11.50 -3.22 40.99
N PRO I 108 -12.74 -3.58 41.32
CA PRO I 108 -13.64 -2.62 41.98
C PRO I 108 -13.16 -2.25 43.37
N ALA I 109 -13.55 -1.06 43.80
CA ALA I 109 -13.44 -0.71 45.20
C ALA I 109 -14.46 -1.52 46.00
N CYS I 110 -14.11 -1.84 47.24
CA CYS I 110 -14.99 -2.64 48.08
C CYS I 110 -16.10 -1.80 48.72
N THR I 111 -16.02 -0.47 48.65
CA THR I 111 -16.98 0.38 49.32
C THR I 111 -18.36 0.34 48.68
N GLY I 112 -18.49 -0.18 47.47
CA GLY I 112 -19.79 -0.28 46.82
C GLY I 112 -20.68 -1.35 47.43
N CYS I 113 -20.33 -2.62 47.22
CA CYS I 113 -21.15 -3.70 47.77
C CYS I 113 -21.05 -3.74 49.29
N HIS I 114 -19.86 -3.58 49.84
CA HIS I 114 -19.67 -3.39 51.26
C HIS I 114 -19.60 -1.90 51.53
N SER I 115 -20.42 -1.43 52.46
CA SER I 115 -20.55 0.00 52.70
C SER I 115 -19.18 0.64 52.87
N PRO I 116 -19.05 1.96 52.65
CA PRO I 116 -17.76 2.61 52.91
C PRO I 116 -17.23 2.34 54.31
N SER I 117 -18.09 2.06 55.27
CA SER I 117 -17.68 1.70 56.62
C SER I 117 -17.56 0.20 56.82
N GLY I 118 -17.83 -0.60 55.78
CA GLY I 118 -17.68 -2.04 55.88
C GLY I 118 -18.86 -2.76 56.48
N VAL I 119 -20.00 -2.08 56.69
CA VAL I 119 -21.15 -2.74 57.30
C VAL I 119 -21.89 -3.64 56.32
N GLY I 120 -21.44 -3.72 55.08
CA GLY I 120 -22.13 -4.53 54.09
C GLY I 120 -23.48 -3.95 53.74
N ILE I 121 -24.24 -4.73 52.99
CA ILE I 121 -25.63 -4.43 52.65
C ILE I 121 -26.44 -5.65 53.10
N ALA I 122 -27.16 -5.50 54.22
CA ALA I 122 -27.85 -6.64 54.81
C ALA I 122 -28.89 -7.22 53.88
N THR I 123 -29.69 -6.36 53.24
CA THR I 123 -30.76 -6.85 52.38
C THR I 123 -30.22 -7.54 51.14
N ALA I 124 -29.14 -7.02 50.55
CA ALA I 124 -28.58 -7.58 49.34
C ALA I 124 -27.77 -8.85 49.58
N GLY I 125 -27.47 -9.17 50.84
CA GLY I 125 -26.63 -10.31 51.14
C GLY I 125 -25.14 -10.03 51.07
N PHE I 126 -24.76 -8.77 50.91
CA PHE I 126 -23.34 -8.42 50.90
C PHE I 126 -22.82 -8.41 52.34
N PRO I 127 -21.84 -9.24 52.68
CA PRO I 127 -21.49 -9.42 54.10
C PRO I 127 -20.90 -8.17 54.73
N HIS I 128 -21.16 -8.04 56.03
CA HIS I 128 -20.47 -7.06 56.84
C HIS I 128 -19.00 -7.43 56.97
N LEU I 129 -18.12 -6.50 56.60
CA LEU I 129 -16.68 -6.73 56.60
C LEU I 129 -15.95 -6.02 57.72
N GLY I 130 -16.29 -4.76 58.00
CA GLY I 130 -15.56 -3.97 58.97
C GLY I 130 -15.48 -4.61 60.33
N GLY I 131 -14.27 -4.73 60.87
CA GLY I 131 -14.05 -5.34 62.16
C GLY I 131 -13.84 -6.84 62.11
N GLN I 132 -14.04 -7.48 60.97
CA GLN I 132 -13.79 -8.90 60.85
C GLN I 132 -12.31 -9.19 61.02
N HIS I 133 -11.99 -10.36 61.54
CA HIS I 133 -10.61 -10.73 61.79
C HIS I 133 -9.80 -10.66 60.49
N ALA I 134 -8.63 -10.02 60.57
CA ALA I 134 -7.80 -9.87 59.38
C ALA I 134 -7.39 -11.22 58.82
N THR I 135 -7.08 -12.18 59.70
CA THR I 135 -6.70 -13.51 59.23
C THR I 135 -7.85 -14.17 58.47
N TYR I 136 -9.06 -14.09 59.00
CA TYR I 136 -10.20 -14.70 58.33
C TYR I 136 -10.48 -14.03 56.99
N VAL I 137 -10.42 -12.70 56.95
CA VAL I 137 -10.68 -11.98 55.72
C VAL I 137 -9.63 -12.33 54.67
N ALA I 138 -8.37 -12.43 55.10
CA ALA I 138 -7.30 -12.83 54.19
C ALA I 138 -7.54 -14.24 53.65
N LYS I 139 -7.97 -15.16 54.53
CA LYS I 139 -8.24 -16.52 54.07
C LYS I 139 -9.40 -16.54 53.08
N GLN I 140 -10.44 -15.77 53.34
CA GLN I 140 -11.58 -15.73 52.43
C GLN I 140 -11.18 -15.15 51.07
N LEU I 141 -10.40 -14.07 51.08
CA LEU I 141 -9.95 -13.49 49.81
C LEU I 141 -9.05 -14.47 49.06
N THR I 142 -8.17 -15.18 49.78
CA THR I 142 -7.31 -16.16 49.14
C THR I 142 -8.14 -17.30 48.53
N ASP I 143 -9.14 -17.77 49.26
CA ASP I 143 -9.99 -18.84 48.75
C ASP I 143 -10.77 -18.39 47.52
N PHE I 144 -11.29 -17.16 47.55
CA PHE I 144 -11.98 -16.63 46.38
C PHE I 144 -11.03 -16.53 45.20
N ARG I 145 -9.81 -16.04 45.43
CA ARG I 145 -8.84 -15.90 44.35
C ARG I 145 -8.46 -17.25 43.77
N GLU I 146 -8.29 -18.26 44.61
CA GLU I 146 -7.86 -19.58 44.19
C GLU I 146 -9.03 -20.46 43.76
N GLY I 147 -10.26 -19.99 43.88
CA GLY I 147 -11.42 -20.80 43.56
C GLY I 147 -11.77 -21.81 44.62
N THR I 148 -11.10 -21.80 45.77
CA THR I 148 -11.45 -22.72 46.84
C THR I 148 -12.87 -22.46 47.34
N ARG I 149 -13.22 -21.19 47.52
CA ARG I 149 -14.58 -20.80 47.88
C ARG I 149 -15.30 -20.34 46.62
N THR I 150 -16.42 -21.00 46.31
CA THR I 150 -17.18 -20.71 45.10
C THR I 150 -18.66 -20.48 45.36
N ASN I 151 -19.06 -20.29 46.62
CA ASN I 151 -20.45 -20.10 46.96
C ASN I 151 -20.92 -18.66 46.78
N ASP I 152 -20.17 -17.84 46.05
CA ASP I 152 -20.58 -16.48 45.76
C ASP I 152 -21.53 -16.39 44.58
N GLY I 153 -21.82 -17.51 43.92
CA GLY I 153 -22.82 -17.57 42.88
C GLY I 153 -22.20 -17.81 41.51
N ASP I 154 -23.09 -17.92 40.51
CA ASP I 154 -22.65 -18.12 39.14
C ASP I 154 -21.92 -16.91 38.60
N THR I 155 -22.32 -15.71 39.02
CA THR I 155 -21.64 -14.49 38.58
C THR I 155 -20.20 -14.42 39.06
N LYS I 156 -19.82 -15.25 40.03
CA LYS I 156 -18.44 -15.30 40.52
C LYS I 156 -17.96 -13.91 40.92
N ILE I 157 -18.81 -13.20 41.66
CA ILE I 157 -18.49 -11.84 42.07
C ILE I 157 -17.14 -11.80 42.76
N MET I 158 -17.04 -12.48 43.90
CA MET I 158 -15.84 -12.37 44.72
C MET I 158 -14.67 -13.14 44.14
N GLN I 159 -14.93 -14.23 43.42
CA GLN I 159 -13.84 -14.91 42.73
C GLN I 159 -13.20 -13.96 41.71
N SER I 160 -14.02 -13.29 40.92
CA SER I 160 -13.49 -12.33 39.94
C SER I 160 -12.76 -11.19 40.63
N ILE I 161 -13.33 -10.65 41.70
CA ILE I 161 -12.72 -9.51 42.36
C ILE I 161 -11.38 -9.90 43.00
N ALA I 162 -11.35 -11.04 43.68
CA ALA I 162 -10.13 -11.49 44.36
C ALA I 162 -9.09 -12.01 43.39
N ALA I 163 -9.48 -12.36 42.16
CA ALA I 163 -8.48 -12.73 41.16
C ALA I 163 -7.46 -11.62 40.92
N LYS I 164 -7.84 -10.36 41.18
CA LYS I 164 -7.00 -9.21 40.91
C LYS I 164 -6.21 -8.76 42.14
N LEU I 165 -6.36 -9.43 43.27
CA LEU I 165 -5.67 -9.08 44.50
C LEU I 165 -4.42 -9.94 44.65
N SER I 166 -3.29 -9.30 44.93
CA SER I 166 -2.07 -10.03 45.23
C SER I 166 -2.07 -10.46 46.70
N ASN I 167 -1.05 -11.22 47.08
CA ASN I 167 -0.92 -11.61 48.49
C ASN I 167 -0.68 -10.39 49.37
N LYS I 168 0.17 -9.46 48.93
CA LYS I 168 0.38 -8.24 49.68
C LYS I 168 -0.89 -7.39 49.72
N ASP I 169 -1.59 -7.29 48.59
CA ASP I 169 -2.85 -6.58 48.57
C ASP I 169 -3.84 -7.22 49.54
N ILE I 170 -3.92 -8.56 49.53
CA ILE I 170 -4.84 -9.24 50.42
C ILE I 170 -4.49 -8.95 51.88
N ALA I 171 -3.20 -9.01 52.22
CA ALA I 171 -2.78 -8.76 53.59
C ALA I 171 -3.15 -7.34 54.02
N ALA I 172 -2.82 -6.36 53.19
CA ALA I 172 -3.09 -4.97 53.55
C ALA I 172 -4.57 -4.69 53.68
N ILE I 173 -5.36 -5.21 52.73
CA ILE I 173 -6.80 -4.96 52.77
C ILE I 173 -7.44 -5.68 53.94
N SER I 174 -6.94 -6.87 54.29
CA SER I 174 -7.46 -7.58 55.46
C SER I 174 -7.15 -6.80 56.74
N SER I 175 -5.94 -6.27 56.86
CA SER I 175 -5.62 -5.47 58.03
C SER I 175 -6.51 -4.24 58.13
N TYR I 176 -6.70 -3.54 57.01
CA TYR I 176 -7.56 -2.37 57.01
C TYR I 176 -8.99 -2.73 57.37
N ILE I 177 -9.51 -3.83 56.82
CA ILE I 177 -10.86 -4.27 57.13
C ILE I 177 -10.99 -4.58 58.62
N GLN I 178 -9.96 -5.23 59.19
CA GLN I 178 -9.98 -5.50 60.62
C GLN I 178 -10.06 -4.20 61.42
N GLY I 179 -9.30 -3.19 61.01
CA GLY I 179 -9.38 -1.91 61.68
C GLY I 179 -10.58 -1.05 61.29
N LEU I 180 -11.28 -1.42 60.21
CA LEU I 180 -12.33 -0.58 59.66
C LEU I 180 -13.58 -0.60 60.55
N HIS I 181 -14.29 0.53 60.57
CA HIS I 181 -15.57 0.62 61.26
C HIS I 181 -16.35 1.82 60.76
N ALA J 24 -13.57 23.54 58.24
CA ALA J 24 -14.96 23.54 57.83
C ALA J 24 -15.17 22.60 56.64
N ILE J 25 -14.49 22.90 55.54
CA ILE J 25 -14.59 22.03 54.37
C ILE J 25 -13.96 20.68 54.65
N ALA J 26 -12.87 20.66 55.41
CA ALA J 26 -12.23 19.38 55.75
C ALA J 26 -13.17 18.49 56.53
N LYS J 27 -13.88 19.05 57.52
CA LYS J 27 -14.88 18.28 58.25
C LYS J 27 -16.03 17.87 57.35
N ARG J 28 -16.46 18.78 56.47
CA ARG J 28 -17.55 18.48 55.56
C ARG J 28 -17.21 17.36 54.58
N LEU J 29 -15.93 17.14 54.30
CA LEU J 29 -15.50 16.15 53.31
C LEU J 29 -14.89 14.90 53.95
N GLU J 30 -15.04 14.73 55.26
CA GLU J 30 -14.39 13.62 55.94
C GLU J 30 -14.86 12.29 55.36
N PRO J 31 -13.96 11.37 55.03
CA PRO J 31 -14.40 10.07 54.50
C PRO J 31 -15.26 9.32 55.50
N VAL J 32 -16.22 8.57 54.98
CA VAL J 32 -17.12 7.80 55.83
C VAL J 32 -16.36 6.71 56.58
N GLY J 33 -15.50 5.98 55.88
CA GLY J 33 -14.81 4.86 56.48
C GLY J 33 -13.73 5.26 57.46
N LYS J 34 -13.92 4.90 58.73
CA LYS J 34 -12.93 5.15 59.77
C LYS J 34 -12.25 3.83 60.14
N VAL J 35 -10.93 3.88 60.30
CA VAL J 35 -10.12 2.69 60.53
C VAL J 35 -9.36 2.86 61.83
N CYS J 36 -9.46 1.86 62.70
CA CYS J 36 -8.64 1.81 63.92
C CYS J 36 -7.28 1.23 63.58
N VAL J 37 -6.22 1.86 64.10
CA VAL J 37 -4.86 1.46 63.82
C VAL J 37 -4.12 1.28 65.14
N GLN J 38 -3.24 0.29 65.19
CA GLN J 38 -2.46 0.03 66.38
C GLN J 38 -1.64 1.26 66.76
N GLY J 39 -1.68 1.61 68.05
CA GLY J 39 -0.97 2.77 68.54
C GLY J 39 -1.44 4.07 67.90
N PRO K 1 -6.26 21.75 -51.25
CA PRO K 1 -5.95 20.32 -51.37
C PRO K 1 -4.44 20.08 -51.46
N ALA K 2 -3.96 19.09 -50.72
CA ALA K 2 -2.56 18.76 -50.93
C ALA K 2 -2.34 17.34 -50.49
N TYR K 3 -1.07 17.01 -50.41
CA TYR K 3 -0.65 15.72 -49.88
C TYR K 3 -0.25 15.83 -48.42
N ASN K 4 -0.46 14.75 -47.68
CA ASN K 4 -0.02 14.66 -46.29
C ASN K 4 1.48 14.38 -46.25
N TYR K 5 2.25 15.41 -46.60
CA TYR K 5 3.70 15.29 -46.64
C TYR K 5 4.33 15.34 -45.24
N LYS K 6 3.56 15.66 -44.21
CA LYS K 6 4.12 15.68 -42.86
C LYS K 6 4.62 14.30 -42.45
N VAL K 7 3.80 13.27 -42.69
CA VAL K 7 4.17 11.93 -42.28
C VAL K 7 5.34 11.41 -43.11
N VAL K 8 5.33 11.67 -44.43
CA VAL K 8 6.44 11.25 -45.28
C VAL K 8 7.73 11.92 -44.83
N ARG K 9 7.71 13.21 -44.50
CA ARG K 9 8.99 13.85 -44.11
C ARG K 9 9.40 13.39 -42.71
N GLN K 10 8.47 13.15 -41.80
CA GLN K 10 8.88 12.58 -40.53
C GLN K 10 9.54 11.23 -40.74
N PHE K 11 8.95 10.40 -41.61
CA PHE K 11 9.49 9.07 -41.87
C PHE K 11 10.86 9.16 -42.51
N ALA K 12 11.07 10.11 -43.42
CA ALA K 12 12.38 10.24 -44.05
C ALA K 12 13.44 10.66 -43.04
N ILE K 13 13.13 11.66 -42.20
CA ILE K 13 14.10 12.09 -41.20
C ILE K 13 14.43 10.94 -40.26
N MET K 14 13.40 10.24 -39.77
CA MET K 14 13.65 9.11 -38.89
C MET K 14 14.34 7.96 -39.61
N THR K 15 14.15 7.83 -40.92
CA THR K 15 14.87 6.82 -41.68
C THR K 15 16.36 7.10 -41.66
N VAL K 16 16.74 8.35 -41.90
CA VAL K 16 18.16 8.69 -41.82
C VAL K 16 18.68 8.44 -40.41
N VAL K 17 17.95 8.90 -39.41
CA VAL K 17 18.41 8.76 -38.02
C VAL K 17 18.58 7.29 -37.65
N TRP K 18 17.59 6.46 -37.97
CA TRP K 18 17.65 5.04 -37.64
C TRP K 18 18.68 4.28 -38.45
N GLY K 19 18.87 4.63 -39.72
CA GLY K 19 19.92 3.99 -40.49
C GLY K 19 21.29 4.26 -39.90
N VAL K 20 21.54 5.51 -39.51
CA VAL K 20 22.83 5.84 -38.90
C VAL K 20 23.06 4.98 -37.66
N ILE K 21 22.06 4.94 -36.77
CA ILE K 21 22.21 4.21 -35.51
C ILE K 21 22.41 2.72 -35.78
N GLY K 22 21.58 2.14 -36.65
CA GLY K 22 21.65 0.72 -36.90
C GLY K 22 22.97 0.32 -37.53
N MET K 23 23.46 1.11 -38.48
CA MET K 23 24.72 0.79 -39.14
C MET K 23 25.91 1.02 -38.22
N GLY K 24 25.86 2.04 -37.35
CA GLY K 24 26.90 2.18 -36.35
C GLY K 24 26.93 1.03 -35.39
N LEU K 25 25.75 0.54 -34.98
CA LEU K 25 25.69 -0.63 -34.10
C LEU K 25 26.20 -1.88 -34.82
N GLY K 26 25.90 -2.02 -36.11
CA GLY K 26 26.48 -3.11 -36.88
C GLY K 26 28.00 -3.04 -36.93
N VAL K 27 28.55 -1.83 -37.11
CA VAL K 27 29.99 -1.66 -37.07
C VAL K 27 30.54 -2.04 -35.71
N LEU K 28 29.81 -1.67 -34.65
CA LEU K 28 30.24 -1.99 -33.29
C LEU K 28 30.32 -3.50 -33.09
N ILE K 29 29.31 -4.24 -33.56
CA ILE K 29 29.33 -5.69 -33.39
C ILE K 29 30.42 -6.32 -34.27
N ALA K 30 30.66 -5.75 -35.46
CA ALA K 30 31.76 -6.24 -36.29
C ALA K 30 33.10 -6.06 -35.59
N SER K 31 33.30 -4.89 -34.99
CA SER K 31 34.53 -4.67 -34.21
C SER K 31 34.63 -5.65 -33.06
N GLN K 32 33.51 -5.90 -32.36
CA GLN K 32 33.52 -6.91 -31.31
C GLN K 32 33.98 -8.25 -31.85
N LEU K 33 33.47 -8.65 -33.01
CA LEU K 33 33.96 -9.89 -33.64
C LEU K 33 35.44 -9.81 -33.96
N VAL K 34 35.96 -8.62 -34.27
CA VAL K 34 37.40 -8.47 -34.49
C VAL K 34 38.15 -8.47 -33.17
N TRP K 35 37.70 -7.67 -32.20
CA TRP K 35 38.33 -7.56 -30.89
C TRP K 35 37.29 -7.89 -29.82
N PRO K 36 37.37 -9.06 -29.18
CA PRO K 36 36.38 -9.36 -28.13
C PRO K 36 36.34 -8.34 -27.02
N GLN K 37 37.46 -7.67 -26.73
CA GLN K 37 37.48 -6.70 -25.63
C GLN K 37 36.55 -5.52 -25.88
N MET K 38 35.99 -5.39 -27.09
CA MET K 38 35.00 -4.35 -27.34
C MET K 38 33.66 -4.66 -26.68
N ASN K 39 33.50 -5.83 -26.07
CA ASN K 39 32.33 -6.10 -25.26
C ASN K 39 32.37 -5.41 -23.91
N PHE K 40 33.57 -5.07 -23.42
CA PHE K 40 33.75 -4.44 -22.12
C PHE K 40 33.09 -5.22 -20.99
N ASP K 41 32.87 -6.52 -21.21
CA ASP K 41 32.35 -7.41 -20.17
C ASP K 41 31.05 -6.89 -19.55
N LEU K 42 30.28 -6.11 -20.30
CA LEU K 42 28.98 -5.67 -19.79
C LEU K 42 27.87 -6.53 -20.37
N PRO K 43 26.89 -6.95 -19.55
CA PRO K 43 25.84 -7.84 -20.09
C PRO K 43 25.07 -7.24 -21.25
N TRP K 44 24.82 -5.94 -21.25
CA TRP K 44 23.90 -5.33 -22.19
C TRP K 44 24.56 -4.85 -23.48
N THR K 45 25.88 -4.99 -23.61
CA THR K 45 26.58 -4.59 -24.82
C THR K 45 27.37 -5.74 -25.42
N SER K 46 27.07 -6.97 -25.03
CA SER K 46 27.74 -8.13 -25.60
C SER K 46 27.28 -8.36 -27.03
N PHE K 47 28.08 -9.12 -27.78
CA PHE K 47 27.76 -9.39 -29.18
C PHE K 47 26.44 -10.13 -29.32
N GLY K 48 26.20 -11.15 -28.49
CA GLY K 48 24.99 -11.94 -28.61
C GLY K 48 23.73 -11.12 -28.46
N ARG K 49 23.75 -10.13 -27.56
CA ARG K 49 22.58 -9.29 -27.35
C ARG K 49 22.47 -8.18 -28.39
N LEU K 50 23.58 -7.56 -28.77
CA LEU K 50 23.53 -6.42 -29.67
C LEU K 50 23.30 -6.83 -31.12
N ARG K 51 23.77 -8.00 -31.53
CA ARG K 51 23.58 -8.44 -32.91
C ARG K 51 22.11 -8.51 -33.29
N PRO K 52 21.23 -9.14 -32.50
CA PRO K 52 19.80 -9.08 -32.81
C PRO K 52 19.29 -7.66 -32.94
N LEU K 53 19.77 -6.75 -32.09
CA LEU K 53 19.36 -5.36 -32.21
C LEU K 53 19.77 -4.78 -33.56
N HIS K 54 20.99 -5.09 -34.01
CA HIS K 54 21.43 -4.61 -35.32
C HIS K 54 20.52 -5.14 -36.41
N THR K 55 20.28 -6.46 -36.43
CA THR K 55 19.51 -7.05 -37.52
C THR K 55 18.03 -6.71 -37.47
N ASN K 56 17.51 -6.29 -36.32
CA ASN K 56 16.13 -5.85 -36.24
C ASN K 56 15.96 -4.36 -36.40
N LEU K 57 17.02 -3.57 -36.23
CA LEU K 57 16.94 -2.14 -36.45
C LEU K 57 17.17 -1.81 -37.91
N VAL K 58 18.16 -2.45 -38.54
CA VAL K 58 18.44 -2.17 -39.95
C VAL K 58 17.25 -2.58 -40.81
N ILE K 59 16.60 -3.68 -40.46
CA ILE K 59 15.50 -4.19 -41.28
C ILE K 59 14.22 -3.41 -41.01
N PHE K 60 13.87 -3.24 -39.73
CA PHE K 60 12.57 -2.69 -39.39
C PHE K 60 12.60 -1.19 -39.10
N ALA K 61 13.68 -0.67 -38.53
CA ALA K 61 13.75 0.75 -38.22
C ALA K 61 14.27 1.55 -39.42
N PHE K 62 15.37 1.10 -40.03
CA PHE K 62 15.88 1.79 -41.21
C PHE K 62 15.05 1.44 -42.45
N GLY K 63 15.03 0.15 -42.81
CA GLY K 63 14.27 -0.26 -43.98
C GLY K 63 12.78 -0.01 -43.81
N GLY K 64 12.24 -0.28 -42.62
CA GLY K 64 10.83 -0.07 -42.41
C GLY K 64 10.43 1.38 -42.54
N CYS K 65 11.20 2.27 -41.91
CA CYS K 65 10.90 3.70 -42.04
C CYS K 65 11.07 4.17 -43.48
N ALA K 66 12.10 3.67 -44.18
CA ALA K 66 12.27 4.04 -45.58
C ALA K 66 11.06 3.64 -46.40
N LEU K 67 10.57 2.41 -46.20
CA LEU K 67 9.44 1.94 -46.97
C LEU K 67 8.16 2.70 -46.61
N PHE K 68 7.98 3.04 -45.34
CA PHE K 68 6.85 3.88 -44.96
C PHE K 68 6.93 5.22 -45.68
N ALA K 69 8.12 5.83 -45.69
CA ALA K 69 8.28 7.14 -46.31
C ALA K 69 7.95 7.07 -47.80
N THR K 70 8.50 6.08 -48.50
CA THR K 70 8.34 5.97 -49.94
C THR K 70 7.00 5.39 -50.36
N SER K 71 6.24 4.80 -49.44
CA SER K 71 4.88 4.37 -49.70
C SER K 71 3.87 5.49 -49.46
N TYR K 72 3.94 6.16 -48.31
CA TYR K 72 3.08 7.30 -48.08
C TYR K 72 3.34 8.43 -49.06
N TYR K 73 4.49 8.43 -49.73
CA TYR K 73 4.81 9.42 -50.75
C TYR K 73 4.40 8.95 -52.14
N THR K 74 4.78 7.73 -52.50
CA THR K 74 4.47 7.20 -53.82
C THR K 74 2.97 6.98 -53.99
N VAL K 75 2.29 6.48 -52.95
CA VAL K 75 0.87 6.14 -53.09
C VAL K 75 0.06 7.39 -53.41
N GLN K 76 0.31 8.47 -52.67
CA GLN K 76 -0.43 9.71 -52.91
C GLN K 76 -0.14 10.26 -54.29
N ARG K 77 1.14 10.37 -54.65
CA ARG K 77 1.50 11.01 -55.91
C ARG K 77 0.97 10.22 -57.10
N THR K 78 1.07 8.89 -57.05
CA THR K 78 0.58 8.06 -58.14
C THR K 78 -0.94 7.94 -58.14
N CYS K 79 -1.59 8.18 -56.99
CA CYS K 79 -3.05 8.15 -56.92
C CYS K 79 -3.67 9.54 -56.98
N GLN K 80 -2.90 10.60 -56.75
CA GLN K 80 -3.41 11.97 -56.81
C GLN K 80 -4.43 12.22 -55.71
N VAL K 81 -4.22 11.60 -54.55
CA VAL K 81 -5.11 11.77 -53.41
C VAL K 81 -4.26 11.87 -52.15
N ARG K 82 -4.78 12.61 -51.16
CA ARG K 82 -4.16 12.61 -49.85
C ARG K 82 -4.33 11.24 -49.20
N LEU K 83 -3.44 10.94 -48.24
CA LEU K 83 -3.53 9.68 -47.53
C LEU K 83 -4.94 9.50 -46.96
N PHE K 84 -5.33 8.24 -46.74
CA PHE K 84 -6.68 7.95 -46.28
C PHE K 84 -7.01 8.80 -45.06
N SER K 85 -6.26 8.64 -43.98
CA SER K 85 -6.49 9.37 -42.74
C SER K 85 -5.16 9.89 -42.22
N ASP K 86 -5.11 11.19 -41.93
CA ASP K 86 -3.94 11.74 -41.26
C ASP K 86 -3.82 11.23 -39.83
N THR K 87 -4.95 10.88 -39.19
CA THR K 87 -4.89 10.31 -37.85
C THR K 87 -4.00 9.07 -37.84
N LEU K 88 -4.42 8.05 -38.57
CA LEU K 88 -3.68 6.80 -38.66
C LEU K 88 -2.35 6.97 -39.37
N ALA K 89 -2.23 7.93 -40.28
CA ALA K 89 -0.94 8.19 -40.91
C ALA K 89 0.10 8.63 -39.89
N ALA K 90 -0.25 9.57 -39.01
CA ALA K 90 0.66 9.98 -37.95
C ALA K 90 0.83 8.89 -36.89
N PHE K 91 -0.23 8.12 -36.63
CA PHE K 91 -0.10 7.01 -35.68
C PHE K 91 0.89 5.97 -36.18
N THR K 92 0.87 5.67 -37.48
CA THR K 92 1.80 4.69 -38.02
C THR K 92 3.25 5.15 -37.96
N PHE K 93 3.49 6.46 -37.82
CA PHE K 93 4.83 6.98 -37.59
C PHE K 93 5.21 6.89 -36.12
N TRP K 94 4.34 7.39 -35.25
CA TRP K 94 4.69 7.42 -33.83
C TRP K 94 4.76 6.02 -33.24
N GLY K 95 3.83 5.14 -33.63
CA GLY K 95 3.89 3.75 -33.20
C GLY K 95 5.08 2.99 -33.75
N TRP K 96 5.50 3.27 -34.98
CA TRP K 96 6.70 2.64 -35.51
C TRP K 96 7.94 3.11 -34.74
N GLN K 97 7.99 4.40 -34.39
CA GLN K 97 9.07 4.89 -33.55
C GLN K 97 9.01 4.22 -32.17
N ALA K 98 7.81 3.99 -31.66
CA ALA K 98 7.67 3.27 -30.40
C ALA K 98 8.20 1.84 -30.52
N VAL K 99 7.93 1.18 -31.65
CA VAL K 99 8.45 -0.16 -31.88
C VAL K 99 9.97 -0.15 -31.90
N ALA K 100 10.55 0.84 -32.59
CA ALA K 100 12.02 0.95 -32.62
C ALA K 100 12.56 1.18 -31.22
N VAL K 101 11.91 2.03 -30.42
CA VAL K 101 12.36 2.29 -29.06
C VAL K 101 12.24 1.03 -28.22
N ILE K 102 11.19 0.23 -28.44
CA ILE K 102 11.05 -1.04 -27.72
C ILE K 102 12.21 -1.96 -28.08
N LEU K 103 12.57 -2.02 -29.35
CA LEU K 103 13.74 -2.81 -29.74
C LEU K 103 15.00 -2.31 -29.04
N LEU K 104 15.19 -0.99 -28.98
CA LEU K 104 16.34 -0.44 -28.30
C LEU K 104 16.37 -0.82 -26.82
N VAL K 105 15.22 -0.71 -26.14
CA VAL K 105 15.17 -0.89 -24.69
C VAL K 105 15.14 -2.35 -24.27
N SER K 106 14.70 -3.25 -25.14
CA SER K 106 14.47 -4.64 -24.76
C SER K 106 15.56 -5.60 -25.18
N LEU K 107 15.98 -5.57 -26.44
CA LEU K 107 16.93 -6.56 -26.94
C LEU K 107 18.24 -6.51 -26.16
N PRO K 108 18.80 -5.33 -25.88
CA PRO K 108 19.99 -5.29 -25.00
C PRO K 108 19.73 -5.88 -23.64
N LEU K 109 18.52 -5.75 -23.10
CA LEU K 109 18.17 -6.35 -21.83
C LEU K 109 18.03 -7.87 -21.91
N GLY K 110 18.04 -8.44 -23.12
CA GLY K 110 17.96 -9.88 -23.29
C GLY K 110 16.57 -10.41 -23.55
N ASN K 111 15.56 -9.55 -23.68
CA ASN K 111 14.19 -9.99 -23.94
C ASN K 111 14.04 -10.23 -25.45
N THR K 112 14.30 -11.47 -25.85
CA THR K 112 14.30 -11.86 -27.25
C THR K 112 13.63 -13.21 -27.43
N THR K 113 13.08 -13.42 -28.62
CA THR K 113 12.41 -14.68 -28.97
C THR K 113 13.32 -15.64 -29.74
N THR K 114 14.57 -15.26 -30.01
CA THR K 114 15.53 -16.10 -30.72
C THR K 114 15.16 -16.32 -32.18
N LYS K 115 14.01 -15.81 -32.61
CA LYS K 115 13.59 -15.96 -33.99
C LYS K 115 14.25 -14.86 -34.81
N GLU K 116 15.09 -15.25 -35.76
CA GLU K 116 16.08 -14.35 -36.35
C GLU K 116 15.53 -12.95 -36.58
N TYR K 117 14.35 -12.84 -37.18
CA TYR K 117 13.76 -11.55 -37.51
C TYR K 117 12.39 -11.38 -36.88
N ALA K 118 12.13 -12.12 -35.80
CA ALA K 118 10.97 -11.95 -34.95
C ALA K 118 11.40 -11.86 -33.49
N GLU K 119 12.55 -11.21 -33.27
CA GLU K 119 13.15 -11.19 -31.94
C GLU K 119 12.31 -10.40 -30.95
N ILE K 120 11.54 -9.42 -31.43
CA ILE K 120 10.67 -8.66 -30.55
C ILE K 120 9.69 -9.61 -29.88
N GLU K 121 9.56 -9.50 -28.56
CA GLU K 121 8.84 -10.47 -27.76
C GLU K 121 7.36 -10.09 -27.66
N PHE K 122 6.62 -10.86 -26.85
CA PHE K 122 5.23 -10.57 -26.58
C PHE K 122 5.11 -9.14 -26.04
N THR K 123 3.93 -8.54 -26.25
CA THR K 123 3.52 -7.16 -25.98
C THR K 123 4.40 -6.16 -26.74
N GLY K 124 5.38 -6.61 -27.52
CA GLY K 124 6.11 -5.77 -28.43
C GLY K 124 5.79 -6.18 -29.86
N ALA K 125 5.52 -7.47 -30.04
CA ALA K 125 5.04 -8.00 -31.31
C ALA K 125 3.54 -7.80 -31.49
N ILE K 126 2.81 -7.48 -30.40
CA ILE K 126 1.40 -7.15 -30.51
C ILE K 126 1.19 -5.70 -30.91
N TRP K 127 2.07 -4.78 -30.48
CA TRP K 127 2.00 -3.40 -30.92
C TRP K 127 2.48 -3.22 -32.36
N LEU K 128 3.48 -3.99 -32.80
CA LEU K 128 3.92 -3.94 -34.18
C LEU K 128 2.85 -4.42 -35.14
N ALA K 129 1.91 -5.26 -34.69
CA ALA K 129 0.77 -5.65 -35.49
C ALA K 129 -0.35 -4.62 -35.42
N ILE K 130 -0.55 -4.01 -34.26
CA ILE K 130 -1.53 -2.94 -34.13
C ILE K 130 -1.17 -1.77 -35.04
N VAL K 131 0.12 -1.43 -35.11
CA VAL K 131 0.59 -0.33 -35.95
C VAL K 131 0.79 -0.73 -37.40
N TRP K 132 0.74 -2.03 -37.71
CA TRP K 132 0.81 -2.50 -39.09
C TRP K 132 -0.56 -2.64 -39.73
N VAL K 133 -1.58 -3.04 -38.95
CA VAL K 133 -2.94 -2.99 -39.44
C VAL K 133 -3.34 -1.56 -39.78
N ALA K 134 -2.93 -0.59 -38.96
CA ALA K 134 -3.19 0.81 -39.26
C ALA K 134 -2.47 1.23 -40.54
N TYR K 135 -1.23 0.77 -40.74
CA TYR K 135 -0.52 1.08 -41.97
C TYR K 135 -1.24 0.51 -43.19
N ALA K 136 -1.69 -0.75 -43.08
CA ALA K 136 -2.44 -1.36 -44.18
C ALA K 136 -3.72 -0.58 -44.45
N VAL K 137 -4.42 -0.15 -43.40
CA VAL K 137 -5.61 0.68 -43.59
C VAL K 137 -5.24 1.95 -44.33
N VAL K 138 -4.20 2.64 -43.88
CA VAL K 138 -3.84 3.93 -44.48
C VAL K 138 -3.50 3.77 -45.94
N PHE K 139 -2.81 2.69 -46.31
CA PHE K 139 -2.38 2.50 -47.69
C PHE K 139 -3.53 2.04 -48.58
N PHE K 140 -4.28 1.03 -48.14
CA PHE K 140 -5.32 0.46 -48.98
C PHE K 140 -6.55 1.35 -49.06
N GLY K 141 -6.84 2.13 -48.03
CA GLY K 141 -7.90 3.12 -48.14
C GLY K 141 -7.55 4.22 -49.11
N THR K 142 -6.28 4.66 -49.10
CA THR K 142 -5.83 5.61 -50.11
C THR K 142 -5.97 5.03 -51.50
N LEU K 143 -5.58 3.77 -51.68
CA LEU K 143 -5.83 3.09 -52.95
C LEU K 143 -7.32 2.96 -53.24
N ILE K 144 -8.17 3.02 -52.22
CA ILE K 144 -9.60 2.92 -52.41
C ILE K 144 -10.20 4.27 -52.80
N LYS K 145 -9.67 5.37 -52.24
CA LYS K 145 -10.17 6.71 -52.52
C LYS K 145 -9.44 7.37 -53.69
N ARG K 146 -8.96 6.56 -54.63
CA ARG K 146 -8.16 7.08 -55.73
C ARG K 146 -8.94 8.13 -56.52
N LYS K 147 -8.18 8.96 -57.24
CA LYS K 147 -8.72 9.86 -58.24
C LYS K 147 -8.19 9.52 -59.64
N VAL K 148 -7.65 8.31 -59.80
CA VAL K 148 -7.18 7.81 -61.09
C VAL K 148 -7.76 6.43 -61.31
N LYS K 149 -7.76 6.01 -62.57
CA LYS K 149 -8.55 4.84 -62.98
C LYS K 149 -7.83 3.53 -62.65
N HIS K 150 -6.51 3.48 -62.81
CA HIS K 150 -5.73 2.28 -62.52
C HIS K 150 -4.93 2.42 -61.22
N ILE K 151 -4.22 1.34 -60.91
CA ILE K 151 -3.29 1.28 -59.79
C ILE K 151 -1.91 0.95 -60.35
N TYR K 152 -0.90 1.70 -59.91
CA TYR K 152 0.45 1.55 -60.44
C TYR K 152 1.09 0.26 -59.93
N VAL K 153 2.10 -0.22 -60.68
CA VAL K 153 2.78 -1.45 -60.30
C VAL K 153 3.42 -1.32 -58.93
N GLY K 154 4.06 -0.18 -58.66
CA GLY K 154 4.64 0.03 -57.35
C GLY K 154 3.62 -0.09 -56.24
N ASN K 155 2.39 0.38 -56.50
CA ASN K 155 1.32 0.22 -55.52
C ASN K 155 1.02 -1.25 -55.28
N TRP K 156 1.03 -2.06 -56.35
CA TRP K 156 0.82 -3.50 -56.17
C TRP K 156 1.90 -4.09 -55.28
N PHE K 157 3.16 -3.71 -55.54
CA PHE K 157 4.26 -4.24 -54.74
C PHE K 157 4.11 -3.83 -53.28
N PHE K 158 3.78 -2.56 -53.03
CA PHE K 158 3.63 -2.09 -51.66
C PHE K 158 2.49 -2.80 -50.95
N GLY K 159 1.36 -2.98 -51.64
CA GLY K 159 0.23 -3.65 -51.01
C GLY K 159 0.51 -5.11 -50.71
N SER K 160 1.15 -5.81 -51.64
CA SER K 160 1.54 -7.19 -51.39
C SER K 160 2.49 -7.28 -50.21
N PHE K 161 3.48 -6.38 -50.16
CA PHE K 161 4.38 -6.33 -49.01
C PHE K 161 3.60 -6.14 -47.72
N ILE K 162 2.66 -5.19 -47.71
CA ILE K 162 1.95 -4.87 -46.48
C ILE K 162 1.15 -6.06 -45.99
N LEU K 163 0.41 -6.71 -46.90
CA LEU K 163 -0.42 -7.84 -46.49
C LEU K 163 0.44 -9.03 -46.05
N THR K 164 1.51 -9.32 -46.79
CA THR K 164 2.33 -10.47 -46.47
C THR K 164 3.06 -10.27 -45.15
N THR K 165 3.58 -9.06 -44.90
CA THR K 165 4.18 -8.76 -43.59
C THR K 165 3.13 -8.21 -42.64
N ALA K 166 1.99 -8.86 -42.65
CA ALA K 166 1.05 -8.96 -41.55
C ALA K 166 0.66 -10.41 -41.33
N MET K 167 0.45 -11.16 -42.41
CA MET K 167 0.22 -12.59 -42.24
C MET K 167 1.42 -13.25 -41.60
N LEU K 168 2.63 -12.97 -42.10
CA LEU K 168 3.83 -13.55 -41.52
C LEU K 168 4.00 -13.13 -40.07
N HIS K 169 3.75 -11.85 -39.77
CA HIS K 169 3.94 -11.38 -38.41
C HIS K 169 3.02 -12.09 -37.44
N ILE K 170 1.73 -12.23 -37.79
CA ILE K 170 0.81 -12.90 -36.88
C ILE K 170 1.13 -14.40 -36.78
N VAL K 171 1.51 -15.03 -37.88
CA VAL K 171 1.76 -16.47 -37.85
C VAL K 171 3.03 -16.82 -37.08
N ASN K 172 4.13 -16.12 -37.32
CA ASN K 172 5.42 -16.45 -36.70
C ASN K 172 5.50 -16.06 -35.24
N HIS K 173 4.69 -15.10 -34.79
CA HIS K 173 4.67 -14.68 -33.40
C HIS K 173 3.57 -15.37 -32.60
N MET K 174 2.95 -16.40 -33.17
CA MET K 174 1.91 -17.16 -32.47
C MET K 174 2.60 -17.95 -31.36
N SER K 175 2.50 -17.42 -30.15
CA SER K 175 3.20 -17.95 -28.99
C SER K 175 2.33 -17.85 -27.75
N LEU K 176 2.89 -18.32 -26.64
CA LEU K 176 2.27 -18.21 -25.33
C LEU K 176 3.12 -17.34 -24.41
N PRO K 177 2.52 -16.43 -23.64
CA PRO K 177 3.33 -15.54 -22.81
C PRO K 177 3.55 -16.09 -21.41
N VAL K 178 4.77 -15.88 -20.91
CA VAL K 178 5.10 -16.21 -19.52
C VAL K 178 5.06 -14.93 -18.71
N SER K 179 5.30 -13.80 -19.37
CA SER K 179 5.28 -12.48 -18.75
C SER K 179 5.34 -11.47 -19.87
N TRP K 180 5.43 -10.19 -19.51
CA TRP K 180 5.66 -9.16 -20.50
C TRP K 180 7.07 -9.31 -21.08
N PHE K 181 7.16 -9.34 -22.40
CA PHE K 181 8.44 -9.50 -23.09
C PHE K 181 9.10 -10.84 -22.76
N LYS K 182 8.30 -11.87 -22.50
CA LYS K 182 8.80 -13.23 -22.31
C LYS K 182 7.78 -14.19 -22.88
N SER K 183 8.19 -14.99 -23.86
CA SER K 183 7.26 -15.78 -24.65
C SER K 183 7.89 -17.10 -25.06
N TYR K 184 7.04 -18.07 -25.40
CA TYR K 184 7.47 -19.35 -25.93
C TYR K 184 6.66 -19.64 -27.19
N SER K 185 7.36 -19.96 -28.29
CA SER K 185 6.68 -20.22 -29.55
C SER K 185 5.80 -21.46 -29.45
N MET K 186 4.68 -21.44 -30.15
CA MET K 186 3.76 -22.58 -30.15
C MET K 186 4.24 -23.71 -31.05
N TYR K 187 5.22 -23.47 -31.90
CA TYR K 187 5.78 -24.48 -32.78
C TYR K 187 7.04 -25.08 -32.16
N SER K 188 7.35 -26.31 -32.54
CA SER K 188 8.47 -27.03 -31.94
C SER K 188 9.33 -27.70 -33.02
N GLY K 189 10.64 -27.61 -32.83
CA GLY K 189 11.55 -28.37 -33.66
C GLY K 189 11.41 -28.08 -35.13
N ALA K 190 11.26 -29.13 -35.94
CA ALA K 190 11.22 -28.98 -37.38
C ALA K 190 10.06 -28.06 -37.80
N THR K 191 8.91 -28.20 -37.15
CA THR K 191 7.79 -27.30 -37.43
C THR K 191 8.17 -25.86 -37.11
N ASP K 192 8.80 -25.65 -35.96
CA ASP K 192 9.18 -24.30 -35.57
C ASP K 192 10.24 -23.75 -36.53
N ALA K 193 11.19 -24.59 -36.94
CA ALA K 193 12.19 -24.14 -37.90
C ALA K 193 11.54 -23.76 -39.22
N MET K 194 10.61 -24.57 -39.71
CA MET K 194 9.95 -24.28 -40.98
C MET K 194 9.16 -22.99 -40.90
N VAL K 195 8.40 -22.79 -39.82
CA VAL K 195 7.65 -21.54 -39.68
C VAL K 195 8.61 -20.36 -39.56
N GLN K 196 9.66 -20.51 -38.76
CA GLN K 196 10.61 -19.42 -38.57
C GLN K 196 11.22 -18.99 -39.88
N TRP K 197 11.61 -19.93 -40.72
CA TRP K 197 12.28 -19.55 -41.96
C TRP K 197 11.30 -19.20 -43.08
N TRP K 198 10.08 -19.74 -43.07
CA TRP K 198 9.04 -19.22 -43.94
C TRP K 198 8.68 -17.78 -43.60
N TYR K 199 8.92 -17.36 -42.35
CA TYR K 199 8.79 -15.95 -42.00
C TYR K 199 10.06 -15.16 -42.32
N GLY K 200 11.23 -15.78 -42.14
CA GLY K 200 12.47 -15.04 -42.27
C GLY K 200 12.87 -14.79 -43.71
N HIS K 201 12.53 -15.73 -44.60
CA HIS K 201 12.80 -15.50 -46.01
C HIS K 201 11.82 -14.51 -46.62
N ASN K 202 10.72 -14.22 -45.93
CA ASN K 202 9.79 -13.18 -46.35
C ASN K 202 10.04 -11.86 -45.65
N ALA K 203 10.72 -11.86 -44.49
CA ALA K 203 11.29 -10.64 -43.96
C ALA K 203 12.27 -10.03 -44.94
N VAL K 204 12.89 -10.86 -45.78
CA VAL K 204 13.48 -10.41 -47.03
C VAL K 204 12.55 -10.87 -48.15
N GLY K 205 12.76 -10.34 -49.35
CA GLY K 205 11.91 -10.72 -50.46
C GLY K 205 10.60 -9.94 -50.49
N PHE K 206 10.01 -9.70 -49.31
CA PHE K 206 8.80 -8.89 -49.22
C PHE K 206 9.04 -7.59 -48.46
N PHE K 207 9.65 -7.67 -47.27
CA PHE K 207 10.01 -6.45 -46.56
C PHE K 207 11.20 -5.74 -47.19
N LEU K 208 12.07 -6.49 -47.88
CA LEU K 208 13.29 -5.93 -48.43
C LEU K 208 13.39 -6.01 -49.95
N THR K 209 12.51 -6.74 -50.61
CA THR K 209 12.56 -6.80 -52.07
C THR K 209 11.28 -6.33 -52.74
N THR K 210 10.12 -6.78 -52.25
CA THR K 210 8.86 -6.36 -52.87
C THR K 210 8.57 -4.89 -52.59
N GLY K 211 8.53 -4.51 -51.31
CA GLY K 211 8.33 -3.12 -50.97
C GLY K 211 9.38 -2.21 -51.60
N PHE K 212 10.64 -2.65 -51.58
CA PHE K 212 11.70 -1.88 -52.23
C PHE K 212 11.65 -1.99 -53.74
N LEU K 213 11.08 -3.07 -54.29
CA LEU K 213 10.83 -3.11 -55.73
C LEU K 213 9.83 -2.05 -56.14
N GLY K 214 8.81 -1.79 -55.30
CA GLY K 214 7.91 -0.69 -55.57
C GLY K 214 8.60 0.67 -55.50
N MET K 215 9.45 0.85 -54.49
CA MET K 215 10.26 2.07 -54.42
C MET K 215 11.06 2.26 -55.69
N MET K 216 11.69 1.19 -56.17
CA MET K 216 12.41 1.24 -57.44
C MET K 216 11.47 1.63 -58.58
N TYR K 217 10.35 0.92 -58.72
CA TYR K 217 9.45 1.18 -59.83
C TYR K 217 9.02 2.63 -59.88
N TYR K 218 8.89 3.28 -58.72
CA TYR K 218 8.56 4.70 -58.75
C TYR K 218 9.79 5.56 -59.06
N PHE K 219 10.84 5.43 -58.24
CA PHE K 219 11.93 6.39 -58.24
C PHE K 219 12.91 6.24 -59.38
N VAL K 220 12.96 5.09 -60.05
CA VAL K 220 13.87 4.90 -61.18
C VAL K 220 13.35 5.68 -62.38
N PRO K 221 12.15 5.39 -62.89
CA PRO K 221 11.63 6.19 -64.00
C PRO K 221 11.46 7.66 -63.66
N LYS K 222 11.10 7.98 -62.42
CA LYS K 222 10.95 9.38 -62.03
C LYS K 222 12.29 10.10 -62.04
N GLN K 223 13.30 9.50 -61.39
CA GLN K 223 14.61 10.14 -61.33
C GLN K 223 15.23 10.25 -62.71
N ALA K 224 15.13 9.18 -63.51
CA ALA K 224 15.66 9.21 -64.87
C ALA K 224 14.74 9.93 -65.84
N GLY K 225 13.49 10.16 -65.45
CA GLY K 225 12.54 10.82 -66.33
C GLY K 225 12.29 10.06 -67.61
N ARG K 226 12.21 8.73 -67.53
CA ARG K 226 11.94 7.90 -68.70
C ARG K 226 10.89 6.87 -68.35
N PRO K 227 10.13 6.39 -69.33
CA PRO K 227 9.07 5.42 -69.03
C PRO K 227 9.62 4.06 -68.62
N VAL K 228 8.80 3.32 -67.88
CA VAL K 228 9.19 1.97 -67.49
C VAL K 228 9.37 1.11 -68.73
N TYR K 229 10.28 0.13 -68.64
CA TYR K 229 10.69 -0.60 -69.83
C TYR K 229 9.56 -1.45 -70.40
N SER K 230 8.81 -2.14 -69.54
CA SER K 230 7.81 -3.09 -70.03
C SER K 230 6.70 -3.25 -69.01
N TYR K 231 5.46 -3.13 -69.46
CA TYR K 231 4.31 -3.34 -68.59
C TYR K 231 4.05 -4.83 -68.36
N ARG K 232 4.17 -5.63 -69.42
CA ARG K 232 3.96 -7.07 -69.29
C ARG K 232 5.02 -7.70 -68.40
N LEU K 233 6.28 -7.26 -68.56
CA LEU K 233 7.34 -7.75 -67.69
C LEU K 233 7.06 -7.39 -66.24
N SER K 234 6.54 -6.19 -65.98
CA SER K 234 6.17 -5.81 -64.62
C SER K 234 5.12 -6.76 -64.07
N ILE K 235 4.09 -7.06 -64.88
CA ILE K 235 3.03 -7.95 -64.40
C ILE K 235 3.60 -9.32 -64.05
N VAL K 236 4.37 -9.92 -64.97
CA VAL K 236 4.90 -11.26 -64.73
C VAL K 236 5.81 -11.25 -63.53
N HIS K 237 6.71 -10.27 -63.46
CA HIS K 237 7.62 -10.16 -62.33
C HIS K 237 6.85 -10.12 -61.02
N PHE K 238 5.90 -9.20 -60.90
CA PHE K 238 5.14 -9.07 -59.66
C PHE K 238 4.48 -10.40 -59.28
N TRP K 239 3.73 -10.98 -60.21
CA TRP K 239 2.92 -12.15 -59.86
C TRP K 239 3.79 -13.34 -59.51
N ALA K 240 4.77 -13.66 -60.37
CA ALA K 240 5.64 -14.80 -60.09
C ALA K 240 6.44 -14.58 -58.81
N LEU K 241 6.93 -13.36 -58.60
CA LEU K 241 7.72 -13.07 -57.41
C LEU K 241 6.90 -13.31 -56.14
N ILE K 242 5.69 -12.77 -56.09
CA ILE K 242 4.90 -12.95 -54.87
C ILE K 242 4.44 -14.39 -54.73
N THR K 243 4.31 -15.12 -55.83
CA THR K 243 3.84 -16.54 -55.73
C THR K 243 5.01 -17.47 -55.42
N LEU K 244 6.26 -17.01 -55.55
CA LEU K 244 7.39 -17.92 -55.31
C LEU K 244 8.23 -17.55 -54.09
N TYR K 245 8.19 -16.30 -53.63
CA TYR K 245 8.93 -15.96 -52.41
C TYR K 245 8.43 -16.71 -51.19
N ILE K 246 7.14 -17.03 -51.12
CA ILE K 246 6.65 -17.85 -50.01
C ILE K 246 7.17 -19.27 -50.13
N TRP K 247 7.14 -19.81 -51.36
CA TRP K 247 7.57 -21.18 -51.57
C TRP K 247 9.05 -21.38 -51.28
N ALA K 248 9.88 -20.41 -51.67
CA ALA K 248 11.33 -20.59 -51.59
C ALA K 248 11.88 -20.56 -50.15
N GLY K 249 11.05 -20.52 -49.10
CA GLY K 249 11.55 -20.44 -47.74
C GLY K 249 12.42 -21.60 -47.27
N PRO K 250 12.07 -22.84 -47.58
CA PRO K 250 12.78 -23.98 -46.98
C PRO K 250 14.26 -24.10 -47.37
N HIS K 251 14.80 -23.19 -48.17
CA HIS K 251 16.22 -23.30 -48.53
C HIS K 251 17.14 -22.87 -47.40
N HIS K 252 16.61 -22.31 -46.31
CA HIS K 252 17.40 -21.97 -45.14
C HIS K 252 17.62 -23.16 -44.21
N LEU K 253 16.94 -24.28 -44.46
CA LEU K 253 17.06 -25.50 -43.66
C LEU K 253 17.42 -26.66 -44.56
N HIS K 254 18.44 -26.45 -45.41
CA HIS K 254 18.64 -27.33 -46.56
C HIS K 254 19.04 -28.74 -46.15
N TYR K 255 19.89 -28.89 -45.14
CA TYR K 255 20.38 -30.21 -44.73
C TYR K 255 20.13 -30.44 -43.25
N THR K 256 19.21 -29.70 -42.66
CA THR K 256 18.88 -29.85 -41.25
C THR K 256 17.94 -31.05 -41.08
N ALA K 257 17.38 -31.19 -39.88
CA ALA K 257 16.45 -32.28 -39.60
C ALA K 257 15.13 -32.13 -40.34
N LEU K 258 14.89 -31.01 -40.99
CA LEU K 258 13.64 -30.81 -41.71
C LEU K 258 13.47 -31.90 -42.76
N PRO K 259 12.24 -32.38 -42.99
CA PRO K 259 12.05 -33.45 -43.98
C PRO K 259 12.59 -33.05 -45.35
N ASP K 260 13.16 -34.04 -46.04
CA ASP K 260 13.91 -33.74 -47.26
C ASP K 260 13.01 -33.25 -48.38
N TRP K 261 11.73 -33.66 -48.39
CA TRP K 261 10.83 -33.17 -49.43
C TRP K 261 10.66 -31.65 -49.33
N ALA K 262 10.56 -31.13 -48.11
CA ALA K 262 10.48 -29.68 -47.94
C ALA K 262 11.74 -28.99 -48.45
N GLN K 263 12.91 -29.57 -48.17
CA GLN K 263 14.17 -28.99 -48.63
C GLN K 263 14.23 -28.96 -50.14
N SER K 264 13.84 -30.06 -50.79
CA SER K 264 13.84 -30.11 -52.25
C SER K 264 12.86 -29.08 -52.82
N LEU K 265 11.67 -28.99 -52.23
CA LEU K 265 10.70 -27.98 -52.67
C LEU K 265 11.29 -26.58 -52.56
N GLY K 266 11.93 -26.29 -51.43
CA GLY K 266 12.51 -24.97 -51.24
C GLY K 266 13.57 -24.65 -52.27
N MET K 267 14.48 -25.60 -52.53
CA MET K 267 15.54 -25.35 -53.50
C MET K 267 14.95 -25.12 -54.89
N VAL K 268 14.03 -26.00 -55.30
CA VAL K 268 13.47 -25.89 -56.64
C VAL K 268 12.70 -24.58 -56.80
N MET K 269 11.94 -24.20 -55.79
CA MET K 269 11.20 -22.95 -55.82
C MET K 269 12.13 -21.74 -55.85
N SER K 270 13.25 -21.79 -55.13
CA SER K 270 14.22 -20.69 -55.21
C SER K 270 14.84 -20.60 -56.60
N LEU K 271 15.17 -21.74 -57.20
CA LEU K 271 15.72 -21.73 -58.55
C LEU K 271 14.72 -21.16 -59.54
N ILE K 272 13.44 -21.48 -59.37
CA ILE K 272 12.39 -20.85 -60.18
C ILE K 272 12.38 -19.34 -59.91
N LEU K 273 12.39 -18.96 -58.63
CA LEU K 273 12.27 -17.57 -58.23
C LEU K 273 13.42 -16.71 -58.75
N LEU K 274 14.53 -17.34 -59.13
CA LEU K 274 15.60 -16.59 -59.79
C LEU K 274 15.04 -15.75 -60.93
N ALA K 275 14.17 -16.33 -61.76
CA ALA K 275 13.72 -15.65 -62.96
C ALA K 275 12.96 -14.35 -62.69
N PRO K 276 11.90 -14.35 -61.89
CA PRO K 276 11.16 -13.08 -61.69
C PRO K 276 12.01 -11.97 -61.08
N SER K 277 12.93 -12.30 -60.17
CA SER K 277 13.80 -11.28 -59.60
C SER K 277 14.66 -10.64 -60.68
N TRP K 278 15.23 -11.45 -61.56
CA TRP K 278 16.00 -10.91 -62.67
C TRP K 278 15.11 -10.15 -63.64
N GLY K 279 13.84 -10.53 -63.76
CA GLY K 279 12.92 -9.74 -64.57
C GLY K 279 12.72 -8.35 -64.00
N GLY K 280 12.54 -8.26 -62.69
CA GLY K 280 12.46 -6.95 -62.05
C GLY K 280 13.72 -6.14 -62.24
N MET K 281 14.88 -6.79 -62.09
CA MET K 281 16.14 -6.08 -62.30
C MET K 281 16.26 -5.60 -63.74
N ILE K 282 15.84 -6.42 -64.70
CA ILE K 282 15.89 -6.04 -66.11
C ILE K 282 15.00 -4.83 -66.35
N ASN K 283 13.78 -4.87 -65.80
CA ASN K 283 12.88 -3.73 -65.96
C ASN K 283 13.54 -2.46 -65.40
N GLY K 284 14.08 -2.55 -64.19
CA GLY K 284 14.69 -1.37 -63.59
C GLY K 284 15.84 -0.84 -64.41
N MET K 285 16.73 -1.72 -64.86
CA MET K 285 17.93 -1.28 -65.56
C MET K 285 17.59 -0.74 -66.96
N MET K 286 16.72 -1.45 -67.68
CA MET K 286 16.36 -1.02 -69.03
C MET K 286 15.40 0.15 -69.05
N THR K 287 14.80 0.50 -67.91
CA THR K 287 14.08 1.77 -67.82
C THR K 287 15.00 2.95 -68.10
N LEU K 288 16.31 2.75 -67.97
CA LEU K 288 17.30 3.80 -68.23
C LEU K 288 17.76 3.85 -69.67
N SER K 289 17.15 3.07 -70.57
CA SER K 289 17.55 3.11 -71.96
C SER K 289 17.44 4.52 -72.50
N GLY K 290 18.52 5.01 -73.12
CA GLY K 290 18.57 6.35 -73.63
C GLY K 290 18.91 7.42 -72.61
N ALA K 291 19.15 7.04 -71.34
CA ALA K 291 19.42 8.00 -70.29
C ALA K 291 20.63 7.61 -69.44
N TRP K 292 21.46 6.67 -69.92
CA TRP K 292 22.65 6.28 -69.17
C TRP K 292 23.59 7.45 -68.94
N HIS K 293 23.68 8.40 -69.88
CA HIS K 293 24.58 9.52 -69.72
C HIS K 293 24.27 10.37 -68.50
N LYS K 294 23.05 10.29 -67.97
CA LYS K 294 22.69 11.01 -66.76
C LYS K 294 23.41 10.48 -65.52
N LEU K 295 24.02 9.29 -65.60
CA LEU K 295 24.76 8.77 -64.47
C LEU K 295 26.02 9.58 -64.18
N ARG K 296 26.50 10.35 -65.15
CA ARG K 296 27.69 11.17 -64.93
C ARG K 296 27.34 12.48 -64.20
N ASP K 297 26.10 12.93 -64.31
CA ASP K 297 25.68 14.22 -63.75
C ASP K 297 24.92 14.05 -62.43
N ASP K 298 24.10 13.00 -62.32
CA ASP K 298 23.22 12.86 -61.17
C ASP K 298 23.66 11.66 -60.34
N PRO K 299 24.31 11.87 -59.19
CA PRO K 299 24.66 10.73 -58.33
C PRO K 299 23.47 9.93 -57.81
N ILE K 300 22.28 10.53 -57.69
CA ILE K 300 21.13 9.78 -57.22
C ILE K 300 20.79 8.65 -58.20
N LEU K 301 20.84 8.95 -59.50
CA LEU K 301 20.59 7.91 -60.48
C LEU K 301 21.66 6.83 -60.42
N ARG K 302 22.90 7.21 -60.11
CA ARG K 302 23.94 6.22 -59.87
C ARG K 302 23.60 5.34 -58.68
N PHE K 303 23.09 5.93 -57.60
CA PHE K 303 22.63 5.16 -56.46
C PHE K 303 21.61 4.12 -56.90
N LEU K 304 20.59 4.56 -57.63
CA LEU K 304 19.52 3.63 -58.03
C LEU K 304 20.05 2.53 -58.94
N VAL K 305 20.90 2.89 -59.91
CA VAL K 305 21.38 1.91 -60.87
C VAL K 305 22.28 0.88 -60.18
N VAL K 306 23.17 1.34 -59.30
CA VAL K 306 24.04 0.42 -58.58
C VAL K 306 23.23 -0.44 -57.63
N SER K 307 22.15 0.11 -57.06
CA SER K 307 21.25 -0.72 -56.26
C SER K 307 20.66 -1.84 -57.10
N LEU K 308 20.23 -1.52 -58.32
CA LEU K 308 19.69 -2.57 -59.19
C LEU K 308 20.75 -3.60 -59.55
N ALA K 309 21.99 -3.15 -59.79
CA ALA K 309 23.06 -4.08 -60.13
C ALA K 309 23.33 -5.03 -58.97
N PHE K 310 23.44 -4.49 -57.74
CA PHE K 310 23.63 -5.36 -56.60
C PHE K 310 22.42 -6.24 -56.35
N TYR K 311 21.22 -5.79 -56.70
CA TYR K 311 20.04 -6.63 -56.59
C TYR K 311 20.15 -7.84 -57.51
N GLY K 312 20.58 -7.60 -58.75
CA GLY K 312 20.81 -8.71 -59.66
C GLY K 312 21.88 -9.66 -59.14
N MET K 313 22.98 -9.11 -58.62
CA MET K 313 24.03 -9.94 -58.05
C MET K 313 23.50 -10.81 -56.92
N SER K 314 22.72 -10.22 -56.01
CA SER K 314 22.23 -10.95 -54.85
C SER K 314 21.20 -12.00 -55.27
N THR K 315 20.32 -11.66 -56.19
CA THR K 315 19.30 -12.60 -56.64
C THR K 315 19.86 -13.66 -57.58
N PHE K 316 21.10 -13.51 -58.03
CA PHE K 316 21.80 -14.61 -58.68
C PHE K 316 22.55 -15.47 -57.66
N GLU K 317 23.16 -14.85 -56.66
CA GLU K 317 23.87 -15.60 -55.63
C GLU K 317 22.93 -16.48 -54.83
N GLY K 318 21.78 -15.93 -54.43
CA GLY K 318 20.88 -16.61 -53.53
C GLY K 318 20.37 -17.92 -54.06
N PRO K 319 19.87 -17.93 -55.29
CA PRO K 319 19.47 -19.22 -55.90
C PRO K 319 20.60 -20.21 -56.00
N MET K 320 21.84 -19.74 -56.23
CA MET K 320 22.97 -20.64 -56.26
C MET K 320 23.20 -21.29 -54.89
N MET K 321 23.11 -20.50 -53.82
CA MET K 321 23.22 -21.04 -52.48
C MET K 321 21.98 -21.84 -52.07
N ALA K 322 20.89 -21.74 -52.84
CA ALA K 322 19.73 -22.59 -52.60
C ALA K 322 19.97 -24.00 -53.10
N ILE K 323 20.97 -24.20 -53.95
CA ILE K 323 21.33 -25.54 -54.40
C ILE K 323 21.99 -26.27 -53.24
N LYS K 324 21.51 -27.48 -52.95
CA LYS K 324 21.99 -28.19 -51.76
C LYS K 324 23.47 -28.51 -51.87
N THR K 325 23.96 -28.77 -53.08
CA THR K 325 25.38 -29.01 -53.25
C THR K 325 26.19 -27.78 -52.87
N VAL K 326 25.75 -26.60 -53.32
CA VAL K 326 26.40 -25.36 -52.91
C VAL K 326 26.11 -25.05 -51.45
N ASN K 327 24.86 -25.25 -51.02
CA ASN K 327 24.47 -24.92 -49.66
C ASN K 327 25.27 -25.73 -48.63
N ALA K 328 25.73 -26.92 -49.01
CA ALA K 328 26.54 -27.73 -48.10
C ALA K 328 27.83 -27.01 -47.76
N LEU K 329 28.48 -26.42 -48.76
CA LEU K 329 29.70 -25.65 -48.50
C LEU K 329 29.41 -24.44 -47.62
N SER K 330 28.30 -23.74 -47.89
CA SER K 330 27.99 -22.47 -47.23
C SER K 330 26.56 -22.51 -46.70
N HIS K 331 26.41 -22.94 -45.45
CA HIS K 331 25.18 -22.80 -44.70
C HIS K 331 25.38 -22.10 -43.38
N TYR K 332 26.51 -22.34 -42.71
CA TYR K 332 26.86 -21.66 -41.47
C TYR K 332 28.11 -20.81 -41.60
N THR K 333 28.56 -20.54 -42.83
CA THR K 333 29.78 -19.78 -43.06
C THR K 333 29.45 -18.30 -43.20
N ASP K 334 30.48 -17.45 -43.30
CA ASP K 334 30.29 -16.03 -43.53
C ASP K 334 29.74 -15.73 -44.91
N TRP K 335 29.75 -16.69 -45.83
CA TRP K 335 29.19 -16.46 -47.15
C TRP K 335 27.71 -16.10 -47.06
N THR K 336 26.99 -16.70 -46.12
CA THR K 336 25.60 -16.31 -45.90
C THR K 336 25.52 -14.84 -45.53
N ILE K 337 26.40 -14.38 -44.63
CA ILE K 337 26.40 -12.98 -44.23
C ILE K 337 26.83 -12.11 -45.41
N GLY K 338 27.76 -12.59 -46.23
CA GLY K 338 28.16 -11.84 -47.41
C GLY K 338 26.99 -11.64 -48.37
N HIS K 339 26.19 -12.69 -48.58
CA HIS K 339 25.00 -12.56 -49.41
C HIS K 339 23.99 -11.62 -48.77
N VAL K 340 23.83 -11.69 -47.44
CA VAL K 340 22.89 -10.83 -46.75
C VAL K 340 23.25 -9.37 -46.98
N HIS K 341 24.53 -9.02 -46.82
CA HIS K 341 24.96 -7.65 -47.00
C HIS K 341 25.14 -7.24 -48.45
N ALA K 342 25.22 -8.21 -49.37
CA ALA K 342 25.12 -7.89 -50.78
C ALA K 342 23.69 -7.47 -51.13
N GLY K 343 22.71 -8.15 -50.56
CA GLY K 343 21.32 -7.78 -50.75
C GLY K 343 20.83 -6.63 -49.89
N ALA K 344 21.59 -6.27 -48.86
CA ALA K 344 21.20 -5.20 -47.95
C ALA K 344 21.96 -3.91 -48.22
N LEU K 345 23.30 -3.94 -48.14
CA LEU K 345 24.08 -2.75 -48.46
C LEU K 345 24.01 -2.44 -49.96
N GLY K 346 24.22 -3.45 -50.79
CA GLY K 346 24.23 -3.21 -52.23
C GLY K 346 22.86 -2.83 -52.76
N TRP K 347 21.82 -3.56 -52.33
CA TRP K 347 20.49 -3.42 -52.90
C TRP K 347 19.56 -2.55 -52.06
N VAL K 348 19.31 -2.94 -50.80
CA VAL K 348 18.35 -2.21 -49.98
C VAL K 348 18.89 -0.85 -49.59
N ALA K 349 20.13 -0.82 -49.08
CA ALA K 349 20.69 0.44 -48.60
C ALA K 349 20.84 1.43 -49.74
N MET K 350 21.28 0.96 -50.91
CA MET K 350 21.53 1.87 -52.02
C MET K 350 20.24 2.41 -52.61
N ILE K 351 19.22 1.55 -52.78
CA ILE K 351 17.95 2.03 -53.28
C ILE K 351 17.35 3.01 -52.28
N THR K 352 17.49 2.73 -50.99
CA THR K 352 17.03 3.66 -49.96
C THR K 352 17.73 5.01 -50.08
N ILE K 353 19.05 4.98 -50.23
CA ILE K 353 19.81 6.23 -50.32
C ILE K 353 19.34 7.03 -51.53
N GLY K 354 19.24 6.37 -52.69
CA GLY K 354 18.81 7.07 -53.88
C GLY K 354 17.40 7.62 -53.77
N SER K 355 16.50 6.85 -53.17
CA SER K 355 15.12 7.28 -53.04
C SER K 355 14.97 8.45 -52.08
N LEU K 356 15.68 8.44 -50.95
CA LEU K 356 15.59 9.57 -50.02
C LEU K 356 16.28 10.80 -50.58
N TYR K 357 17.41 10.64 -51.26
CA TYR K 357 18.04 11.82 -51.85
C TYR K 357 17.16 12.49 -52.89
N HIS K 358 16.16 11.79 -53.41
CA HIS K 358 15.18 12.36 -54.33
C HIS K 358 13.95 12.87 -53.59
N LEU K 359 13.50 12.13 -52.58
CA LEU K 359 12.27 12.48 -51.87
C LEU K 359 12.47 13.69 -50.97
N ILE K 360 13.57 13.73 -50.22
CA ILE K 360 13.75 14.77 -49.21
C ILE K 360 13.67 16.16 -49.82
N PRO K 361 14.31 16.45 -50.95
CA PRO K 361 14.08 17.76 -51.58
C PRO K 361 12.85 17.77 -52.46
N LYS K 362 11.79 17.12 -52.01
CA LYS K 362 10.45 17.29 -52.57
C LYS K 362 9.36 17.42 -51.51
N VAL K 363 9.58 16.90 -50.31
CA VAL K 363 8.64 17.07 -49.20
C VAL K 363 9.01 18.24 -48.32
N TYR K 364 10.20 18.83 -48.50
CA TYR K 364 10.63 19.98 -47.74
C TYR K 364 10.53 21.29 -48.49
N GLY K 365 10.24 21.25 -49.80
CA GLY K 365 10.12 22.44 -50.61
C GLY K 365 11.43 22.91 -51.21
N VAL K 366 12.56 22.41 -50.73
CA VAL K 366 13.85 22.79 -51.30
C VAL K 366 14.05 22.05 -52.62
N GLU K 367 14.54 22.75 -53.62
CA GLU K 367 14.66 22.19 -54.96
C GLU K 367 15.76 21.14 -55.05
N LYS K 368 16.77 21.21 -54.19
CA LYS K 368 17.97 20.40 -54.35
C LYS K 368 18.56 20.09 -52.98
N MET K 369 19.36 19.04 -52.91
CA MET K 369 20.08 18.73 -51.68
C MET K 369 21.16 19.78 -51.43
N HIS K 370 21.52 19.95 -50.16
CA HIS K 370 22.44 21.02 -49.79
C HIS K 370 23.74 20.92 -50.59
N SER K 371 24.24 19.71 -50.81
CA SER K 371 25.52 19.51 -51.49
C SER K 371 25.44 18.25 -52.34
N VAL K 372 25.40 18.43 -53.66
CA VAL K 372 25.43 17.27 -54.56
C VAL K 372 26.80 16.61 -54.51
N GLY K 373 27.87 17.38 -54.32
CA GLY K 373 29.17 16.78 -54.15
C GLY K 373 29.21 15.82 -52.98
N LEU K 374 28.53 16.17 -51.89
CA LEU K 374 28.38 15.23 -50.79
C LEU K 374 27.64 13.98 -51.22
N ILE K 375 26.67 14.11 -52.13
CA ILE K 375 25.96 12.94 -52.63
C ILE K 375 26.93 12.03 -53.37
N ASN K 376 27.76 12.60 -54.24
CA ASN K 376 28.73 11.79 -54.97
C ASN K 376 29.73 11.13 -54.03
N ALA K 377 30.20 11.87 -53.03
CA ALA K 377 31.12 11.31 -52.06
C ALA K 377 30.47 10.16 -51.30
N HIS K 378 29.20 10.32 -50.90
CA HIS K 378 28.50 9.25 -50.21
C HIS K 378 28.35 8.04 -51.11
N PHE K 379 28.05 8.25 -52.39
CA PHE K 379 27.94 7.12 -53.32
C PHE K 379 29.25 6.36 -53.39
N TRP K 380 30.37 7.08 -53.52
CA TRP K 380 31.65 6.40 -53.62
C TRP K 380 32.00 5.68 -52.33
N LEU K 381 31.75 6.30 -51.18
CA LEU K 381 32.00 5.64 -49.91
C LEU K 381 31.16 4.39 -49.74
N ALA K 382 29.89 4.45 -50.11
CA ALA K 382 29.03 3.28 -49.98
C ALA K 382 29.46 2.16 -50.91
N THR K 383 29.81 2.50 -52.15
CA THR K 383 30.26 1.47 -53.09
C THR K 383 31.55 0.82 -52.61
N ILE K 384 32.53 1.63 -52.22
CA ILE K 384 33.76 1.14 -51.62
C ILE K 384 33.49 0.99 -50.13
N GLY K 385 33.08 -0.20 -49.72
CA GLY K 385 32.57 -0.42 -48.38
C GLY K 385 31.45 -1.43 -48.42
N THR K 386 30.69 -1.45 -49.51
CA THR K 386 29.87 -2.61 -49.81
C THR K 386 30.65 -3.64 -50.63
N VAL K 387 31.47 -3.19 -51.58
CA VAL K 387 32.32 -4.13 -52.31
C VAL K 387 33.32 -4.78 -51.37
N LEU K 388 33.93 -3.99 -50.48
CA LEU K 388 34.88 -4.54 -49.52
C LEU K 388 34.19 -5.56 -48.61
N TYR K 389 33.01 -5.22 -48.10
CA TYR K 389 32.26 -6.14 -47.26
C TYR K 389 31.98 -7.44 -48.02
N ILE K 390 31.49 -7.32 -49.24
CA ILE K 390 31.13 -8.49 -50.03
C ILE K 390 32.35 -9.39 -50.23
N ALA K 391 33.46 -8.80 -50.67
CA ALA K 391 34.64 -9.60 -50.98
C ALA K 391 35.21 -10.26 -49.73
N SER K 392 35.35 -9.48 -48.65
CA SER K 392 35.91 -10.04 -47.43
C SER K 392 35.05 -11.17 -46.91
N LEU K 393 33.73 -11.00 -46.90
CA LEU K 393 32.88 -12.05 -46.37
C LEU K 393 32.83 -13.26 -47.29
N TRP K 394 32.90 -13.05 -48.61
CA TRP K 394 33.00 -14.18 -49.53
C TRP K 394 34.23 -15.01 -49.23
N VAL K 395 35.39 -14.35 -49.14
CA VAL K 395 36.64 -15.06 -48.87
C VAL K 395 36.53 -15.78 -47.53
N ASN K 396 36.03 -15.07 -46.51
CA ASN K 396 35.92 -15.66 -45.18
C ASN K 396 35.06 -16.91 -45.18
N GLY K 397 33.86 -16.80 -45.77
CA GLY K 397 32.94 -17.93 -45.75
C GLY K 397 33.45 -19.12 -46.54
N ILE K 398 34.05 -18.86 -47.70
CA ILE K 398 34.63 -19.96 -48.46
C ILE K 398 35.73 -20.63 -47.65
N THR K 399 36.55 -19.82 -46.97
CA THR K 399 37.62 -20.40 -46.14
C THR K 399 37.04 -21.28 -45.04
N GLN K 400 36.03 -20.79 -44.32
CA GLN K 400 35.48 -21.58 -43.23
C GLN K 400 34.83 -22.85 -43.76
N GLY K 401 34.07 -22.76 -44.86
CA GLY K 401 33.45 -23.94 -45.42
C GLY K 401 34.48 -24.99 -45.80
N LEU K 402 35.53 -24.56 -46.50
CA LEU K 402 36.56 -25.51 -46.92
C LEU K 402 37.28 -26.10 -45.72
N MET K 403 37.62 -25.28 -44.73
CA MET K 403 38.36 -25.77 -43.57
C MET K 403 37.53 -26.75 -42.75
N TRP K 404 36.27 -26.41 -42.46
CA TRP K 404 35.41 -27.34 -41.74
C TRP K 404 35.23 -28.63 -42.53
N ARG K 405 34.99 -28.52 -43.84
CA ARG K 405 34.83 -29.70 -44.68
C ARG K 405 36.15 -30.34 -45.08
N ALA K 406 37.27 -29.62 -44.96
CA ALA K 406 38.56 -30.17 -45.34
C ALA K 406 38.85 -31.44 -44.56
N VAL K 407 39.24 -32.49 -45.27
CA VAL K 407 39.59 -33.77 -44.65
C VAL K 407 40.87 -34.29 -45.29
N ASN K 408 41.79 -34.75 -44.44
CA ASN K 408 43.07 -35.30 -44.86
C ASN K 408 42.86 -36.68 -45.48
N GLU K 409 43.85 -37.11 -46.28
CA GLU K 409 43.69 -38.41 -46.95
C GLU K 409 43.53 -39.55 -45.96
N ASP K 410 44.00 -39.39 -44.73
CA ASP K 410 43.80 -40.39 -43.68
C ASP K 410 42.35 -40.45 -43.21
N GLY K 411 41.52 -39.47 -43.58
CA GLY K 411 40.17 -39.37 -43.08
C GLY K 411 40.02 -38.46 -41.87
N THR K 412 41.12 -38.08 -41.23
CA THR K 412 41.06 -37.15 -40.13
C THR K 412 40.84 -35.74 -40.64
N LEU K 413 40.23 -34.90 -39.80
CA LEU K 413 39.94 -33.52 -40.18
C LEU K 413 41.25 -32.73 -40.25
N THR K 414 41.45 -32.02 -41.36
CA THR K 414 42.70 -31.30 -41.56
C THR K 414 42.86 -30.17 -40.56
N TYR K 415 41.78 -29.44 -40.27
CA TYR K 415 41.83 -28.23 -39.47
C TYR K 415 40.87 -28.32 -38.30
N SER K 416 41.19 -27.62 -37.21
CA SER K 416 40.27 -27.42 -36.11
C SER K 416 39.41 -26.17 -36.37
N PHE K 417 38.48 -25.90 -35.46
CA PHE K 417 37.60 -24.75 -35.65
C PHE K 417 38.32 -23.45 -35.30
N VAL K 418 39.18 -23.47 -34.28
CA VAL K 418 39.93 -22.27 -33.93
C VAL K 418 40.82 -21.85 -35.09
N GLU K 419 41.32 -22.81 -35.86
CA GLU K 419 42.08 -22.48 -37.05
C GLU K 419 41.22 -21.73 -38.05
N SER K 420 39.97 -22.15 -38.22
CA SER K 420 39.06 -21.41 -39.10
C SER K 420 38.82 -20.00 -38.57
N LEU K 421 38.66 -19.86 -37.25
CA LEU K 421 38.45 -18.53 -36.68
C LEU K 421 39.62 -17.60 -36.95
N VAL K 422 40.84 -18.09 -36.71
CA VAL K 422 42.02 -17.26 -36.93
C VAL K 422 42.19 -16.96 -38.42
N ALA K 423 41.86 -17.92 -39.28
CA ALA K 423 41.91 -17.67 -40.72
C ALA K 423 40.87 -16.64 -41.14
N SER K 424 39.74 -16.57 -40.43
CA SER K 424 38.69 -15.61 -40.75
C SER K 424 38.99 -14.22 -40.21
N HIS K 425 39.83 -14.11 -39.18
CA HIS K 425 40.11 -12.80 -38.58
C HIS K 425 40.47 -11.73 -39.60
N PRO K 426 41.35 -11.96 -40.58
CA PRO K 426 41.57 -10.94 -41.62
C PRO K 426 40.29 -10.54 -42.36
N GLY K 427 39.43 -11.51 -42.64
CA GLY K 427 38.14 -11.16 -43.22
C GLY K 427 37.33 -10.27 -42.29
N PHE K 428 37.43 -10.52 -40.98
CA PHE K 428 36.70 -9.69 -40.02
C PHE K 428 37.22 -8.25 -40.04
N ILE K 429 38.53 -8.06 -40.09
CA ILE K 429 39.05 -6.69 -40.12
C ILE K 429 38.64 -5.97 -41.40
N VAL K 430 38.70 -6.69 -42.54
CA VAL K 430 38.30 -6.05 -43.79
C VAL K 430 36.82 -5.71 -43.78
N ARG K 431 36.00 -6.60 -43.21
CA ARG K 431 34.57 -6.30 -43.06
C ARG K 431 34.36 -5.07 -42.20
N LEU K 432 35.13 -4.95 -41.12
CA LEU K 432 35.03 -3.78 -40.26
C LEU K 432 35.36 -2.51 -41.05
N VAL K 433 36.40 -2.56 -41.87
CA VAL K 433 36.79 -1.39 -42.64
C VAL K 433 35.70 -1.01 -43.64
N GLY K 434 35.13 -2.00 -44.34
CA GLY K 434 34.05 -1.71 -45.27
C GLY K 434 32.82 -1.14 -44.58
N GLY K 435 32.45 -1.70 -43.42
CA GLY K 435 31.36 -1.15 -42.65
C GLY K 435 31.64 0.27 -42.19
N GLY K 436 32.88 0.57 -41.83
CA GLY K 436 33.23 1.94 -41.50
C GLY K 436 33.07 2.88 -42.67
N PHE K 437 33.45 2.43 -43.86
CA PHE K 437 33.23 3.24 -45.06
C PHE K 437 31.75 3.53 -45.27
N PHE K 438 30.92 2.49 -45.16
CA PHE K 438 29.48 2.70 -45.37
C PHE K 438 28.90 3.60 -44.29
N LEU K 439 29.36 3.46 -43.04
CA LEU K 439 28.88 4.31 -41.97
C LEU K 439 29.31 5.76 -42.18
N THR K 440 30.50 5.96 -42.74
CA THR K 440 30.92 7.32 -43.08
C THR K 440 30.03 7.90 -44.16
N GLY K 441 29.67 7.10 -45.15
CA GLY K 441 28.69 7.57 -46.14
C GLY K 441 27.36 7.93 -45.50
N MET K 442 26.89 7.10 -44.57
CA MET K 442 25.67 7.41 -43.83
C MET K 442 25.79 8.72 -43.06
N LEU K 443 26.94 8.95 -42.41
CA LEU K 443 27.15 10.19 -41.68
C LEU K 443 27.12 11.39 -42.63
N LEU K 444 27.72 11.22 -43.81
CA LEU K 444 27.66 12.29 -44.81
C LEU K 444 26.23 12.59 -45.22
N MET K 445 25.42 11.54 -45.43
CA MET K 445 24.03 11.79 -45.78
C MET K 445 23.30 12.47 -44.63
N SER K 446 23.61 12.09 -43.39
CA SER K 446 22.93 12.73 -42.26
C SER K 446 23.27 14.22 -42.20
N TYR K 447 24.54 14.56 -42.45
CA TYR K 447 24.91 15.98 -42.49
C TYR K 447 24.20 16.69 -43.65
N ASN K 448 24.15 16.07 -44.82
CA ASN K 448 23.47 16.69 -45.96
C ASN K 448 22.00 16.91 -45.65
N THR K 449 21.35 15.91 -45.05
CA THR K 449 19.95 16.02 -44.71
C THR K 449 19.71 17.06 -43.62
N TRP K 450 20.63 17.18 -42.66
CA TRP K 450 20.46 18.21 -41.64
C TRP K 450 20.58 19.61 -42.24
N ARG K 451 21.54 19.80 -43.15
CA ARG K 451 21.71 21.11 -43.77
C ARG K 451 20.63 21.43 -44.79
N THR K 452 20.01 20.41 -45.39
CA THR K 452 18.89 20.64 -46.31
C THR K 452 17.58 20.85 -45.56
N VAL K 453 17.41 20.18 -44.42
CA VAL K 453 16.21 20.35 -43.61
C VAL K 453 16.13 21.77 -43.08
N ARG K 454 17.21 22.24 -42.47
CA ARG K 454 17.32 23.64 -42.13
C ARG K 454 17.50 24.46 -43.40
N GLN K 455 17.06 25.72 -43.35
CA GLN K 455 17.03 26.64 -44.49
C GLN K 455 15.85 26.39 -45.42
N ALA K 456 14.93 25.52 -45.00
CA ALA K 456 13.68 25.27 -45.73
C ALA K 456 12.58 26.04 -45.01
N ARG K 457 12.17 27.16 -45.59
CA ARG K 457 11.25 28.05 -44.91
C ARG K 457 9.86 27.41 -44.85
N PRO K 458 8.96 27.79 -43.88
CA PRO K 458 7.55 27.25 -43.66
C PRO K 458 6.82 27.11 -44.99
N GLU K 459 6.75 28.18 -45.78
CA GLU K 459 5.97 28.18 -47.05
C GLU K 459 6.55 27.19 -48.06
N GLY K 460 7.88 27.08 -48.14
CA GLY K 460 8.47 26.21 -49.15
C GLY K 460 7.98 24.80 -48.91
N ILE K 461 7.93 24.40 -47.65
CA ILE K 461 7.39 23.06 -47.30
C ILE K 461 5.92 23.03 -47.73
N LEU K 462 5.15 24.09 -47.43
CA LEU K 462 3.68 24.08 -47.69
C LEU K 462 3.31 23.99 -49.17
N ALA K 463 3.95 24.76 -50.04
CA ALA K 463 3.62 24.78 -51.48
C ALA K 463 3.95 23.44 -52.13
N ALA K 464 5.01 22.75 -51.69
CA ALA K 464 5.42 21.51 -52.37
C ALA K 464 4.28 20.48 -52.35
N ALA K 465 3.57 20.37 -51.25
CA ALA K 465 2.47 19.39 -51.11
C ALA K 465 1.33 19.64 -52.07
N ARG K 466 0.99 20.90 -52.35
CA ARG K 466 -0.22 21.25 -53.14
C ARG K 466 -0.62 20.16 -54.15
N MET K 467 -1.74 19.46 -53.88
CA MET K 467 -2.10 18.35 -54.73
C MET K 467 -2.21 18.79 -56.18
N ALA K 468 -2.04 17.83 -57.08
CA ALA K 468 -2.10 18.09 -58.52
C ALA K 468 -2.85 16.98 -59.23
N MET L 1 -5.12 -11.38 -72.35
CA MET L 1 -3.96 -10.80 -71.63
C MET L 1 -4.34 -9.49 -70.95
N LYS L 2 -5.38 -8.83 -71.48
CA LYS L 2 -5.85 -7.58 -70.90
C LYS L 2 -6.75 -7.79 -69.69
N ASN L 3 -7.16 -9.03 -69.41
CA ASN L 3 -8.03 -9.28 -68.26
C ASN L 3 -7.37 -8.84 -66.97
N HIS L 4 -6.03 -8.79 -66.94
CA HIS L 4 -5.34 -8.33 -65.75
C HIS L 4 -5.80 -6.94 -65.33
N GLU L 5 -6.23 -6.12 -66.29
CA GLU L 5 -6.69 -4.78 -65.98
C GLU L 5 -7.80 -4.80 -64.93
N ILE L 6 -8.58 -5.89 -64.89
CA ILE L 6 -9.65 -6.00 -63.90
C ILE L 6 -9.09 -5.84 -62.49
N LEU L 7 -7.98 -6.51 -62.20
CA LEU L 7 -7.37 -6.38 -60.88
C LEU L 7 -6.81 -4.98 -60.66
N GLU L 8 -6.41 -4.31 -61.74
CA GLU L 8 -5.87 -2.96 -61.60
C GLU L 8 -6.95 -1.98 -61.14
N LYS L 9 -8.18 -2.14 -61.63
CA LYS L 9 -9.24 -1.20 -61.34
C LYS L 9 -9.93 -1.46 -60.01
N ASN L 10 -9.71 -2.63 -59.41
CA ASN L 10 -10.38 -3.01 -58.17
C ASN L 10 -9.33 -3.32 -57.12
N VAL L 11 -9.38 -2.61 -56.00
CA VAL L 11 -8.45 -2.89 -54.90
C VAL L 11 -8.80 -4.21 -54.24
N GLY L 12 -10.09 -4.50 -54.10
CA GLY L 12 -10.50 -5.72 -53.41
C GLY L 12 -10.04 -6.98 -54.15
N LEU L 13 -10.23 -7.01 -55.46
CA LEU L 13 -9.83 -8.18 -56.24
C LEU L 13 -8.32 -8.38 -56.19
N LEU L 14 -7.56 -7.30 -56.33
CA LEU L 14 -6.11 -7.40 -56.21
C LEU L 14 -5.69 -7.91 -54.85
N ALA L 15 -6.33 -7.39 -53.79
CA ALA L 15 -6.00 -7.85 -52.45
C ALA L 15 -6.30 -9.33 -52.27
N ILE L 16 -7.44 -9.79 -52.78
CA ILE L 16 -7.80 -11.19 -52.67
C ILE L 16 -6.80 -12.06 -53.42
N PHE L 17 -6.44 -11.65 -54.64
CA PHE L 17 -5.49 -12.42 -55.42
C PHE L 17 -4.13 -12.50 -54.74
N MET L 18 -3.65 -11.37 -54.20
CA MET L 18 -2.38 -11.38 -53.49
C MET L 18 -2.45 -12.26 -52.25
N VAL L 19 -3.56 -12.18 -51.51
CA VAL L 19 -3.70 -13.01 -50.31
C VAL L 19 -3.64 -14.48 -50.67
N ILE L 20 -4.36 -14.88 -51.72
CA ILE L 20 -4.38 -16.28 -52.12
C ILE L 20 -2.98 -16.72 -52.58
N ALA L 21 -2.32 -15.87 -53.37
CA ALA L 21 -1.01 -16.23 -53.90
C ALA L 21 0.01 -16.42 -52.78
N VAL L 22 0.02 -15.50 -51.81
CA VAL L 22 0.94 -15.65 -50.69
C VAL L 22 0.54 -16.83 -49.81
N SER L 23 -0.75 -17.14 -49.72
CA SER L 23 -1.17 -18.23 -48.85
C SER L 23 -0.84 -19.60 -49.42
N ILE L 24 -0.83 -19.73 -50.75
CA ILE L 24 -0.62 -21.05 -51.34
C ILE L 24 0.71 -21.64 -50.86
N GLY L 25 1.78 -20.84 -50.92
CA GLY L 25 3.08 -21.36 -50.51
C GLY L 25 3.13 -21.72 -49.04
N GLY L 26 2.61 -20.86 -48.17
CA GLY L 26 2.68 -21.13 -46.75
C GLY L 26 1.86 -22.34 -46.33
N LEU L 27 0.72 -22.56 -46.99
CA LEU L 27 -0.16 -23.66 -46.60
C LEU L 27 0.36 -25.02 -47.04
N THR L 28 1.45 -25.09 -47.80
CA THR L 28 1.96 -26.35 -48.31
C THR L 28 3.24 -26.80 -47.60
N GLN L 29 3.85 -25.94 -46.80
CA GLN L 29 5.14 -26.26 -46.20
C GLN L 29 5.08 -26.24 -44.68
N ILE L 30 4.12 -25.53 -44.11
CA ILE L 30 3.95 -25.45 -42.66
C ILE L 30 2.83 -26.37 -42.19
N VAL L 31 1.67 -26.32 -42.86
CA VAL L 31 0.54 -27.15 -42.43
C VAL L 31 0.90 -28.63 -42.44
N PRO L 32 1.51 -29.19 -43.49
CA PRO L 32 1.81 -30.63 -43.48
C PRO L 32 2.83 -31.04 -42.44
N LEU L 33 3.66 -30.10 -41.96
CA LEU L 33 4.61 -30.44 -40.91
C LEU L 33 3.89 -30.87 -39.64
N PHE L 34 2.77 -30.21 -39.34
CA PHE L 34 1.85 -30.77 -38.36
C PHE L 34 1.27 -32.07 -38.91
N PHE L 35 0.85 -32.96 -38.01
CA PHE L 35 0.31 -34.27 -38.32
C PHE L 35 1.34 -35.19 -38.98
N GLN L 36 2.61 -34.80 -39.02
CA GLN L 36 3.67 -35.62 -39.60
C GLN L 36 4.50 -36.21 -38.47
N ASP L 37 4.64 -37.54 -38.46
CA ASP L 37 5.20 -38.22 -37.30
C ASP L 37 6.68 -37.88 -37.10
N VAL L 38 7.45 -37.84 -38.20
CA VAL L 38 8.91 -37.70 -38.06
C VAL L 38 9.28 -36.40 -37.36
N THR L 39 8.46 -35.36 -37.54
CA THR L 39 8.72 -34.07 -36.93
C THR L 39 8.02 -33.89 -35.58
N ASN L 40 7.34 -34.92 -35.09
CA ASN L 40 6.60 -34.83 -33.84
C ASN L 40 6.86 -35.95 -32.84
N THR L 41 7.47 -37.07 -33.28
CA THR L 41 7.71 -38.20 -32.39
C THR L 41 9.08 -38.05 -31.75
N PRO L 42 9.18 -37.88 -30.43
CA PRO L 42 10.50 -37.74 -29.81
C PRO L 42 11.33 -39.00 -29.96
N VAL L 43 12.65 -38.82 -30.06
CA VAL L 43 13.55 -39.96 -30.05
C VAL L 43 13.37 -40.72 -28.74
N GLU L 44 13.35 -42.04 -28.83
CA GLU L 44 13.17 -42.87 -27.66
C GLU L 44 14.30 -42.61 -26.67
N GLY L 45 13.94 -42.41 -25.40
CA GLY L 45 14.90 -42.20 -24.34
C GLY L 45 15.07 -40.76 -23.90
N MET L 46 14.49 -39.80 -24.61
CA MET L 46 14.58 -38.41 -24.19
C MET L 46 13.54 -38.10 -23.12
N LYS L 47 13.86 -37.13 -22.29
CA LYS L 47 12.93 -36.58 -21.32
C LYS L 47 12.94 -35.06 -21.43
N PRO L 48 11.86 -34.39 -21.04
CA PRO L 48 11.88 -32.92 -21.03
C PRO L 48 13.00 -32.40 -20.14
N ARG L 49 13.62 -31.31 -20.59
CA ARG L 49 14.73 -30.73 -19.84
C ARG L 49 14.29 -30.39 -18.43
N THR L 50 15.16 -30.68 -17.47
CA THR L 50 14.86 -30.39 -16.08
C THR L 50 14.61 -28.90 -15.88
N ALA L 51 14.08 -28.55 -14.72
CA ALA L 51 13.81 -27.14 -14.43
C ALA L 51 15.08 -26.31 -14.57
N LEU L 52 16.19 -26.81 -14.01
CA LEU L 52 17.45 -26.10 -14.16
C LEU L 52 17.92 -26.10 -15.61
N GLU L 53 17.72 -27.21 -16.32
CA GLU L 53 18.06 -27.23 -17.74
C GLU L 53 17.20 -26.23 -18.52
N LEU L 54 15.92 -26.12 -18.15
CA LEU L 54 15.05 -25.15 -18.80
C LEU L 54 15.53 -23.72 -18.55
N GLU L 55 15.90 -23.41 -17.30
CA GLU L 55 16.39 -22.07 -17.00
C GLU L 55 17.72 -21.80 -17.69
N GLY L 56 18.58 -22.81 -17.80
CA GLY L 56 19.82 -22.64 -18.52
C GLY L 56 19.59 -22.38 -20.01
N ARG L 57 18.61 -23.08 -20.59
CA ARG L 57 18.24 -22.80 -21.98
C ARG L 57 17.69 -21.38 -22.11
N ASP L 58 16.94 -20.93 -21.11
CA ASP L 58 16.42 -19.57 -21.11
C ASP L 58 17.56 -18.56 -21.09
N ILE L 59 18.58 -18.82 -20.28
CA ILE L 59 19.74 -17.92 -20.23
C ILE L 59 20.50 -17.97 -21.56
N TYR L 60 20.69 -19.16 -22.11
CA TYR L 60 21.29 -19.30 -23.43
C TYR L 60 20.53 -18.46 -24.45
N ILE L 61 19.21 -18.40 -24.32
CA ILE L 61 18.40 -17.54 -25.17
C ILE L 61 18.66 -16.08 -24.89
N ARG L 62 18.73 -15.71 -23.61
CA ARG L 62 18.89 -14.30 -23.23
C ARG L 62 20.21 -13.74 -23.74
N GLU L 63 21.28 -14.51 -23.62
CA GLU L 63 22.59 -14.04 -24.04
C GLU L 63 22.81 -14.15 -25.54
N GLY L 64 21.78 -14.56 -26.29
CA GLY L 64 21.84 -14.52 -27.75
C GLY L 64 22.97 -15.33 -28.35
N CYS L 65 23.17 -16.54 -27.85
CA CYS L 65 24.18 -17.43 -28.42
C CYS L 65 23.73 -18.10 -29.71
N VAL L 66 22.47 -17.92 -30.11
CA VAL L 66 21.99 -18.49 -31.36
C VAL L 66 22.69 -17.85 -32.54
N GLY L 67 22.97 -16.56 -32.46
CA GLY L 67 23.62 -15.84 -33.54
C GLY L 67 25.04 -16.25 -33.83
N CYS L 68 25.66 -17.02 -32.95
CA CYS L 68 27.05 -17.44 -33.14
C CYS L 68 27.14 -18.95 -33.26
N HIS L 69 26.31 -19.67 -32.50
CA HIS L 69 26.40 -21.11 -32.36
C HIS L 69 25.17 -21.77 -32.98
N SER L 70 25.37 -22.99 -33.49
CA SER L 70 24.30 -23.78 -34.08
C SER L 70 24.14 -25.09 -33.33
N GLN L 71 22.92 -25.61 -33.34
CA GLN L 71 22.57 -26.87 -32.68
C GLN L 71 21.93 -27.82 -33.67
N MET L 72 22.54 -27.94 -34.85
CA MET L 72 21.99 -28.79 -35.91
C MET L 72 23.18 -29.33 -36.71
N VAL L 73 23.57 -30.56 -36.43
CA VAL L 73 24.68 -31.20 -37.12
C VAL L 73 24.14 -31.81 -38.42
N ARG L 74 24.60 -31.29 -39.55
CA ARG L 74 24.14 -31.79 -40.84
C ARG L 74 24.72 -33.18 -41.11
N PRO L 75 24.10 -33.94 -42.01
CA PRO L 75 24.57 -35.32 -42.27
C PRO L 75 25.74 -35.37 -43.24
N PHE L 76 26.86 -34.77 -42.82
CA PHE L 76 28.10 -34.80 -43.57
C PHE L 76 29.18 -35.46 -42.74
N ARG L 77 30.05 -36.21 -43.40
CA ARG L 77 31.09 -36.94 -42.67
C ARG L 77 32.02 -36.00 -41.93
N ALA L 78 32.45 -34.92 -42.58
CA ALA L 78 33.25 -33.93 -41.87
C ALA L 78 32.47 -33.34 -40.71
N GLU L 79 31.22 -32.95 -40.97
CA GLU L 79 30.36 -32.41 -39.92
C GLU L 79 30.22 -33.39 -38.76
N THR L 80 29.85 -34.64 -39.08
CA THR L 80 29.56 -35.60 -38.01
C THR L 80 30.82 -35.99 -37.25
N GLU L 81 31.95 -36.11 -37.95
CA GLU L 81 33.21 -36.41 -37.27
C GLU L 81 33.61 -35.27 -36.33
N ARG L 82 33.45 -34.03 -36.79
CA ARG L 82 33.79 -32.90 -35.94
C ARG L 82 32.87 -32.81 -34.73
N TYR L 83 31.57 -33.09 -34.92
CA TYR L 83 30.58 -32.82 -33.89
C TYR L 83 29.90 -34.07 -33.35
N GLY L 84 29.76 -35.12 -34.14
CA GLY L 84 29.16 -36.36 -33.69
C GLY L 84 28.02 -36.76 -34.58
N HIS L 85 27.11 -37.57 -34.02
CA HIS L 85 25.96 -38.02 -34.79
C HIS L 85 25.10 -36.84 -35.20
N TYR L 86 24.67 -36.85 -36.46
CA TYR L 86 23.88 -35.74 -36.99
C TYR L 86 22.55 -35.63 -36.24
N SER L 87 22.08 -34.38 -36.09
CA SER L 87 20.82 -34.14 -35.42
C SER L 87 19.65 -34.67 -36.24
N VAL L 88 18.54 -34.94 -35.55
CA VAL L 88 17.34 -35.49 -36.17
C VAL L 88 16.13 -34.69 -35.69
N ALA L 89 15.02 -34.85 -36.42
CA ALA L 89 13.82 -34.08 -36.13
C ALA L 89 13.24 -34.44 -34.77
N GLY L 90 13.46 -35.66 -34.31
CA GLY L 90 12.93 -36.07 -33.01
C GLY L 90 13.61 -35.43 -31.82
N GLU L 91 14.82 -34.90 -32.00
CA GLU L 91 15.56 -34.28 -30.91
C GLU L 91 15.03 -32.91 -30.52
N SER L 92 14.22 -32.28 -31.36
CA SER L 92 13.78 -30.90 -31.16
C SER L 92 12.27 -30.79 -30.98
N VAL L 93 11.59 -31.90 -30.70
CA VAL L 93 10.13 -31.87 -30.62
C VAL L 93 9.63 -31.04 -29.44
N TRP L 94 10.45 -30.89 -28.39
CA TRP L 94 10.07 -30.12 -27.21
C TRP L 94 10.95 -28.87 -27.07
N ASP L 95 11.28 -28.23 -28.19
CA ASP L 95 12.16 -27.06 -28.21
C ASP L 95 11.34 -25.87 -28.68
N HIS L 96 10.76 -25.14 -27.72
CA HIS L 96 10.06 -23.90 -28.01
C HIS L 96 10.88 -22.76 -27.44
N PRO L 97 11.56 -21.94 -28.25
CA PRO L 97 11.75 -22.01 -29.71
C PRO L 97 12.92 -22.92 -30.10
N PHE L 98 13.00 -23.33 -31.36
CA PHE L 98 14.15 -24.10 -31.82
C PHE L 98 15.38 -23.21 -31.87
N LEU L 99 16.54 -23.79 -31.56
CA LEU L 99 17.80 -23.06 -31.51
C LEU L 99 18.83 -23.69 -32.45
N TRP L 100 18.38 -24.10 -33.64
CA TRP L 100 19.31 -24.69 -34.60
C TRP L 100 20.35 -23.68 -35.05
N GLY L 101 19.93 -22.44 -35.29
CA GLY L 101 20.84 -21.40 -35.73
C GLY L 101 21.13 -21.47 -37.22
N SER L 102 21.74 -20.40 -37.73
CA SER L 102 22.10 -20.32 -39.13
C SER L 102 23.51 -19.80 -39.35
N LYS L 103 24.29 -19.56 -38.30
CA LYS L 103 25.63 -19.01 -38.40
C LYS L 103 26.54 -19.75 -37.43
N ARG L 104 27.76 -20.03 -37.85
CA ARG L 104 28.76 -20.65 -36.98
C ARG L 104 29.95 -19.70 -36.87
N THR L 105 29.85 -18.76 -35.93
CA THR L 105 31.03 -18.06 -35.45
C THR L 105 31.84 -18.93 -34.50
N GLY L 106 31.20 -19.95 -33.90
CA GLY L 106 31.88 -20.91 -33.08
C GLY L 106 31.42 -22.32 -33.41
N PRO L 107 32.00 -23.32 -32.74
CA PRO L 107 31.65 -24.71 -33.04
C PRO L 107 30.18 -25.00 -32.73
N ASP L 108 29.63 -25.94 -33.49
CA ASP L 108 28.25 -26.37 -33.26
C ASP L 108 28.12 -26.98 -31.86
N LEU L 109 27.06 -26.60 -31.15
CA LEU L 109 26.84 -27.04 -29.78
C LEU L 109 25.81 -28.17 -29.68
N ALA L 110 25.50 -28.83 -30.80
CA ALA L 110 24.46 -29.86 -30.78
C ALA L 110 24.87 -31.09 -29.99
N ARG L 111 26.17 -31.32 -29.78
CA ARG L 111 26.65 -32.54 -29.14
C ARG L 111 27.68 -32.25 -28.06
N VAL L 112 27.66 -31.03 -27.48
CA VAL L 112 28.58 -30.70 -26.40
C VAL L 112 28.21 -31.37 -25.09
N GLY L 113 27.06 -32.03 -25.02
CA GLY L 113 26.66 -32.72 -23.81
C GLY L 113 27.58 -33.87 -23.47
N GLY L 114 28.32 -33.73 -22.38
CA GLY L 114 29.26 -34.75 -21.96
C GLY L 114 30.59 -34.69 -22.68
N ARG L 115 30.72 -33.88 -23.73
CA ARG L 115 31.99 -33.78 -24.44
C ARG L 115 33.07 -33.18 -23.56
N TYR L 116 32.73 -32.16 -22.77
CA TYR L 116 33.68 -31.45 -21.92
C TYR L 116 33.16 -31.43 -20.50
N SER L 117 34.08 -31.25 -19.55
CA SER L 117 33.71 -31.22 -18.16
C SER L 117 32.98 -29.92 -17.81
N ASP L 118 32.28 -29.95 -16.67
CA ASP L 118 31.65 -28.73 -16.16
C ASP L 118 32.71 -27.67 -15.85
N ASP L 119 33.85 -28.10 -15.32
CA ASP L 119 34.93 -27.18 -14.98
C ASP L 119 35.57 -26.55 -16.21
N TRP L 120 35.28 -27.04 -17.41
CA TRP L 120 35.71 -26.37 -18.63
C TRP L 120 34.68 -25.35 -19.09
N HIS L 121 33.41 -25.73 -19.16
CA HIS L 121 32.37 -24.78 -19.48
C HIS L 121 32.46 -23.57 -18.57
N ARG L 122 32.59 -23.80 -17.27
CA ARG L 122 33.11 -22.77 -16.40
C ARG L 122 34.61 -22.62 -16.65
N ALA L 123 35.08 -21.38 -16.60
CA ALA L 123 36.42 -20.95 -17.01
C ALA L 123 36.52 -20.88 -18.52
N HIS L 124 35.52 -21.32 -19.28
CA HIS L 124 35.37 -20.96 -20.68
C HIS L 124 34.21 -20.02 -20.91
N LEU L 125 33.15 -20.13 -20.12
CA LEU L 125 32.04 -19.18 -20.13
C LEU L 125 32.28 -18.00 -19.19
N TYR L 126 33.37 -18.00 -18.44
CA TYR L 126 33.77 -16.85 -17.64
C TYR L 126 34.82 -16.00 -18.34
N ASN L 127 35.75 -16.62 -19.05
CA ASN L 127 36.73 -15.93 -19.88
C ASN L 127 37.16 -16.88 -20.99
N PRO L 128 36.49 -16.85 -22.14
CA PRO L 128 36.80 -17.86 -23.18
C PRO L 128 38.25 -17.88 -23.59
N ARG L 129 38.94 -16.73 -23.54
CA ARG L 129 40.34 -16.68 -23.94
C ARG L 129 41.27 -17.31 -22.91
N ASN L 130 40.79 -17.57 -21.69
CA ASN L 130 41.64 -18.22 -20.69
C ASN L 130 42.02 -19.63 -21.14
N VAL L 131 41.11 -20.33 -21.82
CA VAL L 131 41.32 -21.70 -22.24
C VAL L 131 41.56 -21.80 -23.74
N VAL L 132 41.06 -20.84 -24.51
CA VAL L 132 41.28 -20.80 -25.96
C VAL L 132 41.76 -19.41 -26.33
N PRO L 133 43.08 -19.17 -26.38
CA PRO L 133 43.56 -17.79 -26.54
C PRO L 133 43.02 -17.08 -27.77
N GLU L 134 42.73 -17.82 -28.85
CA GLU L 134 42.25 -17.22 -30.09
C GLU L 134 40.73 -17.11 -30.14
N SER L 135 40.03 -17.45 -29.05
CA SER L 135 38.57 -17.41 -29.08
C SER L 135 38.07 -15.98 -29.27
N LYS L 136 37.03 -15.85 -30.09
CA LYS L 136 36.31 -14.59 -30.26
C LYS L 136 35.02 -14.56 -29.46
N MET L 137 34.80 -15.57 -28.61
CA MET L 137 33.62 -15.59 -27.76
C MET L 137 33.69 -14.46 -26.74
N PRO L 138 32.60 -13.73 -26.52
CA PRO L 138 32.60 -12.73 -25.45
C PRO L 138 32.71 -13.37 -24.09
N ALA L 139 33.35 -12.67 -23.17
CA ALA L 139 33.39 -13.11 -21.78
C ALA L 139 32.02 -12.90 -21.15
N TYR L 140 31.65 -13.81 -20.25
CA TYR L 140 30.39 -13.74 -19.53
C TYR L 140 30.64 -13.87 -18.03
N PRO L 141 31.40 -12.93 -17.44
CA PRO L 141 31.64 -12.99 -16.00
C PRO L 141 30.55 -12.32 -15.19
N TRP L 142 29.29 -12.58 -15.54
CA TRP L 142 28.16 -12.10 -14.75
C TRP L 142 27.20 -13.25 -14.48
N LEU L 143 27.24 -14.28 -15.33
CA LEU L 143 26.48 -15.49 -15.05
C LEU L 143 26.94 -16.12 -13.75
N VAL L 144 28.19 -15.87 -13.35
CA VAL L 144 28.68 -16.38 -12.07
C VAL L 144 28.03 -15.63 -10.91
N GLU L 145 27.87 -14.30 -11.05
CA GLU L 145 27.40 -13.49 -9.93
C GLU L 145 25.90 -13.64 -9.72
N ASN L 146 25.10 -13.25 -10.70
CA ASN L 146 23.64 -13.29 -10.53
C ASN L 146 23.19 -14.73 -10.34
N LYS L 147 22.22 -14.92 -9.47
CA LYS L 147 21.69 -16.25 -9.14
C LYS L 147 20.20 -16.31 -9.45
N LEU L 148 19.76 -17.49 -9.86
CA LEU L 148 18.37 -17.68 -10.24
C LEU L 148 17.45 -17.56 -9.04
N ASP L 149 16.38 -16.79 -9.18
CA ASP L 149 15.39 -16.62 -8.13
C ASP L 149 14.22 -17.59 -8.24
N GLY L 150 14.11 -18.33 -9.34
CA GLY L 150 13.03 -19.27 -9.50
C GLY L 150 11.66 -18.64 -9.58
N LYS L 151 11.58 -17.36 -9.95
CA LYS L 151 10.29 -16.68 -9.99
C LYS L 151 9.36 -17.30 -11.02
N ASP L 152 9.84 -17.46 -12.26
CA ASP L 152 9.01 -17.87 -13.37
C ASP L 152 9.18 -19.35 -13.73
N THR L 153 9.94 -20.11 -12.93
CA THR L 153 10.18 -21.51 -13.27
C THR L 153 8.87 -22.30 -13.30
N ALA L 154 8.02 -22.12 -12.30
CA ALA L 154 6.76 -22.85 -12.26
C ALA L 154 5.87 -22.46 -13.44
N THR L 155 5.71 -21.15 -13.66
CA THR L 155 4.90 -20.69 -14.78
C THR L 155 5.49 -21.11 -16.12
N LYS L 156 6.82 -21.08 -16.25
CA LYS L 156 7.47 -21.52 -17.48
C LYS L 156 7.21 -22.99 -17.75
N MET L 157 7.35 -23.84 -16.74
CA MET L 157 7.07 -25.26 -16.92
C MET L 157 5.60 -25.48 -17.27
N GLU L 158 4.70 -24.75 -16.62
CA GLU L 158 3.28 -24.90 -16.92
C GLU L 158 2.97 -24.51 -18.36
N VAL L 159 3.54 -23.40 -18.82
CA VAL L 159 3.31 -22.97 -20.20
C VAL L 159 3.89 -23.97 -21.18
N LEU L 160 5.10 -24.46 -20.91
CA LEU L 160 5.69 -25.47 -21.78
C LEU L 160 4.84 -26.71 -21.85
N ARG L 161 4.27 -27.12 -20.70
CA ARG L 161 3.34 -28.25 -20.70
C ARG L 161 2.12 -27.95 -21.55
N LYS L 162 1.59 -26.72 -21.46
CA LYS L 162 0.46 -26.35 -22.29
C LYS L 162 0.77 -26.44 -23.78
N LEU L 163 2.04 -26.31 -24.15
CA LEU L 163 2.45 -26.41 -25.55
C LEU L 163 2.75 -27.84 -25.98
N GLY L 164 2.61 -28.82 -25.09
CA GLY L 164 2.75 -30.21 -25.43
C GLY L 164 3.93 -30.92 -24.79
N VAL L 165 4.86 -30.19 -24.17
CA VAL L 165 6.00 -30.82 -23.52
C VAL L 165 5.47 -31.65 -22.35
N PRO L 166 5.81 -32.93 -22.24
CA PRO L 166 5.21 -33.77 -21.17
C PRO L 166 5.85 -33.55 -19.81
N TYR L 167 5.49 -32.44 -19.18
CA TYR L 167 5.86 -32.19 -17.80
C TYR L 167 4.80 -32.77 -16.86
N THR L 168 5.17 -32.91 -15.59
CA THR L 168 4.28 -33.49 -14.58
C THR L 168 4.30 -32.60 -13.34
N ASP L 169 3.20 -32.68 -12.59
CA ASP L 169 3.04 -31.81 -11.42
C ASP L 169 4.21 -31.96 -10.46
N GLU L 170 4.80 -33.14 -10.38
CA GLU L 170 6.00 -33.31 -9.56
C GLU L 170 7.14 -32.43 -10.03
N ASP L 171 7.20 -32.13 -11.33
CA ASP L 171 8.21 -31.23 -11.86
C ASP L 171 7.84 -29.76 -11.64
N ILE L 172 6.57 -29.41 -11.83
CA ILE L 172 6.15 -28.03 -11.61
C ILE L 172 6.36 -27.64 -10.16
N ALA L 173 5.99 -28.51 -9.22
CA ALA L 173 6.17 -28.21 -7.81
C ALA L 173 7.65 -28.06 -7.46
N GLY L 174 8.49 -28.96 -7.97
CA GLY L 174 9.90 -28.98 -7.62
C GLY L 174 10.78 -28.04 -8.41
N ALA L 175 10.24 -27.35 -9.42
CA ALA L 175 11.05 -26.42 -10.19
C ALA L 175 11.61 -25.31 -9.30
N ARG L 176 10.79 -24.76 -8.41
CA ARG L 176 11.26 -23.66 -7.56
C ARG L 176 12.43 -24.10 -6.70
N GLU L 177 12.34 -25.30 -6.12
CA GLU L 177 13.43 -25.78 -5.27
C GLU L 177 14.65 -26.17 -6.10
N ALA L 178 14.45 -26.63 -7.34
CA ALA L 178 15.57 -27.08 -8.15
C ALA L 178 16.51 -25.95 -8.53
N VAL L 179 16.08 -24.70 -8.43
CA VAL L 179 16.91 -23.56 -8.82
C VAL L 179 16.94 -22.54 -7.68
N LYS L 180 16.80 -23.00 -6.45
CA LYS L 180 16.67 -22.08 -5.32
C LYS L 180 17.94 -21.25 -5.13
N GLY L 181 19.09 -21.91 -5.05
CA GLY L 181 20.33 -21.23 -4.71
C GLY L 181 21.49 -21.52 -5.64
N LYS L 182 21.21 -21.67 -6.93
CA LYS L 182 22.22 -22.01 -7.92
C LYS L 182 22.39 -20.83 -8.87
N THR L 183 23.65 -20.49 -9.17
CA THR L 183 23.94 -19.31 -9.96
C THR L 183 23.51 -19.51 -11.41
N GLU L 184 23.42 -18.39 -12.13
CA GLU L 184 23.01 -18.44 -13.53
C GLU L 184 24.00 -19.26 -14.36
N MET L 185 25.28 -19.20 -13.99
CA MET L 185 26.28 -20.01 -14.68
C MET L 185 25.98 -21.50 -14.52
N ASP L 186 25.54 -21.90 -13.32
CA ASP L 186 25.21 -23.30 -13.08
C ASP L 186 24.13 -23.78 -14.04
N ALA L 187 23.06 -22.99 -14.18
CA ALA L 187 21.98 -23.37 -15.08
C ALA L 187 22.45 -23.37 -16.53
N LEU L 188 23.19 -22.33 -16.94
CA LEU L 188 23.66 -22.25 -18.31
C LEU L 188 24.59 -23.40 -18.66
N VAL L 189 25.32 -23.92 -17.69
CA VAL L 189 26.21 -25.05 -17.94
C VAL L 189 25.45 -26.37 -17.90
N ALA L 190 24.49 -26.51 -17.00
CA ALA L 190 23.70 -27.74 -16.94
C ALA L 190 22.89 -27.92 -18.21
N PHE L 191 22.32 -26.84 -18.74
CA PHE L 191 21.61 -26.93 -20.02
C PHE L 191 22.55 -27.35 -21.13
N LEU L 192 23.78 -26.81 -21.13
CA LEU L 192 24.76 -27.19 -22.14
C LEU L 192 25.08 -28.68 -22.05
N GLN L 193 25.27 -29.19 -20.83
CA GLN L 193 25.64 -30.59 -20.66
C GLN L 193 24.54 -31.54 -21.15
N GLY L 194 23.30 -31.10 -21.16
CA GLY L 194 22.19 -31.93 -21.60
C GLY L 194 21.94 -31.92 -23.09
N LEU L 195 22.70 -31.14 -23.86
CA LEU L 195 22.49 -31.01 -25.29
C LEU L 195 22.95 -32.27 -26.01
N GLY L 196 22.10 -32.79 -26.88
CA GLY L 196 22.47 -33.95 -27.68
C GLY L 196 22.72 -35.22 -26.90
N THR L 197 22.29 -35.27 -25.64
CA THR L 197 22.52 -36.45 -24.81
C THR L 197 21.66 -37.64 -25.25
N SER L 198 20.53 -37.39 -25.92
CA SER L 198 19.62 -38.47 -26.31
C SER L 198 20.20 -39.36 -27.41
N ILE L 199 21.08 -38.83 -28.25
CA ILE L 199 21.66 -39.58 -29.36
C ILE L 199 23.18 -39.60 -29.19
N LYS L 200 23.77 -40.78 -29.31
CA LYS L 200 25.21 -40.95 -29.25
C LYS L 200 25.69 -41.88 -30.38
N MET M 1 4.69 -40.08 -43.72
CA MET M 1 3.65 -39.06 -44.02
C MET M 1 2.43 -39.72 -44.67
N THR M 2 1.24 -39.25 -44.29
CA THR M 2 0.01 -39.87 -44.74
C THR M 2 -0.20 -39.66 -46.23
N THR M 3 -1.00 -40.54 -46.82
CA THR M 3 -1.30 -40.44 -48.26
C THR M 3 -2.02 -39.13 -48.56
N PHE M 4 -2.96 -38.73 -47.70
CA PHE M 4 -3.66 -37.48 -47.90
C PHE M 4 -2.69 -36.31 -47.99
N TRP M 5 -1.71 -36.26 -47.09
CA TRP M 5 -0.78 -35.14 -47.09
C TRP M 5 0.20 -35.23 -48.26
N SER M 6 0.60 -36.44 -48.66
CA SER M 6 1.41 -36.57 -49.86
C SER M 6 0.68 -36.01 -51.07
N LEU M 7 -0.60 -36.36 -51.22
CA LEU M 7 -1.40 -35.81 -52.31
C LEU M 7 -1.56 -34.31 -52.17
N TYR M 8 -1.70 -33.81 -50.95
CA TYR M 8 -1.79 -32.37 -50.72
C TYR M 8 -0.55 -31.67 -51.27
N ILE M 9 0.64 -32.14 -50.87
CA ILE M 9 1.88 -31.51 -51.33
C ILE M 9 1.96 -31.60 -52.85
N THR M 10 1.73 -32.79 -53.40
CA THR M 10 1.86 -32.96 -54.84
C THR M 10 0.91 -32.04 -55.60
N ALA M 11 -0.36 -32.03 -55.21
CA ALA M 11 -1.35 -31.23 -55.91
C ALA M 11 -1.02 -29.75 -55.83
N LEU M 12 -0.68 -29.26 -54.63
CA LEU M 12 -0.41 -27.84 -54.49
C LEU M 12 0.84 -27.43 -55.24
N THR M 13 1.91 -28.23 -55.17
CA THR M 13 3.14 -27.90 -55.89
C THR M 13 2.91 -27.87 -57.39
N LEU M 14 2.23 -28.90 -57.92
CA LEU M 14 1.99 -28.94 -59.36
C LEU M 14 1.04 -27.83 -59.78
N GLY M 15 0.07 -27.48 -58.92
CA GLY M 15 -0.79 -26.36 -59.23
C GLY M 15 -0.03 -25.05 -59.29
N THR M 16 0.90 -24.84 -58.36
CA THR M 16 1.71 -23.63 -58.39
C THR M 16 2.57 -23.57 -59.65
N LEU M 17 3.19 -24.70 -60.02
CA LEU M 17 4.00 -24.71 -61.24
C LEU M 17 3.14 -24.44 -62.47
N LEU M 18 1.97 -25.06 -62.54
CA LEU M 18 1.07 -24.84 -63.67
C LEU M 18 0.59 -23.40 -63.71
N ALA M 19 0.31 -22.82 -62.55
CA ALA M 19 -0.13 -21.42 -62.49
C ALA M 19 0.97 -20.50 -62.99
N LEU M 20 2.22 -20.75 -62.59
CA LEU M 20 3.32 -19.91 -63.06
C LEU M 20 3.49 -20.04 -64.58
N THR M 21 3.42 -21.29 -65.09
CA THR M 21 3.56 -21.49 -66.53
C THR M 21 2.43 -20.77 -67.28
N TRP M 22 1.20 -20.91 -66.81
CA TRP M 22 0.07 -20.23 -67.44
C TRP M 22 0.23 -18.72 -67.39
N LEU M 23 0.71 -18.20 -66.25
CA LEU M 23 0.92 -16.76 -66.12
C LEU M 23 1.92 -16.27 -67.16
N ILE M 24 3.06 -16.95 -67.27
CA ILE M 24 4.09 -16.48 -68.19
C ILE M 24 3.62 -16.61 -69.63
N PHE M 25 2.85 -17.65 -69.95
CA PHE M 25 2.41 -17.84 -71.32
C PHE M 25 1.28 -16.89 -71.70
N ALA M 26 0.38 -16.59 -70.77
CA ALA M 26 -0.71 -15.65 -71.05
C ALA M 26 -0.24 -14.21 -71.09
N THR M 27 0.64 -13.81 -70.17
CA THR M 27 1.10 -12.43 -70.16
C THR M 27 1.88 -12.10 -71.43
N ARG M 28 2.60 -13.06 -71.98
CA ARG M 28 3.30 -12.84 -73.24
C ARG M 28 2.36 -12.93 -74.44
N LYS M 29 1.16 -13.46 -74.26
CA LYS M 29 0.21 -13.55 -75.37
C LYS M 29 -0.13 -12.16 -75.89
N GLY M 30 -0.10 -12.00 -77.21
CA GLY M 30 -0.39 -10.73 -77.83
C GLY M 30 0.73 -9.72 -77.77
N GLN M 31 1.94 -10.12 -77.36
CA GLN M 31 3.05 -9.19 -77.30
C GLN M 31 3.40 -8.69 -78.69
N ARG M 32 3.84 -7.44 -78.76
CA ARG M 32 4.13 -6.80 -80.05
C ARG M 32 5.35 -7.38 -80.74
N SER M 33 6.19 -8.13 -80.03
CA SER M 33 7.35 -8.81 -80.60
C SER M 33 8.43 -7.84 -81.09
N SER M 34 8.44 -6.61 -80.58
CA SER M 34 9.47 -5.65 -80.95
C SER M 34 9.45 -4.51 -79.96
N THR M 35 10.61 -4.17 -79.41
CA THR M 35 10.70 -3.02 -78.51
C THR M 35 10.20 -1.78 -79.23
N THR M 36 9.12 -1.21 -78.69
CA THR M 36 8.42 -0.08 -79.30
C THR M 36 8.71 1.17 -78.49
N ASP M 37 8.32 2.32 -79.04
CA ASP M 37 8.37 3.58 -78.32
C ASP M 37 6.98 4.12 -78.01
N GLU M 38 5.94 3.30 -78.11
CA GLU M 38 4.57 3.71 -77.81
C GLU M 38 4.27 3.33 -76.36
N THR M 39 4.22 4.33 -75.49
CA THR M 39 3.96 4.08 -74.08
C THR M 39 2.51 3.68 -73.85
N VAL M 40 2.26 3.08 -72.68
CA VAL M 40 0.89 2.78 -72.28
C VAL M 40 0.12 4.09 -72.16
N GLY M 41 -1.15 4.07 -72.55
CA GLY M 41 -1.92 5.30 -72.64
C GLY M 41 -2.00 6.07 -71.34
N HIS M 42 -1.85 5.39 -70.21
CA HIS M 42 -2.01 5.99 -68.90
C HIS M 42 -0.67 6.40 -68.32
N SER M 43 -0.67 7.46 -67.54
CA SER M 43 0.52 7.97 -66.87
C SER M 43 0.23 8.15 -65.38
N TYR M 44 1.10 7.61 -64.54
CA TYR M 44 0.99 7.72 -63.09
C TYR M 44 2.07 8.70 -62.62
N ASP M 45 1.65 9.93 -62.32
CA ASP M 45 2.58 11.00 -61.92
C ASP M 45 3.76 11.05 -62.89
N GLY M 46 3.46 11.27 -64.17
CA GLY M 46 4.47 11.37 -65.20
C GLY M 46 5.11 10.06 -65.61
N ILE M 47 4.98 9.01 -64.80
CA ILE M 47 5.59 7.72 -65.13
C ILE M 47 4.79 7.06 -66.24
N GLU M 48 5.48 6.35 -67.13
CA GLU M 48 4.86 5.71 -68.27
C GLU M 48 5.49 4.34 -68.48
N GLU M 49 4.71 3.43 -69.05
CA GLU M 49 5.17 2.07 -69.37
C GLU M 49 5.34 1.94 -70.87
N TYR M 50 6.48 1.37 -71.29
CA TYR M 50 6.80 1.30 -72.71
C TYR M 50 5.90 0.33 -73.45
N ASP M 51 5.27 -0.60 -72.75
CA ASP M 51 4.52 -1.68 -73.39
C ASP M 51 5.46 -2.46 -74.32
N ASN M 52 6.47 -3.10 -73.72
CA ASN M 52 7.45 -3.86 -74.49
C ASN M 52 7.24 -5.36 -74.29
N PRO M 53 7.60 -6.19 -75.27
CA PRO M 53 7.45 -7.64 -75.08
C PRO M 53 8.43 -8.17 -74.04
N LEU M 54 8.06 -9.30 -73.46
CA LEU M 54 8.96 -9.95 -72.51
C LEU M 54 10.27 -10.29 -73.21
N PRO M 55 11.42 -9.99 -72.58
CA PRO M 55 12.68 -10.36 -73.22
C PRO M 55 12.73 -11.85 -73.53
N LYS M 56 13.18 -12.18 -74.74
CA LYS M 56 13.17 -13.57 -75.18
C LYS M 56 14.06 -14.42 -74.29
N TRP M 57 15.27 -13.91 -73.98
CA TRP M 57 16.17 -14.67 -73.12
C TRP M 57 15.59 -14.83 -71.71
N TRP M 58 14.95 -13.79 -71.19
CA TRP M 58 14.35 -13.90 -69.86
C TRP M 58 13.22 -14.92 -69.84
N PHE M 59 12.35 -14.90 -70.85
CA PHE M 59 11.26 -15.86 -70.91
C PHE M 59 11.80 -17.28 -71.02
N MET M 60 12.82 -17.48 -71.86
CA MET M 60 13.41 -18.79 -72.00
C MET M 60 14.08 -19.22 -70.70
N LEU M 61 14.68 -18.28 -69.97
CA LEU M 61 15.26 -18.60 -68.67
C LEU M 61 14.19 -19.06 -67.69
N PHE M 62 13.05 -18.36 -67.67
CA PHE M 62 11.97 -18.77 -66.78
C PHE M 62 11.47 -20.17 -67.13
N VAL M 63 11.30 -20.44 -68.42
CA VAL M 63 10.81 -21.75 -68.85
C VAL M 63 11.85 -22.83 -68.53
N GLY M 64 13.13 -22.52 -68.69
CA GLY M 64 14.17 -23.47 -68.35
C GLY M 64 14.23 -23.76 -66.87
N THR M 65 14.02 -22.73 -66.04
CA THR M 65 13.93 -22.96 -64.60
C THR M 65 12.74 -23.84 -64.27
N LEU M 66 11.62 -23.63 -64.96
CA LEU M 66 10.46 -24.49 -64.74
C LEU M 66 10.77 -25.95 -65.09
N VAL M 67 11.43 -26.15 -66.23
CA VAL M 67 11.76 -27.51 -66.67
C VAL M 67 12.74 -28.16 -65.69
N PHE M 68 13.76 -27.41 -65.26
CA PHE M 68 14.72 -27.93 -64.30
C PHE M 68 14.03 -28.28 -62.99
N ALA M 69 13.13 -27.43 -62.52
CA ALA M 69 12.30 -27.77 -61.38
C ALA M 69 11.65 -29.13 -61.58
N VAL M 70 10.80 -29.24 -62.60
CA VAL M 70 10.03 -30.47 -62.79
C VAL M 70 10.96 -31.67 -62.81
N GLY M 71 12.06 -31.57 -63.57
CA GLY M 71 13.00 -32.69 -63.64
C GLY M 71 13.58 -33.05 -62.29
N TYR M 72 13.94 -32.05 -61.48
CA TYR M 72 14.58 -32.34 -60.20
C TYR M 72 13.59 -32.93 -59.21
N LEU M 73 12.47 -32.25 -58.96
CA LEU M 73 11.55 -32.83 -57.99
C LEU M 73 10.81 -34.03 -58.56
N ALA M 74 11.12 -34.46 -59.79
CA ALA M 74 10.80 -35.81 -60.22
C ALA M 74 11.95 -36.78 -59.95
N LEU M 75 13.19 -36.28 -59.96
CA LEU M 75 14.35 -37.12 -59.69
C LEU M 75 14.69 -37.22 -58.21
N TYR M 76 14.13 -36.36 -57.37
CA TYR M 76 14.50 -36.24 -55.98
C TYR M 76 13.26 -36.27 -55.10
N PRO M 77 13.42 -36.54 -53.79
CA PRO M 77 12.25 -36.58 -52.91
C PRO M 77 11.49 -35.26 -52.90
N GLY M 78 10.26 -35.30 -53.40
CA GLY M 78 9.40 -34.15 -53.42
C GLY M 78 7.99 -34.58 -53.74
N LEU M 79 7.12 -33.59 -53.90
CA LEU M 79 5.71 -33.85 -54.24
C LEU M 79 5.11 -34.86 -53.26
N GLY M 80 5.43 -34.70 -51.98
CA GLY M 80 4.96 -35.62 -50.96
C GLY M 80 5.86 -36.83 -50.80
N THR M 81 5.26 -38.00 -50.61
CA THR M 81 6.01 -39.24 -50.43
C THR M 81 6.31 -39.88 -51.79
N TRP M 82 7.04 -39.13 -52.62
CA TRP M 82 7.48 -39.58 -53.93
C TRP M 82 9.01 -39.59 -53.91
N LYS M 83 9.57 -40.70 -53.45
CA LYS M 83 11.03 -40.86 -53.45
C LYS M 83 11.57 -40.69 -54.86
N GLY M 84 12.64 -39.90 -54.99
CA GLY M 84 13.12 -39.54 -56.31
C GLY M 84 13.71 -40.73 -57.06
N LEU M 85 13.71 -40.61 -58.39
CA LEU M 85 14.24 -41.66 -59.27
C LEU M 85 15.70 -41.43 -59.62
N MET M 86 16.54 -41.22 -58.62
CA MET M 86 17.97 -41.06 -58.85
C MET M 86 18.62 -42.43 -58.98
N PRO M 87 19.23 -42.75 -60.12
CA PRO M 87 19.76 -44.13 -60.29
C PRO M 87 20.78 -44.53 -59.24
N GLY M 88 21.49 -43.57 -58.63
CA GLY M 88 22.52 -43.93 -57.68
C GLY M 88 22.00 -44.75 -56.51
N TYR M 89 20.86 -44.34 -55.95
CA TYR M 89 20.31 -44.99 -54.77
C TYR M 89 18.83 -45.34 -54.88
N GLN M 90 18.22 -45.17 -56.06
CA GLN M 90 16.86 -45.65 -56.28
C GLN M 90 16.90 -47.14 -56.58
N SER M 91 17.54 -47.91 -55.71
CA SER M 91 17.71 -49.34 -55.88
C SER M 91 18.45 -49.86 -54.65
N ALA M 92 18.59 -51.19 -54.59
CA ALA M 92 19.37 -51.83 -53.54
C ALA M 92 18.77 -51.58 -52.17
N ASP M 93 19.34 -52.22 -51.14
CA ASP M 93 18.88 -52.08 -49.77
C ASP M 93 20.05 -51.99 -48.81
N GLU M 94 21.18 -51.43 -49.27
CA GLU M 94 22.36 -51.28 -48.43
C GLU M 94 22.19 -50.22 -47.35
N PHE M 95 21.12 -49.44 -47.39
CA PHE M 95 20.90 -48.34 -46.45
C PHE M 95 20.18 -48.84 -45.21
N ALA M 96 20.13 -47.96 -44.20
CA ALA M 96 19.60 -48.35 -42.90
C ALA M 96 18.08 -48.46 -42.93
N ASP M 97 17.39 -47.35 -43.24
CA ASP M 97 15.94 -47.29 -43.08
C ASP M 97 15.20 -47.71 -44.35
N LYS M 98 15.65 -48.80 -44.97
CA LYS M 98 14.89 -49.51 -46.00
C LYS M 98 14.14 -48.59 -46.96
N GLU M 99 14.78 -47.52 -47.42
CA GLU M 99 14.16 -46.57 -48.33
C GLU M 99 14.94 -46.52 -49.63
N LYS M 100 14.22 -46.33 -50.74
CA LYS M 100 14.84 -46.24 -52.07
C LYS M 100 14.65 -44.82 -52.58
N GLY M 101 15.58 -43.94 -52.19
CA GLY M 101 15.52 -42.56 -52.61
C GLY M 101 16.56 -41.74 -51.88
N TRP M 102 16.64 -40.47 -52.26
CA TRP M 102 17.59 -39.56 -51.63
C TRP M 102 17.08 -39.06 -50.29
N THR M 103 18.01 -38.92 -49.35
CA THR M 103 17.82 -38.11 -48.15
C THR M 103 19.20 -37.77 -47.62
N GLY M 104 19.25 -36.80 -46.71
CA GLY M 104 20.52 -36.49 -46.08
C GLY M 104 21.13 -37.71 -45.42
N VAL M 105 20.31 -38.50 -44.72
CA VAL M 105 20.81 -39.69 -44.05
C VAL M 105 21.27 -40.73 -45.08
N HIS M 106 20.56 -40.87 -46.19
CA HIS M 106 20.89 -41.89 -47.17
C HIS M 106 22.25 -41.60 -47.82
N GLN M 107 22.41 -40.38 -48.33
CA GLN M 107 23.69 -40.00 -48.92
C GLN M 107 24.80 -39.99 -47.87
N TRP M 108 24.46 -39.64 -46.62
CA TRP M 108 25.46 -39.69 -45.56
C TRP M 108 25.93 -41.11 -45.31
N GLU M 109 25.00 -42.08 -45.32
CA GLU M 109 25.39 -43.47 -45.15
C GLU M 109 26.28 -43.93 -46.30
N LYS M 110 25.94 -43.54 -47.53
CA LYS M 110 26.79 -43.87 -48.66
C LYS M 110 28.19 -43.29 -48.47
N GLU M 111 28.26 -42.02 -48.10
CA GLU M 111 29.55 -41.36 -47.90
C GLU M 111 30.34 -42.03 -46.79
N MET M 112 29.67 -42.42 -45.70
CA MET M 112 30.36 -43.07 -44.59
C MET M 112 30.88 -44.43 -45.00
N ALA M 113 30.13 -45.17 -45.80
CA ALA M 113 30.61 -46.45 -46.29
C ALA M 113 31.86 -46.27 -47.16
N LYS M 114 31.82 -45.29 -48.06
CA LYS M 114 32.98 -45.02 -48.90
C LYS M 114 34.19 -44.61 -48.06
N ALA M 115 33.98 -43.73 -47.08
CA ALA M 115 35.08 -43.27 -46.26
C ALA M 115 35.63 -44.39 -45.39
N ASP M 116 34.76 -45.27 -44.91
CA ASP M 116 35.23 -46.45 -44.19
C ASP M 116 36.12 -47.29 -45.08
N GLU M 117 35.64 -47.62 -46.28
CA GLU M 117 36.48 -48.37 -47.22
C GLU M 117 37.81 -47.68 -47.43
N LYS M 118 37.82 -46.36 -47.53
CA LYS M 118 39.06 -45.64 -47.82
C LYS M 118 40.02 -45.63 -46.63
N TYR M 119 39.51 -45.39 -45.41
CA TYR M 119 40.35 -45.01 -44.30
C TYR M 119 40.49 -46.06 -43.19
N GLY M 120 39.53 -46.99 -43.07
CA GLY M 120 39.56 -47.96 -42.00
C GLY M 120 40.81 -48.81 -41.93
N PRO M 121 41.38 -49.23 -43.07
CA PRO M 121 42.66 -49.94 -42.99
C PRO M 121 43.75 -49.16 -42.29
N ILE M 122 43.78 -47.84 -42.47
CA ILE M 122 44.81 -47.02 -41.82
C ILE M 122 44.67 -47.09 -40.31
N PHE M 123 43.47 -46.83 -39.81
CA PHE M 123 43.25 -46.87 -38.36
C PHE M 123 43.49 -48.26 -37.81
N ALA M 124 43.02 -49.29 -38.51
CA ALA M 124 43.23 -50.65 -38.05
C ALA M 124 44.72 -50.98 -37.96
N LYS M 125 45.49 -50.56 -38.97
CA LYS M 125 46.93 -50.75 -38.93
C LYS M 125 47.54 -50.06 -37.72
N PHE M 126 47.22 -48.78 -37.52
CA PHE M 126 47.78 -48.04 -36.41
C PHE M 126 47.08 -48.31 -35.09
N ALA M 127 45.92 -48.97 -35.11
CA ALA M 127 45.23 -49.36 -33.89
C ALA M 127 45.62 -50.77 -33.42
N ALA M 128 46.55 -51.43 -34.12
CA ALA M 128 46.98 -52.77 -33.76
C ALA M 128 48.40 -52.81 -33.21
N MET M 129 49.27 -51.89 -33.62
CA MET M 129 50.61 -51.84 -33.09
C MET M 129 50.60 -51.33 -31.65
N PRO M 130 51.66 -51.62 -30.88
CA PRO M 130 51.77 -51.02 -29.55
C PRO M 130 51.88 -49.51 -29.64
N ILE M 131 51.40 -48.84 -28.60
CA ILE M 131 51.38 -47.37 -28.61
C ILE M 131 52.79 -46.83 -28.85
N GLU M 132 53.80 -47.49 -28.28
CA GLU M 132 55.17 -47.05 -28.49
C GLU M 132 55.55 -47.12 -29.97
N GLU M 133 55.17 -48.21 -30.64
CA GLU M 133 55.48 -48.33 -32.06
C GLU M 133 54.74 -47.28 -32.89
N VAL M 134 53.47 -47.03 -32.57
CA VAL M 134 52.70 -46.03 -33.30
C VAL M 134 53.28 -44.64 -33.08
N ALA M 135 53.87 -44.40 -31.91
CA ALA M 135 54.39 -43.06 -31.60
C ALA M 135 55.59 -42.67 -32.46
N LYS M 136 56.16 -43.61 -33.21
CA LYS M 136 57.33 -43.36 -34.04
C LYS M 136 57.01 -43.58 -35.52
N ASP M 137 55.82 -43.16 -35.93
CA ASP M 137 55.40 -43.19 -37.34
C ASP M 137 54.87 -41.82 -37.70
N PRO M 138 55.62 -41.02 -38.51
CA PRO M 138 55.20 -39.64 -38.76
C PRO M 138 53.74 -39.52 -39.18
N GLN M 139 53.28 -40.43 -40.03
CA GLN M 139 51.88 -40.42 -40.44
C GLN M 139 50.96 -40.63 -39.24
N ALA M 140 51.27 -41.63 -38.41
CA ALA M 140 50.43 -41.92 -37.26
C ALA M 140 50.44 -40.78 -36.26
N VAL M 141 51.62 -40.26 -35.91
CA VAL M 141 51.70 -39.18 -34.93
C VAL M 141 51.09 -37.90 -35.45
N LYS M 142 51.16 -37.62 -36.75
CA LYS M 142 50.49 -36.45 -37.32
C LYS M 142 48.98 -36.60 -37.39
N MET M 143 48.48 -37.81 -37.68
CA MET M 143 47.06 -38.08 -37.52
C MET M 143 46.63 -37.81 -36.08
N GLY M 144 47.40 -38.32 -35.11
CA GLY M 144 47.09 -38.07 -33.72
C GLY M 144 47.14 -36.60 -33.37
N GLY M 145 48.08 -35.87 -33.97
CA GLY M 145 48.18 -34.44 -33.70
C GLY M 145 47.00 -33.68 -34.25
N ARG M 146 46.56 -34.00 -35.46
CA ARG M 146 45.35 -33.36 -35.98
C ARG M 146 44.13 -33.72 -35.16
N LEU M 147 44.02 -34.97 -34.72
CA LEU M 147 42.91 -35.35 -33.85
C LEU M 147 42.97 -34.60 -32.52
N PHE M 148 44.17 -34.42 -31.97
CA PHE M 148 44.34 -33.68 -30.73
C PHE M 148 43.95 -32.21 -30.92
N ALA M 149 44.32 -31.63 -32.05
CA ALA M 149 44.02 -30.22 -32.34
C ALA M 149 42.55 -29.98 -32.61
N SER M 150 41.86 -30.91 -33.27
CA SER M 150 40.45 -30.76 -33.61
C SER M 150 39.51 -31.23 -32.52
N ASN M 151 39.95 -32.14 -31.66
CA ASN M 151 39.09 -32.72 -30.64
C ASN M 151 39.32 -32.13 -29.25
N CYS M 152 40.57 -31.93 -28.84
CA CYS M 152 40.83 -31.51 -27.46
C CYS M 152 41.91 -30.46 -27.28
N SER M 153 42.33 -29.73 -28.33
CA SER M 153 43.20 -28.59 -28.10
C SER M 153 42.50 -27.49 -27.33
N ILE M 154 41.19 -27.35 -27.50
CA ILE M 154 40.43 -26.32 -26.79
C ILE M 154 40.45 -26.51 -25.28
N CYS M 155 40.85 -27.69 -24.80
CA CYS M 155 40.86 -27.98 -23.38
C CYS M 155 42.21 -28.48 -22.86
N HIS M 156 43.15 -28.82 -23.74
CA HIS M 156 44.53 -29.14 -23.38
C HIS M 156 45.53 -28.15 -23.95
N GLY M 157 45.07 -27.07 -24.56
CA GLY M 157 45.99 -26.14 -25.19
C GLY M 157 46.33 -26.55 -26.61
N SER M 158 46.52 -25.54 -27.46
CA SER M 158 46.83 -25.80 -28.87
C SER M 158 48.15 -26.54 -29.02
N ASP M 159 49.10 -26.29 -28.13
CA ASP M 159 50.44 -26.87 -28.23
C ASP M 159 50.66 -28.01 -27.23
N ALA M 160 49.60 -28.52 -26.61
CA ALA M 160 49.60 -29.62 -25.66
C ALA M 160 50.04 -29.20 -24.26
N LYS M 161 50.20 -27.90 -24.00
CA LYS M 161 50.42 -27.41 -22.64
C LYS M 161 49.14 -26.71 -22.19
N GLY M 162 48.43 -27.34 -21.25
CA GLY M 162 47.13 -26.85 -20.86
C GLY M 162 47.22 -25.56 -20.06
N ALA M 163 46.08 -24.88 -19.99
CA ALA M 163 45.96 -23.65 -19.22
C ALA M 163 45.79 -24.00 -17.74
N TYR M 164 45.47 -23.00 -16.93
CA TYR M 164 45.27 -23.24 -15.50
C TYR M 164 44.08 -24.17 -15.31
N GLY M 165 44.34 -25.33 -14.71
CA GLY M 165 43.33 -26.34 -14.47
C GLY M 165 43.38 -27.54 -15.39
N PHE M 166 44.18 -27.49 -16.46
CA PHE M 166 44.29 -28.59 -17.40
C PHE M 166 45.75 -29.00 -17.53
N PRO M 167 46.07 -30.29 -17.44
CA PRO M 167 47.48 -30.71 -17.34
C PRO M 167 48.27 -30.40 -18.60
N ASN M 168 49.59 -30.38 -18.42
CA ASN M 168 50.54 -30.22 -19.50
C ASN M 168 51.00 -31.62 -19.93
N LEU M 169 50.60 -32.03 -21.13
CA LEU M 169 50.93 -33.35 -21.65
C LEU M 169 52.33 -33.43 -22.25
N THR M 170 53.03 -32.30 -22.36
CA THR M 170 54.39 -32.29 -22.90
C THR M 170 55.46 -32.49 -21.85
N ASP M 171 55.21 -32.04 -20.61
CA ASP M 171 56.20 -32.16 -19.56
C ASP M 171 56.31 -33.61 -19.10
N ALA M 172 57.37 -33.88 -18.34
CA ALA M 172 57.67 -35.22 -17.85
C ALA M 172 56.79 -35.64 -16.67
N ASP M 173 56.15 -34.69 -16.00
CA ASP M 173 55.33 -35.00 -14.83
C ASP M 173 53.97 -35.50 -15.28
N TRP M 174 53.53 -36.62 -14.71
CA TRP M 174 52.23 -37.22 -15.02
C TRP M 174 51.43 -37.37 -13.74
N ARG M 175 50.24 -36.78 -13.71
CA ARG M 175 49.35 -36.90 -12.57
C ARG M 175 48.95 -38.36 -12.36
N TRP M 176 48.27 -38.93 -13.35
CA TRP M 176 48.03 -40.36 -13.39
C TRP M 176 49.26 -41.08 -13.96
N GLY M 177 49.09 -42.38 -14.23
CA GLY M 177 50.17 -43.15 -14.81
C GLY M 177 50.62 -42.62 -16.16
N GLY M 178 51.92 -42.40 -16.30
CA GLY M 178 52.49 -41.93 -17.55
C GLY M 178 52.83 -42.99 -18.55
N GLU M 179 52.60 -44.26 -18.23
CA GLU M 179 52.92 -45.33 -19.15
C GLU M 179 51.95 -45.33 -20.33
N PRO M 180 52.34 -45.92 -21.46
CA PRO M 180 51.43 -45.90 -22.62
C PRO M 180 50.08 -46.52 -22.34
N GLU M 181 50.03 -47.62 -21.59
CA GLU M 181 48.75 -48.25 -21.27
C GLU M 181 47.93 -47.33 -20.38
N THR M 182 48.57 -46.74 -19.37
CA THR M 182 47.85 -45.80 -18.49
C THR M 182 47.39 -44.57 -19.26
N ILE M 183 48.21 -44.08 -20.19
CA ILE M 183 47.80 -42.94 -21.01
C ILE M 183 46.57 -43.29 -21.84
N LYS M 184 46.58 -44.47 -22.46
CA LYS M 184 45.43 -44.88 -23.26
C LYS M 184 44.19 -45.04 -22.40
N THR M 185 44.35 -45.62 -21.20
CA THR M 185 43.19 -45.77 -20.30
C THR M 185 42.66 -44.40 -19.89
N THR M 186 43.56 -43.45 -19.61
CA THR M 186 43.13 -42.10 -19.27
C THR M 186 42.34 -41.47 -20.40
N ILE M 187 42.81 -41.63 -21.64
CA ILE M 187 42.10 -41.03 -22.76
C ILE M 187 40.79 -41.78 -23.04
N MET M 188 40.71 -43.05 -22.69
CA MET M 188 39.51 -43.84 -22.99
C MET M 188 38.41 -43.62 -21.95
N ALA M 189 38.68 -43.98 -20.70
CA ALA M 189 37.65 -44.02 -19.68
C ALA M 189 37.46 -42.68 -18.96
N GLY M 190 38.30 -41.70 -19.23
CA GLY M 190 38.27 -40.45 -18.50
C GLY M 190 38.72 -40.65 -17.06
N ARG M 191 38.88 -39.54 -16.36
CA ARG M 191 39.43 -39.56 -15.01
C ARG M 191 38.69 -38.57 -14.12
N HIS M 192 38.53 -38.95 -12.85
CA HIS M 192 37.98 -38.07 -11.82
C HIS M 192 38.98 -38.01 -10.69
N ALA M 193 39.36 -36.78 -10.29
CA ALA M 193 40.43 -36.60 -9.32
C ALA M 193 39.94 -36.85 -7.90
N ALA M 194 38.89 -36.16 -7.48
CA ALA M 194 38.33 -36.28 -6.13
C ALA M 194 39.38 -35.86 -5.08
N MET M 195 39.75 -34.59 -5.14
CA MET M 195 40.57 -33.99 -4.11
C MET M 195 39.67 -33.41 -3.02
N PRO M 196 39.70 -33.92 -1.79
CA PRO M 196 38.75 -33.45 -0.78
C PRO M 196 38.99 -32.01 -0.38
N ALA M 197 37.95 -31.39 0.18
CA ALA M 197 38.01 -30.04 0.69
C ALA M 197 38.27 -30.10 2.20
N TRP M 198 39.29 -29.37 2.65
CA TRP M 198 39.71 -29.41 4.05
C TRP M 198 39.40 -28.11 4.79
N GLY M 199 38.61 -27.21 4.19
CA GLY M 199 38.26 -25.99 4.89
C GLY M 199 37.46 -26.25 6.16
N GLU M 200 36.52 -27.19 6.10
CA GLU M 200 35.69 -27.53 7.24
C GLU M 200 36.22 -28.72 8.04
N VAL M 201 37.38 -29.27 7.65
CA VAL M 201 37.93 -30.44 8.32
C VAL M 201 39.06 -30.02 9.24
N ILE M 202 40.11 -29.41 8.68
CA ILE M 202 41.24 -28.93 9.44
C ILE M 202 41.17 -27.43 9.69
N GLY M 203 40.06 -26.79 9.34
CA GLY M 203 39.89 -25.39 9.64
C GLY M 203 40.80 -24.47 8.82
N GLU M 204 40.49 -23.18 8.91
CA GLU M 204 41.25 -22.15 8.22
C GLU M 204 42.71 -22.14 8.63
N GLU M 205 42.99 -22.19 9.92
CA GLU M 205 44.38 -22.17 10.39
C GLU M 205 45.15 -23.38 9.83
N GLY M 206 44.55 -24.56 9.91
CA GLY M 206 45.22 -25.74 9.39
C GLY M 206 45.46 -25.68 7.90
N VAL M 207 44.47 -25.21 7.15
CA VAL M 207 44.64 -25.01 5.71
C VAL M 207 45.83 -24.09 5.47
N LYS M 208 45.91 -23.01 6.25
CA LYS M 208 47.00 -22.05 6.08
C LYS M 208 48.36 -22.70 6.32
N ASN M 209 48.52 -23.38 7.46
CA ASN M 209 49.82 -23.96 7.76
C ASN M 209 50.20 -25.02 6.74
N VAL M 210 49.24 -25.85 6.33
CA VAL M 210 49.52 -26.87 5.32
C VAL M 210 49.97 -26.21 4.04
N ALA M 211 49.11 -25.38 3.45
CA ALA M 211 49.45 -24.66 2.22
C ALA M 211 50.87 -24.10 2.30
N ALA M 212 51.23 -23.49 3.43
CA ALA M 212 52.59 -22.96 3.57
C ALA M 212 53.64 -24.06 3.49
N PHE M 213 53.39 -25.17 4.20
CA PHE M 213 54.35 -26.27 4.22
C PHE M 213 54.55 -26.84 2.81
N VAL M 214 53.45 -27.04 2.08
CA VAL M 214 53.53 -27.53 0.71
C VAL M 214 54.29 -26.54 -0.16
N LEU M 215 54.00 -25.25 -0.01
CA LEU M 215 54.59 -24.25 -0.90
C LEU M 215 56.10 -24.14 -0.69
N THR M 216 56.56 -24.18 0.57
CA THR M 216 57.99 -24.05 0.84
C THR M 216 58.69 -25.41 0.91
N GLN M 217 58.31 -26.25 1.86
CA GLN M 217 59.04 -27.50 2.08
C GLN M 217 58.96 -28.41 0.86
N MET M 218 57.79 -28.54 0.24
CA MET M 218 57.62 -29.44 -0.88
C MET M 218 57.94 -28.75 -2.20
N ASP M 219 57.21 -27.67 -2.52
CA ASP M 219 57.41 -26.98 -3.79
C ASP M 219 58.79 -26.34 -3.86
N GLY M 220 59.24 -25.70 -2.78
CA GLY M 220 60.51 -25.02 -2.72
C GLY M 220 60.43 -23.52 -2.85
N ARG M 221 59.30 -22.98 -3.31
CA ARG M 221 59.13 -21.54 -3.41
C ARG M 221 59.04 -20.93 -2.02
N LYS M 222 59.40 -19.65 -1.91
CA LYS M 222 59.29 -18.95 -0.65
C LYS M 222 57.89 -18.39 -0.45
N LEU M 223 57.47 -18.32 0.80
CA LEU M 223 56.19 -17.69 1.15
C LEU M 223 56.14 -16.26 0.63
N PRO M 224 54.94 -15.71 0.44
CA PRO M 224 54.86 -14.28 0.09
C PRO M 224 55.29 -13.43 1.27
N GLU M 225 56.47 -12.81 1.15
CA GLU M 225 57.10 -12.15 2.28
C GLU M 225 56.12 -11.28 3.04
N GLY M 226 55.88 -11.63 4.31
CA GLY M 226 54.89 -10.95 5.11
C GLY M 226 53.68 -11.83 5.38
N ALA M 227 53.89 -13.14 5.38
CA ALA M 227 52.83 -14.12 5.59
C ALA M 227 53.06 -14.86 6.90
N LYS M 228 51.97 -15.19 7.58
CA LYS M 228 52.00 -15.91 8.84
C LYS M 228 51.66 -17.37 8.60
N ALA M 229 52.53 -18.27 9.06
CA ALA M 229 52.29 -19.70 8.88
C ALA M 229 53.05 -20.47 9.96
N ASP M 230 52.56 -21.67 10.25
CA ASP M 230 53.17 -22.59 11.21
C ASP M 230 53.65 -23.80 10.41
N ILE M 231 54.90 -23.73 9.93
CA ILE M 231 55.38 -24.72 8.98
C ILE M 231 55.40 -26.11 9.62
N GLU M 232 55.81 -26.18 10.89
CA GLU M 232 55.84 -27.46 11.58
C GLU M 232 54.44 -28.05 11.72
N ALA M 233 53.46 -27.20 12.09
CA ALA M 233 52.09 -27.67 12.16
C ALA M 233 51.56 -28.10 10.80
N GLY M 234 51.94 -27.38 9.75
CA GLY M 234 51.56 -27.80 8.41
C GLY M 234 52.10 -29.18 8.07
N LYS M 235 53.37 -29.43 8.40
CA LYS M 235 53.95 -30.74 8.17
C LYS M 235 53.20 -31.79 8.97
N GLN M 236 52.89 -31.48 10.23
CA GLN M 236 52.19 -32.45 11.07
C GLN M 236 50.83 -32.81 10.50
N VAL M 237 50.07 -31.81 10.02
CA VAL M 237 48.77 -32.11 9.43
C VAL M 237 48.94 -32.88 8.13
N PHE M 238 49.97 -32.55 7.35
CA PHE M 238 50.23 -33.24 6.10
C PHE M 238 50.52 -34.72 6.33
N ALA M 239 51.31 -35.02 7.35
CA ALA M 239 51.71 -36.40 7.62
C ALA M 239 50.53 -37.28 8.03
N THR M 240 49.40 -36.68 8.41
CA THR M 240 48.22 -37.44 8.82
C THR M 240 47.12 -37.43 7.76
N THR M 241 46.78 -36.27 7.23
CA THR M 241 45.65 -36.17 6.30
C THR M 241 46.10 -36.36 4.86
N CYS M 242 47.19 -35.72 4.45
CA CYS M 242 47.60 -35.71 3.06
C CYS M 242 48.51 -36.88 2.68
N VAL M 243 49.18 -37.49 3.64
CA VAL M 243 50.18 -38.51 3.33
C VAL M 243 49.56 -39.73 2.67
N ALA M 244 48.26 -39.98 2.91
CA ALA M 244 47.63 -41.19 2.39
C ALA M 244 47.68 -41.22 0.86
N CYS M 245 47.24 -40.14 0.21
CA CYS M 245 47.18 -40.12 -1.24
C CYS M 245 48.53 -39.74 -1.84
N HIS M 246 49.05 -38.57 -1.48
CA HIS M 246 50.37 -38.15 -1.91
C HIS M 246 51.42 -38.82 -1.02
N GLY M 247 52.46 -39.35 -1.64
CA GLY M 247 53.46 -40.12 -0.93
C GLY M 247 54.04 -39.36 0.25
N PRO M 248 54.77 -40.07 1.13
CA PRO M 248 55.38 -39.42 2.29
C PRO M 248 56.15 -38.16 1.92
N GLU M 249 56.80 -38.18 0.76
CA GLU M 249 57.51 -37.03 0.23
C GLU M 249 56.61 -36.14 -0.62
N GLY M 250 55.30 -36.39 -0.62
CA GLY M 250 54.40 -35.62 -1.45
C GLY M 250 54.67 -35.76 -2.93
N LYS M 251 55.04 -36.96 -3.38
CA LYS M 251 55.38 -37.20 -4.78
C LYS M 251 54.25 -37.86 -5.56
N GLY M 252 53.08 -38.01 -4.96
CA GLY M 252 51.89 -38.45 -5.67
C GLY M 252 51.76 -39.96 -5.74
N THR M 253 50.57 -40.38 -6.18
CA THR M 253 50.24 -41.79 -6.36
C THR M 253 49.44 -41.90 -7.66
N PRO M 254 50.06 -42.35 -8.75
CA PRO M 254 49.34 -42.38 -10.03
C PRO M 254 48.08 -43.22 -10.01
N ALA M 255 47.99 -44.20 -9.11
CA ALA M 255 46.77 -44.99 -8.99
C ALA M 255 45.57 -44.13 -8.61
N MET M 256 45.77 -43.11 -7.80
CA MET M 256 44.71 -42.20 -7.40
C MET M 256 44.67 -40.92 -8.22
N GLY M 257 45.69 -40.66 -9.04
CA GLY M 257 45.80 -39.40 -9.74
C GLY M 257 46.44 -38.29 -8.94
N ALA M 258 46.86 -38.55 -7.71
CA ALA M 258 47.50 -37.53 -6.90
C ALA M 258 48.79 -37.08 -7.57
N PRO M 259 49.02 -35.79 -7.75
CA PRO M 259 50.18 -35.33 -8.52
C PRO M 259 51.47 -35.34 -7.69
N ASP M 260 52.55 -35.00 -8.37
CA ASP M 260 53.82 -34.74 -7.70
C ASP M 260 53.76 -33.39 -7.01
N LEU M 261 53.67 -33.38 -5.69
CA LEU M 261 53.48 -32.16 -4.92
C LEU M 261 54.78 -31.39 -4.69
N THR M 262 55.90 -31.88 -5.20
CA THR M 262 57.20 -31.23 -5.02
C THR M 262 57.61 -30.39 -6.22
N HIS M 263 56.77 -30.31 -7.25
CA HIS M 263 57.11 -29.56 -8.46
C HIS M 263 56.01 -28.54 -8.74
N PRO M 264 56.34 -27.24 -8.83
CA PRO M 264 55.32 -26.26 -9.21
C PRO M 264 54.90 -26.34 -10.66
N GLY M 265 55.66 -27.02 -11.51
CA GLY M 265 55.28 -27.15 -12.90
C GLY M 265 54.11 -28.08 -13.11
N ALA M 266 53.97 -29.10 -12.27
CA ALA M 266 52.85 -30.03 -12.40
C ALA M 266 51.54 -29.44 -11.92
N PHE M 267 51.57 -28.53 -10.95
CA PHE M 267 50.35 -27.93 -10.43
C PHE M 267 49.55 -27.32 -11.56
N ILE M 268 48.35 -27.87 -11.80
CA ILE M 268 47.45 -27.34 -12.81
C ILE M 268 46.46 -26.33 -12.25
N TYR M 269 46.37 -26.22 -10.93
CA TYR M 269 45.48 -25.25 -10.28
C TYR M 269 46.25 -24.13 -9.60
N GLY M 270 47.56 -24.03 -9.81
CA GLY M 270 48.34 -22.95 -9.26
C GLY M 270 49.37 -23.40 -8.25
N SER M 271 50.35 -22.55 -7.97
CA SER M 271 51.40 -22.85 -7.00
C SER M 271 51.62 -21.71 -6.01
N SER M 272 50.83 -20.64 -6.09
CA SER M 272 50.97 -19.54 -5.16
C SER M 272 50.39 -19.89 -3.81
N PHE M 273 50.76 -19.10 -2.80
CA PHE M 273 50.24 -19.32 -1.45
C PHE M 273 48.72 -19.22 -1.40
N ALA M 274 48.14 -18.29 -2.17
CA ALA M 274 46.69 -18.14 -2.22
C ALA M 274 46.00 -19.25 -3.01
N GLN M 275 46.57 -19.63 -4.16
CA GLN M 275 45.96 -20.69 -4.96
C GLN M 275 46.03 -22.03 -4.24
N LEU M 276 47.14 -22.32 -3.57
CA LEU M 276 47.22 -23.54 -2.78
C LEU M 276 46.19 -23.55 -1.68
N GLN M 277 46.01 -22.41 -0.99
CA GLN M 277 44.99 -22.35 0.05
C GLN M 277 43.61 -22.56 -0.52
N GLN M 278 43.32 -21.96 -1.67
CA GLN M 278 42.02 -22.16 -2.32
C GLN M 278 41.78 -23.63 -2.62
N THR M 279 42.77 -24.28 -3.24
CA THR M 279 42.63 -25.68 -3.60
C THR M 279 42.41 -26.55 -2.37
N ILE M 280 43.20 -26.32 -1.31
CA ILE M 280 43.09 -27.15 -0.12
C ILE M 280 41.80 -26.88 0.64
N ARG M 281 41.30 -25.65 0.61
CA ARG M 281 40.10 -25.28 1.37
C ARG M 281 38.83 -25.77 0.69
N TYR M 282 38.71 -25.57 -0.62
CA TYR M 282 37.48 -25.90 -1.34
C TYR M 282 37.60 -27.13 -2.22
N GLY M 283 38.74 -27.82 -2.21
CA GLY M 283 38.89 -29.00 -3.04
C GLY M 283 38.89 -28.66 -4.51
N ARG M 284 39.38 -29.56 -5.36
CA ARG M 284 39.45 -29.31 -6.79
C ARG M 284 38.59 -30.27 -7.59
N GLN M 285 38.79 -31.58 -7.44
CA GLN M 285 37.96 -32.59 -8.09
C GLN M 285 37.97 -32.41 -9.61
N GLY M 286 39.19 -32.47 -10.16
CA GLY M 286 39.34 -32.31 -11.60
C GLY M 286 38.65 -33.42 -12.38
N VAL M 287 38.26 -33.09 -13.60
CA VAL M 287 37.47 -33.98 -14.45
C VAL M 287 38.18 -34.14 -15.80
N MET M 288 38.32 -35.38 -16.23
CA MET M 288 38.84 -35.72 -17.56
C MET M 288 37.74 -36.40 -18.35
N PRO M 289 37.26 -35.82 -19.46
CA PRO M 289 36.22 -36.50 -20.23
C PRO M 289 36.68 -37.86 -20.71
N ALA M 290 35.76 -38.82 -20.70
CA ALA M 290 36.02 -40.13 -21.28
C ALA M 290 35.89 -40.04 -22.79
N GLN M 291 36.98 -40.31 -23.50
CA GLN M 291 37.03 -40.13 -24.95
C GLN M 291 36.76 -41.43 -25.70
N GLN M 292 36.26 -42.45 -25.03
CA GLN M 292 35.89 -43.68 -25.73
C GLN M 292 34.71 -43.44 -26.66
N GLU M 293 33.57 -43.06 -26.08
CA GLU M 293 32.35 -42.90 -26.86
C GLU M 293 32.49 -41.85 -27.96
N HIS M 294 33.17 -40.75 -27.67
CA HIS M 294 33.14 -39.60 -28.57
C HIS M 294 33.72 -39.95 -29.94
N LEU M 295 34.87 -40.62 -29.98
CA LEU M 295 35.56 -40.83 -31.25
C LEU M 295 36.18 -42.22 -31.44
N GLY M 296 35.88 -43.19 -30.58
CA GLY M 296 36.23 -44.57 -30.87
C GLY M 296 37.64 -44.94 -30.44
N ASN M 297 37.84 -46.25 -30.32
CA ASN M 297 39.08 -46.76 -29.74
C ASN M 297 40.27 -46.61 -30.68
N ASP M 298 40.05 -46.72 -31.99
CA ASP M 298 41.16 -46.46 -32.93
C ASP M 298 41.69 -45.05 -32.77
N LYS M 299 40.80 -44.05 -32.80
CA LYS M 299 41.24 -42.67 -32.69
C LYS M 299 41.82 -42.39 -31.31
N VAL M 300 41.27 -43.02 -30.27
CA VAL M 300 41.83 -42.82 -28.93
C VAL M 300 43.24 -43.41 -28.86
N HIS M 301 43.46 -44.56 -29.51
CA HIS M 301 44.79 -45.15 -29.55
C HIS M 301 45.77 -44.24 -30.28
N LEU M 302 45.33 -43.64 -31.40
CA LEU M 302 46.18 -42.71 -32.12
C LEU M 302 46.52 -41.50 -31.25
N LEU M 303 45.53 -40.96 -30.52
CA LEU M 303 45.79 -39.84 -29.65
C LEU M 303 46.74 -40.20 -28.52
N ALA M 304 46.60 -41.41 -27.97
CA ALA M 304 47.53 -41.87 -26.95
C ALA M 304 48.95 -41.93 -27.49
N ALA M 305 49.11 -42.46 -28.71
CA ALA M 305 50.43 -42.48 -29.32
C ALA M 305 50.97 -41.08 -29.52
N TYR M 306 50.12 -40.14 -29.94
CA TYR M 306 50.57 -38.77 -30.16
C TYR M 306 51.06 -38.13 -28.87
N VAL M 307 50.29 -38.28 -27.79
CA VAL M 307 50.70 -37.67 -26.52
C VAL M 307 51.95 -38.36 -25.99
N TYR M 308 52.07 -39.67 -26.19
CA TYR M 308 53.30 -40.36 -25.83
C TYR M 308 54.48 -39.78 -26.58
N SER M 309 54.30 -39.50 -27.87
CA SER M 309 55.39 -38.90 -28.65
C SER M 309 55.76 -37.52 -28.11
N LEU M 310 54.76 -36.69 -27.82
CA LEU M 310 55.06 -35.37 -27.26
C LEU M 310 55.85 -35.49 -25.96
N SER M 311 55.35 -36.28 -25.01
CA SER M 311 56.00 -36.34 -23.71
C SER M 311 57.38 -36.99 -23.80
N HIS M 312 57.43 -38.24 -24.24
CA HIS M 312 58.68 -38.97 -24.32
C HIS M 312 59.07 -39.24 -25.77
#